data_5MU0
#
_entry.id   5MU0
#
_cell.length_a   87.147
_cell.length_b   93.052
_cell.length_c   121.751
_cell.angle_alpha   92.75
_cell.angle_beta   106.45
_cell.angle_gamma   104.37
#
_symmetry.space_group_name_H-M   'P 1'
#
loop_
_entity.id
_entity.type
_entity.pdbx_description
1 polymer 'heavy chain of ACC1 antibody Fab fragment'
2 polymer 'light chain of ACC1 antibody Fab fragment'
3 polymer 'IA03 peptide containing the citrullinated C1 epitope of collagen type II,Collagen alpha-1(II) chain,IA03 peptide containing the citrullinated C1 epitope of collagen type II'
4 water water
#
loop_
_entity_poly.entity_id
_entity_poly.type
_entity_poly.pdbx_seq_one_letter_code
_entity_poly.pdbx_strand_id
1 'polypeptide(L)'
;EVKLEESGGGLVQPGGSMKLSCAASGFTFSDAWMDWVRQSPEKGLEWVAEIRNKVNNHATNYAESVKGRFTISRDDSRSV
VYLQMNNLKPEDTGIYYCTGLTFDYWGQGTTLTVSSAKTTAPSVYPLAPVCGGTTGSSVTLGCLVKGYFPEPVTLTWNSG
SLSSGVHTFPALLLSGLYTLSSSVTVTSNTWPSQTITCNVAHPASSTKVDKKIEPRGP
;
A,C,E,G,I,K,M,O
2 'polypeptide(L)'
;DIVLTQSPASLAVSLGQRATISCRASESVDNYGISSMNWFQQKAGQPPKFLIYAASKQGSGVPARFSGSGSGTDFSLIIH
PVEEDDTAVYFCQQSKGVPYTFGGGTKLEIKRADAAPTVSIFPPSSEQLTSGGASVVCFLNNFYPKDINVKWKIDGSERQ
NGVLNSWTDQDSKDSTYSMSSTLTLTKDEYERHNSYTCEATHKTSTSPIVKSFNRNEC
;
B,D,F,H,J,L,N,P
3 'polypeptide(L)' GP(HYP)GARGLTG(CIR)(HYP)GDAGP(HYP) Q,R,S,T,U,V,W,X
#
# COMPACT_ATOMS: atom_id res chain seq x y z
N GLU A 1 1.05 33.83 -15.17
CA GLU A 1 2.05 33.80 -14.08
C GLU A 1 1.31 33.73 -12.77
N VAL A 2 1.70 32.79 -11.91
CA VAL A 2 1.06 32.64 -10.62
C VAL A 2 1.70 33.61 -9.63
N LYS A 3 0.87 34.22 -8.78
CA LYS A 3 1.34 35.07 -7.68
C LYS A 3 0.47 34.83 -6.45
N LEU A 4 1.12 34.75 -5.28
CA LEU A 4 0.44 34.70 -3.99
C LEU A 4 1.11 35.72 -3.10
N GLU A 5 0.33 36.63 -2.52
CA GLU A 5 0.88 37.63 -1.59
C GLU A 5 0.16 37.50 -0.27
N GLU A 6 0.93 37.16 0.78
CA GLU A 6 0.41 37.14 2.14
C GLU A 6 0.54 38.53 2.80
N SER A 7 -0.30 38.76 3.80
CA SER A 7 -0.29 40.00 4.57
C SER A 7 -1.01 39.76 5.89
N GLY A 8 -0.76 40.64 6.87
CA GLY A 8 -1.37 40.53 8.20
C GLY A 8 -0.52 39.90 9.27
N GLY A 9 0.72 39.54 8.96
CA GLY A 9 1.65 39.06 9.99
C GLY A 9 2.12 40.18 10.91
N GLY A 10 2.71 39.82 12.04
CA GLY A 10 3.28 40.80 12.95
C GLY A 10 3.54 40.26 14.34
N LEU A 11 3.39 41.15 15.34
CA LEU A 11 3.56 40.81 16.76
C LEU A 11 2.20 40.69 17.46
N VAL A 12 2.04 39.68 18.28
CA VAL A 12 0.85 39.49 19.13
C VAL A 12 1.26 38.89 20.48
N GLN A 13 0.54 39.25 21.52
CA GLN A 13 0.79 38.71 22.87
C GLN A 13 0.15 37.31 22.98
N PRO A 14 0.71 36.42 23.83
CA PRO A 14 0.12 35.07 23.99
C PRO A 14 -1.34 35.07 24.42
N GLY A 15 -2.17 34.29 23.74
CA GLY A 15 -3.62 34.30 23.95
C GLY A 15 -4.39 35.20 22.99
N GLY A 16 -3.70 36.10 22.28
CA GLY A 16 -4.36 37.00 21.33
C GLY A 16 -4.79 36.39 20.03
N SER A 17 -5.18 37.24 19.09
CA SER A 17 -5.71 36.83 17.78
C SER A 17 -5.07 37.58 16.64
N MET A 18 -5.08 36.94 15.47
CA MET A 18 -4.59 37.57 14.25
C MET A 18 -5.22 36.93 13.03
N LYS A 19 -5.42 37.73 11.99
CA LYS A 19 -6.01 37.28 10.73
C LYS A 19 -5.01 37.45 9.60
N LEU A 20 -4.55 36.32 9.04
CA LEU A 20 -3.73 36.33 7.83
C LEU A 20 -4.61 36.28 6.60
N SER A 21 -4.13 36.92 5.53
CA SER A 21 -4.87 37.07 4.28
C SER A 21 -3.92 36.76 3.12
N CYS A 22 -4.45 36.11 2.08
CA CYS A 22 -3.64 35.62 0.95
C CYS A 22 -4.34 35.95 -0.36
N ALA A 23 -3.78 36.89 -1.12
CA ALA A 23 -4.34 37.31 -2.41
C ALA A 23 -3.67 36.54 -3.56
N ALA A 24 -4.44 35.71 -4.28
CA ALA A 24 -3.90 34.86 -5.33
C ALA A 24 -4.36 35.28 -6.71
N SER A 25 -3.47 35.19 -7.70
CA SER A 25 -3.85 35.39 -9.10
C SER A 25 -3.03 34.48 -10.02
N GLY A 26 -3.41 34.43 -11.30
CA GLY A 26 -2.68 33.66 -12.32
C GLY A 26 -3.16 32.23 -12.58
N PHE A 27 -4.27 31.84 -11.94
CA PHE A 27 -4.85 30.54 -12.13
C PHE A 27 -6.30 30.57 -11.69
N THR A 28 -7.07 29.56 -12.14
CA THR A 28 -8.48 29.48 -11.83
C THR A 28 -8.66 29.23 -10.31
N PHE A 29 -8.92 30.33 -9.59
CA PHE A 29 -8.94 30.30 -8.16
C PHE A 29 -10.01 29.39 -7.60
N SER A 30 -11.22 29.48 -8.14
CA SER A 30 -12.33 28.68 -7.61
C SER A 30 -12.05 27.18 -7.65
N ASP A 31 -11.26 26.72 -8.63
CA ASP A 31 -10.85 25.30 -8.70
C ASP A 31 -9.72 24.90 -7.76
N ALA A 32 -8.85 25.83 -7.38
CA ALA A 32 -7.68 25.45 -6.61
C ALA A 32 -8.00 25.10 -5.17
N TRP A 33 -7.36 24.06 -4.67
CA TRP A 33 -7.30 23.73 -3.25
C TRP A 33 -6.17 24.58 -2.71
N MET A 34 -6.41 25.26 -1.59
CA MET A 34 -5.44 26.18 -0.99
C MET A 34 -5.08 25.70 0.42
N ASP A 35 -3.87 26.02 0.85
CA ASP A 35 -3.34 25.59 2.15
C ASP A 35 -2.54 26.71 2.83
N TRP A 36 -2.31 26.56 4.13
CA TRP A 36 -1.31 27.36 4.84
C TRP A 36 -0.27 26.40 5.44
N VAL A 37 1.00 26.79 5.29
CA VAL A 37 2.13 26.06 5.83
C VAL A 37 2.99 27.06 6.61
N ARG A 38 3.60 26.61 7.70
CA ARG A 38 4.49 27.47 8.49
C ARG A 38 5.87 26.86 8.68
N GLN A 39 6.86 27.71 8.89
CA GLN A 39 8.22 27.27 9.09
C GLN A 39 8.86 27.94 10.28
N SER A 40 9.52 27.13 11.12
CA SER A 40 10.29 27.61 12.24
C SER A 40 11.54 26.76 12.34
N PRO A 41 12.59 27.26 13.00
CA PRO A 41 13.77 26.43 13.22
C PRO A 41 13.53 25.19 14.10
N GLU A 42 12.59 25.26 15.04
CA GLU A 42 12.35 24.13 15.96
C GLU A 42 11.57 23.03 15.27
N LYS A 43 10.45 23.41 14.65
CA LYS A 43 9.52 22.44 14.06
C LYS A 43 9.76 22.14 12.57
N GLY A 44 10.58 22.95 11.88
CA GLY A 44 10.76 22.81 10.44
C GLY A 44 9.53 23.29 9.70
N LEU A 45 9.17 22.60 8.62
CA LEU A 45 7.95 22.90 7.86
C LEU A 45 6.78 22.08 8.38
N GLU A 46 5.72 22.75 8.86
CA GLU A 46 4.45 22.09 9.20
C GLU A 46 3.29 22.62 8.37
N TRP A 47 2.54 21.68 7.78
CA TRP A 47 1.25 21.99 7.20
C TRP A 47 0.33 22.41 8.32
N VAL A 48 -0.49 23.42 8.07
CA VAL A 48 -1.36 23.99 9.09
C VAL A 48 -2.84 23.75 8.78
N ALA A 49 -3.28 24.17 7.60
CA ALA A 49 -4.70 24.08 7.25
C ALA A 49 -4.90 23.94 5.76
N GLU A 50 -6.01 23.31 5.39
CA GLU A 50 -6.41 23.15 4.00
C GLU A 50 -7.85 23.62 3.84
N ILE A 51 -8.12 24.24 2.70
CA ILE A 51 -9.49 24.44 2.22
C ILE A 51 -9.58 24.02 0.75
N ARG A 52 -10.60 23.24 0.43
CA ARG A 52 -10.77 22.68 -0.91
C ARG A 52 -11.79 23.50 -1.71
N ASN A 53 -12.00 23.09 -2.97
CA ASN A 53 -12.87 23.82 -3.90
C ASN A 53 -14.35 23.58 -3.68
N LYS A 54 -15.18 24.30 -4.42
CA LYS A 54 -16.64 24.16 -4.35
C LYS A 54 -17.14 22.73 -4.61
N VAL A 55 -16.45 21.98 -5.47
CA VAL A 55 -16.83 20.60 -5.78
C VAL A 55 -16.62 19.66 -4.59
N ASN A 56 -15.63 19.95 -3.75
CA ASN A 56 -15.41 19.24 -2.47
C ASN A 56 -16.05 19.93 -1.26
N ASN A 57 -17.11 20.71 -1.51
CA ASN A 57 -17.87 21.37 -0.45
C ASN A 57 -17.04 22.33 0.46
N HIS A 58 -16.00 22.93 -0.09
CA HIS A 58 -15.12 23.81 0.67
C HIS A 58 -14.62 23.15 1.97
N ALA A 59 -14.28 21.88 1.84
CA ALA A 59 -13.92 21.08 3.02
C ALA A 59 -12.66 21.64 3.65
N THR A 60 -12.68 21.77 4.97
CA THR A 60 -11.51 22.23 5.68
C THR A 60 -10.86 21.08 6.44
N ASN A 61 -9.56 21.20 6.65
CA ASN A 61 -8.79 20.28 7.46
C ASN A 61 -7.76 21.08 8.23
N TYR A 62 -7.32 20.56 9.36
CA TYR A 62 -6.33 21.24 10.17
C TYR A 62 -5.34 20.27 10.78
N ALA A 63 -4.15 20.79 11.08
CA ALA A 63 -3.18 20.04 11.88
C ALA A 63 -3.69 19.99 13.31
N GLU A 64 -3.42 18.89 13.98
CA GLU A 64 -3.93 18.65 15.33
C GLU A 64 -3.61 19.79 16.29
N SER A 65 -2.43 20.35 16.19
CA SER A 65 -1.96 21.38 17.12
C SER A 65 -2.67 22.72 16.97
N VAL A 66 -3.48 22.90 15.93
CA VAL A 66 -4.21 24.15 15.74
C VAL A 66 -5.76 24.01 15.73
N LYS A 67 -6.28 22.81 15.97
CA LYS A 67 -7.72 22.57 15.95
C LYS A 67 -8.41 23.37 17.04
N GLY A 68 -9.56 23.96 16.71
CA GLY A 68 -10.31 24.78 17.65
C GLY A 68 -9.80 26.22 17.81
N ARG A 69 -8.60 26.50 17.31
CA ARG A 69 -7.96 27.80 17.44
C ARG A 69 -7.89 28.51 16.09
N PHE A 70 -7.46 27.79 15.06
CA PHE A 70 -7.27 28.35 13.73
C PHE A 70 -8.49 28.04 12.87
N THR A 71 -8.90 29.00 12.04
CA THR A 71 -10.00 28.80 11.10
C THR A 71 -9.60 29.32 9.72
N ILE A 72 -9.68 28.44 8.72
CA ILE A 72 -9.37 28.80 7.33
C ILE A 72 -10.68 29.04 6.57
N SER A 73 -10.64 29.92 5.59
CA SER A 73 -11.83 30.24 4.79
C SER A 73 -11.41 30.94 3.50
N ARG A 74 -12.35 31.12 2.59
CA ARG A 74 -12.03 31.72 1.29
C ARG A 74 -13.19 32.47 0.68
N ASP A 75 -12.85 33.52 -0.07
CA ASP A 75 -13.80 34.30 -0.85
C ASP A 75 -13.45 34.06 -2.33
N ASP A 76 -14.16 33.12 -2.97
CA ASP A 76 -13.91 32.83 -4.37
C ASP A 76 -14.15 34.04 -5.31
N SER A 77 -15.06 34.94 -4.94
CA SER A 77 -15.30 36.14 -5.74
C SER A 77 -14.10 37.12 -5.75
N ARG A 78 -13.30 37.12 -4.68
CA ARG A 78 -12.12 38.01 -4.58
C ARG A 78 -10.75 37.32 -4.68
N SER A 79 -10.74 36.00 -4.88
CA SER A 79 -9.50 35.22 -4.98
C SER A 79 -8.63 35.41 -3.75
N VAL A 80 -9.21 35.22 -2.57
CA VAL A 80 -8.50 35.45 -1.31
C VAL A 80 -8.79 34.30 -0.37
N VAL A 81 -7.76 33.90 0.38
CA VAL A 81 -7.86 32.91 1.45
C VAL A 81 -7.49 33.61 2.73
N TYR A 82 -8.24 33.30 3.78
CA TYR A 82 -8.02 33.87 5.09
C TYR A 82 -7.56 32.77 6.07
N LEU A 83 -6.82 33.16 7.09
CA LEU A 83 -6.53 32.31 8.25
C LEU A 83 -6.73 33.11 9.54
N GLN A 84 -7.80 32.79 10.26
CA GLN A 84 -8.13 33.40 11.54
C GLN A 84 -7.48 32.55 12.62
N MET A 85 -6.57 33.15 13.39
CA MET A 85 -5.89 32.46 14.48
C MET A 85 -6.31 33.06 15.82
N ASN A 86 -6.81 32.20 16.72
CA ASN A 86 -7.21 32.59 18.09
C ASN A 86 -6.38 31.86 19.13
N ASN A 87 -6.18 32.50 20.28
CA ASN A 87 -5.50 31.90 21.43
C ASN A 87 -4.05 31.48 21.11
N LEU A 88 -3.31 32.43 20.54
CA LEU A 88 -1.98 32.17 20.01
C LEU A 88 -0.97 31.86 21.10
N LYS A 89 -0.11 30.86 20.85
CA LYS A 89 0.94 30.44 21.78
C LYS A 89 2.31 30.82 21.20
N PRO A 90 3.36 30.84 22.03
CA PRO A 90 4.69 31.12 21.45
C PRO A 90 5.13 30.11 20.41
N GLU A 91 4.74 28.83 20.59
CA GLU A 91 5.04 27.79 19.60
C GLU A 91 4.42 28.03 18.21
N ASP A 92 3.41 28.90 18.11
CA ASP A 92 2.86 29.32 16.81
C ASP A 92 3.73 30.36 16.06
N THR A 93 4.84 30.77 16.65
CA THR A 93 5.77 31.70 15.99
C THR A 93 6.40 31.04 14.79
N GLY A 94 6.51 31.79 13.69
CA GLY A 94 7.18 31.33 12.49
C GLY A 94 6.83 32.13 11.26
N ILE A 95 7.30 31.67 10.10
CA ILE A 95 7.00 32.27 8.80
C ILE A 95 5.81 31.47 8.23
N TYR A 96 4.74 32.16 7.84
CA TYR A 96 3.51 31.54 7.38
C TYR A 96 3.34 31.74 5.87
N TYR A 97 3.43 30.62 5.13
CA TYR A 97 3.26 30.61 3.67
C TYR A 97 1.84 30.22 3.30
N CYS A 98 1.31 30.92 2.31
CA CYS A 98 0.07 30.55 1.65
C CYS A 98 0.44 29.79 0.39
N THR A 99 -0.19 28.64 0.18
CA THR A 99 0.09 27.79 -0.99
C THR A 99 -1.18 27.47 -1.77
N GLY A 100 -1.04 27.42 -3.09
CA GLY A 100 -2.15 27.12 -3.99
C GLY A 100 -1.88 25.85 -4.81
N LEU A 101 -2.97 25.16 -5.17
CA LEU A 101 -2.93 23.87 -5.84
C LEU A 101 -2.10 22.89 -4.99
N THR A 102 -2.68 22.62 -3.82
CA THR A 102 -1.98 22.08 -2.65
C THR A 102 -0.62 22.80 -2.49
N PHE A 103 0.50 22.17 -2.86
CA PHE A 103 1.82 22.77 -2.70
C PHE A 103 2.55 23.05 -4.02
N ASP A 104 1.82 23.24 -5.10
CA ASP A 104 2.44 23.59 -6.39
C ASP A 104 3.05 24.99 -6.39
N TYR A 105 2.35 25.95 -5.77
CA TYR A 105 2.75 27.36 -5.79
C TYR A 105 2.76 27.93 -4.38
N TRP A 106 3.79 28.72 -4.07
CA TRP A 106 3.98 29.28 -2.72
C TRP A 106 4.21 30.78 -2.78
N GLY A 107 3.64 31.50 -1.82
CA GLY A 107 3.91 32.93 -1.65
C GLY A 107 5.22 33.18 -0.97
N GLN A 108 5.61 34.45 -0.84
CA GLN A 108 6.86 34.84 -0.18
C GLN A 108 6.83 34.62 1.34
N GLY A 109 5.62 34.69 1.92
CA GLY A 109 5.41 34.41 3.31
C GLY A 109 5.33 35.67 4.17
N THR A 110 4.76 35.53 5.36
CA THR A 110 4.64 36.62 6.33
C THR A 110 4.98 36.11 7.72
N THR A 111 5.67 36.93 8.50
CA THR A 111 6.21 36.52 9.80
C THR A 111 5.18 36.77 10.91
N LEU A 112 5.07 35.80 11.81
CA LEU A 112 4.24 35.90 13.01
C LEU A 112 5.12 35.69 14.22
N THR A 113 5.16 36.66 15.12
CA THR A 113 5.90 36.55 16.38
C THR A 113 4.90 36.65 17.54
N VAL A 114 4.83 35.60 18.37
CA VAL A 114 3.95 35.55 19.52
C VAL A 114 4.82 35.67 20.77
N SER A 115 4.78 36.85 21.40
CA SER A 115 5.67 37.17 22.53
C SER A 115 5.10 38.28 23.41
N SER A 116 5.61 38.37 24.63
CA SER A 116 5.22 39.47 25.55
C SER A 116 6.13 40.65 25.42
N ALA A 117 7.34 40.43 24.91
CA ALA A 117 8.32 41.49 24.68
C ALA A 117 7.73 42.49 23.71
N LYS A 118 8.20 43.74 23.86
CA LYS A 118 7.63 44.83 23.14
C LYS A 118 8.44 45.12 21.90
N THR A 119 7.75 45.72 20.93
CA THR A 119 8.39 46.20 19.72
C THR A 119 9.50 47.19 20.09
N THR A 120 10.67 46.98 19.51
CA THR A 120 11.82 47.84 19.72
C THR A 120 12.47 48.09 18.38
N ALA A 121 12.62 49.36 18.01
CA ALA A 121 13.28 49.72 16.76
C ALA A 121 14.78 49.43 16.86
N PRO A 122 15.43 49.16 15.71
CA PRO A 122 16.88 48.98 15.74
C PRO A 122 17.61 50.29 15.89
N SER A 123 18.85 50.20 16.36
CA SER A 123 19.82 51.28 16.19
C SER A 123 20.67 50.85 15.01
N VAL A 124 20.95 51.79 14.11
CA VAL A 124 21.67 51.49 12.86
C VAL A 124 22.97 52.27 12.84
N TYR A 125 24.10 51.57 12.81
CA TYR A 125 25.43 52.17 12.88
C TYR A 125 26.22 51.89 11.60
N PRO A 126 26.86 52.93 11.01
CA PRO A 126 27.71 52.72 9.83
C PRO A 126 29.07 52.21 10.24
N LEU A 127 29.72 51.43 9.39
CA LEU A 127 31.05 50.91 9.68
C LEU A 127 32.03 51.23 8.54
N ALA A 128 32.80 52.29 8.75
CA ALA A 128 33.85 52.70 7.82
C ALA A 128 35.15 51.96 8.16
N PRO A 129 36.06 51.80 7.17
CA PRO A 129 37.32 51.12 7.45
C PRO A 129 38.21 51.85 8.47
N VAL A 130 39.23 51.12 8.94
CA VAL A 130 40.20 51.64 9.91
C VAL A 130 40.90 52.89 9.37
N CYS A 131 41.13 53.88 10.25
CA CYS A 131 41.49 55.25 9.82
C CYS A 131 42.78 55.19 9.03
N THR A 135 43.47 50.83 1.83
CA THR A 135 44.84 50.67 1.34
C THR A 135 44.94 49.94 -0.02
N GLY A 136 44.33 48.76 -0.14
CA GLY A 136 44.48 47.90 -1.34
C GLY A 136 43.60 48.21 -2.54
N SER A 137 43.33 47.21 -3.40
CA SER A 137 42.51 47.41 -4.60
C SER A 137 41.03 47.62 -4.23
N SER A 138 40.32 46.57 -3.84
CA SER A 138 38.97 46.72 -3.25
C SER A 138 39.03 47.26 -1.83
N VAL A 139 37.88 47.69 -1.33
CA VAL A 139 37.70 48.14 0.06
C VAL A 139 36.36 47.60 0.57
N THR A 140 36.29 47.32 1.86
CA THR A 140 35.10 46.71 2.45
C THR A 140 34.48 47.63 3.50
N LEU A 141 33.17 47.85 3.38
CA LEU A 141 32.37 48.67 4.32
C LEU A 141 31.36 47.78 5.01
N GLY A 142 30.79 48.27 6.11
CA GLY A 142 29.84 47.52 6.90
C GLY A 142 28.70 48.36 7.47
N CYS A 143 27.69 47.67 7.99
CA CYS A 143 26.53 48.29 8.61
C CYS A 143 26.02 47.39 9.72
N LEU A 144 25.96 47.91 10.94
CA LEU A 144 25.53 47.14 12.11
C LEU A 144 24.09 47.54 12.47
N VAL A 145 23.24 46.55 12.68
CA VAL A 145 21.84 46.76 13.04
C VAL A 145 21.61 46.05 14.37
N LYS A 146 21.36 46.82 15.42
CA LYS A 146 21.40 46.31 16.79
C LYS A 146 20.15 46.66 17.62
N GLY A 147 19.75 45.73 18.47
CA GLY A 147 18.72 45.95 19.47
C GLY A 147 17.31 46.10 18.94
N TYR A 148 16.93 45.25 17.98
CA TYR A 148 15.55 45.27 17.47
C TYR A 148 14.78 44.04 17.85
N PHE A 149 13.45 44.17 17.79
CA PHE A 149 12.53 43.08 18.08
C PHE A 149 11.15 43.50 17.57
N PRO A 150 10.38 42.60 16.95
CA PRO A 150 10.76 41.22 16.61
C PRO A 150 11.44 41.19 15.24
N GLU A 151 11.63 40.00 14.68
CA GLU A 151 12.06 39.89 13.28
C GLU A 151 10.90 40.20 12.36
N PRO A 152 11.14 40.58 11.09
CA PRO A 152 12.46 40.75 10.50
C PRO A 152 12.82 42.21 10.32
N VAL A 153 14.07 42.43 9.90
CA VAL A 153 14.47 43.66 9.22
C VAL A 153 14.89 43.31 7.80
N THR A 154 14.83 44.32 6.93
CA THR A 154 15.36 44.22 5.58
C THR A 154 16.49 45.22 5.47
N LEU A 155 17.60 44.79 4.86
CA LEU A 155 18.77 45.64 4.64
C LEU A 155 19.20 45.61 3.18
N THR A 156 19.42 46.79 2.61
CA THR A 156 19.98 46.93 1.25
C THR A 156 21.02 48.03 1.23
N TRP A 157 21.80 48.06 0.16
CA TRP A 157 22.83 49.07 -0.08
C TRP A 157 22.47 49.85 -1.34
N ASN A 158 22.39 51.18 -1.23
CA ASN A 158 21.89 52.05 -2.30
C ASN A 158 20.57 51.57 -2.90
N SER A 159 19.64 51.24 -2.00
CA SER A 159 18.28 50.79 -2.34
C SER A 159 18.21 49.53 -3.22
N GLY A 160 19.24 48.68 -3.15
CA GLY A 160 19.32 47.49 -3.97
C GLY A 160 20.23 47.58 -5.17
N SER A 161 20.67 48.80 -5.52
CA SER A 161 21.64 49.02 -6.60
C SER A 161 22.92 48.17 -6.45
N LEU A 162 23.42 48.10 -5.22
CA LEU A 162 24.62 47.36 -4.90
C LEU A 162 24.18 46.00 -4.36
N SER A 163 24.14 45.01 -5.25
CA SER A 163 23.66 43.66 -4.95
C SER A 163 24.81 42.69 -4.79
N SER A 164 25.70 42.65 -5.79
CA SER A 164 26.88 41.77 -5.75
C SER A 164 27.94 42.36 -4.81
N GLY A 165 28.77 41.47 -4.26
CA GLY A 165 29.76 41.87 -3.26
C GLY A 165 29.16 42.15 -1.88
N VAL A 166 27.92 41.72 -1.64
CA VAL A 166 27.19 41.96 -0.39
C VAL A 166 27.03 40.66 0.40
N HIS A 167 27.24 40.75 1.71
CA HIS A 167 27.01 39.64 2.63
C HIS A 167 26.20 40.18 3.80
N THR A 168 25.00 39.66 3.99
CA THR A 168 24.11 40.08 5.07
C THR A 168 23.91 38.90 5.96
N PHE A 169 24.31 39.02 7.22
CA PHE A 169 24.44 37.88 8.10
C PHE A 169 23.16 37.62 8.86
N PRO A 170 22.87 36.34 9.16
CA PRO A 170 21.67 36.02 9.93
C PRO A 170 21.64 36.72 11.28
N ALA A 171 20.46 37.15 11.69
CA ALA A 171 20.25 37.77 12.99
C ALA A 171 20.45 36.77 14.13
N LEU A 172 21.04 37.25 15.22
CA LEU A 172 21.19 36.47 16.44
C LEU A 172 20.53 37.20 17.61
N LEU A 173 20.10 36.41 18.59
CA LEU A 173 19.34 36.92 19.75
C LEU A 173 20.30 37.25 20.92
N LEU A 174 20.75 38.51 20.96
CA LEU A 174 21.62 39.05 22.02
C LEU A 174 20.79 39.48 23.23
N SER A 175 20.47 38.52 24.11
CA SER A 175 19.71 38.77 25.35
C SER A 175 18.30 39.37 25.09
N GLY A 176 17.48 38.62 24.35
CA GLY A 176 16.10 39.02 24.03
C GLY A 176 15.91 40.14 23.00
N LEU A 177 16.99 40.54 22.32
CA LEU A 177 16.95 41.56 21.27
C LEU A 177 17.89 41.16 20.10
N TYR A 178 17.43 41.36 18.86
CA TYR A 178 18.13 40.88 17.67
C TYR A 178 19.25 41.81 17.18
N THR A 179 20.30 41.21 16.62
CA THR A 179 21.45 41.91 16.04
C THR A 179 21.93 41.21 14.75
N LEU A 180 21.99 41.95 13.66
CA LEU A 180 22.66 41.49 12.45
C LEU A 180 23.56 42.58 11.90
N SER A 181 24.53 42.15 11.09
CA SER A 181 25.44 43.05 10.39
C SER A 181 25.32 42.77 8.89
N SER A 182 25.90 43.63 8.07
CA SER A 182 26.03 43.40 6.63
C SER A 182 27.31 44.03 6.12
N SER A 183 28.03 43.35 5.23
CA SER A 183 29.26 43.86 4.63
C SER A 183 29.01 44.14 3.17
N VAL A 184 29.79 45.06 2.59
CA VAL A 184 29.79 45.27 1.14
C VAL A 184 31.21 45.59 0.67
N THR A 185 31.62 44.99 -0.45
CA THR A 185 32.96 45.19 -0.99
C THR A 185 32.88 45.75 -2.41
N VAL A 186 33.51 46.90 -2.60
CA VAL A 186 33.60 47.60 -3.89
C VAL A 186 35.06 47.97 -4.17
N THR A 187 35.35 48.35 -5.41
CA THR A 187 36.71 48.78 -5.79
C THR A 187 36.96 50.16 -5.17
N SER A 188 38.20 50.41 -4.74
CA SER A 188 38.54 51.71 -4.09
C SER A 188 38.43 52.95 -5.01
N ASN A 189 38.28 52.72 -6.32
CA ASN A 189 37.87 53.77 -7.25
C ASN A 189 36.48 54.32 -6.87
N THR A 190 35.61 53.42 -6.46
CA THR A 190 34.22 53.76 -6.12
C THR A 190 34.07 54.61 -4.84
N TRP A 191 34.88 54.34 -3.82
CA TRP A 191 34.68 54.91 -2.48
C TRP A 191 35.97 55.50 -1.92
N PRO A 192 35.95 56.71 -1.35
CA PRO A 192 34.73 57.51 -1.05
C PRO A 192 34.25 58.47 -2.17
N SER A 193 34.60 58.19 -3.44
CA SER A 193 34.19 59.04 -4.56
C SER A 193 32.68 59.12 -4.68
N GLN A 194 32.04 57.95 -4.56
CA GLN A 194 30.58 57.83 -4.59
C GLN A 194 30.04 57.59 -3.18
N THR A 195 28.85 58.12 -2.95
CA THR A 195 28.09 57.84 -1.74
C THR A 195 27.59 56.40 -1.74
N ILE A 196 27.83 55.71 -0.64
CA ILE A 196 27.28 54.40 -0.38
C ILE A 196 26.48 54.49 0.89
N THR A 197 25.21 54.06 0.81
CA THR A 197 24.25 54.20 1.90
C THR A 197 23.70 52.85 2.30
N CYS A 198 23.68 52.59 3.61
CA CYS A 198 23.03 51.42 4.18
C CYS A 198 21.55 51.76 4.40
N ASN A 199 20.64 51.00 3.77
CA ASN A 199 19.17 51.21 3.94
C ASN A 199 18.56 50.13 4.80
N VAL A 200 17.96 50.50 5.92
CA VAL A 200 17.41 49.55 6.89
C VAL A 200 15.94 49.88 7.16
N ALA A 201 15.11 48.83 7.13
CA ALA A 201 13.69 48.95 7.42
C ALA A 201 13.32 47.91 8.46
N HIS A 202 12.42 48.28 9.35
CA HIS A 202 11.90 47.37 10.38
C HIS A 202 10.40 47.62 10.45
N PRO A 203 9.63 46.84 9.64
CA PRO A 203 8.18 47.04 9.53
C PRO A 203 7.46 47.16 10.86
N ALA A 204 7.74 46.24 11.78
CA ALA A 204 7.07 46.16 13.08
C ALA A 204 7.03 47.45 13.90
N SER A 205 8.06 48.28 13.78
CA SER A 205 8.13 49.57 14.48
C SER A 205 8.01 50.79 13.56
N SER A 206 7.65 50.58 12.30
CA SER A 206 7.62 51.63 11.27
C SER A 206 8.95 52.37 11.11
N THR A 207 10.05 51.67 11.35
CA THR A 207 11.39 52.27 11.28
C THR A 207 11.92 52.16 9.86
N LYS A 208 12.56 53.23 9.42
CA LYS A 208 13.15 53.32 8.09
C LYS A 208 14.36 54.24 8.22
N VAL A 209 15.58 53.68 8.13
CA VAL A 209 16.82 54.43 8.35
C VAL A 209 17.82 54.26 7.21
N ASP A 210 18.40 55.38 6.77
CA ASP A 210 19.43 55.40 5.77
C ASP A 210 20.67 56.00 6.39
N LYS A 211 21.72 55.19 6.56
CA LYS A 211 23.00 55.69 7.04
C LYS A 211 24.01 55.69 5.92
N LYS A 212 24.51 56.87 5.58
CA LYS A 212 25.66 57.02 4.70
C LYS A 212 26.93 56.53 5.42
N ILE A 213 27.87 55.96 4.67
CA ILE A 213 29.16 55.51 5.22
C ILE A 213 30.21 56.57 4.90
N GLU A 214 30.89 57.09 5.94
CA GLU A 214 31.86 58.18 5.78
C GLU A 214 33.22 57.91 6.46
N PRO A 215 34.34 58.33 5.83
CA PRO A 215 35.65 58.19 6.46
C PRO A 215 35.80 58.90 7.81
N ARG A 216 36.74 58.41 8.62
CA ARG A 216 36.89 58.83 10.00
C ARG A 216 37.84 60.01 10.12
N GLY A 217 38.83 60.11 9.22
CA GLY A 217 39.84 61.17 9.24
C GLY A 217 39.62 62.12 8.10
N ASP B 1 -0.08 9.98 12.11
CA ASP B 1 0.70 10.80 11.14
C ASP B 1 1.83 9.97 10.54
N ILE B 2 2.12 10.23 9.28
CA ILE B 2 3.22 9.60 8.58
C ILE B 2 4.46 10.45 8.79
N VAL B 3 5.48 9.88 9.42
CA VAL B 3 6.73 10.60 9.69
C VAL B 3 7.72 10.32 8.57
N LEU B 4 8.32 11.37 8.02
CA LEU B 4 9.38 11.28 7.02
C LEU B 4 10.75 11.61 7.62
N THR B 5 11.73 10.74 7.38
CA THR B 5 13.06 10.86 7.96
C THR B 5 14.09 10.89 6.83
N GLN B 6 14.76 12.03 6.67
CA GLN B 6 15.76 12.20 5.60
C GLN B 6 17.15 11.82 6.03
N SER B 7 17.93 11.32 5.08
CA SER B 7 19.37 11.12 5.26
C SER B 7 20.06 11.41 3.92
N PRO B 8 21.30 11.90 3.93
CA PRO B 8 21.99 12.38 5.11
C PRO B 8 21.51 13.79 5.50
N ALA B 9 22.03 14.28 6.62
CA ALA B 9 21.70 15.60 7.12
C ALA B 9 22.29 16.68 6.24
N SER B 10 23.56 16.54 5.90
CA SER B 10 24.16 17.36 4.85
C SER B 10 25.13 16.51 4.04
N LEU B 11 25.65 17.09 2.97
CA LEU B 11 26.28 16.33 1.92
C LEU B 11 27.00 17.31 0.99
N ALA B 12 28.25 17.01 0.62
CA ALA B 12 29.07 17.90 -0.22
C ALA B 12 29.53 17.23 -1.52
N VAL B 13 29.13 17.78 -2.67
CA VAL B 13 29.36 17.18 -3.98
C VAL B 13 30.10 18.15 -4.91
N SER B 14 31.09 17.65 -5.65
CA SER B 14 31.78 18.49 -6.64
C SER B 14 30.90 18.81 -7.83
N LEU B 15 31.25 19.88 -8.55
CA LEU B 15 30.52 20.27 -9.76
C LEU B 15 30.54 19.18 -10.83
N GLY B 16 29.41 18.96 -11.48
CA GLY B 16 29.28 17.94 -12.50
C GLY B 16 29.08 16.51 -12.00
N GLN B 17 28.96 16.35 -10.68
CA GLN B 17 28.82 15.04 -10.04
C GLN B 17 27.39 14.79 -9.58
N ARG B 18 27.16 13.58 -9.08
CA ARG B 18 25.85 13.16 -8.60
C ARG B 18 25.70 13.40 -7.11
N ALA B 19 24.53 13.92 -6.73
CA ALA B 19 24.07 14.03 -5.37
C ALA B 19 22.86 13.15 -5.21
N THR B 20 22.86 12.29 -4.20
CA THR B 20 21.73 11.41 -3.93
C THR B 20 21.27 11.64 -2.51
N ILE B 21 20.00 12.02 -2.35
CA ILE B 21 19.39 12.32 -1.04
C ILE B 21 18.22 11.37 -0.83
N SER B 22 18.11 10.80 0.37
CA SER B 22 17.08 9.79 0.68
C SER B 22 15.97 10.27 1.61
N CYS B 23 14.85 9.55 1.61
CA CYS B 23 13.69 9.84 2.45
C CYS B 23 12.97 8.54 2.76
N ARG B 24 12.88 8.20 4.04
CA ARG B 24 12.20 7.00 4.49
C ARG B 24 10.93 7.41 5.23
N ALA B 25 9.78 6.87 4.81
CA ALA B 25 8.50 7.11 5.45
C ALA B 25 8.18 6.00 6.45
N SER B 26 7.50 6.36 7.54
CA SER B 26 7.15 5.42 8.61
C SER B 26 6.05 4.42 8.20
N GLU B 27 5.21 4.82 7.24
CA GLU B 27 4.20 3.96 6.63
C GLU B 27 4.21 4.19 5.12
N SER B 28 3.62 3.26 4.35
CA SER B 28 3.51 3.41 2.90
C SER B 28 2.78 4.71 2.51
N VAL B 29 3.28 5.38 1.50
CA VAL B 29 2.63 6.54 0.88
C VAL B 29 1.94 6.19 -0.46
N ASP B 30 1.93 4.91 -0.82
CA ASP B 30 1.26 4.46 -2.05
C ASP B 30 -0.23 4.53 -1.90
N ASN B 31 -0.91 5.11 -2.90
CA ASN B 31 -2.37 5.13 -2.92
C ASN B 31 -2.89 5.33 -4.35
N TYR B 32 -3.86 4.48 -4.75
CA TYR B 32 -4.39 4.45 -6.12
C TYR B 32 -3.28 4.38 -7.18
N GLY B 33 -2.26 3.55 -6.94
CA GLY B 33 -1.21 3.31 -7.93
C GLY B 33 -0.16 4.41 -8.10
N ILE B 34 -0.34 5.55 -7.42
CA ILE B 34 0.68 6.60 -7.39
C ILE B 34 1.37 6.57 -6.01
N SER B 35 2.68 6.79 -6.02
CA SER B 35 3.44 7.04 -4.78
C SER B 35 3.44 8.55 -4.49
N SER B 36 2.62 9.00 -3.54
CA SER B 36 2.44 10.45 -3.27
C SER B 36 3.60 11.03 -2.45
N MET B 37 4.72 11.26 -3.14
CA MET B 37 5.93 11.77 -2.54
C MET B 37 6.45 12.92 -3.39
N ASN B 38 6.59 14.09 -2.79
CA ASN B 38 7.03 15.30 -3.47
C ASN B 38 8.34 15.77 -2.88
N TRP B 39 9.14 16.45 -3.71
CA TRP B 39 10.40 17.05 -3.28
C TRP B 39 10.41 18.56 -3.52
N PHE B 40 11.06 19.29 -2.62
CA PHE B 40 11.11 20.76 -2.68
C PHE B 40 12.53 21.25 -2.44
N GLN B 41 12.88 22.31 -3.15
CA GLN B 41 14.16 22.99 -2.96
C GLN B 41 13.87 24.29 -2.24
N GLN B 42 14.59 24.53 -1.15
CA GLN B 42 14.57 25.83 -0.47
C GLN B 42 15.95 26.44 -0.55
N LYS B 43 16.07 27.51 -1.34
CA LYS B 43 17.29 28.28 -1.39
C LYS B 43 17.28 29.29 -0.23
N ALA B 44 18.48 29.75 0.13
CA ALA B 44 18.65 30.71 1.24
C ALA B 44 17.73 31.93 1.08
N GLY B 45 16.88 32.14 2.08
CA GLY B 45 16.01 33.29 2.16
C GLY B 45 14.78 33.27 1.27
N GLN B 46 14.53 32.13 0.62
CA GLN B 46 13.43 32.00 -0.33
C GLN B 46 12.41 31.02 0.22
N PRO B 47 11.19 31.05 -0.34
CA PRO B 47 10.25 29.97 -0.06
C PRO B 47 10.64 28.65 -0.74
N PRO B 48 10.07 27.54 -0.27
CA PRO B 48 10.26 26.30 -0.96
C PRO B 48 9.74 26.34 -2.41
N LYS B 49 10.47 25.68 -3.30
CA LYS B 49 10.09 25.58 -4.69
C LYS B 49 9.81 24.13 -5.03
N PHE B 50 8.73 23.90 -5.71
CA PHE B 50 8.25 22.54 -6.05
C PHE B 50 9.09 21.94 -7.19
N LEU B 51 9.71 20.79 -6.94
CA LEU B 51 10.57 20.13 -7.93
C LEU B 51 9.98 18.87 -8.58
N ILE B 52 9.58 17.92 -7.74
CA ILE B 52 9.19 16.58 -8.16
C ILE B 52 7.84 16.25 -7.54
N TYR B 53 6.96 15.58 -8.31
CA TYR B 53 5.72 15.03 -7.75
C TYR B 53 5.60 13.55 -8.08
N ALA B 54 4.78 12.86 -7.31
CA ALA B 54 4.50 11.43 -7.52
C ALA B 54 5.79 10.60 -7.61
N ALA B 55 6.71 10.87 -6.69
CA ALA B 55 8.00 10.16 -6.55
C ALA B 55 9.07 10.43 -7.62
N SER B 56 8.66 10.39 -8.89
CA SER B 56 9.58 10.47 -10.04
C SER B 56 9.22 11.51 -11.11
N LYS B 57 7.97 11.98 -11.18
CA LYS B 57 7.56 12.93 -12.21
C LYS B 57 8.02 14.36 -11.91
N GLN B 58 8.37 15.11 -12.95
CA GLN B 58 8.97 16.43 -12.81
C GLN B 58 7.97 17.56 -12.99
N GLY B 59 8.04 18.55 -12.11
CA GLY B 59 7.19 19.74 -12.21
C GLY B 59 7.51 20.58 -13.39
N SER B 60 6.56 21.40 -13.82
CA SER B 60 6.74 22.25 -15.01
C SER B 60 7.91 23.22 -14.82
N GLY B 61 8.74 23.32 -15.87
CA GLY B 61 9.93 24.19 -15.85
C GLY B 61 11.14 23.72 -15.05
N VAL B 62 11.07 22.53 -14.45
CA VAL B 62 12.15 22.00 -13.61
C VAL B 62 13.19 21.34 -14.50
N PRO B 63 14.48 21.75 -14.41
CA PRO B 63 15.55 21.11 -15.21
C PRO B 63 15.61 19.58 -15.09
N ALA B 64 16.05 18.91 -16.15
CA ALA B 64 16.09 17.43 -16.22
C ALA B 64 17.09 16.79 -15.23
N ARG B 65 18.12 17.55 -14.84
CA ARG B 65 19.08 17.11 -13.83
C ARG B 65 18.50 16.76 -12.46
N PHE B 66 17.31 17.27 -12.15
CA PHE B 66 16.51 16.84 -10.98
C PHE B 66 15.60 15.68 -11.36
N SER B 67 15.66 14.62 -10.58
CA SER B 67 14.81 13.43 -10.82
C SER B 67 14.74 12.61 -9.54
N GLY B 68 13.59 11.99 -9.28
CA GLY B 68 13.42 11.17 -8.11
C GLY B 68 13.14 9.72 -8.48
N SER B 69 13.22 8.85 -7.47
CA SER B 69 12.77 7.48 -7.61
C SER B 69 12.24 6.94 -6.29
N GLY B 70 11.63 5.76 -6.35
CA GLY B 70 11.16 5.02 -5.18
C GLY B 70 9.68 4.68 -5.17
N SER B 71 9.29 3.98 -4.12
CA SER B 71 7.92 3.55 -3.90
C SER B 71 7.80 3.10 -2.45
N GLY B 72 6.56 2.97 -1.97
CA GLY B 72 6.30 2.45 -0.63
C GLY B 72 6.82 3.35 0.49
N THR B 73 7.94 2.96 1.08
CA THR B 73 8.58 3.72 2.17
C THR B 73 9.91 4.39 1.82
N ASP B 74 10.65 3.90 0.83
CA ASP B 74 12.00 4.41 0.52
C ASP B 74 12.02 5.19 -0.79
N PHE B 75 12.46 6.43 -0.71
CA PHE B 75 12.52 7.34 -1.85
C PHE B 75 13.85 8.05 -1.88
N SER B 76 14.21 8.55 -3.05
CA SER B 76 15.39 9.39 -3.18
C SER B 76 15.27 10.42 -4.29
N LEU B 77 16.08 11.47 -4.14
CA LEU B 77 16.20 12.56 -5.08
C LEU B 77 17.64 12.54 -5.60
N ILE B 78 17.78 12.49 -6.92
CA ILE B 78 19.05 12.51 -7.58
C ILE B 78 19.21 13.85 -8.31
N ILE B 79 20.36 14.47 -8.12
CA ILE B 79 20.73 15.69 -8.84
C ILE B 79 22.03 15.41 -9.54
N HIS B 80 22.03 15.50 -10.87
CA HIS B 80 23.21 15.20 -11.68
C HIS B 80 23.02 15.72 -13.09
N PRO B 81 23.98 16.49 -13.64
CA PRO B 81 25.15 17.04 -12.97
C PRO B 81 24.83 18.21 -12.01
N VAL B 82 25.40 18.18 -10.82
CA VAL B 82 25.24 19.29 -9.87
C VAL B 82 25.92 20.57 -10.39
N GLU B 83 25.28 21.71 -10.17
CA GLU B 83 25.88 23.03 -10.45
C GLU B 83 25.76 24.01 -9.29
N GLU B 84 26.47 25.13 -9.37
CA GLU B 84 26.65 26.08 -8.27
C GLU B 84 25.34 26.53 -7.61
N ASP B 85 24.33 26.75 -8.45
CA ASP B 85 23.01 27.22 -8.01
C ASP B 85 22.16 26.18 -7.27
N ASP B 86 22.64 24.95 -7.19
CA ASP B 86 21.92 23.88 -6.48
C ASP B 86 22.18 23.83 -4.98
N THR B 87 23.06 24.70 -4.47
CA THR B 87 23.27 24.82 -3.01
C THR B 87 21.98 25.24 -2.34
N ALA B 88 21.48 24.40 -1.44
CA ALA B 88 20.10 24.52 -0.96
C ALA B 88 19.80 23.44 0.06
N VAL B 89 18.64 23.58 0.69
CA VAL B 89 18.08 22.53 1.53
C VAL B 89 16.96 21.87 0.74
N TYR B 90 16.92 20.54 0.74
CA TYR B 90 15.90 19.82 -0.02
C TYR B 90 15.03 19.06 0.96
N PHE B 91 13.71 19.18 0.78
CA PHE B 91 12.73 18.55 1.66
C PHE B 91 11.87 17.56 0.89
N CYS B 92 11.64 16.38 1.47
CA CYS B 92 10.63 15.45 0.95
C CYS B 92 9.30 15.73 1.63
N GLN B 93 8.21 15.31 1.01
CA GLN B 93 6.88 15.66 1.50
C GLN B 93 5.81 14.71 0.97
N GLN B 94 4.86 14.40 1.84
CA GLN B 94 3.95 13.28 1.66
C GLN B 94 2.53 13.84 1.59
N SER B 95 1.75 13.45 0.57
CA SER B 95 0.37 13.89 0.39
C SER B 95 -0.65 12.75 0.35
N LYS B 96 -0.28 11.58 0.90
CA LYS B 96 -1.16 10.40 0.86
C LYS B 96 -2.47 10.65 1.58
N GLY B 97 -2.38 11.37 2.69
CA GLY B 97 -3.54 11.80 3.44
C GLY B 97 -3.22 12.82 4.52
N VAL B 98 -4.28 13.40 5.08
CA VAL B 98 -4.16 14.40 6.14
C VAL B 98 -3.75 13.67 7.44
N PRO B 99 -2.76 14.18 8.18
CA PRO B 99 -2.07 15.45 7.93
C PRO B 99 -0.90 15.34 6.97
N TYR B 100 -0.73 16.32 6.10
CA TYR B 100 0.40 16.38 5.18
C TYR B 100 1.65 16.65 6.02
N THR B 101 2.75 15.95 5.74
CA THR B 101 3.97 16.06 6.53
C THR B 101 5.22 16.18 5.69
N PHE B 102 6.22 16.87 6.24
CA PHE B 102 7.49 17.11 5.60
C PHE B 102 8.62 16.40 6.29
N GLY B 103 9.68 16.10 5.55
CA GLY B 103 10.95 15.68 6.14
C GLY B 103 11.64 16.88 6.79
N GLY B 104 12.75 16.60 7.47
CA GLY B 104 13.52 17.58 8.20
C GLY B 104 14.48 18.36 7.35
N GLY B 105 14.65 17.97 6.09
CA GLY B 105 15.52 18.66 5.17
C GLY B 105 16.93 18.06 5.13
N THR B 106 17.60 18.24 4.00
CA THR B 106 18.97 17.80 3.79
C THR B 106 19.71 18.94 3.10
N LYS B 107 20.91 19.27 3.58
CA LYS B 107 21.64 20.41 3.04
C LYS B 107 22.65 19.95 2.01
N LEU B 108 22.54 20.51 0.81
CA LEU B 108 23.47 20.18 -0.28
C LEU B 108 24.45 21.32 -0.42
N GLU B 109 25.72 21.00 -0.20
CA GLU B 109 26.83 21.90 -0.35
C GLU B 109 27.51 21.55 -1.67
N ILE B 110 27.91 22.56 -2.42
CA ILE B 110 28.70 22.40 -3.63
C ILE B 110 30.16 22.51 -3.25
N LYS B 111 30.93 21.48 -3.56
CA LYS B 111 32.35 21.44 -3.26
C LYS B 111 33.09 22.34 -4.27
N ARG B 112 34.20 22.90 -3.81
CA ARG B 112 35.04 23.74 -4.64
C ARG B 112 36.44 23.80 -4.06
N ALA B 113 37.34 24.48 -4.77
CA ALA B 113 38.71 24.63 -4.32
C ALA B 113 38.73 25.48 -3.06
N ASP B 114 39.68 25.17 -2.18
CA ASP B 114 39.82 25.92 -0.94
C ASP B 114 40.13 27.39 -1.25
N ALA B 115 39.69 28.27 -0.36
CA ALA B 115 39.82 29.73 -0.52
C ALA B 115 39.98 30.38 0.83
N ALA B 116 41.04 31.15 0.99
CA ALA B 116 41.29 31.83 2.27
C ALA B 116 40.35 33.03 2.38
N PRO B 117 39.95 33.38 3.60
CA PRO B 117 39.06 34.53 3.80
C PRO B 117 39.75 35.86 3.64
N THR B 118 39.05 36.82 3.04
CA THR B 118 39.44 38.23 3.04
C THR B 118 38.89 38.81 4.34
N VAL B 119 39.80 39.31 5.19
CA VAL B 119 39.45 39.71 6.55
C VAL B 119 39.51 41.23 6.73
N SER B 120 38.46 41.79 7.29
CA SER B 120 38.36 43.25 7.50
C SER B 120 37.96 43.50 8.96
N ILE B 121 38.50 44.58 9.53
CA ILE B 121 38.20 44.91 10.93
C ILE B 121 37.66 46.33 11.05
N PHE B 122 36.70 46.49 11.96
CA PHE B 122 35.89 47.72 12.07
C PHE B 122 35.72 48.13 13.54
N PRO B 123 36.33 49.28 13.93
CA PRO B 123 36.06 49.80 15.26
C PRO B 123 34.60 50.22 15.37
N PRO B 124 34.13 50.49 16.59
CA PRO B 124 32.79 51.05 16.76
C PRO B 124 32.63 52.33 15.94
N SER B 125 31.38 52.70 15.66
CA SER B 125 31.11 54.00 15.05
C SER B 125 31.07 55.09 16.11
N SER B 126 31.28 56.34 15.69
CA SER B 126 31.13 57.48 16.58
C SER B 126 29.74 57.51 17.22
N GLU B 127 28.73 57.14 16.42
CA GLU B 127 27.34 57.11 16.89
C GLU B 127 27.14 56.11 18.02
N GLN B 128 27.68 54.90 17.86
CA GLN B 128 27.53 53.84 18.87
C GLN B 128 28.21 54.19 20.21
N LEU B 129 29.37 54.82 20.12
CA LEU B 129 30.11 55.27 21.30
C LEU B 129 29.32 56.31 22.10
N THR B 130 28.71 57.28 21.41
CA THR B 130 27.84 58.27 22.08
C THR B 130 26.57 57.68 22.74
N SER B 131 26.14 56.48 22.34
CA SER B 131 25.08 55.72 23.04
C SER B 131 25.54 54.92 24.27
N GLY B 132 26.85 54.70 24.41
CA GLY B 132 27.41 53.98 25.55
C GLY B 132 27.72 52.51 25.32
N GLY B 133 27.61 52.05 24.07
CA GLY B 133 28.01 50.70 23.68
C GLY B 133 29.25 50.74 22.81
N ALA B 134 29.89 49.59 22.66
CA ALA B 134 31.06 49.44 21.79
C ALA B 134 31.10 48.06 21.12
N SER B 135 30.88 48.01 19.80
CA SER B 135 30.90 46.74 19.07
C SER B 135 32.04 46.78 18.05
N VAL B 136 33.00 45.86 18.24
CA VAL B 136 34.09 45.67 17.31
C VAL B 136 33.77 44.48 16.39
N VAL B 137 33.72 44.75 15.09
CA VAL B 137 33.24 43.81 14.10
C VAL B 137 34.38 43.39 13.18
N CYS B 138 34.33 42.12 12.77
CA CYS B 138 35.28 41.53 11.86
C CYS B 138 34.51 40.77 10.80
N PHE B 139 34.79 41.06 9.52
CA PHE B 139 34.23 40.24 8.44
C PHE B 139 35.30 39.33 7.87
N LEU B 140 34.97 38.05 7.80
CA LEU B 140 35.81 37.04 7.16
C LEU B 140 35.02 36.57 5.95
N ASN B 141 35.35 37.09 4.78
CA ASN B 141 34.53 36.95 3.58
C ASN B 141 35.11 36.01 2.51
N ASN B 142 34.19 35.29 1.86
CA ASN B 142 34.45 34.48 0.65
C ASN B 142 35.51 33.41 0.85
N PHE B 143 35.27 32.53 1.82
CA PHE B 143 36.20 31.45 2.15
C PHE B 143 35.55 30.07 2.01
N TYR B 144 36.37 29.03 1.83
CA TYR B 144 35.91 27.64 1.77
C TYR B 144 37.03 26.68 2.25
N PRO B 145 36.74 25.67 3.06
CA PRO B 145 35.41 25.27 3.52
C PRO B 145 34.85 26.10 4.65
N LYS B 146 33.65 25.76 5.10
CA LYS B 146 32.91 26.52 6.10
C LYS B 146 33.60 26.61 7.47
N ASP B 147 34.33 25.57 7.85
CA ASP B 147 34.96 25.51 9.18
C ASP B 147 36.05 26.58 9.34
N ILE B 148 35.99 27.34 10.42
CA ILE B 148 36.91 28.46 10.66
C ILE B 148 36.96 28.84 12.14
N ASN B 149 38.08 29.40 12.57
CA ASN B 149 38.30 29.83 13.95
C ASN B 149 38.60 31.29 13.98
N VAL B 150 37.96 32.01 14.89
CA VAL B 150 38.24 33.44 15.06
C VAL B 150 38.54 33.73 16.52
N LYS B 151 39.68 34.35 16.75
CA LYS B 151 40.16 34.67 18.09
C LYS B 151 40.25 36.19 18.23
N TRP B 152 39.74 36.71 19.34
CA TRP B 152 39.84 38.13 19.65
C TRP B 152 40.91 38.36 20.72
N LYS B 153 41.76 39.35 20.49
CA LYS B 153 42.77 39.75 21.47
C LYS B 153 42.67 41.24 21.76
N ILE B 154 42.53 41.57 23.04
CA ILE B 154 42.52 42.95 23.53
C ILE B 154 43.90 43.18 24.17
N ASP B 155 44.67 44.12 23.62
CA ASP B 155 46.06 44.39 24.03
C ASP B 155 46.94 43.12 24.05
N GLY B 156 46.68 42.19 23.13
CA GLY B 156 47.36 40.90 23.09
C GLY B 156 46.75 39.77 23.91
N SER B 157 45.84 40.07 24.86
CA SER B 157 45.21 39.04 25.71
C SER B 157 43.93 38.49 25.10
N GLU B 158 43.76 37.17 25.14
CA GLU B 158 42.60 36.52 24.54
C GLU B 158 41.28 36.86 25.26
N ARG B 159 40.20 36.86 24.49
CA ARG B 159 38.89 37.30 24.98
C ARG B 159 37.79 36.43 24.40
N GLN B 160 37.02 35.76 25.27
CA GLN B 160 36.00 34.80 24.81
C GLN B 160 34.53 35.25 25.06
N ASN B 161 34.30 36.11 26.06
CA ASN B 161 32.95 36.58 26.39
C ASN B 161 32.51 37.73 25.52
N GLY B 162 31.21 37.74 25.17
CA GLY B 162 30.61 38.78 24.33
C GLY B 162 30.72 38.57 22.82
N VAL B 163 31.40 37.49 22.41
CA VAL B 163 31.71 37.23 21.01
C VAL B 163 30.50 36.53 20.38
N LEU B 164 30.10 36.96 19.19
CA LEU B 164 28.98 36.35 18.47
C LEU B 164 29.29 36.21 16.98
N ASN B 165 29.22 34.96 16.52
CA ASN B 165 29.62 34.55 15.18
C ASN B 165 28.41 34.10 14.37
N SER B 166 28.19 34.72 13.20
CA SER B 166 27.09 34.37 12.30
C SER B 166 27.65 34.05 10.91
N TRP B 167 27.33 32.86 10.37
CA TRP B 167 27.74 32.46 9.01
C TRP B 167 26.61 32.67 8.01
N THR B 168 26.95 33.09 6.80
CA THR B 168 26.00 33.08 5.69
C THR B 168 25.82 31.65 5.23
N ASP B 169 24.71 31.39 4.55
CA ASP B 169 24.57 30.18 3.74
C ASP B 169 25.55 30.27 2.57
N GLN B 170 25.82 29.12 1.96
CA GLN B 170 26.77 29.07 0.83
C GLN B 170 26.25 29.93 -0.32
N ASP B 171 27.17 30.59 -0.99
CA ASP B 171 26.84 31.49 -2.08
C ASP B 171 26.48 30.68 -3.34
N SER B 172 25.48 31.18 -4.06
CA SER B 172 24.92 30.49 -5.23
C SER B 172 25.79 30.60 -6.46
N LYS B 173 26.57 31.67 -6.57
CA LYS B 173 27.43 31.91 -7.73
C LYS B 173 28.80 31.28 -7.55
N ASP B 174 29.50 31.59 -6.47
CA ASP B 174 30.88 31.15 -6.26
C ASP B 174 31.11 30.10 -5.17
N SER B 175 30.06 29.64 -4.52
CA SER B 175 30.14 28.49 -3.60
C SER B 175 30.98 28.71 -2.33
N THR B 176 31.30 29.96 -2.00
CA THR B 176 32.04 30.28 -0.76
C THR B 176 31.09 30.59 0.40
N TYR B 177 31.65 30.60 1.60
CA TYR B 177 30.95 31.10 2.80
C TYR B 177 31.57 32.42 3.25
N SER B 178 30.84 33.13 4.10
CA SER B 178 31.30 34.36 4.70
C SER B 178 30.82 34.37 6.15
N MET B 179 31.39 35.24 6.96
CA MET B 179 31.09 35.26 8.41
C MET B 179 31.41 36.58 9.10
N SER B 180 30.51 36.98 10.01
CA SER B 180 30.68 38.14 10.91
C SER B 180 31.06 37.65 12.31
N SER B 181 32.04 38.32 12.93
CA SER B 181 32.37 38.08 14.33
C SER B 181 32.27 39.42 15.04
N THR B 182 31.47 39.44 16.12
CA THR B 182 31.12 40.70 16.78
C THR B 182 31.45 40.58 18.27
N LEU B 183 32.52 41.27 18.69
CA LEU B 183 32.84 41.45 20.11
C LEU B 183 32.08 42.65 20.68
N THR B 184 31.23 42.40 21.68
CA THR B 184 30.31 43.42 22.23
C THR B 184 30.79 43.82 23.65
N LEU B 185 31.18 45.09 23.81
CA LEU B 185 31.70 45.61 25.08
C LEU B 185 30.90 46.81 25.58
N THR B 186 31.05 47.13 26.86
CA THR B 186 30.63 48.44 27.37
C THR B 186 31.65 49.47 26.86
N LYS B 187 31.19 50.66 26.52
CA LYS B 187 32.09 51.76 26.13
C LYS B 187 33.23 51.99 27.13
N ASP B 188 32.93 51.96 28.41
CA ASP B 188 33.94 52.14 29.47
C ASP B 188 35.11 51.18 29.32
N GLU B 189 34.82 49.89 29.11
CA GLU B 189 35.87 48.90 28.86
C GLU B 189 36.57 49.09 27.53
N TYR B 190 35.83 49.47 26.49
CA TYR B 190 36.44 49.72 25.19
C TYR B 190 37.54 50.77 25.30
N GLU B 191 37.24 51.86 26.00
CA GLU B 191 38.18 52.97 26.13
C GLU B 191 39.38 52.66 27.05
N ARG B 192 39.29 51.63 27.90
CA ARG B 192 40.42 51.21 28.73
C ARG B 192 41.59 50.63 27.95
N HIS B 193 41.30 49.87 26.88
CA HIS B 193 42.34 49.17 26.13
C HIS B 193 42.60 49.83 24.78
N ASN B 194 43.79 49.63 24.25
CA ASN B 194 44.27 50.33 23.05
C ASN B 194 44.31 49.48 21.77
N SER B 195 44.79 48.23 21.90
CA SER B 195 45.03 47.33 20.75
C SER B 195 43.95 46.24 20.59
N TYR B 196 43.23 46.28 19.46
CA TYR B 196 42.12 45.36 19.18
C TYR B 196 42.43 44.50 17.96
N THR B 197 42.50 43.19 18.18
CA THR B 197 43.00 42.26 17.18
C THR B 197 41.98 41.14 16.88
N CYS B 198 41.91 40.78 15.61
CA CYS B 198 40.98 39.79 15.10
C CYS B 198 41.81 38.75 14.35
N GLU B 199 41.87 37.54 14.89
CA GLU B 199 42.87 36.56 14.45
C GLU B 199 42.16 35.31 13.90
N ALA B 200 42.23 35.12 12.59
CA ALA B 200 41.44 34.10 11.89
C ALA B 200 42.31 32.92 11.46
N THR B 201 41.95 31.71 11.90
CA THR B 201 42.66 30.49 11.52
C THR B 201 41.76 29.66 10.61
N HIS B 202 42.36 29.12 9.54
CA HIS B 202 41.61 28.43 8.50
C HIS B 202 42.45 27.34 7.83
N LYS B 203 41.80 26.31 7.34
CA LYS B 203 42.43 25.17 6.64
C LYS B 203 43.53 25.56 5.63
N THR B 204 43.30 26.66 4.93
CA THR B 204 44.20 27.19 3.91
C THR B 204 45.61 27.57 4.35
N SER B 205 45.78 27.95 5.62
CA SER B 205 47.09 28.33 6.15
C SER B 205 47.28 27.86 7.57
N THR B 206 48.49 27.39 7.89
CA THR B 206 48.85 27.09 9.27
C THR B 206 48.91 28.40 10.06
N SER B 207 49.52 29.42 9.47
CA SER B 207 49.58 30.74 10.07
C SER B 207 48.22 31.45 10.04
N PRO B 208 47.83 32.04 11.19
CA PRO B 208 46.58 32.80 11.21
C PRO B 208 46.64 34.06 10.36
N ILE B 209 45.48 34.51 9.89
CA ILE B 209 45.34 35.86 9.30
C ILE B 209 44.95 36.82 10.40
N VAL B 210 45.70 37.92 10.53
CA VAL B 210 45.55 38.87 11.64
C VAL B 210 45.25 40.25 11.09
N LYS B 211 44.20 40.88 11.60
CA LYS B 211 43.90 42.27 11.33
C LYS B 211 43.76 42.98 12.66
N SER B 212 44.25 44.22 12.71
CA SER B 212 44.31 44.97 13.95
C SER B 212 44.17 46.47 13.73
N PHE B 213 43.68 47.16 14.75
CA PHE B 213 43.76 48.60 14.83
C PHE B 213 44.12 49.00 16.24
N ASN B 214 44.67 50.20 16.38
CA ASN B 214 44.86 50.84 17.69
C ASN B 214 43.88 52.01 17.80
N ARG B 215 43.26 52.13 18.98
CA ARG B 215 42.08 52.97 19.21
C ARG B 215 42.11 54.43 18.68
N ASN B 216 43.33 54.97 18.60
CA ASN B 216 43.58 56.35 18.19
C ASN B 216 44.61 56.42 17.05
N GLU B 217 44.11 56.22 15.80
CA GLU B 217 44.94 56.34 14.58
C GLU B 217 44.32 57.17 13.42
N GLU C 1 5.83 -30.12 15.13
CA GLU C 1 6.38 -30.14 13.76
C GLU C 1 5.23 -30.25 12.78
N VAL C 2 5.30 -29.44 11.74
CA VAL C 2 4.27 -29.40 10.73
C VAL C 2 4.54 -30.48 9.69
N LYS C 3 3.48 -31.17 9.25
CA LYS C 3 3.55 -32.12 8.15
C LYS C 3 2.30 -31.98 7.28
N LEU C 4 2.49 -32.04 5.96
CA LEU C 4 1.40 -32.10 4.98
C LEU C 4 1.71 -33.24 4.03
N GLU C 5 0.78 -34.14 3.83
CA GLU C 5 0.94 -35.24 2.88
C GLU C 5 -0.20 -35.20 1.89
N GLU C 6 0.13 -34.99 0.61
CA GLU C 6 -0.83 -35.10 -0.47
C GLU C 6 -0.93 -36.53 -1.00
N SER C 7 -2.08 -36.84 -1.59
CA SER C 7 -2.35 -38.15 -2.19
C SER C 7 -3.51 -38.01 -3.15
N GLY C 8 -3.65 -38.98 -4.05
CA GLY C 8 -4.73 -38.99 -5.05
C GLY C 8 -4.34 -38.49 -6.44
N GLY C 9 -3.06 -38.14 -6.64
CA GLY C 9 -2.58 -37.84 -7.95
C GLY C 9 -2.47 -39.06 -8.85
N GLY C 10 -2.33 -38.83 -10.15
CA GLY C 10 -2.16 -39.88 -11.12
C GLY C 10 -2.59 -39.45 -12.52
N LEU C 11 -3.11 -40.42 -13.28
CA LEU C 11 -3.48 -40.21 -14.68
C LEU C 11 -4.98 -40.12 -14.87
N VAL C 12 -5.42 -39.17 -15.69
CA VAL C 12 -6.84 -39.01 -16.06
C VAL C 12 -6.94 -38.58 -17.52
N GLN C 13 -8.00 -39.02 -18.20
CA GLN C 13 -8.25 -38.61 -19.58
C GLN C 13 -8.86 -37.18 -19.60
N PRO C 14 -8.64 -36.41 -20.69
CA PRO C 14 -9.23 -35.06 -20.77
C PRO C 14 -10.76 -35.05 -20.64
N GLY C 15 -11.28 -34.17 -19.79
CA GLY C 15 -12.70 -34.13 -19.45
C GLY C 15 -13.08 -34.90 -18.19
N GLY C 16 -12.19 -35.76 -17.69
CA GLY C 16 -12.46 -36.57 -16.49
C GLY C 16 -12.34 -35.81 -15.18
N SER C 17 -12.35 -36.56 -14.07
CA SER C 17 -12.34 -35.99 -12.73
C SER C 17 -11.31 -36.65 -11.83
N MET C 18 -10.87 -35.90 -10.81
CA MET C 18 -9.99 -36.44 -9.80
C MET C 18 -10.11 -35.66 -8.50
N LYS C 19 -9.93 -36.36 -7.38
CA LYS C 19 -9.97 -35.76 -6.06
C LYS C 19 -8.62 -35.88 -5.37
N LEU C 20 -7.98 -34.73 -5.13
CA LEU C 20 -6.75 -34.67 -4.32
C LEU C 20 -7.11 -34.45 -2.87
N SER C 21 -6.30 -35.02 -1.99
CA SER C 21 -6.51 -35.01 -0.55
C SER C 21 -5.20 -34.64 0.15
N CYS C 22 -5.31 -33.88 1.24
CA CYS C 22 -4.16 -33.32 1.96
C CYS C 22 -4.33 -33.51 3.44
N ALA C 23 -3.57 -34.42 4.04
CA ALA C 23 -3.61 -34.68 5.49
C ALA C 23 -2.56 -33.85 6.24
N ALA C 24 -3.02 -32.94 7.10
CA ALA C 24 -2.15 -32.00 7.82
C ALA C 24 -2.09 -32.34 9.30
N SER C 25 -0.91 -32.17 9.89
CA SER C 25 -0.76 -32.21 11.34
C SER C 25 0.28 -31.18 11.82
N GLY C 26 0.33 -30.98 13.13
CA GLY C 26 1.36 -30.15 13.76
C GLY C 26 1.02 -28.70 14.03
N PHE C 27 -0.24 -28.34 13.79
CA PHE C 27 -0.74 -26.99 14.05
C PHE C 27 -2.24 -27.02 14.20
N THR C 28 -2.78 -25.96 14.80
CA THR C 28 -4.23 -25.86 15.02
C THR C 28 -4.93 -25.74 13.65
N PHE C 29 -5.42 -26.88 13.18
CA PHE C 29 -5.94 -26.99 11.82
C PHE C 29 -7.14 -26.08 11.58
N SER C 30 -8.09 -26.09 12.50
CA SER C 30 -9.31 -25.29 12.33
C SER C 30 -9.02 -23.79 12.12
N ASP C 31 -7.93 -23.27 12.72
CA ASP C 31 -7.51 -21.87 12.51
C ASP C 31 -6.79 -21.60 11.20
N ALA C 32 -6.12 -22.60 10.62
CA ALA C 32 -5.29 -22.34 9.45
C ALA C 32 -6.10 -22.10 8.19
N TRP C 33 -5.65 -21.12 7.41
CA TRP C 33 -6.10 -20.94 6.04
C TRP C 33 -5.23 -21.87 5.21
N MET C 34 -5.87 -22.64 4.33
CA MET C 34 -5.18 -23.65 3.50
C MET C 34 -5.36 -23.32 2.03
N ASP C 35 -4.41 -23.73 1.21
CA ASP C 35 -4.39 -23.44 -0.24
C ASP C 35 -3.89 -24.65 -1.05
N TRP C 36 -4.13 -24.62 -2.36
CA TRP C 36 -3.44 -25.50 -3.30
C TRP C 36 -2.69 -24.65 -4.32
N VAL C 37 -1.47 -25.08 -4.64
CA VAL C 37 -0.62 -24.43 -5.61
C VAL C 37 -0.11 -25.52 -6.54
N ARG C 38 0.05 -25.20 -7.83
CA ARG C 38 0.58 -26.17 -8.80
C ARG C 38 1.79 -25.63 -9.54
N GLN C 39 2.63 -26.56 -10.01
CA GLN C 39 3.81 -26.18 -10.77
C GLN C 39 3.90 -26.98 -12.05
N SER C 40 4.20 -26.25 -13.13
CA SER C 40 4.48 -26.86 -14.43
C SER C 40 5.63 -26.07 -15.04
N PRO C 41 6.35 -26.69 -15.99
CA PRO C 41 7.38 -25.94 -16.70
C PRO C 41 6.87 -24.77 -17.53
N GLU C 42 5.64 -24.85 -18.05
CA GLU C 42 5.10 -23.79 -18.91
C GLU C 42 4.68 -22.58 -18.08
N LYS C 43 3.86 -22.84 -17.06
CA LYS C 43 3.23 -21.79 -16.26
C LYS C 43 4.01 -21.40 -15.00
N GLY C 44 5.00 -22.19 -14.59
CA GLY C 44 5.72 -21.96 -13.33
C GLY C 44 4.84 -22.33 -12.16
N LEU C 45 4.93 -21.54 -11.08
CA LEU C 45 4.10 -21.74 -9.89
C LEU C 45 2.83 -20.90 -9.99
N GLU C 46 1.66 -21.55 -9.96
CA GLU C 46 0.36 -20.85 -9.90
C GLU C 46 -0.45 -21.28 -8.70
N TRP C 47 -0.92 -20.28 -7.96
CA TRP C 47 -1.91 -20.47 -6.94
C TRP C 47 -3.20 -20.97 -7.61
N VAL C 48 -3.87 -21.93 -6.97
CA VAL C 48 -5.04 -22.55 -7.55
C VAL C 48 -6.32 -22.23 -6.76
N ALA C 49 -6.30 -22.52 -5.47
CA ALA C 49 -7.48 -22.35 -4.64
C ALA C 49 -7.13 -22.06 -3.18
N GLU C 50 -8.04 -21.38 -2.50
CA GLU C 50 -7.91 -21.06 -1.08
C GLU C 50 -9.18 -21.48 -0.36
N ILE C 51 -9.03 -21.98 0.86
CA ILE C 51 -10.13 -22.08 1.82
C ILE C 51 -9.67 -21.51 3.18
N ARG C 52 -10.50 -20.66 3.76
CA ARG C 52 -10.16 -19.97 5.00
C ARG C 52 -10.84 -20.64 6.20
N ASN C 53 -10.57 -20.10 7.40
CA ASN C 53 -11.07 -20.69 8.65
C ASN C 53 -12.52 -20.40 8.96
N LYS C 54 -13.04 -20.99 10.03
CA LYS C 54 -14.40 -20.79 10.49
C LYS C 54 -14.76 -19.32 10.74
N VAL C 55 -13.81 -18.52 11.20
CA VAL C 55 -14.03 -17.10 11.48
C VAL C 55 -14.27 -16.30 10.20
N ASN C 56 -13.65 -16.72 9.08
CA ASN C 56 -13.89 -16.15 7.75
C ASN C 56 -14.93 -16.94 6.94
N ASN C 57 -15.83 -17.64 7.62
CA ASN C 57 -16.94 -18.36 6.98
C ASN C 57 -16.51 -19.44 5.96
N HIS C 58 -15.34 -20.04 6.16
CA HIS C 58 -14.81 -21.03 5.23
C HIS C 58 -14.81 -20.53 3.79
N ALA C 59 -14.43 -19.27 3.63
CA ALA C 59 -14.52 -18.61 2.34
C ALA C 59 -13.59 -19.30 1.35
N THR C 60 -14.07 -19.57 0.15
CA THR C 60 -13.25 -20.13 -0.88
C THR C 60 -12.94 -19.10 -1.94
N ASN C 61 -11.81 -19.30 -2.61
CA ASN C 61 -11.39 -18.49 -3.73
C ASN C 61 -10.69 -19.38 -4.73
N TYR C 62 -10.71 -18.99 -6.00
CA TYR C 62 -10.07 -19.76 -7.04
C TYR C 62 -9.37 -18.88 -8.06
N ALA C 63 -8.37 -19.47 -8.72
CA ALA C 63 -7.74 -18.83 -9.87
C ALA C 63 -8.72 -18.88 -11.03
N GLU C 64 -8.70 -17.84 -11.85
CA GLU C 64 -9.65 -17.69 -12.94
C GLU C 64 -9.72 -18.94 -13.84
N SER C 65 -8.57 -19.57 -14.12
CA SER C 65 -8.55 -20.67 -15.07
C SER C 65 -9.18 -21.97 -14.54
N VAL C 66 -9.52 -22.01 -13.26
CA VAL C 66 -10.14 -23.22 -12.69
C VAL C 66 -11.56 -23.01 -12.12
N LYS C 67 -12.12 -21.81 -12.26
CA LYS C 67 -13.46 -21.51 -11.71
C LYS C 67 -14.51 -22.39 -12.36
N GLY C 68 -15.44 -22.90 -11.56
CA GLY C 68 -16.48 -23.79 -12.03
C GLY C 68 -16.09 -25.24 -12.28
N ARG C 69 -14.79 -25.52 -12.25
CA ARG C 69 -14.25 -26.86 -12.49
C ARG C 69 -13.68 -27.46 -11.21
N PHE C 70 -12.88 -26.66 -10.49
CA PHE C 70 -12.22 -27.11 -9.27
C PHE C 70 -13.04 -26.68 -8.07
N THR C 71 -13.12 -27.54 -7.05
CA THR C 71 -13.80 -27.23 -5.78
C THR C 71 -12.93 -27.63 -4.61
N ILE C 72 -12.62 -26.66 -3.74
CA ILE C 72 -11.82 -26.88 -2.54
C ILE C 72 -12.77 -27.02 -1.34
N SER C 73 -12.37 -27.83 -0.37
CA SER C 73 -13.16 -28.04 0.83
C SER C 73 -12.28 -28.61 1.94
N ARG C 74 -12.83 -28.68 3.15
CA ARG C 74 -12.08 -29.15 4.30
C ARG C 74 -12.95 -29.84 5.32
N ASP C 75 -12.35 -30.84 5.99
CA ASP C 75 -12.94 -31.54 7.10
C ASP C 75 -12.10 -31.17 8.33
N ASP C 76 -12.55 -30.18 9.10
CA ASP C 76 -11.83 -29.74 10.30
C ASP C 76 -11.75 -30.85 11.36
N SER C 77 -12.71 -31.78 11.41
CA SER C 77 -12.64 -32.90 12.34
C SER C 77 -11.49 -33.88 12.03
N ARG C 78 -11.10 -34.00 10.76
CA ARG C 78 -10.02 -34.90 10.35
C ARG C 78 -8.71 -34.24 9.90
N SER C 79 -8.66 -32.91 9.96
CA SER C 79 -7.48 -32.14 9.51
C SER C 79 -7.10 -32.47 8.08
N VAL C 80 -8.07 -32.39 7.19
CA VAL C 80 -7.85 -32.75 5.77
C VAL C 80 -8.45 -31.67 4.88
N VAL C 81 -7.76 -31.39 3.80
CA VAL C 81 -8.23 -30.50 2.74
C VAL C 81 -8.34 -31.31 1.48
N TYR C 82 -9.41 -31.07 0.74
CA TYR C 82 -9.71 -31.77 -0.49
C TYR C 82 -9.65 -30.78 -1.65
N LEU C 83 -9.33 -31.30 -2.84
CA LEU C 83 -9.48 -30.57 -4.09
C LEU C 83 -10.14 -31.47 -5.14
N GLN C 84 -11.42 -31.18 -5.43
CA GLN C 84 -12.21 -31.90 -6.42
C GLN C 84 -12.03 -31.18 -7.75
N MET C 85 -11.47 -31.88 -8.74
CA MET C 85 -11.23 -31.31 -10.06
C MET C 85 -12.13 -32.03 -11.09
N ASN C 86 -12.92 -31.24 -11.83
CA ASN C 86 -13.82 -31.73 -12.88
C ASN C 86 -13.45 -31.13 -14.23
N ASN C 87 -13.68 -31.89 -15.30
CA ASN C 87 -13.50 -31.42 -16.68
C ASN C 87 -12.03 -31.04 -16.95
N LEU C 88 -11.14 -31.97 -16.60
CA LEU C 88 -9.69 -31.70 -16.62
C LEU C 88 -9.16 -31.54 -18.04
N LYS C 89 -8.26 -30.57 -18.21
CA LYS C 89 -7.63 -30.29 -19.52
C LYS C 89 -6.15 -30.67 -19.44
N PRO C 90 -5.47 -30.80 -20.59
CA PRO C 90 -4.03 -31.10 -20.52
C PRO C 90 -3.23 -30.00 -19.82
N GLU C 91 -3.66 -28.74 -19.98
CA GLU C 91 -3.01 -27.61 -19.30
C GLU C 91 -3.06 -27.69 -17.77
N ASP C 92 -3.97 -28.50 -17.19
CA ASP C 92 -3.99 -28.76 -15.74
C ASP C 92 -2.93 -29.76 -15.26
N THR C 93 -2.11 -30.29 -16.17
CA THR C 93 -1.03 -31.20 -15.80
C THR C 93 0.02 -30.45 -14.99
N GLY C 94 0.52 -31.10 -13.95
CA GLY C 94 1.57 -30.54 -13.11
C GLY C 94 1.71 -31.21 -11.77
N ILE C 95 2.57 -30.62 -10.92
CA ILE C 95 2.78 -31.09 -9.55
C ILE C 95 1.90 -30.20 -8.67
N TYR C 96 1.05 -30.81 -7.84
CA TYR C 96 0.07 -30.09 -7.01
C TYR C 96 0.49 -30.14 -5.53
N TYR C 97 0.84 -28.97 -5.00
CA TYR C 97 1.22 -28.82 -3.59
C TYR C 97 0.06 -28.33 -2.75
N CYS C 98 -0.09 -28.93 -1.58
CA CYS C 98 -1.00 -28.46 -0.55
C CYS C 98 -0.22 -27.62 0.42
N THR C 99 -0.74 -26.43 0.75
CA THR C 99 -0.05 -25.49 1.64
C THR C 99 -0.94 -25.06 2.80
N GLY C 100 -0.32 -24.89 3.97
CA GLY C 100 -1.03 -24.45 5.18
C GLY C 100 -0.48 -23.14 5.72
N LEU C 101 -1.36 -22.38 6.38
CA LEU C 101 -1.06 -21.03 6.86
C LEU C 101 -0.60 -20.17 5.69
N THR C 102 -1.56 -19.98 4.78
CA THR C 102 -1.34 -19.58 3.39
C THR C 102 -0.15 -20.36 2.81
N PHE C 103 1.03 -19.75 2.68
CA PHE C 103 2.20 -20.42 2.10
C PHE C 103 3.37 -20.60 3.08
N ASP C 104 3.08 -20.65 4.38
CA ASP C 104 4.13 -20.91 5.37
C ASP C 104 4.70 -22.33 5.28
N TYR C 105 3.82 -23.30 5.06
CA TYR C 105 4.20 -24.73 5.07
C TYR C 105 3.69 -25.43 3.82
N TRP C 106 4.54 -26.28 3.24
CA TRP C 106 4.22 -26.96 1.97
C TRP C 106 4.46 -28.45 2.07
N GLY C 107 3.56 -29.23 1.47
CA GLY C 107 3.77 -30.68 1.36
C GLY C 107 4.74 -31.02 0.24
N GLN C 108 5.05 -32.32 0.13
CA GLN C 108 5.97 -32.83 -0.89
C GLN C 108 5.37 -32.79 -2.31
N GLY C 109 4.06 -32.86 -2.38
CA GLY C 109 3.33 -32.69 -3.64
C GLY C 109 2.93 -34.01 -4.27
N THR C 110 1.97 -33.93 -5.19
CA THR C 110 1.49 -35.10 -5.93
C THR C 110 1.31 -34.74 -7.40
N THR C 111 1.65 -35.66 -8.29
CA THR C 111 1.66 -35.41 -9.73
C THR C 111 0.29 -35.71 -10.34
N LEU C 112 -0.14 -34.84 -11.25
CA LEU C 112 -1.36 -35.01 -12.02
C LEU C 112 -0.99 -34.96 -13.48
N THR C 113 -1.32 -36.02 -14.22
CA THR C 113 -1.10 -36.07 -15.66
C THR C 113 -2.45 -36.22 -16.36
N VAL C 114 -2.79 -35.26 -17.23
CA VAL C 114 -4.04 -35.28 -17.98
C VAL C 114 -3.69 -35.59 -19.43
N SER C 115 -3.98 -36.82 -19.87
CA SER C 115 -3.58 -37.29 -21.20
C SER C 115 -4.44 -38.47 -21.68
N SER C 116 -4.39 -38.75 -22.97
CA SER C 116 -5.10 -39.88 -23.56
C SER C 116 -4.27 -41.15 -23.58
N ALA C 117 -2.94 -40.99 -23.50
CA ALA C 117 -2.04 -42.12 -23.42
C ALA C 117 -2.38 -43.00 -22.22
N LYS C 118 -2.06 -44.28 -22.36
CA LYS C 118 -2.41 -45.27 -21.37
C LYS C 118 -1.24 -45.49 -20.44
N THR C 119 -1.58 -45.95 -19.23
CA THR C 119 -0.60 -46.33 -18.24
C THR C 119 0.26 -47.44 -18.81
N THR C 120 1.57 -47.27 -18.67
CA THR C 120 2.55 -48.24 -19.14
C THR C 120 3.60 -48.42 -18.05
N ALA C 121 3.82 -49.65 -17.61
CA ALA C 121 4.87 -49.95 -16.63
C ALA C 121 6.24 -49.78 -17.26
N PRO C 122 7.26 -49.46 -16.45
CA PRO C 122 8.61 -49.37 -16.97
C PRO C 122 9.19 -50.75 -17.21
N SER C 123 10.21 -50.81 -18.07
CA SER C 123 11.15 -51.92 -18.10
C SER C 123 12.35 -51.42 -17.31
N VAL C 124 12.89 -52.29 -16.46
CA VAL C 124 13.99 -51.93 -15.57
C VAL C 124 15.20 -52.78 -15.90
N TYR C 125 16.28 -52.14 -16.33
CA TYR C 125 17.49 -52.85 -16.79
C TYR C 125 18.67 -52.50 -15.89
N PRO C 126 19.45 -53.51 -15.43
CA PRO C 126 20.67 -53.25 -14.69
C PRO C 126 21.80 -52.89 -15.62
N LEU C 127 22.75 -52.08 -15.17
CA LEU C 127 23.89 -51.69 -15.99
C LEU C 127 25.20 -51.94 -15.26
N ALA C 128 25.82 -53.06 -15.58
CA ALA C 128 27.12 -53.45 -15.05
C ALA C 128 28.23 -52.87 -15.94
N PRO C 129 29.44 -52.66 -15.38
CA PRO C 129 30.52 -52.13 -16.20
C PRO C 129 30.97 -53.05 -17.36
N VAL C 130 31.76 -52.49 -18.25
CA VAL C 130 32.23 -53.16 -19.46
C VAL C 130 32.99 -54.45 -19.12
N CYS C 131 32.77 -55.50 -19.92
CA CYS C 131 33.22 -56.87 -19.62
C CYS C 131 34.78 -56.81 -19.49
N GLY C 132 35.26 -57.04 -18.26
CA GLY C 132 36.70 -56.87 -17.92
C GLY C 132 37.21 -55.47 -17.48
N GLY C 136 40.91 -49.42 -11.84
CA GLY C 136 40.50 -48.20 -11.11
C GLY C 136 40.13 -48.38 -9.62
N SER C 137 40.17 -47.28 -8.87
CA SER C 137 39.86 -47.32 -7.44
C SER C 137 38.34 -47.52 -7.21
N SER C 138 37.54 -46.48 -7.44
CA SER C 138 36.08 -46.61 -7.50
C SER C 138 35.61 -47.33 -8.76
N VAL C 139 34.34 -47.74 -8.74
CA VAL C 139 33.65 -48.33 -9.90
C VAL C 139 32.23 -47.76 -9.94
N THR C 140 31.68 -47.63 -11.15
CA THR C 140 30.37 -47.01 -11.32
C THR C 140 29.38 -48.01 -11.94
N LEU C 141 28.21 -48.13 -11.31
CA LEU C 141 27.10 -48.97 -11.79
C LEU C 141 25.93 -48.09 -12.18
N GLY C 142 25.00 -48.67 -12.93
CA GLY C 142 23.83 -47.94 -13.39
C GLY C 142 22.55 -48.75 -13.41
N CYS C 143 21.45 -48.04 -13.61
CA CYS C 143 20.13 -48.63 -13.67
C CYS C 143 19.29 -47.81 -14.64
N LEU C 144 18.79 -48.46 -15.70
CA LEU C 144 17.98 -47.79 -16.72
C LEU C 144 16.52 -48.12 -16.51
N VAL C 145 15.67 -47.08 -16.53
CA VAL C 145 14.22 -47.24 -16.34
C VAL C 145 13.58 -46.65 -17.58
N LYS C 146 12.96 -47.51 -18.41
CA LYS C 146 12.57 -47.15 -19.77
C LYS C 146 11.12 -47.49 -20.10
N GLY C 147 10.48 -46.62 -20.88
CA GLY C 147 9.17 -46.86 -21.42
C GLY C 147 8.01 -46.86 -20.43
N TYR C 148 8.01 -45.90 -19.51
CA TYR C 148 6.91 -45.78 -18.54
C TYR C 148 6.09 -44.53 -18.78
N PHE C 149 4.86 -44.56 -18.28
CA PHE C 149 3.93 -43.44 -18.35
C PHE C 149 2.80 -43.69 -17.37
N PRO C 150 2.32 -42.67 -16.65
CA PRO C 150 2.85 -41.30 -16.62
C PRO C 150 3.96 -41.19 -15.58
N GLU C 151 4.38 -39.95 -15.24
CA GLU C 151 5.29 -39.74 -14.12
C GLU C 151 4.47 -39.87 -12.81
N PRO C 152 5.11 -40.16 -11.67
CA PRO C 152 6.54 -40.36 -11.53
C PRO C 152 6.90 -41.81 -11.30
N VAL C 153 8.20 -42.07 -11.31
CA VAL C 153 8.78 -43.27 -10.65
C VAL C 153 9.67 -42.81 -9.50
N THR C 154 9.90 -43.72 -8.56
CA THR C 154 10.86 -43.53 -7.51
C THR C 154 11.95 -44.60 -7.69
N LEU C 155 13.21 -44.19 -7.54
CA LEU C 155 14.36 -45.07 -7.64
C LEU C 155 15.27 -44.91 -6.41
N THR C 156 15.66 -46.05 -5.81
CA THR C 156 16.66 -46.08 -4.74
C THR C 156 17.63 -47.23 -4.97
N TRP C 157 18.75 -47.19 -4.24
CA TRP C 157 19.75 -48.25 -4.25
C TRP C 157 19.84 -48.87 -2.87
N ASN C 158 19.69 -50.20 -2.79
CA ASN C 158 19.60 -50.92 -1.50
C ASN C 158 18.59 -50.30 -0.55
N SER C 159 17.40 -49.99 -1.08
CA SER C 159 16.27 -49.42 -0.34
C SER C 159 16.56 -48.08 0.35
N GLY C 160 17.52 -47.31 -0.18
CA GLY C 160 17.94 -46.06 0.42
C GLY C 160 19.22 -46.11 1.22
N SER C 161 19.71 -47.31 1.53
CA SER C 161 21.01 -47.50 2.21
C SER C 161 22.15 -46.77 1.52
N LEU C 162 22.18 -46.87 0.19
CA LEU C 162 23.23 -46.26 -0.62
C LEU C 162 22.66 -44.93 -1.13
N SER C 163 22.99 -43.87 -0.41
CA SER C 163 22.50 -42.51 -0.68
C SER C 163 23.58 -41.66 -1.34
N SER C 164 24.77 -41.62 -0.74
CA SER C 164 25.88 -40.86 -1.28
C SER C 164 26.50 -41.56 -2.49
N GLY C 165 27.10 -40.77 -3.37
CA GLY C 165 27.62 -41.28 -4.64
C GLY C 165 26.56 -41.66 -5.67
N VAL C 166 25.33 -41.17 -5.49
CA VAL C 166 24.18 -41.48 -6.36
C VAL C 166 23.79 -40.25 -7.19
N HIS C 167 23.50 -40.48 -8.46
CA HIS C 167 22.97 -39.47 -9.36
C HIS C 167 21.78 -40.06 -10.08
N THR C 168 20.60 -39.48 -9.88
CA THR C 168 19.38 -39.94 -10.52
C THR C 168 18.91 -38.82 -11.42
N PHE C 169 18.84 -39.10 -12.71
CA PHE C 169 18.68 -38.06 -13.71
C PHE C 169 17.22 -37.78 -14.00
N PRO C 170 16.89 -36.53 -14.34
CA PRO C 170 15.52 -36.22 -14.72
C PRO C 170 15.01 -37.06 -15.87
N ALA C 171 13.73 -37.43 -15.78
CA ALA C 171 13.08 -38.18 -16.85
C ALA C 171 12.91 -37.32 -18.10
N LEU C 172 13.06 -37.96 -19.25
CA LEU C 172 12.82 -37.34 -20.55
C LEU C 172 11.78 -38.13 -21.32
N LEU C 173 11.05 -37.43 -22.17
CA LEU C 173 9.94 -37.99 -22.96
C LEU C 173 10.44 -38.49 -24.32
N LEU C 174 10.79 -39.78 -24.37
CA LEU C 174 11.21 -40.46 -25.61
C LEU C 174 9.96 -40.92 -26.40
N SER C 175 9.40 -40.01 -27.20
CA SER C 175 8.24 -40.28 -28.06
C SER C 175 6.99 -40.76 -27.29
N GLY C 176 6.51 -39.93 -26.36
CA GLY C 176 5.31 -40.24 -25.56
C GLY C 176 5.47 -41.26 -24.44
N LEU C 177 6.70 -41.66 -24.13
CA LEU C 177 7.01 -42.57 -23.02
C LEU C 177 8.29 -42.12 -22.30
N TYR C 178 8.29 -42.16 -20.97
CA TYR C 178 9.39 -41.62 -20.15
C TYR C 178 10.57 -42.58 -19.95
N THR C 179 11.76 -42.00 -19.87
CA THR C 179 13.03 -42.71 -19.61
C THR C 179 13.91 -41.90 -18.64
N LEU C 180 14.31 -42.53 -17.54
CA LEU C 180 15.37 -42.00 -16.68
C LEU C 180 16.38 -43.09 -16.37
N SER C 181 17.57 -42.64 -16.02
CA SER C 181 18.65 -43.51 -15.58
C SER C 181 19.07 -43.08 -14.18
N SER C 182 19.87 -43.91 -13.53
CA SER C 182 20.51 -43.54 -12.27
C SER C 182 21.88 -44.21 -12.18
N SER C 183 22.88 -43.48 -11.70
CA SER C 183 24.24 -44.00 -11.54
C SER C 183 24.52 -44.12 -10.06
N VAL C 184 25.42 -45.02 -9.70
CA VAL C 184 25.95 -45.10 -8.33
C VAL C 184 27.44 -45.47 -8.37
N THR C 185 28.24 -44.77 -7.57
CA THR C 185 29.69 -44.99 -7.57
C THR C 185 30.15 -45.35 -6.16
N VAL C 186 30.78 -46.52 -6.07
CA VAL C 186 31.32 -47.08 -4.82
C VAL C 186 32.77 -47.51 -5.05
N THR C 187 33.51 -47.77 -3.97
CA THR C 187 34.90 -48.25 -4.07
C THR C 187 34.87 -49.69 -4.58
N SER C 188 35.85 -50.08 -5.40
CA SER C 188 35.88 -51.44 -5.99
C SER C 188 36.09 -52.58 -4.96
N ASN C 189 36.45 -52.23 -3.73
CA ASN C 189 36.40 -53.14 -2.58
C ASN C 189 34.96 -53.62 -2.34
N THR C 190 34.02 -52.71 -2.50
CA THR C 190 32.60 -52.98 -2.25
C THR C 190 31.94 -53.93 -3.26
N TRP C 191 32.30 -53.83 -4.54
CA TRP C 191 31.59 -54.55 -5.61
C TRP C 191 32.57 -55.29 -6.52
N PRO C 192 32.30 -56.56 -6.87
CA PRO C 192 31.04 -57.28 -6.59
C PRO C 192 30.98 -58.06 -5.25
N SER C 193 31.78 -57.67 -4.25
CA SER C 193 31.79 -58.36 -2.94
C SER C 193 30.43 -58.29 -2.26
N GLN C 194 29.83 -57.09 -2.30
CA GLN C 194 28.49 -56.84 -1.77
C GLN C 194 27.47 -56.73 -2.89
N THR C 195 26.28 -57.21 -2.62
CA THR C 195 25.14 -57.09 -3.51
C THR C 195 24.67 -55.64 -3.53
N ILE C 196 24.50 -55.09 -4.73
CA ILE C 196 23.92 -53.78 -4.94
C ILE C 196 22.69 -53.96 -5.82
N THR C 197 21.55 -53.45 -5.34
CA THR C 197 20.26 -53.65 -5.97
C THR C 197 19.61 -52.31 -6.31
N CYS C 198 19.14 -52.20 -7.55
CA CYS C 198 18.35 -51.06 -7.99
C CYS C 198 16.89 -51.30 -7.63
N ASN C 199 16.26 -50.42 -6.83
CA ASN C 199 14.84 -50.56 -6.43
C ASN C 199 14.00 -49.52 -7.16
N VAL C 200 13.01 -49.98 -7.94
CA VAL C 200 12.17 -49.10 -8.75
C VAL C 200 10.71 -49.33 -8.47
N ALA C 201 9.96 -48.25 -8.31
CA ALA C 201 8.52 -48.29 -8.11
C ALA C 201 7.85 -47.34 -9.09
N HIS C 202 6.69 -47.73 -9.58
CA HIS C 202 5.88 -46.90 -10.48
C HIS C 202 4.44 -47.03 -10.00
N PRO C 203 4.00 -46.14 -9.09
CA PRO C 203 2.67 -46.19 -8.48
C PRO C 203 1.54 -46.40 -9.48
N ALA C 204 1.54 -45.62 -10.56
CA ALA C 204 0.45 -45.61 -11.55
C ALA C 204 0.09 -46.99 -12.14
N SER C 205 1.07 -47.87 -12.26
CA SER C 205 0.85 -49.22 -12.78
C SER C 205 1.03 -50.32 -11.73
N SER C 206 1.12 -49.96 -10.45
CA SER C 206 1.41 -50.90 -9.37
C SER C 206 2.70 -51.72 -9.58
N THR C 207 3.68 -51.13 -10.25
CA THR C 207 4.94 -51.80 -10.54
C THR C 207 5.93 -51.57 -9.40
N LYS C 208 6.65 -52.62 -9.06
CA LYS C 208 7.63 -52.60 -7.98
C LYS C 208 8.70 -53.64 -8.34
N VAL C 209 9.90 -53.18 -8.73
CA VAL C 209 10.96 -54.05 -9.25
C VAL C 209 12.30 -53.84 -8.55
N ASP C 210 12.96 -54.94 -8.22
CA ASP C 210 14.31 -54.92 -7.65
C ASP C 210 15.21 -55.67 -8.59
N LYS C 211 16.14 -54.97 -9.23
CA LYS C 211 17.15 -55.61 -10.08
C LYS C 211 18.51 -55.55 -9.40
N LYS C 212 19.07 -56.71 -9.13
CA LYS C 212 20.46 -56.84 -8.71
C LYS C 212 21.40 -56.52 -9.89
N ILE C 213 22.56 -55.95 -9.60
CA ILE C 213 23.56 -55.64 -10.63
C ILE C 213 24.63 -56.73 -10.58
N GLU C 214 24.88 -57.41 -11.70
CA GLU C 214 25.84 -58.55 -11.76
C GLU C 214 26.84 -58.43 -12.92
N PRO C 215 28.12 -58.84 -12.72
CA PRO C 215 29.09 -58.83 -13.83
C PRO C 215 28.70 -59.71 -15.02
N ASP D 1 -4.73 -8.67 -11.88
CA ASP D 1 -3.66 -9.50 -11.22
C ASP D 1 -2.37 -8.69 -11.13
N ILE D 2 -1.65 -8.85 -10.02
CA ILE D 2 -0.37 -8.19 -9.83
C ILE D 2 0.72 -9.08 -10.39
N VAL D 3 1.45 -8.60 -11.38
CA VAL D 3 2.51 -9.35 -12.01
C VAL D 3 3.85 -9.05 -11.34
N LEU D 4 4.58 -10.09 -10.96
CA LEU D 4 5.93 -9.99 -10.40
C LEU D 4 6.99 -10.41 -11.41
N THR D 5 8.01 -9.58 -11.59
CA THR D 5 9.06 -9.79 -12.57
C THR D 5 10.41 -9.82 -11.85
N GLN D 6 11.06 -10.98 -11.85
CA GLN D 6 12.36 -11.13 -11.20
C GLN D 6 13.53 -10.83 -12.13
N SER D 7 14.60 -10.29 -11.55
CA SER D 7 15.90 -10.19 -12.22
C SER D 7 17.01 -10.43 -11.20
N PRO D 8 18.15 -11.00 -11.59
CA PRO D 8 18.36 -11.60 -12.90
C PRO D 8 17.71 -12.99 -12.98
N ALA D 9 17.76 -13.57 -14.17
CA ALA D 9 17.21 -14.91 -14.42
C ALA D 9 18.04 -15.96 -13.73
N SER D 10 19.35 -15.89 -13.88
CA SER D 10 20.26 -16.69 -13.08
C SER D 10 21.50 -15.88 -12.77
N LEU D 11 22.36 -16.45 -11.94
CA LEU D 11 23.40 -15.71 -11.27
C LEU D 11 24.36 -16.69 -10.61
N ALA D 12 25.66 -16.47 -10.75
CA ALA D 12 26.70 -17.35 -10.20
C ALA D 12 27.60 -16.61 -9.19
N VAL D 13 27.62 -17.08 -7.94
CA VAL D 13 28.33 -16.44 -6.84
C VAL D 13 29.32 -17.39 -6.18
N SER D 14 30.54 -16.90 -5.88
CA SER D 14 31.51 -17.70 -5.14
C SER D 14 31.10 -17.86 -3.68
N LEU D 15 31.63 -18.89 -3.03
CA LEU D 15 31.36 -19.14 -1.61
C LEU D 15 31.82 -17.99 -0.72
N GLY D 16 31.01 -17.65 0.26
CA GLY D 16 31.29 -16.55 1.19
C GLY D 16 30.95 -15.17 0.66
N GLN D 17 30.37 -15.08 -0.54
CA GLN D 17 30.06 -13.83 -1.21
C GLN D 17 28.58 -13.52 -1.14
N ARG D 18 28.21 -12.35 -1.64
CA ARG D 18 26.81 -11.88 -1.65
C ARG D 18 26.12 -12.22 -2.95
N ALA D 19 24.88 -12.67 -2.82
CA ALA D 19 23.95 -12.82 -3.94
C ALA D 19 22.80 -11.88 -3.70
N THR D 20 22.45 -11.09 -4.70
CA THR D 20 21.35 -10.13 -4.60
C THR D 20 20.37 -10.41 -5.72
N ILE D 21 19.12 -10.68 -5.37
CA ILE D 21 18.07 -11.04 -6.31
C ILE D 21 16.94 -10.02 -6.15
N SER D 22 16.40 -9.51 -7.26
CA SER D 22 15.38 -8.48 -7.27
C SER D 22 13.99 -8.95 -7.71
N CYS D 23 12.97 -8.17 -7.36
CA CYS D 23 11.56 -8.47 -7.70
C CYS D 23 10.81 -7.16 -7.83
N ARG D 24 10.29 -6.91 -9.03
CA ARG D 24 9.54 -5.70 -9.29
C ARG D 24 8.08 -6.10 -9.52
N ALA D 25 7.17 -5.47 -8.77
CA ALA D 25 5.73 -5.70 -8.91
C ALA D 25 5.11 -4.64 -9.82
N SER D 26 4.07 -5.04 -10.56
CA SER D 26 3.38 -4.15 -11.50
C SER D 26 2.52 -3.09 -10.81
N GLU D 27 2.07 -3.38 -9.60
CA GLU D 27 1.36 -2.43 -8.73
C GLU D 27 1.89 -2.58 -7.31
N SER D 28 1.64 -1.58 -6.45
CA SER D 28 2.03 -1.64 -5.06
C SER D 28 1.46 -2.88 -4.34
N VAL D 29 2.27 -3.52 -3.51
CA VAL D 29 1.82 -4.60 -2.63
C VAL D 29 1.66 -4.15 -1.18
N ASP D 30 1.80 -2.85 -0.92
CA ASP D 30 1.63 -2.32 0.43
C ASP D 30 0.17 -2.34 0.83
N ASN D 31 -0.13 -2.82 2.04
CA ASN D 31 -1.48 -2.83 2.57
C ASN D 31 -1.49 -2.95 4.10
N TYR D 32 -2.25 -2.08 4.77
CA TYR D 32 -2.27 -1.98 6.24
C TYR D 32 -0.87 -1.84 6.83
N GLY D 33 -0.02 -1.03 6.21
CA GLY D 33 1.33 -0.75 6.73
C GLY D 33 2.38 -1.83 6.57
N ILE D 34 1.98 -3.02 6.09
CA ILE D 34 2.91 -4.11 5.76
C ILE D 34 3.08 -4.18 4.24
N SER D 35 4.30 -4.47 3.80
CA SER D 35 4.56 -4.83 2.40
C SER D 35 4.43 -6.36 2.25
N SER D 36 3.32 -6.82 1.67
CA SER D 36 3.02 -8.26 1.59
C SER D 36 3.82 -8.94 0.44
N MET D 37 5.10 -9.17 0.72
CA MET D 37 6.03 -9.77 -0.21
C MET D 37 6.79 -10.88 0.49
N ASN D 38 6.68 -12.09 -0.05
CA ASN D 38 7.31 -13.28 0.52
C ASN D 38 8.33 -13.85 -0.45
N TRP D 39 9.35 -14.51 0.10
CA TRP D 39 10.36 -15.21 -0.70
C TRP D 39 10.41 -16.69 -0.38
N PHE D 40 10.69 -17.50 -1.39
CA PHE D 40 10.73 -18.96 -1.25
C PHE D 40 11.95 -19.55 -1.94
N GLN D 41 12.52 -20.56 -1.32
CA GLN D 41 13.61 -21.32 -1.87
C GLN D 41 13.06 -22.66 -2.35
N GLN D 42 13.35 -23.01 -3.60
CA GLN D 42 13.04 -24.34 -4.14
C GLN D 42 14.32 -25.02 -4.52
N LYS D 43 14.67 -26.05 -3.75
CA LYS D 43 15.82 -26.89 -4.07
C LYS D 43 15.34 -27.96 -5.07
N ALA D 44 16.29 -28.54 -5.79
CA ALA D 44 16.05 -29.60 -6.76
C ALA D 44 15.22 -30.73 -6.17
N GLY D 45 14.07 -30.98 -6.79
CA GLY D 45 13.20 -32.09 -6.41
C GLY D 45 12.35 -31.89 -5.19
N GLN D 46 12.38 -30.67 -4.62
CA GLN D 46 11.69 -30.40 -3.35
C GLN D 46 10.58 -29.40 -3.62
N PRO D 47 9.62 -29.30 -2.68
CA PRO D 47 8.69 -28.18 -2.71
C PRO D 47 9.34 -26.85 -2.33
N PRO D 48 8.71 -25.73 -2.68
CA PRO D 48 9.19 -24.46 -2.19
C PRO D 48 9.16 -24.38 -0.66
N LYS D 49 10.17 -23.74 -0.09
CA LYS D 49 10.32 -23.60 1.33
C LYS D 49 10.27 -22.10 1.65
N PHE D 50 9.48 -21.77 2.67
CA PHE D 50 9.20 -20.38 3.04
C PHE D 50 10.41 -19.77 3.76
N LEU D 51 10.93 -18.66 3.23
CA LEU D 51 12.10 -17.98 3.79
C LEU D 51 11.80 -16.65 4.51
N ILE D 52 11.14 -15.74 3.81
CA ILE D 52 10.96 -14.36 4.26
C ILE D 52 9.48 -14.00 4.12
N TYR D 53 8.95 -13.26 5.09
CA TYR D 53 7.60 -12.69 4.98
C TYR D 53 7.63 -11.19 5.22
N ALA D 54 6.59 -10.51 4.74
CA ALA D 54 6.45 -9.07 4.94
C ALA D 54 7.70 -8.29 4.50
N ALA D 55 8.22 -8.65 3.33
CA ALA D 55 9.40 -8.01 2.69
C ALA D 55 10.77 -8.26 3.34
N SER D 56 10.85 -8.11 4.66
CA SER D 56 12.10 -8.16 5.42
C SER D 56 12.13 -9.12 6.63
N LYS D 57 10.98 -9.52 7.15
CA LYS D 57 10.94 -10.39 8.34
C LYS D 57 11.25 -11.86 7.99
N GLN D 58 11.93 -12.56 8.89
CA GLN D 58 12.41 -13.91 8.64
C GLN D 58 11.52 -14.97 9.26
N GLY D 59 11.25 -16.02 8.48
CA GLY D 59 10.45 -17.16 8.94
C GLY D 59 11.17 -17.96 9.99
N SER D 60 10.39 -18.70 10.78
CA SER D 60 10.96 -19.49 11.89
C SER D 60 11.97 -20.52 11.37
N GLY D 61 13.11 -20.61 12.07
CA GLY D 61 14.19 -21.53 11.70
C GLY D 61 15.07 -21.13 10.52
N VAL D 62 14.81 -19.99 9.88
CA VAL D 62 15.54 -19.58 8.68
C VAL D 62 16.84 -18.89 9.08
N PRO D 63 18.01 -19.37 8.57
CA PRO D 63 19.31 -18.73 8.90
C PRO D 63 19.35 -17.22 8.64
N ALA D 64 20.16 -16.50 9.41
CA ALA D 64 20.26 -15.03 9.32
C ALA D 64 20.87 -14.52 8.00
N ARG D 65 21.66 -15.37 7.33
CA ARG D 65 22.24 -15.03 6.03
C ARG D 65 21.21 -14.75 4.93
N PHE D 66 19.98 -15.23 5.10
CA PHE D 66 18.84 -14.82 4.26
C PHE D 66 18.15 -13.60 4.83
N SER D 67 17.96 -12.57 4.02
CA SER D 67 17.27 -11.35 4.45
C SER D 67 16.78 -10.59 3.24
N GLY D 68 15.62 -9.97 3.37
CA GLY D 68 15.01 -9.21 2.29
C GLY D 68 14.91 -7.74 2.65
N SER D 69 14.66 -6.92 1.64
CA SER D 69 14.33 -5.52 1.83
C SER D 69 13.36 -5.03 0.75
N GLY D 70 12.84 -3.81 0.95
CA GLY D 70 12.00 -3.14 -0.05
C GLY D 70 10.62 -2.73 0.43
N SER D 71 9.90 -2.07 -0.47
CA SER D 71 8.55 -1.60 -0.23
C SER D 71 7.93 -1.21 -1.56
N GLY D 72 6.61 -1.05 -1.59
CA GLY D 72 5.91 -0.58 -2.78
C GLY D 72 5.99 -1.56 -3.94
N THR D 73 6.84 -1.25 -4.93
CA THR D 73 7.03 -2.11 -6.11
C THR D 73 8.39 -2.83 -6.20
N ASP D 74 9.44 -2.31 -5.57
CA ASP D 74 10.80 -2.88 -5.71
C ASP D 74 11.26 -3.57 -4.45
N PHE D 75 11.63 -4.83 -4.59
CA PHE D 75 12.07 -5.67 -3.47
C PHE D 75 13.31 -6.43 -3.87
N SER D 76 14.05 -6.89 -2.86
CA SER D 76 15.18 -7.76 -3.11
C SER D 76 15.45 -8.72 -1.96
N LEU D 77 16.13 -9.82 -2.32
CA LEU D 77 16.56 -10.86 -1.42
C LEU D 77 18.09 -10.88 -1.46
N ILE D 78 18.70 -10.77 -0.27
CA ILE D 78 20.14 -10.80 -0.14
C ILE D 78 20.50 -12.11 0.58
N ILE D 79 21.48 -12.83 0.03
CA ILE D 79 22.01 -14.03 0.66
C ILE D 79 23.50 -13.81 0.82
N HIS D 80 23.97 -13.84 2.05
CA HIS D 80 25.39 -13.53 2.34
C HIS D 80 25.70 -13.95 3.77
N PRO D 81 26.77 -14.74 4.02
CA PRO D 81 27.61 -15.38 3.01
C PRO D 81 26.94 -16.59 2.34
N VAL D 82 27.06 -16.68 1.02
CA VAL D 82 26.56 -17.85 0.29
C VAL D 82 27.32 -19.11 0.66
N GLU D 83 26.60 -20.23 0.77
CA GLU D 83 27.21 -21.56 0.95
C GLU D 83 26.65 -22.58 -0.04
N GLU D 84 27.30 -23.74 -0.10
CA GLU D 84 27.04 -24.78 -1.12
C GLU D 84 25.57 -25.19 -1.22
N ASP D 85 24.91 -25.28 -0.06
CA ASP D 85 23.50 -25.68 0.04
C ASP D 85 22.50 -24.66 -0.44
N ASP D 86 22.96 -23.46 -0.80
CA ASP D 86 22.07 -22.40 -1.30
C ASP D 86 21.78 -22.49 -2.79
N THR D 87 22.39 -23.44 -3.50
CA THR D 87 22.06 -23.68 -4.92
C THR D 87 20.59 -24.06 -5.05
N ALA D 88 19.83 -23.24 -5.77
CA ALA D 88 18.39 -23.29 -5.73
C ALA D 88 17.78 -22.26 -6.66
N VAL D 89 16.46 -22.38 -6.83
CA VAL D 89 15.67 -21.34 -7.48
C VAL D 89 14.93 -20.58 -6.40
N TYR D 90 14.93 -19.25 -6.48
CA TYR D 90 14.28 -18.42 -5.47
C TYR D 90 13.15 -17.67 -6.12
N PHE D 91 11.98 -17.72 -5.50
CA PHE D 91 10.76 -17.09 -6.02
C PHE D 91 10.25 -16.01 -5.08
N CYS D 92 9.88 -14.86 -5.62
CA CYS D 92 9.14 -13.85 -4.84
C CYS D 92 7.65 -14.11 -5.01
N GLN D 93 6.86 -13.60 -4.08
CA GLN D 93 5.43 -13.92 -4.05
C GLN D 93 4.63 -12.90 -3.25
N GLN D 94 3.45 -12.61 -3.76
CA GLN D 94 2.67 -11.45 -3.37
C GLN D 94 1.36 -11.95 -2.75
N SER D 95 1.00 -11.45 -1.57
CA SER D 95 -0.25 -11.84 -0.89
C SER D 95 -1.18 -10.66 -0.58
N LYS D 96 -1.01 -9.55 -1.30
CA LYS D 96 -1.80 -8.33 -1.05
C LYS D 96 -3.28 -8.58 -1.29
N GLY D 97 -3.59 -9.37 -2.31
CA GLY D 97 -4.94 -9.80 -2.58
C GLY D 97 -5.03 -10.92 -3.60
N VAL D 98 -6.21 -11.53 -3.67
CA VAL D 98 -6.50 -12.61 -4.61
C VAL D 98 -6.60 -12.01 -6.03
N PRO D 99 -5.95 -12.59 -7.04
CA PRO D 99 -5.20 -13.84 -6.96
C PRO D 99 -3.76 -13.69 -6.50
N TYR D 100 -3.30 -14.63 -5.65
CA TYR D 100 -1.93 -14.63 -5.20
C TYR D 100 -1.05 -15.00 -6.39
N THR D 101 0.09 -14.32 -6.57
CA THR D 101 0.94 -14.54 -7.75
C THR D 101 2.40 -14.68 -7.37
N PHE D 102 3.13 -15.44 -8.19
CA PHE D 102 4.55 -15.68 -8.00
C PHE D 102 5.37 -15.04 -9.10
N GLY D 103 6.63 -14.73 -8.79
CA GLY D 103 7.62 -14.40 -9.82
C GLY D 103 8.01 -15.66 -10.58
N GLY D 104 8.83 -15.45 -11.61
CA GLY D 104 9.25 -16.52 -12.50
C GLY D 104 10.42 -17.33 -11.98
N GLY D 105 11.02 -16.88 -10.88
CA GLY D 105 12.14 -17.55 -10.26
C GLY D 105 13.47 -17.04 -10.76
N THR D 106 14.49 -17.19 -9.92
CA THR D 106 15.88 -16.78 -10.20
C THR D 106 16.75 -17.93 -9.75
N LYS D 107 17.67 -18.35 -10.60
CA LYS D 107 18.50 -19.51 -10.32
C LYS D 107 19.84 -19.06 -9.74
N LEU D 108 20.16 -19.54 -8.55
CA LEU D 108 21.43 -19.23 -7.91
C LEU D 108 22.35 -20.43 -8.04
N GLU D 109 23.46 -20.22 -8.74
CA GLU D 109 24.48 -21.20 -8.91
C GLU D 109 25.64 -20.81 -7.98
N ILE D 110 26.26 -21.81 -7.35
CA ILE D 110 27.43 -21.61 -6.53
C ILE D 110 28.65 -21.85 -7.38
N LYS D 111 29.51 -20.86 -7.47
CA LYS D 111 30.72 -20.94 -8.30
C LYS D 111 31.75 -21.82 -7.56
N ARG D 112 32.59 -22.50 -8.34
CA ARG D 112 33.64 -23.35 -7.80
C ARG D 112 34.72 -23.57 -8.85
N ALA D 113 35.78 -24.26 -8.45
CA ALA D 113 36.89 -24.54 -9.35
C ALA D 113 36.39 -25.53 -10.41
N ASP D 114 36.93 -25.42 -11.60
CA ASP D 114 36.60 -26.28 -12.69
C ASP D 114 36.94 -27.75 -12.33
N ALA D 115 36.16 -28.67 -12.90
CA ALA D 115 36.29 -30.11 -12.62
C ALA D 115 35.93 -30.90 -13.85
N ALA D 116 36.84 -31.77 -14.27
CA ALA D 116 36.58 -32.60 -15.45
C ALA D 116 35.62 -33.73 -15.05
N PRO D 117 34.79 -34.18 -16.00
CA PRO D 117 33.85 -35.27 -15.72
C PRO D 117 34.53 -36.64 -15.63
N THR D 118 34.05 -37.45 -14.69
CA THR D 118 34.37 -38.88 -14.64
C THR D 118 33.39 -39.57 -15.57
N VAL D 119 33.91 -40.24 -16.60
CA VAL D 119 33.07 -40.78 -17.67
C VAL D 119 33.02 -42.31 -17.68
N SER D 120 31.82 -42.85 -17.73
CA SER D 120 31.61 -44.32 -17.68
C SER D 120 30.70 -44.73 -18.82
N ILE D 121 30.96 -45.89 -19.41
CA ILE D 121 30.16 -46.38 -20.54
C ILE D 121 29.58 -47.76 -20.25
N PHE D 122 28.35 -47.98 -20.71
CA PHE D 122 27.55 -49.17 -20.39
C PHE D 122 26.85 -49.75 -21.61
N PRO D 123 27.27 -50.95 -22.05
CA PRO D 123 26.51 -51.61 -23.12
C PRO D 123 25.12 -51.96 -22.64
N PRO D 124 24.22 -52.35 -23.56
CA PRO D 124 22.91 -52.84 -23.15
C PRO D 124 23.02 -53.99 -22.16
N SER D 125 21.96 -54.22 -21.39
CA SER D 125 21.90 -55.39 -20.53
C SER D 125 21.43 -56.60 -21.33
N SER D 126 21.74 -57.79 -20.82
CA SER D 126 21.25 -59.04 -21.41
C SER D 126 19.72 -59.03 -21.50
N GLU D 127 19.07 -58.46 -20.47
CA GLU D 127 17.61 -58.39 -20.42
C GLU D 127 17.04 -57.54 -21.56
N GLN D 128 17.64 -56.37 -21.79
CA GLN D 128 17.17 -55.47 -22.83
C GLN D 128 17.32 -56.04 -24.26
N LEU D 129 18.43 -56.75 -24.49
CA LEU D 129 18.68 -57.40 -25.76
C LEU D 129 17.62 -58.48 -26.07
N THR D 130 17.26 -59.29 -25.07
CA THR D 130 16.19 -60.28 -25.22
C THR D 130 14.79 -59.68 -25.49
N SER D 131 14.56 -58.40 -25.15
CA SER D 131 13.35 -57.67 -25.55
C SER D 131 13.35 -57.09 -26.98
N GLY D 132 14.54 -56.99 -27.60
CA GLY D 132 14.68 -56.48 -28.96
C GLY D 132 15.07 -55.01 -29.08
N GLY D 133 15.44 -54.40 -27.95
CA GLY D 133 15.96 -53.03 -27.93
C GLY D 133 17.43 -53.03 -27.54
N ALA D 134 18.09 -51.90 -27.77
CA ALA D 134 19.50 -51.73 -27.40
C ALA D 134 19.81 -50.28 -26.99
N SER D 135 20.08 -50.07 -25.71
CA SER D 135 20.41 -48.73 -25.18
C SER D 135 21.83 -48.72 -24.65
N VAL D 136 22.66 -47.88 -25.26
CA VAL D 136 24.01 -47.62 -24.80
C VAL D 136 24.03 -46.32 -23.98
N VAL D 137 24.44 -46.44 -22.72
CA VAL D 137 24.40 -45.34 -21.76
C VAL D 137 25.82 -44.88 -21.39
N CYS D 138 25.94 -43.58 -21.19
CA CYS D 138 27.18 -42.95 -20.78
C CYS D 138 26.88 -42.00 -19.63
N PHE D 139 27.61 -42.13 -18.52
CA PHE D 139 27.51 -41.14 -17.44
C PHE D 139 28.73 -40.25 -17.45
N LEU D 140 28.48 -38.94 -17.44
CA LEU D 140 29.53 -37.94 -17.30
C LEU D 140 29.25 -37.24 -15.97
N ASN D 141 29.97 -37.66 -14.93
CA ASN D 141 29.66 -37.31 -13.55
C ASN D 141 30.61 -36.29 -12.90
N ASN D 142 30.03 -35.43 -12.08
CA ASN D 142 30.74 -34.51 -11.16
C ASN D 142 31.69 -33.55 -11.86
N PHE D 143 31.14 -32.77 -12.79
CA PHE D 143 31.91 -31.79 -13.57
C PHE D 143 31.40 -30.36 -13.39
N TYR D 144 32.26 -29.38 -13.64
CA TYR D 144 31.90 -27.95 -13.58
C TYR D 144 32.79 -27.14 -14.54
N PRO D 145 32.26 -26.20 -15.32
CA PRO D 145 30.86 -25.73 -15.29
C PRO D 145 29.92 -26.66 -16.10
N LYS D 146 28.65 -26.26 -16.16
CA LYS D 146 27.57 -27.07 -16.70
C LYS D 146 27.71 -27.39 -18.19
N ASP D 147 28.29 -26.47 -18.95
CA ASP D 147 28.39 -26.61 -20.40
C ASP D 147 29.30 -27.78 -20.81
N ILE D 148 28.82 -28.66 -21.68
CA ILE D 148 29.56 -29.87 -22.06
C ILE D 148 29.04 -30.45 -23.39
N ASN D 149 29.90 -31.17 -24.10
CA ASN D 149 29.58 -31.79 -25.36
C ASN D 149 29.79 -33.27 -25.27
N VAL D 150 28.82 -34.05 -25.76
CA VAL D 150 28.99 -35.49 -25.83
C VAL D 150 28.70 -35.95 -27.27
N LYS D 151 29.65 -36.69 -27.83
CA LYS D 151 29.57 -37.21 -29.18
C LYS D 151 29.55 -38.73 -29.13
N TRP D 152 28.65 -39.34 -29.89
CA TRP D 152 28.60 -40.80 -30.03
C TRP D 152 29.19 -41.22 -31.37
N LYS D 153 30.04 -42.24 -31.36
CA LYS D 153 30.60 -42.81 -32.57
C LYS D 153 30.38 -44.31 -32.63
N ILE D 154 29.75 -44.78 -33.71
CA ILE D 154 29.57 -46.20 -33.99
C ILE D 154 30.60 -46.60 -35.04
N ASP D 155 31.50 -47.52 -34.71
CA ASP D 155 32.64 -47.89 -35.57
C ASP D 155 33.47 -46.69 -36.07
N GLY D 156 33.57 -45.66 -35.23
CA GLY D 156 34.23 -44.42 -35.60
C GLY D 156 33.38 -43.34 -36.28
N SER D 157 32.19 -43.68 -36.77
CA SER D 157 31.30 -42.72 -37.46
C SER D 157 30.35 -42.04 -36.51
N GLU D 158 30.19 -40.71 -36.65
CA GLU D 158 29.35 -39.92 -35.74
C GLU D 158 27.87 -40.26 -35.88
N ARG D 159 27.14 -40.11 -34.79
CA ARG D 159 25.74 -40.56 -34.70
C ARG D 159 24.94 -39.54 -33.88
N GLN D 160 23.93 -38.93 -34.49
CA GLN D 160 23.14 -37.88 -33.85
C GLN D 160 21.68 -38.25 -33.50
N ASN D 161 21.10 -39.23 -34.21
CA ASN D 161 19.71 -39.65 -33.98
C ASN D 161 19.61 -40.65 -32.84
N GLY D 162 18.52 -40.52 -32.05
CA GLY D 162 18.26 -41.41 -30.90
C GLY D 162 18.93 -41.03 -29.59
N VAL D 163 19.72 -39.94 -29.60
CA VAL D 163 20.52 -39.53 -28.46
C VAL D 163 19.64 -38.70 -27.53
N LEU D 164 19.72 -38.98 -26.23
CA LEU D 164 18.98 -38.21 -25.21
C LEU D 164 19.84 -37.87 -24.00
N ASN D 165 19.96 -36.57 -23.77
CA ASN D 165 20.85 -36.01 -22.74
C ASN D 165 20.05 -35.36 -21.62
N SER D 166 20.27 -35.81 -20.38
CA SER D 166 19.62 -35.24 -19.19
C SER D 166 20.66 -34.77 -18.18
N TRP D 167 20.61 -33.49 -17.77
CA TRP D 167 21.51 -32.94 -16.72
C TRP D 167 20.82 -32.93 -15.36
N THR D 168 21.57 -33.23 -14.31
CA THR D 168 21.11 -32.97 -12.94
C THR D 168 21.20 -31.47 -12.69
N ASP D 169 20.43 -31.02 -11.71
CA ASP D 169 20.65 -29.69 -11.13
C ASP D 169 21.97 -29.75 -10.35
N GLN D 170 22.51 -28.58 -10.02
CA GLN D 170 23.75 -28.47 -9.28
C GLN D 170 23.64 -29.17 -7.93
N ASP D 171 24.72 -29.85 -7.54
CA ASP D 171 24.76 -30.65 -6.34
C ASP D 171 24.91 -29.69 -5.13
N SER D 172 24.22 -30.05 -4.04
CA SER D 172 24.14 -29.26 -2.82
C SER D 172 25.40 -29.33 -1.97
N LYS D 173 26.11 -30.45 -2.04
CA LYS D 173 27.33 -30.67 -1.28
C LYS D 173 28.58 -30.12 -1.99
N ASP D 174 28.82 -30.54 -3.20
CA ASP D 174 30.07 -30.23 -3.94
C ASP D 174 29.92 -29.31 -5.14
N SER D 175 28.72 -28.82 -5.42
CA SER D 175 28.52 -27.78 -6.43
C SER D 175 28.81 -28.18 -7.89
N THR D 176 28.96 -29.47 -8.17
CA THR D 176 29.15 -29.97 -9.54
C THR D 176 27.85 -30.31 -10.24
N TYR D 177 27.92 -30.53 -11.55
CA TYR D 177 26.81 -31.11 -12.34
C TYR D 177 27.18 -32.52 -12.79
N SER D 178 26.17 -33.25 -13.22
CA SER D 178 26.33 -34.59 -13.77
C SER D 178 25.36 -34.74 -14.94
N MET D 179 25.56 -35.76 -15.76
CA MET D 179 24.75 -35.92 -16.97
C MET D 179 24.74 -37.35 -17.54
N SER D 180 23.56 -37.80 -17.99
CA SER D 180 23.37 -39.08 -18.69
C SER D 180 23.20 -38.83 -20.18
N SER D 181 23.85 -39.64 -21.00
CA SER D 181 23.64 -39.61 -22.45
C SER D 181 23.24 -41.02 -22.89
N THR D 182 22.12 -41.13 -23.58
CA THR D 182 21.50 -42.41 -23.88
C THR D 182 21.25 -42.54 -25.39
N LEU D 183 22.08 -43.34 -26.06
CA LEU D 183 21.88 -43.69 -27.48
C LEU D 183 20.94 -44.91 -27.60
N THR D 184 19.80 -44.73 -28.24
CA THR D 184 18.75 -45.76 -28.34
C THR D 184 18.69 -46.35 -29.76
N LEU D 185 18.97 -47.66 -29.89
CA LEU D 185 18.96 -48.36 -31.18
C LEU D 185 18.02 -49.55 -31.20
N THR D 186 17.68 -50.01 -32.38
CA THR D 186 17.07 -51.34 -32.55
C THR D 186 18.18 -52.37 -32.33
N LYS D 187 17.85 -53.50 -31.70
CA LYS D 187 18.81 -54.60 -31.52
C LYS D 187 19.49 -55.01 -32.86
N ASP D 188 18.71 -55.09 -33.96
CA ASP D 188 19.30 -55.45 -35.25
C ASP D 188 20.48 -54.56 -35.65
N GLU D 189 20.31 -53.25 -35.52
CA GLU D 189 21.39 -52.30 -35.79
C GLU D 189 22.53 -52.41 -34.78
N TYR D 190 22.21 -52.61 -33.50
CA TYR D 190 23.24 -52.78 -32.48
C TYR D 190 24.19 -53.91 -32.85
N GLU D 191 23.64 -55.05 -33.25
CA GLU D 191 24.45 -56.22 -33.57
C GLU D 191 25.24 -56.09 -34.88
N ARG D 192 24.88 -55.15 -35.77
CA ARG D 192 25.64 -54.90 -37.00
C ARG D 192 27.02 -54.30 -36.76
N HIS D 193 27.15 -53.41 -35.77
CA HIS D 193 28.40 -52.69 -35.54
C HIS D 193 29.12 -53.20 -34.30
N ASN D 194 30.44 -53.01 -34.27
CA ASN D 194 31.31 -53.58 -33.25
C ASN D 194 31.82 -52.59 -32.19
N SER D 195 32.21 -51.39 -32.63
CA SER D 195 32.89 -50.39 -31.78
C SER D 195 31.96 -49.22 -31.38
N TYR D 196 31.70 -49.08 -30.07
CA TYR D 196 30.76 -48.08 -29.53
C TYR D 196 31.51 -47.11 -28.63
N THR D 197 31.51 -45.83 -29.01
CA THR D 197 32.36 -44.83 -28.39
C THR D 197 31.55 -43.63 -27.88
N CYS D 198 31.97 -43.11 -26.74
CA CYS D 198 31.34 -42.00 -26.06
C CYS D 198 32.41 -40.95 -25.82
N GLU D 199 32.30 -39.82 -26.51
CA GLU D 199 33.39 -38.84 -26.61
C GLU D 199 32.99 -37.50 -25.99
N ALA D 200 33.55 -37.18 -24.83
CA ALA D 200 33.14 -36.03 -24.03
C ALA D 200 34.12 -34.87 -24.12
N THR D 201 33.66 -33.70 -24.55
CA THR D 201 34.49 -32.49 -24.62
C THR D 201 34.04 -31.49 -23.56
N HIS D 202 34.99 -30.85 -22.89
CA HIS D 202 34.70 -29.96 -21.75
C HIS D 202 35.78 -28.91 -21.60
N LYS D 203 35.39 -27.76 -21.06
CA LYS D 203 36.28 -26.60 -20.78
C LYS D 203 37.66 -26.97 -20.20
N THR D 204 37.66 -27.97 -19.33
CA THR D 204 38.86 -28.45 -18.62
C THR D 204 39.99 -29.00 -19.49
N SER D 205 39.66 -29.53 -20.67
CA SER D 205 40.67 -30.10 -21.57
C SER D 205 40.36 -29.77 -23.01
N THR D 206 41.40 -29.44 -23.78
CA THR D 206 41.27 -29.32 -25.23
C THR D 206 41.00 -30.71 -25.83
N SER D 207 41.72 -31.70 -25.36
CA SER D 207 41.50 -33.09 -25.75
C SER D 207 40.21 -33.65 -25.16
N PRO D 208 39.41 -34.33 -26.01
CA PRO D 208 38.21 -35.00 -25.47
C PRO D 208 38.55 -36.17 -24.57
N ILE D 209 37.63 -36.50 -23.66
CA ILE D 209 37.68 -37.76 -22.92
C ILE D 209 36.89 -38.81 -23.68
N VAL D 210 37.51 -39.96 -23.92
CA VAL D 210 36.89 -41.05 -24.71
C VAL D 210 36.78 -42.31 -23.89
N LYS D 211 35.59 -42.90 -23.88
CA LYS D 211 35.37 -44.24 -23.31
C LYS D 211 34.74 -45.09 -24.42
N SER D 212 35.14 -46.35 -24.45
CA SER D 212 34.72 -47.25 -25.54
C SER D 212 34.65 -48.69 -25.09
N PHE D 213 33.83 -49.47 -25.78
CA PHE D 213 33.84 -50.92 -25.69
C PHE D 213 33.66 -51.50 -27.08
N ASN D 214 34.10 -52.73 -27.25
CA ASN D 214 33.78 -53.52 -28.43
C ASN D 214 32.81 -54.64 -28.05
N ARG D 215 31.80 -54.85 -28.90
CA ARG D 215 30.61 -55.65 -28.59
C ARG D 215 30.84 -57.05 -27.97
N ASN D 216 32.00 -57.63 -28.27
CA ASN D 216 32.32 -58.99 -27.83
C ASN D 216 33.72 -58.99 -27.19
N GLU D 217 33.78 -58.59 -25.84
CA GLU D 217 34.98 -58.84 -25.02
C GLU D 217 34.60 -59.17 -23.58
N GLU E 1 -13.92 19.95 -59.59
CA GLU E 1 -14.59 18.79 -58.95
C GLU E 1 -13.57 17.74 -58.62
N VAL E 2 -13.58 17.24 -57.40
CA VAL E 2 -12.64 16.23 -56.98
C VAL E 2 -13.17 14.85 -57.39
N LYS E 3 -12.27 14.00 -57.90
CA LYS E 3 -12.59 12.59 -58.21
C LYS E 3 -11.42 11.70 -57.80
N LEU E 4 -11.75 10.56 -57.20
CA LEU E 4 -10.78 9.51 -56.86
C LEU E 4 -11.37 8.19 -57.35
N GLU E 5 -10.61 7.45 -58.15
CA GLU E 5 -11.05 6.14 -58.62
C GLU E 5 -10.02 5.10 -58.23
N GLU E 6 -10.44 4.15 -57.41
CA GLU E 6 -9.62 2.99 -57.07
C GLU E 6 -9.81 1.85 -58.09
N SER E 7 -8.80 0.99 -58.16
CA SER E 7 -8.82 -0.19 -59.04
C SER E 7 -7.76 -1.18 -58.55
N GLY E 8 -7.89 -2.43 -58.97
CA GLY E 8 -6.96 -3.50 -58.58
C GLY E 8 -7.39 -4.40 -57.44
N GLY E 9 -8.59 -4.20 -56.92
CA GLY E 9 -9.15 -5.12 -55.92
C GLY E 9 -9.53 -6.46 -56.51
N GLY E 10 -9.75 -7.45 -55.65
CA GLY E 10 -10.21 -8.77 -56.09
C GLY E 10 -9.94 -9.86 -55.07
N LEU E 11 -9.68 -11.07 -55.56
CA LEU E 11 -9.45 -12.26 -54.73
C LEU E 11 -7.97 -12.64 -54.73
N VAL E 12 -7.44 -12.99 -53.55
CA VAL E 12 -6.07 -13.51 -53.40
C VAL E 12 -6.04 -14.58 -52.31
N GLN E 13 -5.16 -15.57 -52.46
CA GLN E 13 -4.98 -16.60 -51.44
C GLN E 13 -4.11 -16.04 -50.28
N PRO E 14 -4.29 -16.56 -49.04
CA PRO E 14 -3.47 -16.10 -47.92
C PRO E 14 -1.95 -16.24 -48.15
N GLY E 15 -1.20 -15.17 -47.86
CA GLY E 15 0.22 -15.11 -48.16
C GLY E 15 0.57 -14.45 -49.48
N GLY E 16 -0.41 -14.27 -50.38
CA GLY E 16 -0.17 -13.66 -51.69
C GLY E 16 -0.01 -12.14 -51.66
N SER E 17 -0.01 -11.53 -52.84
CA SER E 17 0.22 -10.09 -53.00
C SER E 17 -0.83 -9.44 -53.90
N MET E 18 -1.00 -8.13 -53.73
CA MET E 18 -1.85 -7.34 -54.59
C MET E 18 -1.48 -5.87 -54.57
N LYS E 19 -1.66 -5.20 -55.71
CA LYS E 19 -1.35 -3.79 -55.85
C LYS E 19 -2.62 -2.99 -56.15
N LEU E 20 -3.01 -2.13 -55.20
CA LEU E 20 -4.13 -1.20 -55.42
C LEU E 20 -3.58 0.11 -55.99
N SER E 21 -4.40 0.75 -56.82
CA SER E 21 -4.04 1.97 -57.53
C SER E 21 -5.19 2.99 -57.41
N CYS E 22 -4.84 4.27 -57.27
CA CYS E 22 -5.79 5.34 -57.04
C CYS E 22 -5.51 6.54 -57.93
N ALA E 23 -6.37 6.78 -58.91
CA ALA E 23 -6.23 7.92 -59.84
C ALA E 23 -7.04 9.13 -59.34
N ALA E 24 -6.36 10.22 -59.00
CA ALA E 24 -7.00 11.43 -58.47
C ALA E 24 -6.96 12.59 -59.43
N SER E 25 -8.03 13.39 -59.45
CA SER E 25 -8.03 14.68 -60.15
C SER E 25 -8.86 15.72 -59.40
N GLY E 26 -8.80 16.97 -59.84
CA GLY E 26 -9.63 18.05 -59.28
C GLY E 26 -9.00 18.90 -58.19
N PHE E 27 -7.73 18.66 -57.89
CA PHE E 27 -6.99 19.41 -56.89
C PHE E 27 -5.50 19.28 -57.13
N THR E 28 -4.73 20.18 -56.53
CA THR E 28 -3.28 20.17 -56.70
C THR E 28 -2.69 18.91 -56.05
N PHE E 29 -2.45 17.90 -56.88
CA PHE E 29 -2.07 16.59 -56.39
C PHE E 29 -0.76 16.60 -55.63
N SER E 30 0.25 17.25 -56.18
CA SER E 30 1.57 17.26 -55.55
C SER E 30 1.54 17.81 -54.11
N ASP E 31 0.63 18.74 -53.82
CA ASP E 31 0.46 19.27 -52.46
C ASP E 31 -0.32 18.37 -51.51
N ALA E 32 -1.21 17.52 -52.02
CA ALA E 32 -2.10 16.77 -51.15
C ALA E 32 -1.37 15.63 -50.44
N TRP E 33 -1.72 15.45 -49.17
CA TRP E 33 -1.37 14.26 -48.41
C TRP E 33 -2.46 13.26 -48.72
N MET E 34 -2.06 12.03 -49.06
CA MET E 34 -2.99 10.97 -49.48
C MET E 34 -2.91 9.80 -48.51
N ASP E 35 -4.01 9.07 -48.37
CA ASP E 35 -4.13 7.96 -47.42
C ASP E 35 -4.91 6.78 -48.02
N TRP E 36 -4.80 5.62 -47.39
CA TRP E 36 -5.70 4.50 -47.64
C TRP E 36 -6.40 4.14 -46.33
N VAL E 37 -7.70 3.89 -46.43
CA VAL E 37 -8.54 3.49 -45.30
C VAL E 37 -9.31 2.26 -45.77
N ARG E 38 -9.56 1.32 -44.84
CA ARG E 38 -10.35 0.12 -45.15
C ARG E 38 -11.53 -0.04 -44.20
N GLN E 39 -12.56 -0.73 -44.69
CA GLN E 39 -13.74 -0.97 -43.90
C GLN E 39 -14.15 -2.44 -43.97
N SER E 40 -14.45 -3.00 -42.79
CA SER E 40 -14.99 -4.34 -42.68
C SER E 40 -16.05 -4.32 -41.59
N PRO E 41 -16.97 -5.29 -41.59
CA PRO E 41 -17.91 -5.37 -40.49
C PRO E 41 -17.30 -5.65 -39.11
N GLU E 42 -16.18 -6.38 -39.06
CA GLU E 42 -15.55 -6.74 -37.78
C GLU E 42 -14.81 -5.56 -37.18
N LYS E 43 -13.95 -4.94 -37.98
CA LYS E 43 -13.05 -3.88 -37.52
C LYS E 43 -13.62 -2.45 -37.68
N GLY E 44 -14.67 -2.28 -38.48
CA GLY E 44 -15.18 -0.94 -38.82
C GLY E 44 -14.23 -0.25 -39.78
N LEU E 45 -14.05 1.05 -39.60
CA LEU E 45 -13.13 1.86 -40.42
C LEU E 45 -11.75 1.91 -39.77
N GLU E 46 -10.72 1.40 -40.46
CA GLU E 46 -9.31 1.56 -40.04
C GLU E 46 -8.48 2.29 -41.07
N TRP E 47 -7.77 3.31 -40.59
CA TRP E 47 -6.72 3.94 -41.35
C TRP E 47 -5.62 2.92 -41.58
N VAL E 48 -5.06 2.91 -42.78
CA VAL E 48 -4.07 1.90 -43.17
C VAL E 48 -2.69 2.53 -43.40
N ALA E 49 -2.63 3.52 -44.29
CA ALA E 49 -1.36 4.11 -44.67
C ALA E 49 -1.50 5.57 -45.08
N GLU E 50 -0.42 6.32 -44.90
CA GLU E 50 -0.34 7.72 -45.29
C GLU E 50 0.91 7.94 -46.13
N ILE E 51 0.79 8.79 -47.13
CA ILE E 51 1.96 9.38 -47.80
C ILE E 51 1.75 10.90 -47.91
N ARG E 52 2.77 11.66 -47.53
CA ARG E 52 2.70 13.12 -47.50
C ARG E 52 3.34 13.73 -48.74
N ASN E 53 3.31 15.06 -48.82
CA ASN E 53 3.80 15.80 -50.00
C ASN E 53 5.32 15.95 -50.03
N LYS E 54 5.82 16.51 -51.13
CA LYS E 54 7.25 16.76 -51.33
C LYS E 54 7.89 17.59 -50.20
N VAL E 55 7.13 18.53 -49.63
CA VAL E 55 7.63 19.39 -48.55
C VAL E 55 7.87 18.60 -47.26
N ASN E 56 7.08 17.56 -47.03
CA ASN E 56 7.29 16.61 -45.91
C ASN E 56 8.08 15.36 -46.31
N ASN E 57 8.91 15.48 -47.34
CA ASN E 57 9.80 14.40 -47.77
C ASN E 57 9.08 13.08 -48.17
N HIS E 58 7.85 13.18 -48.67
CA HIS E 58 7.07 12.00 -49.02
C HIS E 58 7.00 10.99 -47.90
N ALA E 59 6.85 11.50 -46.68
CA ALA E 59 6.91 10.66 -45.49
C ALA E 59 5.78 9.67 -45.50
N THR E 60 6.09 8.41 -45.21
CA THR E 60 5.09 7.38 -45.13
C THR E 60 4.84 7.00 -43.67
N ASN E 61 3.63 6.52 -43.41
CA ASN E 61 3.24 6.00 -42.12
C ASN E 61 2.29 4.85 -42.35
N TYR E 62 2.25 3.93 -41.40
CA TYR E 62 1.38 2.78 -41.50
C TYR E 62 0.73 2.43 -40.17
N ALA E 63 -0.42 1.76 -40.26
CA ALA E 63 -1.03 1.16 -39.08
C ALA E 63 -0.19 -0.03 -38.66
N GLU E 64 -0.13 -0.26 -37.35
CA GLU E 64 0.74 -1.29 -36.80
C GLU E 64 0.53 -2.66 -37.44
N SER E 65 -0.72 -3.01 -37.72
CA SER E 65 -1.03 -4.35 -38.23
C SER E 65 -0.58 -4.59 -39.67
N VAL E 66 -0.12 -3.57 -40.37
CA VAL E 66 0.33 -3.73 -41.75
C VAL E 66 1.81 -3.36 -42.00
N LYS E 67 2.56 -3.01 -40.95
CA LYS E 67 3.97 -2.64 -41.08
C LYS E 67 4.78 -3.83 -41.62
N GLY E 68 5.69 -3.54 -42.54
CA GLY E 68 6.51 -4.57 -43.18
C GLY E 68 5.84 -5.35 -44.30
N ARG E 69 4.52 -5.22 -44.43
CA ARG E 69 3.73 -5.95 -45.42
C ARG E 69 3.21 -5.02 -46.52
N PHE E 70 2.65 -3.89 -46.09
CA PHE E 70 2.04 -2.93 -47.01
C PHE E 70 3.04 -1.82 -47.32
N THR E 71 3.07 -1.36 -48.57
CA THR E 71 3.91 -0.23 -48.98
C THR E 71 3.11 0.75 -49.80
N ILE E 72 3.07 2.00 -49.36
CA ILE E 72 2.37 3.08 -50.06
C ILE E 72 3.38 3.92 -50.85
N SER E 73 2.96 4.46 -51.98
CA SER E 73 3.83 5.29 -52.82
C SER E 73 2.99 6.14 -53.77
N ARG E 74 3.64 7.07 -54.46
CA ARG E 74 2.92 7.98 -55.35
C ARG E 74 3.75 8.43 -56.54
N ASP E 75 3.07 8.66 -57.65
CA ASP E 75 3.64 9.23 -58.86
C ASP E 75 2.99 10.62 -59.03
N ASP E 76 3.67 11.66 -58.57
CA ASP E 76 3.15 13.02 -58.69
C ASP E 76 2.96 13.47 -60.14
N SER E 77 3.75 12.94 -61.08
CA SER E 77 3.57 13.27 -62.50
C SER E 77 2.24 12.73 -63.08
N ARG E 78 1.72 11.63 -62.55
CA ARG E 78 0.46 11.02 -63.04
C ARG E 78 -0.74 11.14 -62.09
N SER E 79 -0.56 11.80 -60.95
CA SER E 79 -1.63 11.96 -59.96
C SER E 79 -2.19 10.61 -59.52
N VAL E 80 -1.30 9.70 -59.12
CA VAL E 80 -1.70 8.34 -58.75
C VAL E 80 -1.01 7.95 -57.46
N VAL E 81 -1.75 7.23 -56.61
CA VAL E 81 -1.22 6.65 -55.38
C VAL E 81 -1.37 5.14 -55.51
N TYR E 82 -0.35 4.44 -55.05
CA TYR E 82 -0.31 2.99 -55.10
C TYR E 82 -0.32 2.43 -53.67
N LEU E 83 -0.83 1.22 -53.52
CA LEU E 83 -0.70 0.44 -52.29
C LEU E 83 -0.31 -1.01 -52.62
N GLN E 84 0.96 -1.34 -52.35
CA GLN E 84 1.49 -2.68 -52.56
C GLN E 84 1.28 -3.47 -51.27
N MET E 85 0.51 -4.54 -51.34
CA MET E 85 0.24 -5.39 -50.17
C MET E 85 0.90 -6.77 -50.38
N ASN E 86 1.73 -7.18 -49.42
CA ASN E 86 2.41 -8.49 -49.41
C ASN E 86 2.01 -9.30 -48.20
N ASN E 87 2.01 -10.64 -48.36
CA ASN E 87 1.77 -11.59 -47.27
C ASN E 87 0.38 -11.39 -46.64
N LEU E 88 -0.63 -11.37 -47.51
CA LEU E 88 -1.99 -11.00 -47.12
C LEU E 88 -2.64 -12.06 -46.23
N LYS E 89 -3.35 -11.60 -45.19
CA LYS E 89 -4.05 -12.48 -44.25
C LYS E 89 -5.56 -12.31 -44.45
N PRO E 90 -6.38 -13.25 -43.93
CA PRO E 90 -7.82 -13.06 -44.05
C PRO E 90 -8.34 -11.80 -43.37
N GLU E 91 -7.71 -11.41 -42.26
CA GLU E 91 -8.08 -10.16 -41.56
C GLU E 91 -7.88 -8.90 -42.40
N ASP E 92 -7.08 -8.96 -43.47
CA ASP E 92 -6.95 -7.83 -44.43
C ASP E 92 -8.12 -7.70 -45.40
N THR E 93 -9.12 -8.58 -45.31
CA THR E 93 -10.31 -8.49 -46.15
C THR E 93 -11.12 -7.26 -45.81
N GLY E 94 -11.61 -6.58 -46.84
CA GLY E 94 -12.40 -5.38 -46.65
C GLY E 94 -12.59 -4.56 -47.92
N ILE E 95 -13.27 -3.41 -47.78
CA ILE E 95 -13.39 -2.40 -48.84
C ILE E 95 -12.30 -1.37 -48.58
N TYR E 96 -11.47 -1.10 -49.59
CA TYR E 96 -10.31 -0.22 -49.47
C TYR E 96 -10.57 1.11 -50.20
N TYR E 97 -10.67 2.18 -49.41
CA TYR E 97 -10.87 3.55 -49.91
C TYR E 97 -9.56 4.29 -50.01
N CYS E 98 -9.40 5.02 -51.11
CA CYS E 98 -8.32 5.96 -51.29
C CYS E 98 -8.86 7.34 -50.94
N THR E 99 -8.12 8.08 -50.11
CA THR E 99 -8.54 9.40 -49.65
C THR E 99 -7.47 10.46 -49.92
N GLY E 100 -7.91 11.67 -50.26
CA GLY E 100 -7.02 12.79 -50.53
C GLY E 100 -7.27 13.96 -49.59
N LEU E 101 -6.22 14.73 -49.32
CA LEU E 101 -6.21 15.81 -48.33
C LEU E 101 -6.63 15.26 -46.98
N THR E 102 -5.76 14.38 -46.49
CA THR E 102 -6.06 13.39 -45.46
C THR E 102 -7.42 12.74 -45.73
N PHE E 103 -8.48 13.11 -45.03
CA PHE E 103 -9.81 12.50 -45.23
C PHE E 103 -10.87 13.48 -45.73
N ASP E 104 -10.48 14.54 -46.43
CA ASP E 104 -11.45 15.47 -47.01
C ASP E 104 -12.26 14.84 -48.15
N TYR E 105 -11.58 14.04 -48.99
CA TYR E 105 -12.20 13.47 -50.20
C TYR E 105 -11.96 11.98 -50.27
N TRP E 106 -12.99 11.22 -50.64
CA TRP E 106 -12.95 9.76 -50.66
C TRP E 106 -13.42 9.20 -51.99
N GLY E 107 -12.74 8.15 -52.46
CA GLY E 107 -13.19 7.41 -53.64
C GLY E 107 -14.33 6.46 -53.32
N GLN E 108 -14.86 5.79 -54.34
CA GLN E 108 -15.95 4.82 -54.16
C GLN E 108 -15.50 3.53 -53.52
N GLY E 109 -14.22 3.20 -53.67
CA GLY E 109 -13.61 2.06 -53.00
C GLY E 109 -13.52 0.83 -53.89
N THR E 110 -12.65 -0.11 -53.48
CA THR E 110 -12.47 -1.37 -54.19
C THR E 110 -12.35 -2.50 -53.17
N THR E 111 -12.96 -3.65 -53.48
CA THR E 111 -13.07 -4.75 -52.53
C THR E 111 -11.88 -5.70 -52.64
N LEU E 112 -11.37 -6.14 -51.49
CA LEU E 112 -10.28 -7.10 -51.40
C LEU E 112 -10.75 -8.27 -50.57
N THR E 113 -10.72 -9.48 -51.14
CA THR E 113 -11.08 -10.69 -50.43
C THR E 113 -9.85 -11.61 -50.37
N VAL E 114 -9.42 -11.96 -49.15
CA VAL E 114 -8.28 -12.83 -48.92
C VAL E 114 -8.84 -14.16 -48.41
N SER E 115 -8.84 -15.17 -49.28
CA SER E 115 -9.50 -16.46 -49.00
C SER E 115 -8.90 -17.61 -49.80
N SER E 116 -9.14 -18.82 -49.32
CA SER E 116 -8.74 -20.03 -50.06
C SER E 116 -9.85 -20.52 -50.97
N ALA E 117 -11.08 -20.15 -50.66
CA ALA E 117 -12.24 -20.49 -51.49
C ALA E 117 -12.03 -19.90 -52.88
N LYS E 118 -12.65 -20.57 -53.85
CA LYS E 118 -12.36 -20.31 -55.24
C LYS E 118 -13.41 -19.37 -55.81
N THR E 119 -12.99 -18.66 -56.85
CA THR E 119 -13.90 -17.77 -57.57
C THR E 119 -15.03 -18.63 -58.14
N THR E 120 -16.25 -18.17 -57.93
CA THR E 120 -17.43 -18.86 -58.43
C THR E 120 -18.34 -17.81 -59.02
N ALA E 121 -18.71 -17.98 -60.30
CA ALA E 121 -19.64 -17.06 -60.95
C ALA E 121 -21.04 -17.25 -60.39
N PRO E 122 -21.87 -16.19 -60.44
CA PRO E 122 -23.25 -16.34 -60.02
C PRO E 122 -24.07 -17.08 -61.04
N SER E 123 -25.17 -17.66 -60.58
CA SER E 123 -26.27 -18.06 -61.46
C SER E 123 -27.29 -16.92 -61.34
N VAL E 124 -27.82 -16.48 -62.48
CA VAL E 124 -28.72 -15.34 -62.53
C VAL E 124 -30.08 -15.80 -63.03
N TYR E 125 -31.11 -15.67 -62.19
CA TYR E 125 -32.44 -16.15 -62.50
C TYR E 125 -33.44 -14.99 -62.56
N PRO E 126 -34.29 -14.95 -63.61
CA PRO E 126 -35.34 -13.93 -63.67
C PRO E 126 -36.52 -14.34 -62.81
N LEU E 127 -37.26 -13.37 -62.28
CA LEU E 127 -38.43 -13.66 -61.46
C LEU E 127 -39.64 -12.89 -61.98
N ALA E 128 -40.46 -13.59 -62.76
CA ALA E 128 -41.72 -13.08 -63.27
C ALA E 128 -42.84 -13.38 -62.27
N PRO E 129 -43.94 -12.60 -62.31
CA PRO E 129 -45.06 -12.90 -61.42
C PRO E 129 -45.73 -14.26 -61.65
N VAL E 130 -46.55 -14.65 -60.67
CA VAL E 130 -47.19 -15.98 -60.65
C VAL E 130 -48.06 -16.19 -61.91
N CYS E 131 -48.02 -17.42 -62.43
CA CYS E 131 -48.45 -17.74 -63.81
C CYS E 131 -49.68 -17.03 -64.31
N GLY E 132 -50.70 -16.93 -63.46
CA GLY E 132 -51.93 -16.22 -63.79
C GLY E 132 -51.76 -14.70 -63.77
N GLY E 133 -51.51 -14.16 -62.58
CA GLY E 133 -51.57 -12.69 -62.34
C GLY E 133 -52.82 -11.85 -62.70
N THR E 134 -52.59 -10.79 -63.51
CA THR E 134 -53.62 -9.79 -63.89
C THR E 134 -54.16 -8.94 -62.67
N THR E 135 -53.40 -8.89 -61.56
CA THR E 135 -53.93 -8.53 -60.24
C THR E 135 -54.30 -7.04 -60.09
N GLY E 136 -53.39 -6.12 -60.42
CA GLY E 136 -53.51 -4.72 -59.93
C GLY E 136 -53.00 -3.62 -60.84
N SER E 137 -52.79 -2.43 -60.25
CA SER E 137 -52.29 -1.26 -61.01
C SER E 137 -50.80 -1.46 -61.36
N SER E 138 -49.90 -1.32 -60.37
CA SER E 138 -48.49 -1.68 -60.57
C SER E 138 -48.30 -3.21 -60.63
N VAL E 139 -47.11 -3.62 -61.07
CA VAL E 139 -46.65 -5.01 -61.01
C VAL E 139 -45.19 -5.02 -60.55
N THR E 140 -44.79 -6.08 -59.86
CA THR E 140 -43.43 -6.18 -59.34
C THR E 140 -42.70 -7.37 -59.96
N LEU E 141 -41.47 -7.11 -60.45
CA LEU E 141 -40.59 -8.13 -61.00
C LEU E 141 -39.37 -8.27 -60.14
N GLY E 142 -38.64 -9.37 -60.33
CA GLY E 142 -37.45 -9.65 -59.54
C GLY E 142 -36.32 -10.29 -60.32
N CYS E 143 -35.17 -10.34 -59.67
CA CYS E 143 -33.97 -10.94 -60.24
C CYS E 143 -33.16 -11.55 -59.10
N LEU E 144 -32.90 -12.85 -59.16
CA LEU E 144 -32.16 -13.56 -58.12
C LEU E 144 -30.74 -13.82 -58.62
N VAL E 145 -29.76 -13.51 -57.77
CA VAL E 145 -28.34 -13.71 -58.08
C VAL E 145 -27.79 -14.62 -57.00
N LYS E 146 -27.42 -15.86 -57.37
CA LYS E 146 -27.15 -16.91 -56.40
C LYS E 146 -25.81 -17.62 -56.65
N GLY E 147 -25.15 -18.00 -55.55
CA GLY E 147 -23.98 -18.85 -55.58
C GLY E 147 -22.72 -18.22 -56.16
N TYR E 148 -22.44 -16.97 -55.78
CA TYR E 148 -21.21 -16.31 -56.24
C TYR E 148 -20.24 -16.09 -55.09
N PHE E 149 -18.98 -15.91 -55.47
CA PHE E 149 -17.90 -15.63 -54.53
C PHE E 149 -16.70 -15.14 -55.34
N PRO E 150 -15.96 -14.13 -54.87
CA PRO E 150 -16.23 -13.34 -53.68
C PRO E 150 -17.16 -12.17 -54.00
N GLU E 151 -17.31 -11.21 -53.07
CA GLU E 151 -18.02 -9.96 -53.39
C GLU E 151 -17.09 -9.08 -54.25
N PRO E 152 -17.62 -8.11 -55.00
CA PRO E 152 -19.04 -7.80 -55.10
C PRO E 152 -19.61 -8.22 -56.44
N VAL E 153 -20.93 -8.08 -56.57
CA VAL E 153 -21.60 -7.98 -57.87
C VAL E 153 -22.22 -6.61 -57.99
N THR E 154 -22.48 -6.19 -59.23
CA THR E 154 -23.25 -5.00 -59.52
C THR E 154 -24.49 -5.46 -60.27
N LEU E 155 -25.65 -4.88 -59.91
CA LEU E 155 -26.93 -5.17 -60.54
C LEU E 155 -27.63 -3.87 -60.97
N THR E 156 -28.11 -3.84 -62.21
CA THR E 156 -28.94 -2.74 -62.72
C THR E 156 -30.09 -3.30 -63.54
N TRP E 157 -31.09 -2.45 -63.80
CA TRP E 157 -32.23 -2.77 -64.65
C TRP E 157 -32.20 -1.86 -65.88
N ASN E 158 -32.25 -2.45 -67.07
CA ASN E 158 -32.09 -1.74 -68.34
C ASN E 158 -30.86 -0.82 -68.35
N SER E 159 -29.74 -1.35 -67.90
CA SER E 159 -28.44 -0.67 -67.84
C SER E 159 -28.42 0.63 -67.01
N GLY E 160 -29.32 0.74 -66.03
CA GLY E 160 -29.45 1.94 -65.22
C GLY E 160 -30.62 2.85 -65.60
N SER E 161 -31.23 2.61 -66.76
CA SER E 161 -32.44 3.36 -67.18
C SER E 161 -33.56 3.33 -66.14
N LEU E 162 -33.78 2.16 -65.57
CA LEU E 162 -34.83 1.97 -64.57
C LEU E 162 -34.16 2.07 -63.19
N SER E 163 -34.22 3.28 -62.63
CA SER E 163 -33.60 3.61 -61.34
C SER E 163 -34.63 3.66 -60.21
N SER E 164 -35.71 4.41 -60.42
CA SER E 164 -36.75 4.54 -59.41
C SER E 164 -37.62 3.28 -59.35
N GLY E 165 -38.20 3.01 -58.18
CA GLY E 165 -38.95 1.79 -57.95
C GLY E 165 -38.12 0.53 -57.82
N VAL E 166 -36.81 0.69 -57.57
CA VAL E 166 -35.86 -0.43 -57.47
C VAL E 166 -35.39 -0.63 -56.03
N HIS E 167 -35.32 -1.89 -55.60
CA HIS E 167 -34.78 -2.26 -54.31
C HIS E 167 -33.79 -3.40 -54.54
N THR E 168 -32.52 -3.19 -54.21
CA THR E 168 -31.48 -4.20 -54.37
C THR E 168 -30.96 -4.53 -53.00
N PHE E 169 -31.11 -5.78 -52.60
CA PHE E 169 -30.93 -6.18 -51.21
C PHE E 169 -29.49 -6.58 -50.94
N PRO E 170 -29.00 -6.33 -49.71
CA PRO E 170 -27.65 -6.74 -49.37
C PRO E 170 -27.44 -8.25 -49.54
N ALA E 171 -26.24 -8.60 -49.99
CA ALA E 171 -25.85 -9.99 -50.12
C ALA E 171 -25.72 -10.68 -48.77
N LEU E 172 -26.13 -11.94 -48.72
CA LEU E 172 -25.96 -12.79 -47.55
C LEU E 172 -25.16 -14.04 -47.92
N LEU E 173 -24.47 -14.59 -46.92
CA LEU E 173 -23.57 -15.74 -47.09
C LEU E 173 -24.33 -17.05 -46.82
N LEU E 174 -24.89 -17.64 -47.89
CA LEU E 174 -25.57 -18.96 -47.83
C LEU E 174 -24.54 -20.09 -47.93
N SER E 175 -23.95 -20.46 -46.79
CA SER E 175 -22.96 -21.56 -46.69
C SER E 175 -21.72 -21.37 -47.57
N GLY E 176 -20.99 -20.26 -47.33
CA GLY E 176 -19.75 -19.95 -48.07
C GLY E 176 -19.91 -19.44 -49.50
N LEU E 177 -21.14 -19.12 -49.92
CA LEU E 177 -21.44 -18.56 -51.24
C LEU E 177 -22.52 -17.48 -51.12
N TYR E 178 -22.34 -16.35 -51.81
CA TYR E 178 -23.20 -15.17 -51.67
C TYR E 178 -24.49 -15.23 -52.52
N THR E 179 -25.56 -14.65 -51.98
CA THR E 179 -26.86 -14.55 -52.63
C THR E 179 -27.51 -13.18 -52.36
N LEU E 180 -27.86 -12.45 -53.42
CA LEU E 180 -28.70 -11.26 -53.32
C LEU E 180 -29.80 -11.32 -54.34
N SER E 181 -30.86 -10.55 -54.06
CA SER E 181 -31.98 -10.39 -54.96
C SER E 181 -32.15 -8.91 -55.26
N SER E 182 -32.97 -8.58 -56.24
CA SER E 182 -33.38 -7.20 -56.51
C SER E 182 -34.80 -7.18 -57.05
N SER E 183 -35.61 -6.22 -56.59
CA SER E 183 -36.99 -6.07 -57.03
C SER E 183 -37.10 -4.81 -57.86
N VAL E 184 -38.07 -4.77 -58.76
CA VAL E 184 -38.42 -3.54 -59.47
C VAL E 184 -39.93 -3.45 -59.67
N THR E 185 -40.51 -2.28 -59.43
CA THR E 185 -41.95 -2.11 -59.51
C THR E 185 -42.29 -1.00 -60.52
N VAL E 186 -43.08 -1.36 -61.52
CA VAL E 186 -43.54 -0.46 -62.58
C VAL E 186 -45.06 -0.61 -62.76
N THR E 187 -45.67 0.33 -63.48
CA THR E 187 -47.12 0.27 -63.75
C THR E 187 -47.36 -0.87 -64.77
N SER E 188 -48.49 -1.57 -64.63
CA SER E 188 -48.80 -2.71 -65.53
C SER E 188 -49.02 -2.34 -67.01
N ASN E 189 -49.18 -1.04 -67.29
CA ASN E 189 -49.10 -0.51 -68.67
C ASN E 189 -47.73 -0.81 -69.28
N THR E 190 -46.68 -0.68 -68.46
CA THR E 190 -45.30 -0.87 -68.90
C THR E 190 -44.92 -2.30 -69.27
N TRP E 191 -45.44 -3.29 -68.52
CA TRP E 191 -44.99 -4.69 -68.64
C TRP E 191 -46.18 -5.64 -68.76
N PRO E 192 -46.15 -6.60 -69.71
CA PRO E 192 -44.99 -6.95 -70.55
C PRO E 192 -44.84 -6.20 -71.89
N SER E 193 -45.45 -5.01 -72.02
CA SER E 193 -45.38 -4.21 -73.26
C SER E 193 -43.96 -3.87 -73.62
N GLN E 194 -43.19 -3.43 -72.61
CA GLN E 194 -41.78 -3.09 -72.75
C GLN E 194 -40.91 -4.19 -72.15
N THR E 195 -39.76 -4.38 -72.77
CA THR E 195 -38.73 -5.29 -72.28
C THR E 195 -38.08 -4.70 -71.03
N ILE E 196 -38.00 -5.51 -69.99
CA ILE E 196 -37.26 -5.17 -68.77
C ILE E 196 -36.20 -6.25 -68.59
N THR E 197 -34.95 -5.82 -68.45
CA THR E 197 -33.79 -6.71 -68.40
C THR E 197 -33.01 -6.49 -67.12
N CYS E 198 -32.70 -7.58 -66.43
CA CYS E 198 -31.82 -7.57 -65.27
C CYS E 198 -30.36 -7.68 -65.76
N ASN E 199 -29.52 -6.69 -65.44
CA ASN E 199 -28.08 -6.70 -65.85
C ASN E 199 -27.20 -6.98 -64.65
N VAL E 200 -26.42 -8.06 -64.72
CA VAL E 200 -25.58 -8.50 -63.59
C VAL E 200 -24.14 -8.67 -64.04
N ALA E 201 -23.22 -8.13 -63.23
CA ALA E 201 -21.78 -8.26 -63.49
C ALA E 201 -21.11 -8.77 -62.24
N HIS E 202 -20.10 -9.61 -62.41
CA HIS E 202 -19.28 -10.13 -61.31
C HIS E 202 -17.84 -10.07 -61.77
N PRO E 203 -17.15 -8.94 -61.50
CA PRO E 203 -15.78 -8.71 -61.98
C PRO E 203 -14.84 -9.87 -61.73
N ALA E 204 -14.84 -10.39 -60.51
CA ALA E 204 -13.91 -11.47 -60.08
C ALA E 204 -13.86 -12.71 -60.98
N SER E 205 -14.99 -13.05 -61.62
CA SER E 205 -15.05 -14.20 -62.54
C SER E 205 -15.26 -13.80 -64.00
N SER E 206 -15.13 -12.50 -64.31
CA SER E 206 -15.41 -11.95 -65.65
C SER E 206 -16.82 -12.27 -66.15
N THR E 207 -17.78 -12.38 -65.23
CA THR E 207 -19.16 -12.72 -65.57
C THR E 207 -19.93 -11.44 -65.88
N LYS E 208 -20.77 -11.52 -66.91
CA LYS E 208 -21.60 -10.42 -67.36
C LYS E 208 -22.86 -11.07 -67.96
N VAL E 209 -24.00 -10.93 -67.26
CA VAL E 209 -25.25 -11.59 -67.67
C VAL E 209 -26.41 -10.61 -67.75
N ASP E 210 -27.18 -10.71 -68.83
CA ASP E 210 -28.41 -9.95 -69.02
C ASP E 210 -29.55 -10.94 -69.14
N LYS E 211 -30.44 -10.95 -68.15
CA LYS E 211 -31.65 -11.78 -68.20
C LYS E 211 -32.87 -10.91 -68.41
N LYS E 212 -33.55 -11.11 -69.53
CA LYS E 212 -34.86 -10.53 -69.77
C LYS E 212 -35.89 -11.21 -68.85
N ILE E 213 -36.91 -10.46 -68.42
CA ILE E 213 -38.00 -11.00 -67.60
C ILE E 213 -39.18 -11.27 -68.52
N GLU E 214 -39.68 -12.51 -68.54
CA GLU E 214 -40.79 -12.92 -69.42
C GLU E 214 -41.90 -13.69 -68.68
N PRO E 215 -43.20 -13.47 -69.05
CA PRO E 215 -44.29 -14.25 -68.43
C PRO E 215 -44.18 -15.76 -68.64
N ARG E 216 -44.81 -16.50 -67.74
CA ARG E 216 -44.68 -17.96 -67.69
C ARG E 216 -45.78 -18.61 -68.53
N GLY E 217 -45.43 -19.67 -69.25
CA GLY E 217 -46.37 -20.42 -70.09
C GLY E 217 -46.65 -21.77 -69.46
N PRO E 218 -47.94 -22.18 -69.36
CA PRO E 218 -48.25 -23.51 -68.80
C PRO E 218 -47.86 -24.67 -69.71
N ASP F 1 -2.67 4.04 -29.03
CA ASP F 1 -3.76 4.47 -29.94
C ASP F 1 -4.87 5.16 -29.17
N ILE F 2 -5.47 6.19 -29.76
CA ILE F 2 -6.59 6.88 -29.14
C ILE F 2 -7.87 6.19 -29.58
N VAL F 3 -8.62 5.65 -28.62
CA VAL F 3 -9.86 4.96 -28.89
C VAL F 3 -11.04 5.93 -28.80
N LEU F 4 -11.88 5.94 -29.83
CA LEU F 4 -13.12 6.73 -29.85
C LEU F 4 -14.34 5.84 -29.65
N THR F 5 -15.22 6.22 -28.73
CA THR F 5 -16.40 5.43 -28.38
C THR F 5 -17.64 6.29 -28.60
N GLN F 6 -18.47 5.91 -29.57
CA GLN F 6 -19.70 6.64 -29.86
C GLN F 6 -20.90 6.14 -29.07
N SER F 7 -21.80 7.06 -28.75
CA SER F 7 -23.13 6.71 -28.24
C SER F 7 -24.13 7.72 -28.81
N PRO F 8 -25.39 7.33 -29.04
CA PRO F 8 -25.84 5.95 -28.95
C PRO F 8 -25.46 5.15 -30.19
N ALA F 9 -25.79 3.85 -30.18
CA ALA F 9 -25.55 2.97 -31.32
C ALA F 9 -26.46 3.32 -32.47
N SER F 10 -27.75 3.48 -32.19
CA SER F 10 -28.68 4.02 -33.16
C SER F 10 -29.72 4.85 -32.45
N LEU F 11 -30.56 5.52 -33.23
CA LEU F 11 -31.33 6.66 -32.74
C LEU F 11 -32.37 7.01 -33.79
N ALA F 12 -33.62 7.25 -33.38
CA ALA F 12 -34.73 7.57 -34.31
C ALA F 12 -35.36 8.94 -34.01
N VAL F 13 -35.30 9.86 -34.97
CA VAL F 13 -35.76 11.24 -34.79
C VAL F 13 -36.83 11.61 -35.82
N SER F 14 -37.88 12.29 -35.39
CA SER F 14 -38.89 12.80 -36.32
C SER F 14 -38.35 13.95 -37.15
N LEU F 15 -39.00 14.19 -38.30
CA LEU F 15 -38.62 15.30 -39.19
C LEU F 15 -38.73 16.66 -38.50
N GLY F 16 -37.75 17.52 -38.74
CA GLY F 16 -37.72 18.84 -38.12
C GLY F 16 -37.21 18.89 -36.69
N GLN F 17 -36.77 17.76 -36.15
CA GLN F 17 -36.34 17.64 -34.75
C GLN F 17 -34.81 17.57 -34.68
N ARG F 18 -34.29 17.55 -33.46
CA ARG F 18 -32.85 17.49 -33.20
C ARG F 18 -32.39 16.07 -32.99
N ALA F 19 -31.24 15.75 -33.59
CA ALA F 19 -30.51 14.52 -33.34
C ALA F 19 -29.18 14.91 -32.74
N THR F 20 -28.82 14.28 -31.62
CA THR F 20 -27.56 14.57 -30.95
C THR F 20 -26.79 13.26 -30.81
N ILE F 21 -25.58 13.25 -31.35
CA ILE F 21 -24.70 12.06 -31.35
C ILE F 21 -23.41 12.42 -30.63
N SER F 22 -22.95 11.53 -29.74
CA SER F 22 -21.76 11.79 -28.91
C SER F 22 -20.53 10.95 -29.29
N CYS F 23 -19.36 11.42 -28.86
CA CYS F 23 -18.08 10.74 -29.11
C CYS F 23 -17.13 11.05 -27.97
N ARG F 24 -16.72 10.01 -27.25
CA ARG F 24 -15.80 10.15 -26.14
C ARG F 24 -14.46 9.52 -26.53
N ALA F 25 -13.38 10.29 -26.40
CA ALA F 25 -12.03 9.83 -26.70
C ALA F 25 -11.34 9.37 -25.41
N SER F 26 -10.49 8.34 -25.54
CA SER F 26 -9.76 7.75 -24.41
C SER F 26 -8.66 8.66 -23.84
N GLU F 27 -8.13 9.55 -24.69
CA GLU F 27 -7.15 10.57 -24.34
C GLU F 27 -7.54 11.86 -25.04
N SER F 28 -7.01 12.98 -24.57
CA SER F 28 -7.26 14.29 -25.20
C SER F 28 -6.82 14.29 -26.66
N VAL F 29 -7.63 14.91 -27.52
CA VAL F 29 -7.27 15.15 -28.93
C VAL F 29 -6.86 16.61 -29.18
N ASP F 30 -6.75 17.42 -28.11
CA ASP F 30 -6.33 18.81 -28.24
C ASP F 30 -4.85 18.87 -28.57
N ASN F 31 -4.50 19.70 -29.56
CA ASN F 31 -3.10 19.93 -29.90
C ASN F 31 -2.93 21.25 -30.65
N TYR F 32 -1.96 22.07 -30.21
CA TYR F 32 -1.74 23.42 -30.73
C TYR F 32 -3.04 24.26 -30.73
N GLY F 33 -3.82 24.16 -29.65
CA GLY F 33 -5.04 24.96 -29.50
C GLY F 33 -6.25 24.58 -30.33
N ILE F 34 -6.11 23.61 -31.23
CA ILE F 34 -7.25 23.05 -31.99
C ILE F 34 -7.60 21.67 -31.42
N SER F 35 -8.89 21.38 -31.35
CA SER F 35 -9.38 20.03 -31.05
C SER F 35 -9.52 19.25 -32.37
N SER F 36 -8.59 18.33 -32.65
CA SER F 36 -8.58 17.58 -33.91
C SER F 36 -9.60 16.44 -33.92
N MET F 37 -10.87 16.81 -34.12
CA MET F 37 -11.99 15.90 -34.14
C MET F 37 -12.84 16.18 -35.37
N ASN F 38 -13.02 15.18 -36.22
CA ASN F 38 -13.78 15.29 -37.46
C ASN F 38 -14.98 14.38 -37.42
N TRP F 39 -16.02 14.75 -38.16
CA TRP F 39 -17.23 13.92 -38.30
C TRP F 39 -17.51 13.61 -39.77
N PHE F 40 -18.05 12.41 -40.02
CA PHE F 40 -18.33 11.93 -41.37
C PHE F 40 -19.70 11.31 -41.46
N GLN F 41 -20.35 11.50 -42.61
CA GLN F 41 -21.63 10.88 -42.90
C GLN F 41 -21.36 9.80 -43.94
N GLN F 42 -21.85 8.59 -43.66
CA GLN F 42 -21.85 7.50 -44.64
C GLN F 42 -23.28 7.11 -44.95
N LYS F 43 -23.70 7.41 -46.17
CA LYS F 43 -25.00 6.96 -46.66
C LYS F 43 -24.86 5.54 -47.20
N ALA F 44 -25.98 4.84 -47.25
CA ALA F 44 -26.02 3.42 -47.70
C ALA F 44 -25.33 3.25 -49.03
N GLY F 45 -24.30 2.39 -49.04
CA GLY F 45 -23.58 2.03 -50.26
C GLY F 45 -22.60 3.06 -50.80
N GLN F 46 -22.37 4.13 -50.04
CA GLN F 46 -21.49 5.23 -50.46
C GLN F 46 -20.27 5.28 -49.58
N PRO F 47 -19.22 5.97 -50.02
CA PRO F 47 -18.12 6.27 -49.11
C PRO F 47 -18.49 7.31 -48.06
N PRO F 48 -17.72 7.39 -46.98
CA PRO F 48 -17.89 8.48 -46.04
C PRO F 48 -17.70 9.85 -46.68
N LYS F 49 -18.51 10.80 -46.26
CA LYS F 49 -18.44 12.17 -46.71
C LYS F 49 -18.06 13.06 -45.52
N PHE F 50 -17.13 13.96 -45.75
CA PHE F 50 -16.57 14.84 -44.72
C PHE F 50 -17.55 15.96 -44.36
N LEU F 51 -17.92 16.05 -43.09
CA LEU F 51 -18.89 17.06 -42.60
C LEU F 51 -18.28 18.21 -41.78
N ILE F 52 -17.57 17.85 -40.72
CA ILE F 52 -17.09 18.79 -39.71
C ILE F 52 -15.61 18.56 -39.48
N TYR F 53 -14.84 19.63 -39.31
CA TYR F 53 -13.44 19.54 -38.89
C TYR F 53 -13.18 20.39 -37.67
N ALA F 54 -12.10 20.07 -36.96
CA ALA F 54 -11.67 20.82 -35.78
C ALA F 54 -12.81 21.00 -34.76
N ALA F 55 -13.52 19.91 -34.50
CA ALA F 55 -14.63 19.82 -33.52
C ALA F 55 -15.94 20.52 -33.89
N SER F 56 -15.84 21.78 -34.34
CA SER F 56 -16.98 22.65 -34.60
C SER F 56 -17.05 23.31 -35.98
N LYS F 57 -15.94 23.40 -36.70
CA LYS F 57 -15.91 24.08 -37.99
C LYS F 57 -16.50 23.21 -39.12
N GLN F 58 -17.19 23.84 -40.06
CA GLN F 58 -17.94 23.15 -41.10
C GLN F 58 -17.18 23.08 -42.42
N GLY F 59 -17.19 21.91 -43.04
CA GLY F 59 -16.55 21.73 -44.34
C GLY F 59 -17.29 22.48 -45.43
N SER F 60 -16.59 22.77 -46.53
CA SER F 60 -17.17 23.56 -47.62
C SER F 60 -18.38 22.83 -48.22
N GLY F 61 -19.46 23.59 -48.46
CA GLY F 61 -20.71 23.05 -49.01
C GLY F 61 -21.60 22.23 -48.08
N VAL F 62 -21.22 22.09 -46.81
CA VAL F 62 -21.98 21.31 -45.82
C VAL F 62 -23.09 22.19 -45.26
N PRO F 63 -24.37 21.74 -45.33
CA PRO F 63 -25.49 22.53 -44.78
C PRO F 63 -25.30 22.97 -43.31
N ALA F 64 -25.88 24.12 -42.94
CA ALA F 64 -25.73 24.69 -41.59
C ALA F 64 -26.39 23.85 -40.47
N ARG F 65 -27.39 23.05 -40.84
CA ARG F 65 -28.04 22.13 -39.89
C ARG F 65 -27.11 21.09 -39.25
N PHE F 66 -25.97 20.81 -39.88
CA PHE F 66 -24.89 20.03 -39.27
C PHE F 66 -23.92 20.93 -38.53
N SER F 67 -23.65 20.59 -37.27
CA SER F 67 -22.71 21.38 -36.46
C SER F 67 -22.25 20.54 -35.29
N GLY F 68 -21.00 20.72 -34.92
CA GLY F 68 -20.39 19.96 -33.83
C GLY F 68 -19.98 20.87 -32.69
N SER F 69 -19.72 20.27 -31.53
CA SER F 69 -19.13 20.98 -30.41
C SER F 69 -18.25 20.05 -29.59
N GLY F 70 -17.51 20.66 -28.65
CA GLY F 70 -16.69 19.92 -27.68
C GLY F 70 -15.21 20.27 -27.67
N SER F 71 -14.50 19.62 -26.76
CA SER F 71 -13.06 19.78 -26.60
C SER F 71 -12.56 18.64 -25.73
N GLY F 72 -11.24 18.44 -25.72
CA GLY F 72 -10.61 17.45 -24.85
C GLY F 72 -10.99 16.02 -25.21
N THR F 73 -11.89 15.43 -24.40
CA THR F 73 -12.36 14.06 -24.62
C THR F 73 -13.81 13.92 -25.06
N ASP F 74 -14.69 14.89 -24.79
CA ASP F 74 -16.13 14.76 -25.08
C ASP F 74 -16.55 15.67 -26.22
N PHE F 75 -17.14 15.07 -27.24
CA PHE F 75 -17.59 15.78 -28.43
C PHE F 75 -18.97 15.34 -28.80
N SER F 76 -19.66 16.17 -29.57
CA SER F 76 -20.95 15.78 -30.12
C SER F 76 -21.24 16.45 -31.46
N LEU F 77 -22.13 15.78 -32.20
CA LEU F 77 -22.64 16.24 -33.49
C LEU F 77 -24.13 16.48 -33.32
N ILE F 78 -24.57 17.68 -33.68
CA ILE F 78 -25.97 18.06 -33.63
C ILE F 78 -26.46 18.21 -35.07
N ILE F 79 -27.62 17.61 -35.36
CA ILE F 79 -28.28 17.75 -36.66
C ILE F 79 -29.67 18.27 -36.35
N HIS F 80 -29.99 19.45 -36.87
CA HIS F 80 -31.29 20.08 -36.60
C HIS F 80 -31.51 21.23 -37.57
N PRO F 81 -32.66 21.30 -38.26
CA PRO F 81 -33.71 20.29 -38.29
C PRO F 81 -33.35 19.06 -39.14
N VAL F 82 -33.63 17.87 -38.62
CA VAL F 82 -33.44 16.63 -39.38
C VAL F 82 -34.37 16.56 -40.60
N GLU F 83 -33.84 16.06 -41.71
CA GLU F 83 -34.67 15.77 -42.91
C GLU F 83 -34.40 14.36 -43.46
N GLU F 84 -35.26 13.94 -44.39
CA GLU F 84 -35.30 12.55 -44.89
C GLU F 84 -33.95 12.02 -45.37
N ASP F 85 -33.19 12.89 -46.04
CA ASP F 85 -31.87 12.55 -46.60
C ASP F 85 -30.77 12.37 -45.56
N ASP F 86 -31.04 12.63 -44.29
CA ASP F 86 -30.05 12.47 -43.23
C ASP F 86 -29.95 11.05 -42.67
N THR F 87 -30.80 10.14 -43.14
CA THR F 87 -30.69 8.72 -42.76
C THR F 87 -29.33 8.16 -43.20
N ALA F 88 -28.54 7.71 -42.23
CA ALA F 88 -27.12 7.47 -42.46
C ALA F 88 -26.44 6.99 -41.20
N VAL F 89 -25.19 6.55 -41.35
CA VAL F 89 -24.32 6.27 -40.23
C VAL F 89 -23.34 7.40 -40.11
N TYR F 90 -23.11 7.89 -38.90
CA TYR F 90 -22.21 9.03 -38.67
C TYR F 90 -21.04 8.56 -37.83
N PHE F 91 -19.83 8.90 -38.27
CA PHE F 91 -18.59 8.49 -37.61
C PHE F 91 -17.80 9.69 -37.12
N CYS F 92 -17.28 9.63 -35.90
CA CYS F 92 -16.29 10.60 -35.42
C CYS F 92 -14.90 10.08 -35.71
N GLN F 93 -13.92 10.98 -35.76
CA GLN F 93 -12.58 10.61 -36.19
C GLN F 93 -11.53 11.61 -35.72
N GLN F 94 -10.37 11.08 -35.36
CA GLN F 94 -9.36 11.78 -34.60
C GLN F 94 -8.10 11.87 -35.44
N SER F 95 -7.52 13.07 -35.59
CA SER F 95 -6.28 13.29 -36.36
C SER F 95 -5.14 13.90 -35.54
N LYS F 96 -5.19 13.75 -34.22
CA LYS F 96 -4.18 14.35 -33.33
C LYS F 96 -2.80 13.80 -33.60
N GLY F 97 -2.75 12.51 -33.89
CA GLY F 97 -1.51 11.85 -34.30
C GLY F 97 -1.73 10.43 -34.77
N VAL F 98 -0.67 9.86 -35.35
CA VAL F 98 -0.69 8.50 -35.89
C VAL F 98 -0.71 7.51 -34.72
N PRO F 99 -1.57 6.49 -34.73
CA PRO F 99 -2.49 6.15 -35.84
C PRO F 99 -3.82 6.90 -35.80
N TYR F 100 -4.29 7.34 -36.95
CA TYR F 100 -5.60 7.98 -37.06
C TYR F 100 -6.66 6.92 -36.78
N THR F 101 -7.69 7.26 -36.00
CA THR F 101 -8.70 6.28 -35.60
C THR F 101 -10.12 6.82 -35.74
N PHE F 102 -11.05 5.92 -35.97
CA PHE F 102 -12.47 6.24 -36.13
C PHE F 102 -13.29 5.66 -34.99
N GLY F 103 -14.43 6.28 -34.72
CA GLY F 103 -15.46 5.67 -33.88
C GLY F 103 -16.15 4.53 -34.61
N GLY F 104 -17.04 3.85 -33.90
CA GLY F 104 -17.74 2.68 -34.41
C GLY F 104 -18.95 3.02 -35.24
N GLY F 105 -19.34 4.28 -35.24
CA GLY F 105 -20.50 4.74 -36.02
C GLY F 105 -21.77 4.76 -35.20
N THR F 106 -22.70 5.61 -35.59
CA THR F 106 -24.02 5.76 -34.97
C THR F 106 -25.04 5.85 -36.09
N LYS F 107 -26.12 5.09 -36.00
CA LYS F 107 -27.11 5.01 -37.08
C LYS F 107 -28.28 5.95 -36.78
N LEU F 108 -28.52 6.88 -37.69
CA LEU F 108 -29.65 7.81 -37.57
C LEU F 108 -30.77 7.37 -38.47
N GLU F 109 -31.90 7.04 -37.85
CA GLU F 109 -33.12 6.69 -38.54
C GLU F 109 -34.06 7.89 -38.48
N ILE F 110 -34.75 8.14 -39.58
CA ILE F 110 -35.77 9.17 -39.67
C ILE F 110 -37.11 8.55 -39.36
N LYS F 111 -37.78 9.07 -38.34
CA LYS F 111 -39.11 8.57 -37.97
C LYS F 111 -40.16 9.04 -38.99
N ARG F 112 -41.20 8.25 -39.16
CA ARG F 112 -42.31 8.59 -40.06
C ARG F 112 -43.55 7.80 -39.68
N ALA F 113 -44.64 8.08 -40.36
CA ALA F 113 -45.90 7.38 -40.13
C ALA F 113 -45.75 5.92 -40.54
N ASP F 114 -46.43 5.05 -39.82
CA ASP F 114 -46.41 3.63 -40.11
C ASP F 114 -46.95 3.36 -41.53
N ALA F 115 -46.45 2.31 -42.17
CA ALA F 115 -46.79 1.94 -43.54
C ALA F 115 -46.72 0.44 -43.71
N ALA F 116 -47.80 -0.15 -44.20
CA ALA F 116 -47.84 -1.60 -44.40
C ALA F 116 -47.05 -1.97 -45.64
N PRO F 117 -46.45 -3.16 -45.65
CA PRO F 117 -45.67 -3.62 -46.81
C PRO F 117 -46.53 -4.03 -47.98
N THR F 118 -46.08 -3.71 -49.20
CA THR F 118 -46.61 -4.28 -50.43
C THR F 118 -45.89 -5.59 -50.66
N VAL F 119 -46.62 -6.69 -50.69
CA VAL F 119 -46.04 -8.03 -50.70
C VAL F 119 -46.23 -8.76 -52.04
N SER F 120 -45.15 -9.30 -52.59
CA SER F 120 -45.19 -10.03 -53.84
C SER F 120 -44.52 -11.39 -53.70
N ILE F 121 -45.02 -12.40 -54.41
CA ILE F 121 -44.45 -13.75 -54.34
C ILE F 121 -44.05 -14.27 -55.72
N PHE F 122 -42.94 -15.01 -55.76
CA PHE F 122 -42.28 -15.44 -57.00
C PHE F 122 -41.84 -16.91 -56.93
N PRO F 123 -42.47 -17.79 -57.76
CA PRO F 123 -41.97 -19.16 -57.85
C PRO F 123 -40.59 -19.19 -58.46
N PRO F 124 -39.90 -20.33 -58.38
CA PRO F 124 -38.63 -20.49 -59.08
C PRO F 124 -38.75 -20.14 -60.56
N SER F 125 -37.63 -19.82 -61.19
CA SER F 125 -37.60 -19.67 -62.65
C SER F 125 -37.45 -21.03 -63.31
N SER F 126 -37.86 -21.12 -64.58
CA SER F 126 -37.64 -22.34 -65.37
C SER F 126 -36.16 -22.68 -65.43
N GLU F 127 -35.30 -21.66 -65.51
CA GLU F 127 -33.86 -21.86 -65.57
C GLU F 127 -33.32 -22.52 -64.30
N GLN F 128 -33.77 -22.04 -63.14
CA GLN F 128 -33.30 -22.58 -61.86
C GLN F 128 -33.72 -24.04 -61.63
N LEU F 129 -34.94 -24.36 -62.04
CA LEU F 129 -35.45 -25.73 -61.96
C LEU F 129 -34.62 -26.70 -62.78
N THR F 130 -34.27 -26.32 -64.00
CA THR F 130 -33.38 -27.13 -64.86
C THR F 130 -31.94 -27.32 -64.30
N SER F 131 -31.49 -26.46 -63.38
CA SER F 131 -30.24 -26.67 -62.62
C SER F 131 -30.35 -27.59 -61.41
N GLY F 132 -31.57 -27.85 -60.93
CA GLY F 132 -31.81 -28.74 -59.79
C GLY F 132 -32.02 -28.06 -58.45
N GLY F 133 -32.14 -26.73 -58.47
CA GLY F 133 -32.47 -25.95 -57.28
C GLY F 133 -33.87 -25.36 -57.40
N ALA F 134 -34.40 -24.91 -56.27
CA ALA F 134 -35.71 -24.23 -56.22
C ALA F 134 -35.74 -23.13 -55.16
N SER F 135 -35.80 -21.87 -55.60
CA SER F 135 -35.85 -20.73 -54.68
C SER F 135 -37.17 -20.00 -54.85
N VAL F 136 -37.94 -19.96 -53.77
CA VAL F 136 -39.18 -19.21 -53.70
C VAL F 136 -38.91 -17.88 -52.96
N VAL F 137 -39.18 -16.78 -53.65
CA VAL F 137 -38.84 -15.44 -53.19
C VAL F 137 -40.09 -14.63 -52.89
N CYS F 138 -39.98 -13.79 -51.86
CA CYS F 138 -41.05 -12.90 -51.44
C CYS F 138 -40.47 -11.51 -51.21
N PHE F 139 -41.04 -10.49 -51.83
CA PHE F 139 -40.64 -9.11 -51.51
C PHE F 139 -41.69 -8.43 -50.66
N LEU F 140 -41.24 -7.86 -49.55
CA LEU F 140 -42.08 -7.05 -48.68
C LEU F 140 -41.52 -5.64 -48.75
N ASN F 141 -42.16 -4.80 -49.55
CA ASN F 141 -41.62 -3.49 -49.95
C ASN F 141 -42.30 -2.27 -49.30
N ASN F 142 -41.47 -1.26 -49.01
CA ASN F 142 -41.89 0.10 -48.59
C ASN F 142 -42.74 0.12 -47.33
N PHE F 143 -42.20 -0.43 -46.25
CA PHE F 143 -42.90 -0.52 -44.96
C PHE F 143 -42.14 0.19 -43.84
N TYR F 144 -42.86 0.58 -42.80
CA TYR F 144 -42.26 1.20 -41.59
C TYR F 144 -43.12 0.89 -40.34
N PRO F 145 -42.55 0.52 -39.20
CA PRO F 145 -41.11 0.47 -38.91
C PRO F 145 -40.43 -0.78 -39.44
N LYS F 146 -39.13 -0.87 -39.20
CA LYS F 146 -38.27 -1.93 -39.72
C LYS F 146 -38.66 -3.35 -39.26
N ASP F 147 -39.18 -3.47 -38.04
CA ASP F 147 -39.51 -4.77 -37.47
C ASP F 147 -40.67 -5.46 -38.21
N ILE F 148 -40.48 -6.71 -38.59
CA ILE F 148 -41.44 -7.46 -39.39
C ILE F 148 -41.21 -8.97 -39.29
N ASN F 149 -42.27 -9.75 -39.50
CA ASN F 149 -42.22 -11.21 -39.37
C ASN F 149 -42.68 -11.81 -40.67
N VAL F 150 -41.94 -12.80 -41.16
CA VAL F 150 -42.33 -13.50 -42.38
C VAL F 150 -42.32 -15.00 -42.12
N LYS F 151 -43.45 -15.63 -42.42
CA LYS F 151 -43.66 -17.05 -42.19
C LYS F 151 -43.89 -17.74 -43.53
N TRP F 152 -43.20 -18.85 -43.75
CA TRP F 152 -43.37 -19.66 -44.96
C TRP F 152 -44.20 -20.92 -44.64
N LYS F 153 -45.18 -21.21 -45.48
CA LYS F 153 -46.00 -22.40 -45.34
C LYS F 153 -46.02 -23.19 -46.65
N ILE F 154 -45.64 -24.47 -46.57
CA ILE F 154 -45.72 -25.40 -47.69
C ILE F 154 -46.93 -26.29 -47.45
N ASP F 155 -47.91 -26.25 -48.35
CA ASP F 155 -49.21 -26.95 -48.19
C ASP F 155 -49.90 -26.65 -46.85
N GLY F 156 -49.72 -25.43 -46.34
CA GLY F 156 -50.23 -25.03 -45.03
C GLY F 156 -49.34 -25.29 -43.83
N SER F 157 -48.29 -26.12 -43.97
CA SER F 157 -47.37 -26.44 -42.85
C SER F 157 -46.19 -25.48 -42.78
N GLU F 158 -45.87 -25.03 -41.57
CA GLU F 158 -44.80 -24.04 -41.38
C GLU F 158 -43.42 -24.60 -41.70
N ARG F 159 -42.52 -23.73 -42.14
CA ARG F 159 -41.20 -24.12 -42.62
C ARG F 159 -40.17 -23.08 -42.20
N GLN F 160 -39.16 -23.49 -41.44
CA GLN F 160 -38.15 -22.58 -40.89
C GLN F 160 -36.73 -22.74 -41.47
N ASN F 161 -36.41 -23.91 -42.01
CA ASN F 161 -35.06 -24.18 -42.57
C ASN F 161 -34.94 -23.66 -44.00
N GLY F 162 -33.76 -23.14 -44.34
CA GLY F 162 -33.48 -22.59 -45.67
C GLY F 162 -33.88 -21.14 -45.91
N VAL F 163 -34.51 -20.52 -44.93
CA VAL F 163 -35.10 -19.18 -45.08
C VAL F 163 -34.00 -18.15 -44.87
N LEU F 164 -33.93 -17.14 -45.74
CA LEU F 164 -32.92 -16.09 -45.64
C LEU F 164 -33.51 -14.71 -45.94
N ASN F 165 -33.40 -13.84 -44.93
CA ASN F 165 -34.03 -12.54 -44.91
C ASN F 165 -32.99 -11.41 -44.98
N SER F 166 -33.11 -10.54 -45.98
CA SER F 166 -32.21 -9.39 -46.14
C SER F 166 -32.99 -8.08 -46.18
N TRP F 167 -32.67 -7.13 -45.30
CA TRP F 167 -33.33 -5.79 -45.29
C TRP F 167 -32.48 -4.76 -46.01
N THR F 168 -33.13 -3.84 -46.73
CA THR F 168 -32.45 -2.64 -47.23
C THR F 168 -32.21 -1.70 -46.07
N ASP F 169 -31.26 -0.80 -46.25
CA ASP F 169 -31.16 0.38 -45.37
C ASP F 169 -32.37 1.27 -45.65
N GLN F 170 -32.65 2.18 -44.72
CA GLN F 170 -33.77 3.11 -44.86
C GLN F 170 -33.61 3.97 -46.11
N ASP F 171 -34.74 4.22 -46.77
CA ASP F 171 -34.77 4.99 -48.00
C ASP F 171 -34.57 6.48 -47.71
N SER F 172 -33.83 7.16 -48.57
CA SER F 172 -33.47 8.56 -48.41
C SER F 172 -34.61 9.53 -48.72
N LYS F 173 -35.50 9.13 -49.63
CA LYS F 173 -36.64 9.97 -50.04
C LYS F 173 -37.85 9.78 -49.12
N ASP F 174 -38.31 8.54 -48.97
CA ASP F 174 -39.55 8.25 -48.23
C ASP F 174 -39.40 7.56 -46.87
N SER F 175 -38.19 7.31 -46.43
CA SER F 175 -37.93 6.83 -45.07
C SER F 175 -38.49 5.42 -44.73
N THR F 176 -38.88 4.64 -45.74
CA THR F 176 -39.36 3.27 -45.53
C THR F 176 -38.23 2.25 -45.64
N TYR F 177 -38.51 1.02 -45.18
CA TYR F 177 -37.65 -0.14 -45.41
C TYR F 177 -38.29 -1.11 -46.38
N SER F 178 -37.49 -2.01 -46.90
CA SER F 178 -37.94 -3.09 -47.78
C SER F 178 -37.17 -4.35 -47.41
N MET F 179 -37.63 -5.51 -47.87
CA MET F 179 -37.03 -6.78 -47.47
C MET F 179 -37.33 -7.95 -48.41
N SER F 180 -36.31 -8.79 -48.66
CA SER F 180 -36.43 -10.05 -49.42
C SER F 180 -36.42 -11.22 -48.45
N SER F 181 -37.32 -12.19 -48.69
CA SER F 181 -37.29 -13.46 -47.97
C SER F 181 -37.17 -14.58 -49.00
N THR F 182 -36.17 -15.43 -48.82
CA THR F 182 -35.84 -16.44 -49.82
C THR F 182 -35.82 -17.83 -49.17
N LEU F 183 -36.84 -18.64 -49.47
CA LEU F 183 -36.88 -20.05 -49.10
C LEU F 183 -36.16 -20.90 -50.15
N THR F 184 -35.11 -21.60 -49.73
CA THR F 184 -34.22 -22.36 -50.64
C THR F 184 -34.45 -23.88 -50.46
N LEU F 185 -34.93 -24.55 -51.51
CA LEU F 185 -35.24 -26.00 -51.48
C LEU F 185 -34.49 -26.76 -52.57
N THR F 186 -34.40 -28.08 -52.40
CA THR F 186 -34.02 -28.95 -53.52
C THR F 186 -35.23 -29.01 -54.47
N LYS F 187 -34.96 -29.05 -55.77
CA LYS F 187 -36.03 -29.23 -56.77
C LYS F 187 -36.94 -30.43 -56.46
N ASP F 188 -36.37 -31.56 -56.06
CA ASP F 188 -37.15 -32.75 -55.72
C ASP F 188 -38.23 -32.47 -54.69
N GLU F 189 -37.86 -31.78 -53.60
CA GLU F 189 -38.84 -31.38 -52.59
C GLU F 189 -39.83 -30.33 -53.10
N TYR F 190 -39.37 -29.38 -53.91
CA TYR F 190 -40.25 -28.38 -54.47
C TYR F 190 -41.41 -29.04 -55.23
N GLU F 191 -41.07 -30.02 -56.06
CA GLU F 191 -42.08 -30.68 -56.89
C GLU F 191 -43.01 -31.61 -56.12
N ARG F 192 -42.65 -32.01 -54.89
CA ARG F 192 -43.54 -32.80 -54.04
C ARG F 192 -44.78 -32.06 -53.55
N HIS F 193 -44.64 -30.78 -53.24
CA HIS F 193 -45.74 -30.01 -52.65
C HIS F 193 -46.35 -29.04 -53.64
N ASN F 194 -47.60 -28.66 -53.40
CA ASN F 194 -48.39 -27.87 -54.36
C ASN F 194 -48.59 -26.40 -53.97
N SER F 195 -48.88 -26.14 -52.69
CA SER F 195 -49.27 -24.80 -52.20
C SER F 195 -48.12 -24.09 -51.43
N TYR F 196 -47.66 -22.96 -51.96
CA TYR F 196 -46.53 -22.20 -51.41
C TYR F 196 -46.99 -20.82 -50.95
N THR F 197 -46.86 -20.56 -49.65
CA THR F 197 -47.44 -19.38 -49.02
C THR F 197 -46.39 -18.55 -48.28
N CYS F 198 -46.57 -17.23 -48.36
CA CYS F 198 -45.68 -16.26 -47.77
C CYS F 198 -46.54 -15.35 -46.90
N GLU F 199 -46.35 -15.43 -45.59
CA GLU F 199 -47.29 -14.85 -44.62
C GLU F 199 -46.60 -13.77 -43.79
N ALA F 200 -46.94 -12.51 -44.03
CA ALA F 200 -46.22 -11.36 -43.46
C ALA F 200 -47.02 -10.70 -42.33
N THR F 201 -46.44 -10.61 -41.14
CA THR F 201 -47.06 -9.93 -40.00
C THR F 201 -46.30 -8.65 -39.70
N HIS F 202 -47.04 -7.58 -39.42
CA HIS F 202 -46.45 -6.25 -39.22
C HIS F 202 -47.30 -5.41 -38.28
N LYS F 203 -46.66 -4.50 -37.56
CA LYS F 203 -47.32 -3.58 -36.61
C LYS F 203 -48.64 -2.94 -37.11
N THR F 204 -48.67 -2.63 -38.39
CA THR F 204 -49.81 -2.02 -39.07
C THR F 204 -51.13 -2.81 -39.05
N SER F 205 -51.06 -4.12 -38.98
CA SER F 205 -52.26 -4.97 -38.94
C SER F 205 -52.08 -6.15 -38.01
N THR F 206 -53.12 -6.47 -37.25
CA THR F 206 -53.16 -7.69 -36.45
C THR F 206 -53.22 -8.89 -37.40
N SER F 207 -54.06 -8.80 -38.43
CA SER F 207 -54.15 -9.83 -39.46
C SER F 207 -52.92 -9.84 -40.36
N PRO F 208 -52.36 -11.05 -40.60
CA PRO F 208 -51.23 -11.13 -41.52
C PRO F 208 -51.60 -10.81 -42.98
N ILE F 209 -50.63 -10.36 -43.75
CA ILE F 209 -50.77 -10.27 -45.21
C ILE F 209 -50.26 -11.57 -45.81
N VAL F 210 -51.08 -12.20 -46.66
CA VAL F 210 -50.78 -13.51 -47.24
C VAL F 210 -50.74 -13.43 -48.74
N LYS F 211 -49.67 -13.95 -49.34
CA LYS F 211 -49.59 -14.14 -50.78
C LYS F 211 -49.25 -15.60 -51.04
N SER F 212 -49.87 -16.16 -52.08
CA SER F 212 -49.72 -17.59 -52.36
C SER F 212 -49.80 -17.89 -53.85
N PHE F 213 -49.19 -19.00 -54.23
CA PHE F 213 -49.41 -19.60 -55.54
C PHE F 213 -49.51 -21.10 -55.38
N ASN F 214 -50.15 -21.74 -56.35
CA ASN F 214 -50.13 -23.20 -56.50
C ASN F 214 -49.27 -23.58 -57.70
N ARG F 215 -48.46 -24.61 -57.54
CA ARG F 215 -47.38 -24.98 -58.47
C ARG F 215 -47.68 -25.01 -59.98
N ASN F 216 -48.93 -25.24 -60.39
CA ASN F 216 -49.28 -25.35 -61.84
C ASN F 216 -50.17 -24.20 -62.33
N GLU G 1 -48.90 -4.49 -10.28
CA GLU G 1 -47.91 -5.61 -10.23
C GLU G 1 -47.21 -5.69 -11.57
N VAL G 2 -45.89 -5.77 -11.54
CA VAL G 2 -45.11 -5.86 -12.76
C VAL G 2 -45.05 -7.31 -13.22
N LYS G 3 -45.18 -7.53 -14.53
CA LYS G 3 -44.96 -8.83 -15.15
C LYS G 3 -44.23 -8.66 -16.48
N LEU G 4 -43.28 -9.57 -16.74
CA LEU G 4 -42.59 -9.68 -18.01
C LEU G 4 -42.61 -11.14 -18.41
N GLU G 5 -43.10 -11.45 -19.60
CA GLU G 5 -43.13 -12.83 -20.10
C GLU G 5 -42.36 -12.87 -21.42
N GLU G 6 -41.26 -13.64 -21.43
CA GLU G 6 -40.52 -13.90 -22.66
C GLU G 6 -41.07 -15.12 -23.39
N SER G 7 -40.83 -15.16 -24.70
CA SER G 7 -41.26 -16.26 -25.56
C SER G 7 -40.46 -16.22 -26.84
N GLY G 8 -40.45 -17.34 -27.56
CA GLY G 8 -39.71 -17.46 -28.83
C GLY G 8 -38.34 -18.13 -28.73
N GLY G 9 -37.96 -18.59 -27.53
CA GLY G 9 -36.75 -19.38 -27.37
C GLY G 9 -36.92 -20.79 -27.96
N GLY G 10 -35.79 -21.46 -28.14
CA GLY G 10 -35.79 -22.83 -28.63
C GLY G 10 -34.46 -23.23 -29.24
N LEU G 11 -34.53 -24.11 -30.25
CA LEU G 11 -33.37 -24.65 -30.93
C LEU G 11 -33.17 -24.03 -32.32
N VAL G 12 -31.93 -23.70 -32.65
CA VAL G 12 -31.56 -23.16 -33.98
C VAL G 12 -30.18 -23.68 -34.35
N GLN G 13 -29.96 -23.90 -35.65
CA GLN G 13 -28.67 -24.33 -36.16
C GLN G 13 -27.69 -23.13 -36.22
N PRO G 14 -26.36 -23.38 -36.10
CA PRO G 14 -25.40 -22.25 -36.21
C PRO G 14 -25.50 -21.48 -37.53
N GLY G 15 -25.55 -20.15 -37.45
CA GLY G 15 -25.77 -19.28 -38.60
C GLY G 15 -27.22 -18.88 -38.81
N GLY G 16 -28.17 -19.55 -38.15
CA GLY G 16 -29.61 -19.27 -38.30
C GLY G 16 -30.07 -18.01 -37.57
N SER G 17 -31.40 -17.84 -37.52
CA SER G 17 -32.03 -16.67 -36.90
C SER G 17 -33.13 -17.03 -35.94
N MET G 18 -33.37 -16.12 -34.99
CA MET G 18 -34.48 -16.27 -34.06
C MET G 18 -34.94 -14.91 -33.55
N LYS G 19 -36.24 -14.80 -33.28
CA LYS G 19 -36.84 -13.57 -32.75
C LYS G 19 -37.43 -13.83 -31.37
N LEU G 20 -36.83 -13.20 -30.34
CA LEU G 20 -37.40 -13.23 -28.99
C LEU G 20 -38.33 -12.05 -28.81
N SER G 21 -39.36 -12.28 -27.99
CA SER G 21 -40.44 -11.33 -27.74
C SER G 21 -40.70 -11.25 -26.23
N CYS G 22 -40.98 -10.05 -25.74
CA CYS G 22 -41.15 -9.78 -24.31
C CYS G 22 -42.40 -8.93 -24.09
N ALA G 23 -43.44 -9.55 -23.51
CA ALA G 23 -44.71 -8.86 -23.20
C ALA G 23 -44.70 -8.32 -21.76
N ALA G 24 -44.75 -7.00 -21.60
CA ALA G 24 -44.66 -6.35 -20.29
C ALA G 24 -45.96 -5.70 -19.88
N SER G 25 -46.28 -5.77 -18.59
CA SER G 25 -47.40 -5.00 -18.03
C SER G 25 -47.08 -4.54 -16.61
N GLY G 26 -47.92 -3.68 -16.05
CA GLY G 26 -47.82 -3.23 -14.65
C GLY G 26 -47.06 -1.94 -14.39
N PHE G 27 -46.65 -1.26 -15.46
CA PHE G 27 -45.94 0.00 -15.36
C PHE G 27 -46.07 0.76 -16.67
N THR G 28 -45.79 2.06 -16.63
CA THR G 28 -45.92 2.89 -17.82
C THR G 28 -44.85 2.47 -18.85
N PHE G 29 -45.27 1.65 -19.81
CA PHE G 29 -44.36 1.04 -20.75
C PHE G 29 -43.61 2.05 -21.59
N SER G 30 -44.31 3.02 -22.14
CA SER G 30 -43.69 4.00 -23.02
C SER G 30 -42.53 4.75 -22.35
N ASP G 31 -42.60 4.96 -21.03
CA ASP G 31 -41.50 5.58 -20.27
C ASP G 31 -40.32 4.66 -19.96
N ALA G 32 -40.54 3.36 -19.85
CA ALA G 32 -39.49 2.47 -19.39
C ALA G 32 -38.41 2.25 -20.43
N TRP G 33 -37.16 2.24 -19.95
CA TRP G 33 -36.02 1.77 -20.73
C TRP G 33 -36.00 0.27 -20.52
N MET G 34 -35.88 -0.49 -21.60
CA MET G 34 -35.92 -1.96 -21.57
C MET G 34 -34.59 -2.53 -22.06
N ASP G 35 -34.25 -3.72 -21.58
CA ASP G 35 -32.98 -4.39 -21.89
C ASP G 35 -33.18 -5.90 -22.09
N TRP G 36 -32.18 -6.53 -22.70
CA TRP G 36 -32.07 -8.00 -22.68
C TRP G 36 -30.74 -8.37 -22.03
N VAL G 37 -30.80 -9.38 -21.18
CA VAL G 37 -29.62 -9.92 -20.49
C VAL G 37 -29.66 -11.43 -20.69
N ARG G 38 -28.49 -12.05 -20.83
CA ARG G 38 -28.40 -13.51 -20.97
C ARG G 38 -27.48 -14.14 -19.92
N GLN G 39 -27.74 -15.40 -19.62
CA GLN G 39 -26.93 -16.12 -18.66
C GLN G 39 -26.50 -17.47 -19.21
N SER G 40 -25.22 -17.77 -19.03
CA SER G 40 -24.66 -19.09 -19.33
C SER G 40 -23.69 -19.45 -18.22
N PRO G 41 -23.40 -20.75 -18.05
CA PRO G 41 -22.37 -21.13 -17.07
C PRO G 41 -20.96 -20.63 -17.40
N GLU G 42 -20.63 -20.47 -18.68
CA GLU G 42 -19.28 -20.06 -19.07
C GLU G 42 -19.09 -18.57 -18.86
N LYS G 43 -20.02 -17.77 -19.39
CA LYS G 43 -19.90 -16.31 -19.37
C LYS G 43 -20.57 -15.61 -18.18
N GLY G 44 -21.42 -16.32 -17.44
CA GLY G 44 -22.19 -15.71 -16.35
C GLY G 44 -23.29 -14.85 -16.93
N LEU G 45 -23.55 -13.72 -16.27
CA LEU G 45 -24.58 -12.76 -16.71
C LEU G 45 -23.97 -11.70 -17.60
N GLU G 46 -24.42 -11.60 -18.86
CA GLU G 46 -24.02 -10.53 -19.79
C GLU G 46 -25.23 -9.72 -20.25
N TRP G 47 -25.11 -8.41 -20.12
CA TRP G 47 -26.01 -7.47 -20.76
C TRP G 47 -25.84 -7.62 -22.26
N VAL G 48 -26.95 -7.58 -22.98
CA VAL G 48 -26.95 -7.81 -24.42
C VAL G 48 -27.32 -6.55 -25.20
N ALA G 49 -28.49 -5.99 -24.89
CA ALA G 49 -29.00 -4.85 -25.64
C ALA G 49 -29.89 -3.95 -24.79
N GLU G 50 -29.95 -2.68 -25.17
CA GLU G 50 -30.79 -1.69 -24.52
C GLU G 50 -31.62 -0.98 -25.58
N ILE G 51 -32.86 -0.66 -25.24
CA ILE G 51 -33.65 0.33 -25.97
C ILE G 51 -34.29 1.31 -24.97
N ARG G 52 -34.17 2.59 -25.26
CA ARG G 52 -34.66 3.65 -24.37
C ARG G 52 -36.01 4.18 -24.82
N ASN G 53 -36.55 5.13 -24.06
CA ASN G 53 -37.91 5.68 -24.30
C ASN G 53 -37.94 6.71 -25.43
N LYS G 54 -39.16 7.15 -25.77
CA LYS G 54 -39.36 8.15 -26.83
C LYS G 54 -38.59 9.47 -26.57
N VAL G 55 -38.43 9.85 -25.31
CA VAL G 55 -37.71 11.08 -24.96
C VAL G 55 -36.21 10.99 -25.27
N ASN G 56 -35.65 9.78 -25.18
CA ASN G 56 -34.25 9.50 -25.60
C ASN G 56 -34.16 8.94 -27.02
N ASN G 57 -35.13 9.27 -27.87
CA ASN G 57 -35.12 8.92 -29.29
C ASN G 57 -35.06 7.39 -29.57
N HIS G 58 -35.61 6.58 -28.66
CA HIS G 58 -35.56 5.13 -28.80
C HIS G 58 -34.14 4.62 -29.06
N ALA G 59 -33.19 5.21 -28.35
CA ALA G 59 -31.78 4.93 -28.59
C ALA G 59 -31.49 3.48 -28.28
N THR G 60 -30.77 2.81 -29.16
CA THR G 60 -30.36 1.45 -28.93
C THR G 60 -28.88 1.38 -28.62
N ASN G 61 -28.50 0.35 -27.88
CA ASN G 61 -27.11 0.06 -27.57
C ASN G 61 -26.96 -1.46 -27.54
N TYR G 62 -25.75 -1.93 -27.81
CA TYR G 62 -25.48 -3.37 -27.81
C TYR G 62 -24.14 -3.71 -27.21
N ALA G 63 -24.03 -4.94 -26.72
CA ALA G 63 -22.75 -5.48 -26.31
C ALA G 63 -21.94 -5.75 -27.55
N GLU G 64 -20.62 -5.56 -27.45
CA GLU G 64 -19.71 -5.72 -28.57
C GLU G 64 -19.88 -7.07 -29.26
N SER G 65 -20.10 -8.14 -28.51
CA SER G 65 -20.13 -9.47 -29.11
C SER G 65 -21.36 -9.75 -29.95
N VAL G 66 -22.36 -8.87 -29.92
CA VAL G 66 -23.58 -9.05 -30.70
C VAL G 66 -23.86 -7.96 -31.76
N LYS G 67 -22.95 -6.99 -31.91
CA LYS G 67 -23.13 -5.90 -32.87
C LYS G 67 -23.23 -6.41 -34.28
N GLY G 68 -24.15 -5.86 -35.06
CA GLY G 68 -24.38 -6.30 -36.44
C GLY G 68 -25.21 -7.56 -36.60
N ARG G 69 -25.43 -8.30 -35.52
CA ARG G 69 -26.13 -9.57 -35.54
C ARG G 69 -27.49 -9.44 -34.84
N PHE G 70 -27.50 -8.83 -33.66
CA PHE G 70 -28.70 -8.70 -32.85
C PHE G 70 -29.32 -7.33 -33.07
N THR G 71 -30.64 -7.25 -33.12
CA THR G 71 -31.38 -5.98 -33.26
C THR G 71 -32.53 -5.94 -32.27
N ILE G 72 -32.54 -4.91 -31.42
CA ILE G 72 -33.59 -4.70 -30.43
C ILE G 72 -34.57 -3.66 -30.95
N SER G 73 -35.84 -3.79 -30.57
CA SER G 73 -36.88 -2.83 -30.98
C SER G 73 -38.08 -2.97 -30.06
N ARG G 74 -39.03 -2.06 -30.20
CA ARG G 74 -40.21 -2.05 -29.33
C ARG G 74 -41.45 -1.52 -30.03
N ASP G 75 -42.60 -2.05 -29.62
CA ASP G 75 -43.90 -1.57 -30.04
C ASP G 75 -44.58 -1.00 -28.79
N ASP G 76 -44.49 0.32 -28.63
CA ASP G 76 -45.10 0.98 -27.46
C ASP G 76 -46.63 0.83 -27.43
N SER G 77 -47.28 0.68 -28.58
CA SER G 77 -48.73 0.44 -28.59
C SER G 77 -49.13 -0.93 -28.01
N ARG G 78 -48.26 -1.93 -28.09
CA ARG G 78 -48.54 -3.28 -27.55
C ARG G 78 -47.76 -3.68 -26.30
N SER G 79 -46.91 -2.78 -25.78
CA SER G 79 -46.08 -3.05 -24.61
C SER G 79 -45.21 -4.29 -24.82
N VAL G 80 -44.50 -4.32 -25.93
CA VAL G 80 -43.69 -5.49 -26.30
C VAL G 80 -42.32 -5.01 -26.75
N VAL G 81 -41.29 -5.79 -26.37
CA VAL G 81 -39.92 -5.58 -26.81
C VAL G 81 -39.52 -6.83 -27.58
N TYR G 82 -38.82 -6.61 -28.67
CA TYR G 82 -38.36 -7.68 -29.54
C TYR G 82 -36.83 -7.75 -29.51
N LEU G 83 -36.29 -8.93 -29.77
CA LEU G 83 -34.87 -9.13 -30.03
C LEU G 83 -34.69 -10.06 -31.23
N GLN G 84 -34.29 -9.48 -32.35
CA GLN G 84 -34.01 -10.20 -33.60
C GLN G 84 -32.54 -10.60 -33.57
N MET G 85 -32.28 -11.90 -33.60
CA MET G 85 -30.91 -12.42 -33.59
C MET G 85 -30.61 -13.12 -34.93
N ASN G 86 -29.54 -12.68 -35.60
CA ASN G 86 -29.07 -13.25 -36.87
C ASN G 86 -27.67 -13.83 -36.73
N ASN G 87 -27.39 -14.87 -37.51
CA ASN G 87 -26.04 -15.46 -37.60
C ASN G 87 -25.58 -16.02 -36.24
N LEU G 88 -26.44 -16.84 -35.65
CA LEU G 88 -26.25 -17.31 -34.28
C LEU G 88 -25.08 -18.30 -34.17
N LYS G 89 -24.31 -18.15 -33.11
CA LYS G 89 -23.15 -19.02 -32.83
C LYS G 89 -23.46 -19.89 -31.61
N PRO G 90 -22.69 -20.98 -31.39
CA PRO G 90 -22.94 -21.77 -30.18
C PRO G 90 -22.74 -20.98 -28.89
N GLU G 91 -21.79 -20.06 -28.90
CA GLU G 91 -21.54 -19.17 -27.73
C GLU G 91 -22.74 -18.28 -27.37
N ASP G 92 -23.69 -18.07 -28.27
CA ASP G 92 -24.96 -17.37 -27.96
C ASP G 92 -25.98 -18.23 -27.19
N THR G 93 -25.65 -19.49 -26.90
CA THR G 93 -26.53 -20.35 -26.11
C THR G 93 -26.62 -19.86 -24.69
N GLY G 94 -27.83 -19.90 -24.15
CA GLY G 94 -28.07 -19.53 -22.74
C GLY G 94 -29.53 -19.16 -22.46
N ILE G 95 -29.77 -18.65 -21.26
CA ILE G 95 -31.10 -18.22 -20.83
C ILE G 95 -31.18 -16.72 -21.05
N TYR G 96 -32.20 -16.27 -21.76
CA TYR G 96 -32.36 -14.85 -22.17
C TYR G 96 -33.48 -14.19 -21.38
N TYR G 97 -33.09 -13.24 -20.50
CA TYR G 97 -34.04 -12.48 -19.69
C TYR G 97 -34.35 -11.13 -20.33
N CYS G 98 -35.62 -10.77 -20.29
CA CYS G 98 -36.07 -9.44 -20.64
C CYS G 98 -36.23 -8.65 -19.35
N THR G 99 -35.69 -7.44 -19.32
CA THR G 99 -35.72 -6.59 -18.13
C THR G 99 -36.31 -5.20 -18.43
N GLY G 100 -37.05 -4.67 -17.48
CA GLY G 100 -37.67 -3.35 -17.60
C GLY G 100 -37.20 -2.39 -16.52
N LEU G 101 -37.18 -1.10 -16.85
CA LEU G 101 -36.63 -0.05 -16.01
C LEU G 101 -35.18 -0.38 -15.66
N THR G 102 -34.39 -0.36 -16.73
CA THR G 102 -33.10 -1.01 -16.82
C THR G 102 -33.17 -2.42 -16.18
N PHE G 103 -32.67 -2.61 -14.96
CA PHE G 103 -32.69 -3.94 -14.32
C PHE G 103 -33.53 -3.99 -13.04
N ASP G 104 -34.53 -3.13 -12.91
CA ASP G 104 -35.44 -3.17 -11.75
C ASP G 104 -36.31 -4.42 -11.73
N TYR G 105 -36.80 -4.82 -12.92
CA TYR G 105 -37.75 -5.92 -13.04
C TYR G 105 -37.28 -6.91 -14.10
N TRP G 106 -37.40 -8.21 -13.81
CA TRP G 106 -36.92 -9.27 -14.69
C TRP G 106 -37.98 -10.31 -14.94
N GLY G 107 -38.05 -10.80 -16.17
CA GLY G 107 -38.94 -11.93 -16.51
C GLY G 107 -38.34 -13.25 -16.08
N GLN G 108 -39.09 -14.32 -16.29
CA GLN G 108 -38.63 -15.68 -15.93
C GLN G 108 -37.57 -16.21 -16.87
N GLY G 109 -37.56 -15.71 -18.10
CA GLY G 109 -36.53 -16.03 -19.07
C GLY G 109 -36.96 -17.12 -20.06
N THR G 110 -36.24 -17.19 -21.18
CA THR G 110 -36.47 -18.20 -22.20
C THR G 110 -35.13 -18.75 -22.68
N THR G 111 -35.08 -20.05 -22.95
CA THR G 111 -33.83 -20.73 -23.28
C THR G 111 -33.58 -20.70 -24.78
N LEU G 112 -32.33 -20.47 -25.16
CA LEU G 112 -31.87 -20.52 -26.55
C LEU G 112 -30.75 -21.54 -26.62
N THR G 113 -30.90 -22.55 -27.47
CA THR G 113 -29.86 -23.52 -27.74
C THR G 113 -29.45 -23.41 -29.23
N VAL G 114 -28.17 -23.14 -29.47
CA VAL G 114 -27.61 -23.05 -30.82
C VAL G 114 -26.74 -24.27 -31.03
N SER G 115 -27.24 -25.23 -31.82
CA SER G 115 -26.58 -26.54 -32.02
C SER G 115 -27.04 -27.22 -33.32
N SER G 116 -26.29 -28.21 -33.77
CA SER G 116 -26.60 -28.97 -34.97
C SER G 116 -27.48 -30.19 -34.67
N ALA G 117 -27.44 -30.64 -33.40
CA ALA G 117 -28.13 -31.84 -33.01
C ALA G 117 -29.63 -31.73 -33.27
N LYS G 118 -30.25 -32.85 -33.43
CA LYS G 118 -31.68 -32.93 -33.80
C LYS G 118 -32.50 -33.15 -32.53
N THR G 119 -33.74 -32.69 -32.58
CA THR G 119 -34.71 -32.92 -31.53
C THR G 119 -34.87 -34.41 -31.30
N THR G 120 -34.78 -34.82 -30.04
CA THR G 120 -34.95 -36.19 -29.63
C THR G 120 -35.81 -36.26 -28.40
N ALA G 121 -36.88 -37.05 -28.42
CA ALA G 121 -37.74 -37.25 -27.26
C ALA G 121 -37.02 -38.05 -26.18
N PRO G 122 -37.38 -37.85 -24.92
CA PRO G 122 -36.82 -38.65 -23.85
C PRO G 122 -37.43 -40.05 -23.83
N SER G 123 -36.70 -40.98 -23.23
CA SER G 123 -37.27 -42.22 -22.72
C SER G 123 -37.50 -41.98 -21.22
N VAL G 124 -38.66 -42.40 -20.71
CA VAL G 124 -39.02 -42.16 -19.34
C VAL G 124 -39.20 -43.48 -18.62
N TYR G 125 -38.37 -43.74 -17.60
CA TYR G 125 -38.37 -45.00 -16.88
C TYR G 125 -38.74 -44.80 -15.41
N PRO G 126 -39.63 -45.66 -14.86
CA PRO G 126 -39.93 -45.61 -13.43
C PRO G 126 -38.86 -46.32 -12.63
N LEU G 127 -38.64 -45.91 -11.40
CA LEU G 127 -37.64 -46.55 -10.55
C LEU G 127 -38.24 -46.93 -9.20
N ALA G 128 -38.64 -48.20 -9.11
CA ALA G 128 -39.18 -48.79 -7.89
C ALA G 128 -38.04 -49.34 -7.05
N PRO G 129 -38.23 -49.42 -5.72
CA PRO G 129 -37.17 -49.99 -4.87
C PRO G 129 -36.84 -51.47 -5.16
N VAL G 130 -35.72 -51.91 -4.59
CA VAL G 130 -35.21 -53.27 -4.76
C VAL G 130 -36.24 -54.31 -4.32
N CYS G 131 -36.32 -55.40 -5.08
CA CYS G 131 -37.45 -56.37 -5.01
C CYS G 131 -37.86 -56.77 -3.61
N GLY G 132 -36.90 -57.05 -2.71
CA GLY G 132 -37.20 -57.35 -1.30
C GLY G 132 -38.10 -56.30 -0.65
N THR G 135 -38.44 -52.07 3.85
CA THR G 135 -38.06 -52.42 5.21
C THR G 135 -38.25 -51.29 6.24
N GLY G 136 -37.70 -50.10 5.98
CA GLY G 136 -37.73 -48.96 6.92
C GLY G 136 -39.02 -48.14 7.02
N SER G 137 -38.93 -46.98 7.67
CA SER G 137 -40.13 -46.13 7.89
C SER G 137 -40.55 -45.47 6.57
N SER G 138 -39.80 -44.45 6.10
CA SER G 138 -39.99 -43.91 4.75
C SER G 138 -39.50 -44.86 3.66
N VAL G 139 -39.90 -44.58 2.43
CA VAL G 139 -39.42 -45.30 1.23
C VAL G 139 -39.19 -44.27 0.13
N THR G 140 -38.21 -44.53 -0.72
CA THR G 140 -37.82 -43.59 -1.76
C THR G 140 -38.03 -44.21 -3.15
N LEU G 141 -38.70 -43.45 -4.03
CA LEU G 141 -38.93 -43.81 -5.43
C LEU G 141 -38.22 -42.86 -6.34
N GLY G 142 -38.08 -43.26 -7.59
CA GLY G 142 -37.37 -42.45 -8.59
C GLY G 142 -37.99 -42.48 -9.96
N CYS G 143 -37.50 -41.58 -10.81
CA CYS G 143 -37.94 -41.47 -12.19
C CYS G 143 -36.75 -41.02 -13.03
N LEU G 144 -36.40 -41.80 -14.04
CA LEU G 144 -35.26 -41.49 -14.90
C LEU G 144 -35.75 -40.97 -16.23
N VAL G 145 -35.17 -39.86 -16.68
CA VAL G 145 -35.54 -39.24 -17.96
C VAL G 145 -34.25 -39.18 -18.78
N LYS G 146 -34.19 -39.95 -19.86
CA LYS G 146 -32.92 -40.21 -20.56
C LYS G 146 -33.01 -39.97 -22.07
N GLY G 147 -31.93 -39.45 -22.62
CA GLY G 147 -31.74 -39.32 -24.06
C GLY G 147 -32.63 -38.30 -24.75
N TYR G 148 -32.78 -37.11 -24.15
CA TYR G 148 -33.56 -36.04 -24.78
C TYR G 148 -32.68 -34.89 -25.21
N PHE G 149 -33.21 -34.09 -26.13
CA PHE G 149 -32.56 -32.87 -26.61
C PHE G 149 -33.60 -32.06 -27.38
N PRO G 150 -33.62 -30.73 -27.26
CA PRO G 150 -32.78 -29.94 -26.35
C PRO G 150 -33.44 -29.81 -24.99
N GLU G 151 -32.90 -28.92 -24.13
CA GLU G 151 -33.60 -28.56 -22.91
C GLU G 151 -34.77 -27.65 -23.24
N PRO G 152 -35.79 -27.53 -22.38
CA PRO G 152 -35.91 -28.24 -21.11
C PRO G 152 -36.90 -29.39 -21.18
N VAL G 153 -36.91 -30.16 -20.09
CA VAL G 153 -38.07 -30.97 -19.70
C VAL G 153 -38.62 -30.40 -18.40
N THR G 154 -39.89 -30.67 -18.15
CA THR G 154 -40.51 -30.44 -16.86
C THR G 154 -40.89 -31.80 -16.28
N LEU G 155 -40.60 -31.97 -14.98
CA LEU G 155 -40.96 -33.17 -14.24
C LEU G 155 -41.71 -32.80 -12.96
N THR G 156 -42.85 -33.46 -12.73
CA THR G 156 -43.61 -33.36 -11.47
C THR G 156 -44.06 -34.75 -11.02
N TRP G 157 -44.49 -34.83 -9.77
CA TRP G 157 -45.04 -36.04 -9.19
C TRP G 157 -46.51 -35.79 -8.81
N ASN G 158 -47.41 -36.64 -9.29
CA ASN G 158 -48.87 -36.44 -9.15
C ASN G 158 -49.31 -35.02 -9.54
N SER G 159 -48.82 -34.56 -10.68
CA SER G 159 -49.12 -33.25 -11.26
C SER G 159 -48.78 -32.03 -10.38
N GLY G 160 -47.82 -32.20 -9.48
CA GLY G 160 -47.45 -31.15 -8.52
C GLY G 160 -47.99 -31.34 -7.12
N SER G 161 -48.94 -32.26 -6.94
CA SER G 161 -49.50 -32.60 -5.60
C SER G 161 -48.41 -32.98 -4.61
N LEU G 162 -47.44 -33.77 -5.06
CA LEU G 162 -46.35 -34.24 -4.22
C LEU G 162 -45.17 -33.30 -4.51
N SER G 163 -45.02 -32.30 -3.65
CA SER G 163 -44.02 -31.24 -3.75
C SER G 163 -42.89 -31.47 -2.75
N SER G 164 -43.23 -31.69 -1.47
CA SER G 164 -42.24 -31.92 -0.44
C SER G 164 -41.68 -33.35 -0.53
N GLY G 165 -40.44 -33.51 -0.07
CA GLY G 165 -39.72 -34.75 -0.20
C GLY G 165 -39.25 -35.08 -1.61
N VAL G 166 -39.21 -34.08 -2.49
CA VAL G 166 -38.83 -34.25 -3.91
C VAL G 166 -37.48 -33.61 -4.19
N HIS G 167 -36.65 -34.32 -4.95
CA HIS G 167 -35.36 -33.82 -5.42
C HIS G 167 -35.27 -34.10 -6.90
N THR G 168 -35.19 -33.05 -7.70
CA THR G 168 -35.12 -33.15 -9.15
C THR G 168 -33.79 -32.58 -9.56
N PHE G 169 -32.95 -33.41 -10.17
CA PHE G 169 -31.56 -33.09 -10.35
C PHE G 169 -31.32 -32.37 -11.65
N PRO G 170 -30.34 -31.45 -11.69
CA PRO G 170 -30.02 -30.78 -12.96
C PRO G 170 -29.63 -31.78 -14.05
N ALA G 171 -30.07 -31.47 -15.27
CA ALA G 171 -29.75 -32.31 -16.43
C ALA G 171 -28.27 -32.23 -16.77
N LEU G 172 -27.71 -33.37 -17.18
CA LEU G 172 -26.33 -33.45 -17.64
C LEU G 172 -26.28 -34.01 -19.05
N LEU G 173 -25.23 -33.60 -19.77
CA LEU G 173 -25.06 -33.92 -21.19
C LEU G 173 -24.25 -35.22 -21.37
N LEU G 174 -24.97 -36.35 -21.45
CA LEU G 174 -24.36 -37.67 -21.71
C LEU G 174 -24.14 -37.86 -23.23
N SER G 175 -23.01 -37.36 -23.72
CA SER G 175 -22.61 -37.48 -25.15
C SER G 175 -23.63 -36.88 -26.14
N GLY G 176 -23.89 -35.58 -25.99
CA GLY G 176 -24.81 -34.83 -26.86
C GLY G 176 -26.31 -35.07 -26.65
N LEU G 177 -26.67 -35.76 -25.57
CA LEU G 177 -28.08 -36.01 -25.19
C LEU G 177 -28.26 -35.89 -23.67
N TYR G 178 -29.34 -35.22 -23.24
CA TYR G 178 -29.55 -34.91 -21.82
C TYR G 178 -30.17 -36.03 -21.01
N THR G 179 -29.78 -36.10 -19.73
CA THR G 179 -30.31 -37.06 -18.75
C THR G 179 -30.49 -36.35 -17.39
N LEU G 180 -31.73 -36.42 -16.88
CA LEU G 180 -31.98 -36.06 -15.48
C LEU G 180 -32.79 -37.14 -14.81
N SER G 181 -32.68 -37.16 -13.48
CA SER G 181 -33.44 -38.05 -12.64
C SER G 181 -34.23 -37.20 -11.66
N SER G 182 -35.18 -37.82 -10.98
CA SER G 182 -35.85 -37.18 -9.84
C SER G 182 -36.20 -38.23 -8.79
N SER G 183 -36.03 -37.90 -7.52
CA SER G 183 -36.36 -38.80 -6.41
C SER G 183 -37.55 -38.25 -5.68
N VAL G 184 -38.31 -39.11 -5.02
CA VAL G 184 -39.37 -38.69 -4.10
C VAL G 184 -39.43 -39.64 -2.91
N THR G 185 -39.56 -39.08 -1.71
CA THR G 185 -39.58 -39.88 -0.48
C THR G 185 -40.87 -39.63 0.29
N VAL G 186 -41.60 -40.70 0.56
CA VAL G 186 -42.85 -40.71 1.32
C VAL G 186 -42.79 -41.80 2.39
N THR G 187 -43.71 -41.78 3.35
CA THR G 187 -43.79 -42.82 4.39
C THR G 187 -44.28 -44.12 3.75
N SER G 188 -43.77 -45.27 4.19
CA SER G 188 -44.15 -46.58 3.60
C SER G 188 -45.62 -46.98 3.81
N ASN G 189 -46.33 -46.26 4.68
CA ASN G 189 -47.80 -46.32 4.77
C ASN G 189 -48.42 -45.89 3.44
N THR G 190 -47.84 -44.87 2.83
CA THR G 190 -48.35 -44.28 1.57
C THR G 190 -48.19 -45.19 0.35
N TRP G 191 -47.10 -45.94 0.25
CA TRP G 191 -46.76 -46.68 -0.98
C TRP G 191 -46.41 -48.15 -0.66
N PRO G 192 -46.95 -49.12 -1.41
CA PRO G 192 -47.75 -48.92 -2.64
C PRO G 192 -49.26 -48.75 -2.49
N SER G 193 -49.74 -48.34 -1.31
CA SER G 193 -51.19 -48.15 -1.05
C SER G 193 -51.79 -47.13 -2.00
N GLN G 194 -51.07 -46.02 -2.17
CA GLN G 194 -51.45 -44.95 -3.08
C GLN G 194 -50.60 -44.96 -4.34
N THR G 195 -51.24 -44.58 -5.43
CA THR G 195 -50.60 -44.42 -6.72
C THR G 195 -49.71 -43.19 -6.69
N ILE G 196 -48.47 -43.36 -7.12
CA ILE G 196 -47.54 -42.24 -7.30
C ILE G 196 -47.11 -42.29 -8.76
N THR G 197 -47.28 -41.17 -9.46
CA THR G 197 -47.04 -41.08 -10.89
C THR G 197 -46.02 -40.00 -11.20
N CYS G 198 -45.03 -40.35 -12.00
CA CYS G 198 -44.04 -39.42 -12.53
C CYS G 198 -44.61 -38.76 -13.79
N ASN G 199 -44.74 -37.43 -13.81
CA ASN G 199 -45.27 -36.69 -14.98
C ASN G 199 -44.15 -35.95 -15.70
N VAL G 200 -43.92 -36.27 -16.97
CA VAL G 200 -42.81 -35.73 -17.74
C VAL G 200 -43.30 -35.12 -19.04
N ALA G 201 -42.80 -33.93 -19.34
CA ALA G 201 -43.13 -33.22 -20.58
C ALA G 201 -41.86 -32.75 -21.22
N HIS G 202 -41.82 -32.78 -22.55
CA HIS G 202 -40.70 -32.27 -23.34
C HIS G 202 -41.29 -31.51 -24.51
N PRO G 203 -41.52 -30.20 -24.33
CA PRO G 203 -42.19 -29.36 -25.33
C PRO G 203 -41.62 -29.52 -26.74
N ALA G 204 -40.29 -29.47 -26.86
CA ALA G 204 -39.61 -29.51 -28.17
C ALA G 204 -39.99 -30.67 -29.10
N SER G 205 -40.34 -31.82 -28.51
CA SER G 205 -40.74 -32.99 -29.29
C SER G 205 -42.23 -33.35 -29.11
N SER G 206 -43.01 -32.48 -28.49
CA SER G 206 -44.41 -32.74 -28.14
C SER G 206 -44.61 -34.02 -27.30
N THR G 207 -43.62 -34.36 -26.47
CA THR G 207 -43.68 -35.55 -25.66
C THR G 207 -44.35 -35.23 -24.32
N LYS G 208 -45.20 -36.14 -23.86
CA LYS G 208 -45.96 -35.96 -22.63
C LYS G 208 -46.24 -37.35 -22.07
N VAL G 209 -45.55 -37.70 -20.96
CA VAL G 209 -45.58 -39.08 -20.42
C VAL G 209 -45.89 -39.09 -18.95
N ASP G 210 -46.78 -39.99 -18.54
CA ASP G 210 -47.09 -40.26 -17.15
C ASP G 210 -46.72 -41.72 -16.88
N LYS G 211 -45.70 -41.95 -16.05
CA LYS G 211 -45.33 -43.29 -15.64
C LYS G 211 -45.70 -43.50 -14.18
N LYS G 212 -46.59 -44.45 -13.93
CA LYS G 212 -46.87 -44.93 -12.59
C LYS G 212 -45.66 -45.74 -12.08
N ILE G 213 -45.42 -45.69 -10.78
CA ILE G 213 -44.34 -46.47 -10.16
C ILE G 213 -44.95 -47.71 -9.52
N GLU G 214 -44.48 -48.90 -9.90
CA GLU G 214 -45.04 -50.18 -9.43
C GLU G 214 -43.97 -51.16 -8.90
N PRO G 215 -44.28 -51.92 -7.83
CA PRO G 215 -43.34 -52.92 -7.33
C PRO G 215 -42.96 -54.01 -8.36
N ARG G 216 -41.82 -54.63 -8.12
CA ARG G 216 -41.27 -55.62 -9.03
C ARG G 216 -41.76 -57.02 -8.65
N GLY G 217 -42.04 -57.83 -9.67
CA GLY G 217 -42.58 -59.20 -9.51
C GLY G 217 -41.51 -60.24 -9.80
N ASP H 1 -14.52 -1.26 -21.22
CA ASP H 1 -15.52 -1.90 -20.33
C ASP H 1 -15.01 -1.90 -18.89
N ILE H 2 -15.92 -1.72 -17.95
CA ILE H 2 -15.57 -1.74 -16.53
C ILE H 2 -15.76 -3.19 -16.06
N VAL H 3 -14.67 -3.80 -15.60
CA VAL H 3 -14.69 -5.16 -15.12
C VAL H 3 -14.94 -5.19 -13.61
N LEU H 4 -15.91 -6.00 -13.18
CA LEU H 4 -16.19 -6.23 -11.76
C LEU H 4 -15.69 -7.61 -11.31
N THR H 5 -14.97 -7.64 -10.20
CA THR H 5 -14.36 -8.86 -9.68
C THR H 5 -14.86 -9.10 -8.25
N GLN H 6 -15.63 -10.16 -8.06
CA GLN H 6 -16.16 -10.49 -6.74
C GLN H 6 -15.23 -11.40 -5.93
N SER H 7 -15.25 -11.21 -4.61
CA SER H 7 -14.64 -12.16 -3.68
C SER H 7 -15.54 -12.23 -2.43
N PRO H 8 -15.59 -13.37 -1.75
CA PRO H 8 -15.03 -14.63 -2.20
C PRO H 8 -15.93 -15.30 -3.24
N ALA H 9 -15.46 -16.42 -3.77
CA ALA H 9 -16.22 -17.22 -4.74
C ALA H 9 -17.41 -17.88 -4.08
N SER H 10 -17.17 -18.50 -2.93
CA SER H 10 -18.29 -18.96 -2.09
C SER H 10 -17.90 -18.80 -0.64
N LEU H 11 -18.87 -19.05 0.23
CA LEU H 11 -18.80 -18.58 1.60
C LEU H 11 -19.91 -19.26 2.39
N ALA H 12 -19.61 -19.78 3.59
CA ALA H 12 -20.59 -20.52 4.40
C ALA H 12 -20.79 -19.88 5.78
N VAL H 13 -22.02 -19.43 6.08
CA VAL H 13 -22.34 -18.67 7.29
C VAL H 13 -23.43 -19.34 8.10
N SER H 14 -23.26 -19.41 9.42
CA SER H 14 -24.31 -19.99 10.28
C SER H 14 -25.52 -19.04 10.38
N LEU H 15 -26.64 -19.59 10.78
CA LEU H 15 -27.87 -18.80 10.96
C LEU H 15 -27.72 -17.72 12.00
N GLY H 16 -28.26 -16.54 11.71
CA GLY H 16 -28.16 -15.40 12.62
C GLY H 16 -26.83 -14.65 12.58
N GLN H 17 -25.95 -15.02 11.67
CA GLN H 17 -24.60 -14.45 11.56
C GLN H 17 -24.53 -13.51 10.36
N ARG H 18 -23.36 -12.85 10.24
CA ARG H 18 -23.10 -11.93 9.16
C ARG H 18 -22.40 -12.59 8.00
N ALA H 19 -22.86 -12.25 6.79
CA ALA H 19 -22.21 -12.59 5.54
C ALA H 19 -21.79 -11.31 4.87
N THR H 20 -20.52 -11.23 4.47
CA THR H 20 -19.98 -10.05 3.81
C THR H 20 -19.40 -10.49 2.47
N ILE H 21 -19.91 -9.88 1.40
CA ILE H 21 -19.49 -10.17 0.03
C ILE H 21 -18.95 -8.91 -0.60
N SER H 22 -17.80 -9.01 -1.28
CA SER H 22 -17.10 -7.84 -1.84
C SER H 22 -17.14 -7.75 -3.37
N CYS H 23 -16.89 -6.56 -3.90
CA CYS H 23 -16.89 -6.29 -5.33
C CYS H 23 -15.92 -5.17 -5.63
N ARG H 24 -14.90 -5.46 -6.43
CA ARG H 24 -13.89 -4.48 -6.81
C ARG H 24 -14.08 -4.18 -8.30
N ALA H 25 -14.21 -2.90 -8.64
CA ALA H 25 -14.32 -2.45 -10.03
C ALA H 25 -12.96 -2.01 -10.55
N SER H 26 -12.71 -2.24 -11.84
CA SER H 26 -11.44 -1.90 -12.50
C SER H 26 -11.21 -0.41 -12.67
N GLU H 27 -12.30 0.36 -12.75
CA GLU H 27 -12.25 1.83 -12.70
C GLU H 27 -13.43 2.32 -11.87
N SER H 28 -13.38 3.60 -11.46
CA SER H 28 -14.43 4.21 -10.66
C SER H 28 -15.81 4.10 -11.32
N VAL H 29 -16.83 3.80 -10.52
CA VAL H 29 -18.23 3.84 -10.98
C VAL H 29 -18.97 5.08 -10.47
N ASP H 30 -18.26 6.00 -9.83
CA ASP H 30 -18.87 7.23 -9.33
C ASP H 30 -19.20 8.15 -10.49
N ASN H 31 -20.41 8.70 -10.49
CA ASN H 31 -20.82 9.70 -11.49
C ASN H 31 -21.97 10.57 -10.98
N TYR H 32 -21.83 11.89 -11.11
CA TYR H 32 -22.80 12.86 -10.58
C TYR H 32 -23.09 12.62 -9.08
N GLY H 33 -22.05 12.32 -8.30
CA GLY H 33 -22.18 12.15 -6.85
C GLY H 33 -22.82 10.86 -6.35
N ILE H 34 -23.34 10.02 -7.26
CA ILE H 34 -23.86 8.70 -6.91
C ILE H 34 -22.85 7.63 -7.34
N SER H 35 -22.68 6.60 -6.51
CA SER H 35 -21.93 5.41 -6.89
C SER H 35 -22.90 4.40 -7.55
N SER H 36 -22.83 4.27 -8.88
CA SER H 36 -23.76 3.41 -9.61
C SER H 36 -23.40 1.92 -9.52
N MET H 37 -23.73 1.34 -8.37
CA MET H 37 -23.40 -0.05 -8.05
C MET H 37 -24.64 -0.72 -7.49
N ASN H 38 -25.10 -1.78 -8.16
CA ASN H 38 -26.30 -2.50 -7.77
C ASN H 38 -25.96 -3.93 -7.39
N TRP H 39 -26.78 -4.52 -6.53
CA TRP H 39 -26.62 -5.92 -6.13
C TRP H 39 -27.88 -6.73 -6.43
N PHE H 40 -27.70 -8.00 -6.78
CA PHE H 40 -28.80 -8.89 -7.15
C PHE H 40 -28.67 -10.24 -6.49
N GLN H 41 -29.81 -10.82 -6.13
CA GLN H 41 -29.88 -12.15 -5.58
C GLN H 41 -30.47 -13.05 -6.65
N GLN H 42 -29.79 -14.16 -6.95
CA GLN H 42 -30.34 -15.22 -7.79
C GLN H 42 -30.49 -16.48 -6.98
N LYS H 43 -31.72 -16.86 -6.69
CA LYS H 43 -32.00 -18.14 -6.07
C LYS H 43 -32.04 -19.23 -7.12
N ALA H 44 -31.87 -20.46 -6.68
CA ALA H 44 -31.91 -21.66 -7.56
C ALA H 44 -33.15 -21.67 -8.43
N GLY H 45 -32.93 -21.67 -9.74
CA GLY H 45 -34.02 -21.79 -10.71
C GLY H 45 -34.83 -20.53 -10.96
N GLN H 46 -34.41 -19.41 -10.38
CA GLN H 46 -35.15 -18.16 -10.47
C GLN H 46 -34.35 -17.14 -11.26
N PRO H 47 -35.02 -16.09 -11.75
CA PRO H 47 -34.27 -14.96 -12.28
C PRO H 47 -33.58 -14.14 -11.19
N PRO H 48 -32.59 -13.32 -11.56
CA PRO H 48 -32.03 -12.40 -10.60
C PRO H 48 -33.09 -11.41 -10.06
N LYS H 49 -32.97 -11.10 -8.78
CA LYS H 49 -33.88 -10.20 -8.10
C LYS H 49 -33.08 -8.99 -7.62
N PHE H 50 -33.61 -7.81 -7.88
CA PHE H 50 -32.95 -6.55 -7.54
C PHE H 50 -33.01 -6.27 -6.04
N LEU H 51 -31.85 -6.10 -5.39
CA LEU H 51 -31.76 -5.88 -3.94
C LEU H 51 -31.38 -4.45 -3.53
N ILE H 52 -30.27 -3.96 -4.06
CA ILE H 52 -29.66 -2.71 -3.63
C ILE H 52 -29.36 -1.87 -4.87
N TYR H 53 -29.56 -0.56 -4.76
CA TYR H 53 -29.12 0.38 -5.80
C TYR H 53 -28.27 1.48 -5.21
N ALA H 54 -27.50 2.14 -6.07
CA ALA H 54 -26.65 3.27 -5.68
C ALA H 54 -25.76 2.93 -4.49
N ALA H 55 -25.14 1.76 -4.53
CA ALA H 55 -24.19 1.23 -3.51
C ALA H 55 -24.79 0.80 -2.17
N SER H 56 -25.64 1.64 -1.60
CA SER H 56 -26.19 1.47 -0.25
C SER H 56 -27.72 1.55 -0.10
N LYS H 57 -28.41 2.14 -1.07
CA LYS H 57 -29.87 2.30 -0.97
C LYS H 57 -30.62 1.00 -1.30
N GLN H 58 -31.74 0.77 -0.61
CA GLN H 58 -32.47 -0.51 -0.69
C GLN H 58 -33.67 -0.41 -1.61
N GLY H 59 -33.86 -1.42 -2.45
CA GLY H 59 -35.02 -1.52 -3.35
C GLY H 59 -36.30 -1.74 -2.55
N SER H 60 -37.43 -1.36 -3.16
CA SER H 60 -38.72 -1.48 -2.50
C SER H 60 -39.03 -2.95 -2.15
N GLY H 61 -39.53 -3.16 -0.92
CA GLY H 61 -39.86 -4.50 -0.42
C GLY H 61 -38.70 -5.40 0.00
N VAL H 62 -37.47 -4.91 -0.08
CA VAL H 62 -36.27 -5.69 0.27
C VAL H 62 -36.07 -5.63 1.79
N PRO H 63 -35.97 -6.78 2.48
CA PRO H 63 -35.74 -6.78 3.94
C PRO H 63 -34.52 -5.94 4.39
N ALA H 64 -34.58 -5.39 5.60
CA ALA H 64 -33.51 -4.51 6.13
C ALA H 64 -32.17 -5.24 6.39
N ARG H 65 -32.23 -6.56 6.59
CA ARG H 65 -31.03 -7.39 6.74
C ARG H 65 -30.06 -7.36 5.55
N PHE H 66 -30.55 -6.99 4.37
CA PHE H 66 -29.70 -6.70 3.20
C PHE H 66 -29.33 -5.22 3.18
N SER H 67 -28.03 -4.94 3.04
CA SER H 67 -27.54 -3.57 2.98
C SER H 67 -26.15 -3.56 2.36
N GLY H 68 -25.83 -2.53 1.59
CA GLY H 68 -24.54 -2.41 0.93
C GLY H 68 -23.79 -1.20 1.42
N SER H 69 -22.49 -1.14 1.10
CA SER H 69 -21.69 0.04 1.31
C SER H 69 -20.60 0.16 0.25
N GLY H 70 -19.91 1.31 0.25
CA GLY H 70 -18.74 1.55 -0.60
C GLY H 70 -18.84 2.76 -1.51
N SER H 71 -17.76 2.99 -2.25
CA SER H 71 -17.66 4.06 -3.22
C SER H 71 -16.44 3.81 -4.10
N GLY H 72 -16.35 4.51 -5.22
CA GLY H 72 -15.21 4.44 -6.12
C GLY H 72 -15.04 3.06 -6.75
N THR H 73 -14.09 2.27 -6.25
CA THR H 73 -13.83 0.93 -6.76
C THR H 73 -14.20 -0.23 -5.83
N ASP H 74 -14.27 0.00 -4.51
CA ASP H 74 -14.51 -1.09 -3.54
C ASP H 74 -15.89 -1.01 -2.92
N PHE H 75 -16.64 -2.10 -3.05
CA PHE H 75 -18.02 -2.17 -2.55
C PHE H 75 -18.21 -3.48 -1.84
N SER H 76 -19.23 -3.53 -0.98
CA SER H 76 -19.63 -4.78 -0.36
C SER H 76 -21.12 -4.85 -0.02
N LEU H 77 -21.58 -6.08 0.10
CA LEU H 77 -22.95 -6.42 0.47
C LEU H 77 -22.89 -7.15 1.80
N ILE H 78 -23.64 -6.67 2.78
CA ILE H 78 -23.73 -7.28 4.09
C ILE H 78 -25.13 -7.87 4.24
N ILE H 79 -25.19 -9.11 4.70
CA ILE H 79 -26.45 -9.77 5.03
C ILE H 79 -26.33 -10.19 6.50
N HIS H 80 -27.21 -9.68 7.35
CA HIS H 80 -27.21 -9.99 8.77
C HIS H 80 -28.52 -9.58 9.40
N PRO H 81 -29.19 -10.45 10.18
CA PRO H 81 -28.85 -11.86 10.36
C PRO H 81 -29.22 -12.74 9.16
N VAL H 82 -28.33 -13.63 8.77
CA VAL H 82 -28.60 -14.60 7.70
C VAL H 82 -29.70 -15.59 8.11
N GLU H 83 -30.58 -15.94 7.17
CA GLU H 83 -31.56 -17.02 7.36
C GLU H 83 -31.59 -18.03 6.22
N GLU H 84 -32.28 -19.15 6.43
CA GLU H 84 -32.20 -20.32 5.52
C GLU H 84 -32.47 -20.00 4.05
N ASP H 85 -33.44 -19.13 3.85
CA ASP H 85 -33.89 -18.69 2.52
C ASP H 85 -32.90 -17.78 1.77
N ASP H 86 -31.79 -17.38 2.41
CA ASP H 86 -30.80 -16.53 1.76
C ASP H 86 -29.74 -17.33 0.97
N THR H 87 -29.82 -18.67 0.98
CA THR H 87 -28.95 -19.48 0.12
C THR H 87 -29.17 -19.14 -1.35
N ALA H 88 -28.12 -18.67 -2.01
CA ALA H 88 -28.25 -18.00 -3.29
C ALA H 88 -26.89 -17.58 -3.83
N VAL H 89 -26.90 -17.15 -5.09
CA VAL H 89 -25.75 -16.49 -5.69
C VAL H 89 -26.03 -15.00 -5.74
N TYR H 90 -25.06 -14.18 -5.35
CA TYR H 90 -25.25 -12.73 -5.32
C TYR H 90 -24.31 -12.10 -6.31
N PHE H 91 -24.83 -11.20 -7.13
CA PHE H 91 -24.07 -10.53 -8.19
C PHE H 91 -24.03 -9.02 -7.97
N CYS H 92 -22.87 -8.42 -8.14
CA CYS H 92 -22.76 -6.96 -8.21
C CYS H 92 -22.85 -6.52 -9.65
N GLN H 93 -23.21 -5.26 -9.87
CA GLN H 93 -23.50 -4.78 -11.23
C GLN H 93 -23.41 -3.27 -11.33
N GLN H 94 -22.87 -2.82 -12.46
CA GLN H 94 -22.40 -1.46 -12.63
C GLN H 94 -23.23 -0.82 -13.75
N SER H 95 -23.76 0.38 -13.51
CA SER H 95 -24.56 1.12 -14.52
C SER H 95 -24.00 2.51 -14.85
N LYS H 96 -22.72 2.72 -14.60
CA LYS H 96 -22.09 4.04 -14.83
C LYS H 96 -22.14 4.43 -16.27
N GLY H 97 -21.95 3.45 -17.15
CA GLY H 97 -22.08 3.64 -18.58
C GLY H 97 -22.13 2.33 -19.35
N VAL H 98 -22.51 2.44 -20.63
CA VAL H 98 -22.55 1.30 -21.54
C VAL H 98 -21.12 0.90 -21.89
N PRO H 99 -20.77 -0.39 -21.84
CA PRO H 99 -21.67 -1.51 -21.57
C PRO H 99 -21.88 -1.81 -20.10
N TYR H 100 -23.12 -2.12 -19.72
CA TYR H 100 -23.43 -2.51 -18.34
C TYR H 100 -22.79 -3.88 -18.10
N THR H 101 -22.15 -4.07 -16.94
CA THR H 101 -21.43 -5.31 -16.65
C THR H 101 -21.74 -5.84 -15.27
N PHE H 102 -21.64 -7.16 -15.14
CA PHE H 102 -21.89 -7.87 -13.90
C PHE H 102 -20.61 -8.50 -13.36
N GLY H 103 -20.57 -8.71 -12.05
CA GLY H 103 -19.57 -9.56 -11.44
C GLY H 103 -19.84 -11.02 -11.76
N GLY H 104 -18.94 -11.89 -11.31
CA GLY H 104 -19.00 -13.31 -11.58
C GLY H 104 -19.92 -14.07 -10.66
N GLY H 105 -20.37 -13.41 -9.59
CA GLY H 105 -21.24 -14.03 -8.60
C GLY H 105 -20.49 -14.60 -7.44
N THR H 106 -21.17 -14.68 -6.30
CA THR H 106 -20.61 -15.24 -5.06
C THR H 106 -21.70 -16.14 -4.49
N LYS H 107 -21.33 -17.36 -4.09
CA LYS H 107 -22.33 -18.31 -3.61
C LYS H 107 -22.36 -18.28 -2.08
N LEU H 108 -23.55 -18.02 -1.53
CA LEU H 108 -23.74 -17.98 -0.09
C LEU H 108 -24.43 -19.27 0.31
N GLU H 109 -23.73 -20.05 1.12
CA GLU H 109 -24.22 -21.27 1.68
C GLU H 109 -24.58 -20.99 3.12
N ILE H 110 -25.69 -21.57 3.57
CA ILE H 110 -26.12 -21.52 4.97
C ILE H 110 -25.56 -22.72 5.66
N LYS H 111 -24.78 -22.49 6.71
CA LYS H 111 -24.14 -23.54 7.46
C LYS H 111 -25.18 -24.20 8.36
N ARG H 112 -24.96 -25.50 8.59
CA ARG H 112 -25.83 -26.27 9.46
C ARG H 112 -25.05 -27.48 9.95
N ALA H 113 -25.70 -28.26 10.83
CA ALA H 113 -25.07 -29.44 11.39
C ALA H 113 -24.91 -30.45 10.26
N ASP H 114 -23.83 -31.23 10.37
CA ASP H 114 -23.54 -32.23 9.38
C ASP H 114 -24.67 -33.27 9.38
N ALA H 115 -24.90 -33.86 8.20
CA ALA H 115 -25.98 -34.80 7.99
C ALA H 115 -25.52 -35.84 7.00
N ALA H 116 -25.65 -37.12 7.40
CA ALA H 116 -25.30 -38.21 6.53
C ALA H 116 -26.39 -38.33 5.47
N PRO H 117 -26.03 -38.78 4.24
CA PRO H 117 -27.03 -39.00 3.21
C PRO H 117 -27.86 -40.25 3.46
N THR H 118 -29.15 -40.15 3.14
CA THR H 118 -30.03 -41.30 3.04
C THR H 118 -29.82 -41.84 1.62
N VAL H 119 -29.35 -43.10 1.52
CA VAL H 119 -28.89 -43.64 0.25
C VAL H 119 -29.82 -44.76 -0.23
N SER H 120 -30.26 -44.64 -1.48
CA SER H 120 -31.15 -45.63 -2.08
C SER H 120 -30.54 -46.10 -3.40
N ILE H 121 -30.75 -47.38 -3.70
CA ILE H 121 -30.27 -47.95 -4.95
C ILE H 121 -31.40 -48.58 -5.75
N PHE H 122 -31.30 -48.42 -7.07
CA PHE H 122 -32.38 -48.79 -8.01
C PHE H 122 -31.82 -49.53 -9.22
N PRO H 123 -32.14 -50.86 -9.35
CA PRO H 123 -31.81 -51.56 -10.58
C PRO H 123 -32.57 -50.98 -11.75
N PRO H 124 -32.18 -51.34 -12.98
CA PRO H 124 -32.95 -50.93 -14.15
C PRO H 124 -34.41 -51.35 -14.03
N SER H 125 -35.27 -50.67 -14.78
CA SER H 125 -36.67 -51.07 -14.86
C SER H 125 -36.83 -52.16 -15.90
N SER H 126 -37.92 -52.94 -15.78
CA SER H 126 -38.26 -53.94 -16.79
C SER H 126 -38.38 -53.30 -18.17
N GLU H 127 -38.93 -52.09 -18.22
CA GLU H 127 -39.11 -51.36 -19.48
C GLU H 127 -37.79 -51.05 -20.15
N GLN H 128 -36.82 -50.55 -19.37
CA GLN H 128 -35.51 -50.19 -19.90
C GLN H 128 -34.72 -51.40 -20.45
N LEU H 129 -34.82 -52.52 -19.75
CA LEU H 129 -34.17 -53.78 -20.16
C LEU H 129 -34.72 -54.25 -21.52
N THR H 130 -36.03 -54.20 -21.71
CA THR H 130 -36.65 -54.54 -23.00
C THR H 130 -36.25 -53.61 -24.18
N SER H 131 -35.78 -52.39 -23.89
CA SER H 131 -35.16 -51.50 -24.89
C SER H 131 -33.69 -51.78 -25.22
N GLY H 132 -33.01 -52.54 -24.38
CA GLY H 132 -31.60 -52.89 -24.57
C GLY H 132 -30.58 -52.05 -23.84
N GLY H 133 -31.05 -51.20 -22.93
CA GLY H 133 -30.18 -50.39 -22.06
C GLY H 133 -30.32 -50.87 -20.62
N ALA H 134 -29.37 -50.44 -19.80
CA ALA H 134 -29.38 -50.74 -18.36
C ALA H 134 -28.80 -49.59 -17.53
N SER H 135 -29.64 -48.89 -16.78
CA SER H 135 -29.21 -47.78 -15.94
C SER H 135 -29.45 -48.13 -14.47
N VAL H 136 -28.34 -48.16 -13.72
CA VAL H 136 -28.38 -48.35 -12.28
C VAL H 136 -28.23 -46.97 -11.59
N VAL H 137 -29.24 -46.61 -10.81
CA VAL H 137 -29.32 -45.29 -10.19
C VAL H 137 -29.17 -45.37 -8.67
N CYS H 138 -28.53 -44.35 -8.13
CA CYS H 138 -28.33 -44.22 -6.70
C CYS H 138 -28.71 -42.81 -6.27
N PHE H 139 -29.58 -42.65 -5.30
CA PHE H 139 -29.85 -41.34 -4.72
C PHE H 139 -29.21 -41.22 -3.36
N LEU H 140 -28.45 -40.14 -3.19
CA LEU H 140 -27.85 -39.79 -1.92
C LEU H 140 -28.50 -38.48 -1.50
N ASN H 141 -29.49 -38.57 -0.61
CA ASN H 141 -30.40 -37.46 -0.30
C ASN H 141 -30.20 -36.81 1.07
N ASN H 142 -30.39 -35.48 1.10
CA ASN H 142 -30.47 -34.65 2.31
C ASN H 142 -29.24 -34.74 3.20
N PHE H 143 -28.08 -34.41 2.61
CA PHE H 143 -26.80 -34.48 3.30
C PHE H 143 -26.10 -33.13 3.35
N TYR H 144 -25.16 -32.96 4.29
CA TYR H 144 -24.37 -31.74 4.42
C TYR H 144 -23.01 -32.07 5.09
N PRO H 145 -21.88 -31.53 4.62
CA PRO H 145 -21.77 -30.54 3.54
C PRO H 145 -21.84 -31.15 2.13
N LYS H 146 -21.67 -30.30 1.12
CA LYS H 146 -21.86 -30.68 -0.27
C LYS H 146 -20.89 -31.73 -0.78
N ASP H 147 -19.66 -31.72 -0.26
CA ASP H 147 -18.62 -32.61 -0.78
C ASP H 147 -18.91 -34.08 -0.48
N ILE H 148 -18.83 -34.91 -1.51
CA ILE H 148 -19.23 -36.31 -1.44
C ILE H 148 -18.60 -37.10 -2.59
N ASN H 149 -18.28 -38.37 -2.32
CA ASN H 149 -17.63 -39.26 -3.25
C ASN H 149 -18.50 -40.47 -3.46
N VAL H 150 -18.68 -40.89 -4.70
CA VAL H 150 -19.48 -42.06 -4.99
C VAL H 150 -18.71 -42.99 -5.92
N LYS H 151 -18.58 -44.25 -5.50
CA LYS H 151 -17.87 -45.26 -6.25
C LYS H 151 -18.85 -46.37 -6.63
N TRP H 152 -18.77 -46.84 -7.88
CA TRP H 152 -19.56 -47.97 -8.36
C TRP H 152 -18.69 -49.24 -8.43
N LYS H 153 -19.20 -50.34 -7.92
CA LYS H 153 -18.54 -51.63 -8.02
C LYS H 153 -19.46 -52.68 -8.62
N ILE H 154 -18.99 -53.33 -9.68
CA ILE H 154 -19.67 -54.47 -10.31
C ILE H 154 -18.94 -55.73 -9.86
N ASP H 155 -19.64 -56.61 -9.15
CA ASP H 155 -19.05 -57.83 -8.55
C ASP H 155 -17.80 -57.54 -7.69
N GLY H 156 -17.79 -56.38 -7.04
CA GLY H 156 -16.62 -55.93 -6.27
C GLY H 156 -15.57 -55.13 -7.01
N SER H 157 -15.58 -55.12 -8.34
CA SER H 157 -14.57 -54.39 -9.15
C SER H 157 -15.04 -52.98 -9.47
N GLU H 158 -14.13 -52.00 -9.33
CA GLU H 158 -14.47 -50.60 -9.54
C GLU H 158 -14.79 -50.29 -11.01
N ARG H 159 -15.65 -49.30 -11.21
CA ARG H 159 -16.15 -48.94 -12.54
C ARG H 159 -16.28 -47.42 -12.65
N GLN H 160 -15.56 -46.83 -13.60
CA GLN H 160 -15.50 -45.36 -13.74
C GLN H 160 -16.22 -44.79 -15.00
N ASN H 161 -16.35 -45.61 -16.06
CA ASN H 161 -16.98 -45.19 -17.30
C ASN H 161 -18.50 -45.28 -17.24
N GLY H 162 -19.17 -44.30 -17.87
CA GLY H 162 -20.64 -44.24 -17.91
C GLY H 162 -21.32 -43.56 -16.72
N VAL H 163 -20.52 -43.13 -15.73
CA VAL H 163 -21.04 -42.61 -14.47
C VAL H 163 -21.41 -41.14 -14.66
N LEU H 164 -22.58 -40.73 -14.19
CA LEU H 164 -22.99 -39.32 -14.23
C LEU H 164 -23.62 -38.85 -12.93
N ASN H 165 -23.03 -37.81 -12.36
CA ASN H 165 -23.36 -37.28 -11.05
C ASN H 165 -23.96 -35.88 -11.15
N SER H 166 -25.17 -35.68 -10.63
CA SER H 166 -25.83 -34.37 -10.61
C SER H 166 -26.21 -33.96 -9.19
N TRP H 167 -25.76 -32.79 -8.73
CA TRP H 167 -26.15 -32.24 -7.39
C TRP H 167 -27.27 -31.22 -7.51
N THR H 168 -28.18 -31.22 -6.54
CA THR H 168 -29.12 -30.11 -6.38
C THR H 168 -28.37 -28.93 -5.78
N ASP H 169 -28.92 -27.74 -5.98
CA ASP H 169 -28.52 -26.57 -5.18
C ASP H 169 -28.98 -26.79 -3.74
N GLN H 170 -28.43 -26.01 -2.82
CA GLN H 170 -28.79 -26.09 -1.41
C GLN H 170 -30.27 -25.79 -1.23
N ASP H 171 -30.91 -26.53 -0.33
CA ASP H 171 -32.31 -26.39 -0.07
C ASP H 171 -32.59 -25.12 0.75
N SER H 172 -33.69 -24.43 0.40
CA SER H 172 -34.03 -23.15 1.02
C SER H 172 -34.62 -23.30 2.42
N LYS H 173 -35.27 -24.43 2.69
CA LYS H 173 -35.86 -24.70 3.99
C LYS H 173 -34.86 -25.34 4.97
N ASP H 174 -34.27 -26.48 4.59
CA ASP H 174 -33.45 -27.28 5.50
C ASP H 174 -31.94 -27.29 5.24
N SER H 175 -31.48 -26.52 4.24
CA SER H 175 -30.09 -26.26 4.03
C SER H 175 -29.22 -27.48 3.65
N THR H 176 -29.83 -28.61 3.27
CA THR H 176 -29.09 -29.80 2.83
C THR H 176 -28.90 -29.82 1.31
N TYR H 177 -28.01 -30.69 0.85
CA TYR H 177 -27.87 -31.01 -0.57
C TYR H 177 -28.34 -32.44 -0.82
N SER H 178 -28.56 -32.75 -2.09
CA SER H 178 -28.93 -34.09 -2.55
C SER H 178 -28.22 -34.36 -3.87
N MET H 179 -28.16 -35.64 -4.28
CA MET H 179 -27.42 -36.01 -5.47
C MET H 179 -27.81 -37.36 -6.10
N SER H 180 -27.86 -37.40 -7.44
CA SER H 180 -28.07 -38.62 -8.24
C SER H 180 -26.77 -39.12 -8.83
N SER H 181 -26.53 -40.42 -8.79
CA SER H 181 -25.42 -41.04 -9.50
C SER H 181 -25.98 -42.12 -10.41
N THR H 182 -25.65 -42.05 -11.69
CA THR H 182 -26.27 -42.91 -12.70
C THR H 182 -25.18 -43.65 -13.51
N LEU H 183 -25.03 -44.95 -13.25
CA LEU H 183 -24.17 -45.81 -14.05
C LEU H 183 -24.94 -46.37 -15.25
N THR H 184 -24.47 -46.07 -16.46
CA THR H 184 -25.13 -46.45 -17.72
C THR H 184 -24.38 -47.60 -18.43
N LEU H 185 -25.03 -48.75 -18.57
CA LEU H 185 -24.45 -49.95 -19.23
C LEU H 185 -25.27 -50.44 -20.40
N THR H 186 -24.66 -51.27 -21.24
CA THR H 186 -25.43 -52.07 -22.21
C THR H 186 -26.12 -53.18 -21.41
N LYS H 187 -27.35 -53.53 -21.79
CA LYS H 187 -28.06 -54.68 -21.19
C LYS H 187 -27.22 -55.96 -21.16
N ASP H 188 -26.54 -56.26 -22.26
CA ASP H 188 -25.69 -57.48 -22.34
C ASP H 188 -24.69 -57.54 -21.20
N GLU H 189 -23.98 -56.43 -20.94
CA GLU H 189 -23.05 -56.37 -19.82
C GLU H 189 -23.74 -56.42 -18.46
N TYR H 190 -24.89 -55.76 -18.34
CA TYR H 190 -25.64 -55.80 -17.09
C TYR H 190 -25.95 -57.23 -16.68
N GLU H 191 -26.42 -58.02 -17.63
CA GLU H 191 -26.82 -59.41 -17.34
C GLU H 191 -25.65 -60.35 -17.10
N ARG H 192 -24.43 -59.97 -17.49
CA ARG H 192 -23.20 -60.77 -17.19
C ARG H 192 -22.86 -60.82 -15.71
N HIS H 193 -23.05 -59.71 -15.00
CA HIS H 193 -22.59 -59.58 -13.61
C HIS H 193 -23.77 -59.62 -12.64
N ASN H 194 -23.49 -60.02 -11.40
CA ASN H 194 -24.52 -60.29 -10.40
C ASN H 194 -24.65 -59.22 -9.29
N SER H 195 -23.52 -58.73 -8.78
CA SER H 195 -23.48 -57.84 -7.60
C SER H 195 -23.22 -56.36 -7.98
N TYR H 196 -24.17 -55.48 -7.71
CA TYR H 196 -24.10 -54.06 -8.09
C TYR H 196 -24.11 -53.18 -6.83
N THR H 197 -23.03 -52.43 -6.65
CA THR H 197 -22.77 -51.73 -5.40
C THR H 197 -22.55 -50.22 -5.65
N CYS H 198 -23.08 -49.43 -4.73
CA CYS H 198 -23.00 -47.99 -4.75
C CYS H 198 -22.37 -47.56 -3.42
N GLU H 199 -21.16 -47.02 -3.50
CA GLU H 199 -20.29 -46.90 -2.33
C GLU H 199 -19.98 -45.41 -2.07
N ALA H 200 -20.58 -44.85 -1.03
CA ALA H 200 -20.53 -43.42 -0.76
C ALA H 200 -19.56 -43.08 0.37
N THR H 201 -18.60 -42.18 0.10
CA THR H 201 -17.76 -41.59 1.16
C THR H 201 -18.18 -40.15 1.44
N HIS H 202 -18.31 -39.82 2.71
CA HIS H 202 -18.76 -38.50 3.16
C HIS H 202 -18.16 -38.17 4.53
N LYS H 203 -17.98 -36.88 4.79
CA LYS H 203 -17.43 -36.36 6.06
C LYS H 203 -17.99 -37.03 7.34
N THR H 204 -19.27 -37.34 7.30
CA THR H 204 -20.03 -37.97 8.40
C THR H 204 -19.56 -39.33 8.86
N SER H 205 -18.91 -40.12 8.00
CA SER H 205 -18.25 -41.37 8.42
C SER H 205 -16.90 -41.57 7.75
N THR H 206 -15.94 -42.08 8.49
CA THR H 206 -14.68 -42.52 7.93
C THR H 206 -14.91 -43.72 7.03
N SER H 207 -15.71 -44.66 7.51
CA SER H 207 -16.13 -45.84 6.71
C SER H 207 -17.12 -45.45 5.63
N PRO H 208 -16.92 -45.93 4.40
CA PRO H 208 -17.91 -45.69 3.35
C PRO H 208 -19.27 -46.34 3.61
N ILE H 209 -20.32 -45.71 3.10
CA ILE H 209 -21.69 -46.18 3.23
C ILE H 209 -21.98 -46.94 1.93
N VAL H 210 -22.52 -48.15 2.10
CA VAL H 210 -22.77 -49.06 0.97
C VAL H 210 -24.28 -49.35 0.85
N LYS H 211 -24.78 -49.27 -0.38
CA LYS H 211 -26.01 -49.95 -0.76
C LYS H 211 -25.70 -50.90 -1.91
N SER H 212 -26.36 -52.06 -1.89
CA SER H 212 -26.16 -53.09 -2.88
C SER H 212 -27.45 -53.85 -3.18
N PHE H 213 -27.47 -54.45 -4.36
CA PHE H 213 -28.43 -55.48 -4.70
C PHE H 213 -27.72 -56.55 -5.52
N ASN H 214 -28.30 -57.75 -5.51
CA ASN H 214 -27.90 -58.81 -6.44
C ASN H 214 -29.00 -59.01 -7.47
N ARG H 215 -28.60 -59.18 -8.72
CA ARG H 215 -29.50 -59.22 -9.90
C ARG H 215 -30.67 -60.23 -9.80
N ASN H 216 -30.54 -61.23 -8.95
CA ASN H 216 -31.57 -62.23 -8.65
C ASN H 216 -32.06 -62.30 -7.15
N GLU H 217 -32.24 -61.16 -6.48
CA GLU H 217 -33.02 -61.05 -5.26
C GLU H 217 -34.22 -60.11 -5.46
N GLU I 1 -41.93 8.98 27.32
CA GLU I 1 -40.91 10.01 26.97
C GLU I 1 -39.76 9.92 27.95
N VAL I 2 -38.55 9.87 27.43
CA VAL I 2 -37.38 9.77 28.26
C VAL I 2 -36.95 11.16 28.72
N LYS I 3 -36.56 11.26 30.00
CA LYS I 3 -36.00 12.50 30.56
C LYS I 3 -34.84 12.16 31.50
N LEU I 4 -33.76 12.94 31.40
CA LEU I 4 -32.61 12.85 32.29
C LEU I 4 -32.27 14.25 32.74
N GLU I 5 -32.19 14.47 34.05
CA GLU I 5 -31.86 15.79 34.59
C GLU I 5 -30.66 15.65 35.49
N GLU I 6 -29.56 16.31 35.12
CA GLU I 6 -28.38 16.39 35.97
C GLU I 6 -28.46 17.57 36.93
N SER I 7 -27.73 17.47 38.04
CA SER I 7 -27.65 18.53 39.04
C SER I 7 -26.43 18.30 39.90
N GLY I 8 -25.99 19.35 40.60
CA GLY I 8 -24.80 19.28 41.46
C GLY I 8 -23.51 19.81 40.87
N GLY I 9 -23.56 20.34 39.66
CA GLY I 9 -22.40 21.02 39.06
C GLY I 9 -22.12 22.35 39.73
N GLY I 10 -20.94 22.88 39.49
CA GLY I 10 -20.58 24.20 40.02
C GLY I 10 -19.09 24.46 40.03
N LEU I 11 -18.65 25.23 41.03
CA LEU I 11 -17.24 25.59 41.23
C LEU I 11 -16.63 24.81 42.38
N VAL I 12 -15.40 24.31 42.18
CA VAL I 12 -14.61 23.64 43.23
C VAL I 12 -13.14 23.99 43.06
N GLN I 13 -12.42 24.08 44.17
CA GLN I 13 -10.97 24.33 44.14
C GLN I 13 -10.23 23.01 43.80
N PRO I 14 -9.04 23.10 43.16
CA PRO I 14 -8.28 21.88 42.84
C PRO I 14 -7.95 21.00 44.05
N GLY I 15 -8.21 19.70 43.93
CA GLY I 15 -8.07 18.76 45.04
C GLY I 15 -9.37 18.49 45.78
N GLY I 16 -10.41 19.32 45.59
CA GLY I 16 -11.68 19.15 46.28
C GLY I 16 -12.56 18.03 45.73
N SER I 17 -13.82 18.01 46.19
CA SER I 17 -14.77 16.96 45.83
C SER I 17 -16.11 17.52 45.39
N MET I 18 -16.82 16.72 44.59
CA MET I 18 -18.18 17.08 44.18
C MET I 18 -18.96 15.82 43.81
N LYS I 19 -20.27 15.86 44.07
CA LYS I 19 -21.16 14.76 43.75
C LYS I 19 -22.21 15.20 42.73
N LEU I 20 -22.14 14.62 41.52
CA LEU I 20 -23.16 14.83 40.50
C LEU I 20 -24.26 13.78 40.64
N SER I 21 -25.48 14.19 40.31
CA SER I 21 -26.67 13.37 40.48
C SER I 21 -27.51 13.45 39.20
N CYS I 22 -28.13 12.33 38.82
CA CYS I 22 -28.86 12.21 37.55
C CYS I 22 -30.18 11.51 37.76
N ALA I 23 -31.28 12.26 37.67
CA ALA I 23 -32.64 11.72 37.83
C ALA I 23 -33.25 11.32 36.49
N ALA I 24 -33.51 10.03 36.29
CA ALA I 24 -34.02 9.51 35.01
C ALA I 24 -35.44 9.02 35.12
N SER I 25 -36.23 9.23 34.07
CA SER I 25 -37.56 8.62 33.94
C SER I 25 -37.87 8.28 32.49
N GLY I 26 -38.96 7.56 32.26
CA GLY I 26 -39.44 7.24 30.90
C GLY I 26 -39.01 5.91 30.32
N PHE I 27 -38.31 5.11 31.12
CA PHE I 27 -37.86 3.78 30.70
C PHE I 27 -37.57 2.93 31.91
N THR I 28 -37.51 1.61 31.70
CA THR I 28 -37.26 0.67 32.80
C THR I 28 -35.84 0.89 33.34
N PHE I 29 -35.75 1.65 34.43
CA PHE I 29 -34.46 2.09 34.96
C PHE I 29 -33.57 0.94 35.38
N SER I 30 -34.12 0.00 36.13
CA SER I 30 -33.33 -1.12 36.64
C SER I 30 -32.62 -1.91 35.53
N ASP I 31 -33.22 -1.98 34.34
CA ASP I 31 -32.60 -2.64 33.17
C ASP I 31 -31.53 -1.81 32.46
N ALA I 32 -31.61 -0.49 32.51
CA ALA I 32 -30.73 0.34 31.70
C ALA I 32 -29.31 0.37 32.25
N TRP I 33 -28.35 0.31 31.32
CA TRP I 33 -26.95 0.60 31.61
C TRP I 33 -26.85 2.11 31.47
N MET I 34 -26.22 2.75 32.45
CA MET I 34 -26.09 4.22 32.51
C MET I 34 -24.62 4.62 32.48
N ASP I 35 -24.35 5.82 31.98
CA ASP I 35 -22.98 6.33 31.81
C ASP I 35 -22.89 7.82 32.13
N TRP I 36 -21.68 8.31 32.33
CA TRP I 36 -21.39 9.75 32.33
C TRP I 36 -20.38 10.06 31.22
N VAL I 37 -20.63 11.15 30.50
CA VAL I 37 -19.77 11.63 29.44
C VAL I 37 -19.54 13.12 29.71
N ARG I 38 -18.34 13.63 29.40
CA ARG I 38 -18.02 15.05 29.56
C ARG I 38 -17.51 15.68 28.28
N GLN I 39 -17.69 16.99 28.17
CA GLN I 39 -17.25 17.72 27.00
C GLN I 39 -16.49 18.97 27.40
N SER I 40 -15.35 19.17 26.73
CA SER I 40 -14.56 20.40 26.84
C SER I 40 -14.07 20.75 25.46
N PRO I 41 -13.71 22.01 25.23
CA PRO I 41 -13.09 22.36 23.95
C PRO I 41 -11.74 21.69 23.67
N GLU I 42 -10.96 21.40 24.72
CA GLU I 42 -9.63 20.81 24.54
C GLU I 42 -9.72 19.34 24.20
N LYS I 43 -10.47 18.60 25.02
CA LYS I 43 -10.55 17.14 24.91
C LYS I 43 -11.72 16.63 24.03
N GLY I 44 -12.68 17.49 23.70
CA GLY I 44 -13.89 17.07 22.98
C GLY I 44 -14.79 16.28 23.89
N LEU I 45 -15.43 15.25 23.33
CA LEU I 45 -16.31 14.36 24.10
C LEU I 45 -15.52 13.16 24.63
N GLU I 46 -15.46 12.99 25.95
CA GLU I 46 -14.89 11.78 26.59
C GLU I 46 -15.88 11.06 27.46
N TRP I 47 -15.99 9.76 27.23
CA TRP I 47 -16.67 8.85 28.13
C TRP I 47 -15.91 8.84 29.44
N VAL I 48 -16.65 8.84 30.54
CA VAL I 48 -16.06 8.94 31.87
C VAL I 48 -16.26 7.65 32.69
N ALA I 49 -17.51 7.23 32.83
CA ALA I 49 -17.83 6.09 33.66
C ALA I 49 -19.09 5.36 33.20
N GLU I 50 -19.15 4.07 33.50
CA GLU I 50 -20.30 3.22 33.19
C GLU I 50 -20.73 2.48 34.45
N ILE I 51 -22.04 2.31 34.61
CA ILE I 51 -22.59 1.33 35.55
C ILE I 51 -23.68 0.52 34.84
N ARG I 52 -23.61 -0.80 34.99
CA ARG I 52 -24.52 -1.72 34.31
C ARG I 52 -25.64 -2.17 35.24
N ASN I 53 -26.55 -3.00 34.71
CA ASN I 53 -27.75 -3.45 35.44
C ASN I 53 -27.47 -4.56 36.44
N LYS I 54 -28.51 -4.93 37.20
CA LYS I 54 -28.42 -6.01 38.19
C LYS I 54 -27.94 -7.35 37.60
N VAL I 55 -28.33 -7.63 36.35
CA VAL I 55 -27.94 -8.89 35.70
C VAL I 55 -26.45 -8.95 35.39
N ASN I 56 -25.82 -7.79 35.15
CA ASN I 56 -24.36 -7.67 34.99
C ASN I 56 -23.65 -7.26 36.28
N ASN I 57 -24.25 -7.59 37.43
CA ASN I 57 -23.64 -7.35 38.74
C ASN I 57 -23.31 -5.88 39.06
N HIS I 58 -24.07 -4.94 38.48
CA HIS I 58 -23.79 -3.51 38.66
C HIS I 58 -22.33 -3.16 38.36
N ALA I 59 -21.81 -3.77 37.31
CA ALA I 59 -20.39 -3.64 36.98
C ALA I 59 -20.09 -2.20 36.64
N THR I 60 -19.00 -1.68 37.21
CA THR I 60 -18.56 -0.34 36.91
C THR I 60 -17.32 -0.37 36.05
N ASN I 61 -17.15 0.68 35.27
CA ASN I 61 -15.97 0.87 34.45
C ASN I 61 -15.65 2.36 34.44
N TYR I 62 -14.38 2.69 34.23
CA TYR I 62 -13.97 4.09 34.20
C TYR I 62 -12.93 4.34 33.12
N ALA I 63 -12.87 5.59 32.69
CA ALA I 63 -11.80 6.04 31.83
C ALA I 63 -10.52 6.12 32.66
N GLU I 64 -9.39 5.81 32.03
CA GLU I 64 -8.13 5.74 32.73
C GLU I 64 -7.81 7.00 33.54
N SER I 65 -8.13 8.17 32.99
CA SER I 65 -7.76 9.42 33.63
C SER I 65 -8.55 9.74 34.90
N VAL I 66 -9.58 8.96 35.21
CA VAL I 66 -10.37 9.20 36.42
C VAL I 66 -10.38 8.04 37.43
N LYS I 67 -9.62 6.97 37.17
CA LYS I 67 -9.58 5.80 38.06
C LYS I 67 -9.04 6.19 39.42
N GLY I 68 -9.66 5.65 40.46
CA GLY I 68 -9.28 5.97 41.84
C GLY I 68 -9.81 7.27 42.39
N ARG I 69 -10.32 8.14 41.52
CA ARG I 69 -10.81 9.46 41.90
C ARG I 69 -12.33 9.55 41.79
N PHE I 70 -12.87 9.06 40.68
CA PHE I 70 -14.29 9.13 40.40
C PHE I 70 -14.94 7.80 40.78
N THR I 71 -16.15 7.86 41.35
CA THR I 71 -16.92 6.66 41.67
C THR I 71 -18.37 6.83 41.21
N ILE I 72 -18.83 5.90 40.38
CA ILE I 72 -20.19 5.89 39.87
C ILE I 72 -21.03 4.89 40.68
N SER I 73 -22.32 5.18 40.83
CA SER I 73 -23.23 4.31 41.58
C SER I 73 -24.67 4.63 41.23
N ARG I 74 -25.60 3.80 41.69
CA ARG I 74 -27.01 3.97 41.34
C ARG I 74 -27.95 3.49 42.43
N ASP I 75 -29.09 4.16 42.54
CA ASP I 75 -30.19 3.77 43.40
C ASP I 75 -31.35 3.36 42.48
N ASP I 76 -31.49 2.07 42.21
CA ASP I 76 -32.56 1.57 41.36
C ASP I 76 -33.96 1.87 41.90
N SER I 77 -34.12 1.97 43.22
CA SER I 77 -35.42 2.32 43.80
C SER I 77 -35.85 3.76 43.50
N ARG I 78 -34.89 4.67 43.30
CA ARG I 78 -35.19 6.09 43.02
C ARG I 78 -34.88 6.55 41.59
N SER I 79 -34.41 5.64 40.73
CA SER I 79 -34.07 5.96 39.35
C SER I 79 -33.05 7.08 39.27
N VAL I 80 -31.96 6.94 40.02
CA VAL I 80 -30.93 7.98 40.08
C VAL I 80 -29.55 7.35 39.94
N VAL I 81 -28.67 8.06 39.24
CA VAL I 81 -27.27 7.70 39.10
C VAL I 81 -26.46 8.82 39.71
N TYR I 82 -25.41 8.44 40.43
CA TYR I 82 -24.54 9.37 41.10
C TYR I 82 -23.14 9.29 40.47
N LEU I 83 -22.41 10.41 40.56
CA LEU I 83 -20.98 10.43 40.25
C LEU I 83 -20.23 11.22 41.32
N GLN I 84 -19.50 10.49 42.16
CA GLN I 84 -18.69 11.06 43.24
C GLN I 84 -17.30 11.32 42.66
N MET I 85 -16.87 12.58 42.65
CA MET I 85 -15.57 12.96 42.14
C MET I 85 -14.69 13.48 43.29
N ASN I 86 -13.51 12.88 43.45
CA ASN I 86 -12.52 13.27 44.48
C ASN I 86 -11.22 13.71 43.83
N ASN I 87 -10.52 14.65 44.49
CA ASN I 87 -9.18 15.09 44.06
C ASN I 87 -9.22 15.72 42.66
N LEU I 88 -10.15 16.68 42.48
CA LEU I 88 -10.45 17.24 41.17
C LEU I 88 -9.30 18.11 40.66
N LYS I 89 -9.00 17.99 39.36
CA LYS I 89 -7.95 18.76 38.70
C LYS I 89 -8.58 19.76 37.74
N PRO I 90 -7.82 20.77 37.29
CA PRO I 90 -8.39 21.70 36.31
C PRO I 90 -8.80 21.00 34.99
N GLU I 91 -8.05 19.98 34.60
CA GLU I 91 -8.37 19.19 33.42
C GLU I 91 -9.74 18.47 33.48
N ASP I 92 -10.30 18.29 34.68
CA ASP I 92 -11.67 17.76 34.84
C ASP I 92 -12.78 18.79 34.57
N THR I 93 -12.42 20.02 34.23
CA THR I 93 -13.41 21.04 33.90
C THR I 93 -14.13 20.68 32.61
N GLY I 94 -15.44 20.90 32.60
CA GLY I 94 -16.25 20.68 31.41
C GLY I 94 -17.73 20.56 31.69
N ILE I 95 -18.51 20.22 30.67
CA ILE I 95 -19.94 19.96 30.78
C ILE I 95 -20.11 18.45 30.93
N TYR I 96 -20.83 18.03 31.97
CA TYR I 96 -20.99 16.60 32.32
C TYR I 96 -22.40 16.13 32.00
N TYR I 97 -22.52 15.26 31.01
CA TYR I 97 -23.79 14.66 30.59
C TYR I 97 -24.00 13.30 31.23
N CYS I 98 -25.21 13.06 31.68
CA CYS I 98 -25.65 11.75 32.12
C CYS I 98 -26.40 11.10 30.96
N THR I 99 -26.06 9.85 30.65
CA THR I 99 -26.66 9.12 29.53
C THR I 99 -27.25 7.78 29.96
N GLY I 100 -28.37 7.41 29.36
CA GLY I 100 -29.04 6.14 29.64
C GLY I 100 -29.14 5.25 28.41
N LEU I 101 -29.15 3.94 28.64
CA LEU I 101 -29.10 2.92 27.60
C LEU I 101 -27.87 3.14 26.73
N THR I 102 -26.74 2.96 27.41
CA THR I 102 -25.43 3.47 27.01
C THR I 102 -25.58 4.93 26.52
N PHE I 103 -25.56 5.19 25.21
CA PHE I 103 -25.67 6.58 24.70
C PHE I 103 -26.93 6.83 23.87
N ASP I 104 -28.00 6.08 24.10
CA ASP I 104 -29.25 6.31 23.39
C ASP I 104 -29.91 7.64 23.79
N TYR I 105 -29.87 7.96 25.09
CA TYR I 105 -30.55 9.14 25.64
C TYR I 105 -29.59 9.98 26.47
N TRP I 106 -29.67 11.30 26.32
CA TRP I 106 -28.74 12.23 26.99
C TRP I 106 -29.49 13.34 27.70
N GLY I 107 -29.01 13.70 28.89
CA GLY I 107 -29.54 14.87 29.60
C GLY I 107 -29.00 16.17 29.04
N GLN I 108 -29.48 17.29 29.57
CA GLN I 108 -29.01 18.61 29.13
C GLN I 108 -27.63 18.96 29.59
N GLY I 109 -27.21 18.36 30.70
CA GLY I 109 -25.84 18.48 31.19
C GLY I 109 -25.70 19.50 32.31
N THR I 110 -24.62 19.39 33.07
CA THR I 110 -24.31 20.31 34.16
C THR I 110 -22.83 20.66 34.12
N THR I 111 -22.52 21.93 34.39
CA THR I 111 -21.16 22.45 34.22
C THR I 111 -20.35 22.29 35.50
N LEU I 112 -19.09 21.88 35.33
CA LEU I 112 -18.14 21.73 36.44
C LEU I 112 -16.93 22.58 36.12
N THR I 113 -16.61 23.53 37.00
CA THR I 113 -15.42 24.35 36.85
C THR I 113 -14.50 24.09 38.04
N VAL I 114 -13.27 23.65 37.76
CA VAL I 114 -12.26 23.37 38.79
C VAL I 114 -11.21 24.48 38.69
N SER I 115 -11.24 25.40 39.64
CA SER I 115 -10.41 26.61 39.59
C SER I 115 -10.17 27.22 40.97
N SER I 116 -9.15 28.05 41.08
CA SER I 116 -8.90 28.81 42.32
C SER I 116 -9.57 30.17 42.29
N ALA I 117 -9.86 30.66 41.11
CA ALA I 117 -10.56 31.94 40.94
C ALA I 117 -11.91 31.85 41.61
N LYS I 118 -12.37 33.02 42.05
CA LYS I 118 -13.53 33.09 42.92
C LYS I 118 -14.76 33.39 42.09
N THR I 119 -15.90 32.97 42.64
CA THR I 119 -17.20 33.27 42.04
C THR I 119 -17.34 34.77 41.96
N THR I 120 -17.75 35.25 40.80
CA THR I 120 -17.98 36.67 40.56
C THR I 120 -19.28 36.80 39.80
N ALA I 121 -20.22 37.56 40.36
CA ALA I 121 -21.51 37.81 39.70
C ALA I 121 -21.29 38.71 38.49
N PRO I 122 -22.17 38.60 37.48
CA PRO I 122 -22.08 39.52 36.34
C PRO I 122 -22.59 40.89 36.70
N SER I 123 -22.14 41.88 35.94
CA SER I 123 -22.81 43.18 35.86
C SER I 123 -23.65 43.11 34.61
N VAL I 124 -24.89 43.57 34.69
CA VAL I 124 -25.85 43.44 33.58
C VAL I 124 -26.27 44.84 33.15
N TYR I 125 -25.96 45.18 31.90
CA TYR I 125 -26.21 46.53 31.38
C TYR I 125 -27.20 46.47 30.22
N PRO I 126 -28.25 47.34 30.24
CA PRO I 126 -29.20 47.39 29.13
C PRO I 126 -28.62 48.22 28.00
N LEU I 127 -29.00 47.94 26.76
CA LEU I 127 -28.50 48.67 25.61
C LEU I 127 -29.66 49.15 24.73
N ALA I 128 -30.02 50.42 24.93
CA ALA I 128 -31.02 51.10 24.13
C ALA I 128 -30.39 51.74 22.91
N PRO I 129 -31.16 51.93 21.83
CA PRO I 129 -30.58 52.55 20.63
C PRO I 129 -30.10 54.00 20.84
N VAL I 130 -29.33 54.48 19.86
CA VAL I 130 -28.73 55.82 19.90
C VAL I 130 -29.81 56.90 20.04
N CYS I 131 -29.50 57.92 20.86
CA CYS I 131 -30.51 58.85 21.40
C CYS I 131 -31.49 59.39 20.37
N GLY I 132 -31.04 59.77 19.17
CA GLY I 132 -31.92 60.23 18.09
C GLY I 132 -32.03 59.22 16.98
N THR I 135 -35.45 54.83 14.15
CA THR I 135 -35.69 55.52 12.88
C THR I 135 -36.44 54.67 11.84
N GLY I 136 -35.96 53.45 11.55
CA GLY I 136 -36.54 52.58 10.51
C GLY I 136 -37.79 51.77 10.88
N SER I 137 -38.03 50.68 10.14
CA SER I 137 -39.19 49.81 10.43
C SER I 137 -38.99 49.02 11.73
N SER I 138 -38.11 47.99 11.71
CA SER I 138 -37.67 47.34 12.95
C SER I 138 -36.72 48.22 13.77
N VAL I 139 -36.51 47.81 15.03
CA VAL I 139 -35.50 48.41 15.91
C VAL I 139 -34.81 47.29 16.68
N THR I 140 -33.54 47.50 17.02
CA THR I 140 -32.74 46.49 17.68
C THR I 140 -32.28 46.96 19.06
N LEU I 141 -32.50 46.12 20.06
CA LEU I 141 -32.08 46.37 21.45
C LEU I 141 -31.03 45.34 21.84
N GLY I 142 -30.32 45.63 22.92
CA GLY I 142 -29.25 44.75 23.41
C GLY I 142 -29.16 44.65 24.91
N CYS I 143 -28.36 43.69 25.35
CA CYS I 143 -28.12 43.44 26.76
C CYS I 143 -26.70 42.90 26.91
N LEU I 144 -25.86 43.61 27.68
CA LEU I 144 -24.46 43.22 27.89
C LEU I 144 -24.31 42.59 29.27
N VAL I 145 -23.65 41.46 29.32
CA VAL I 145 -23.43 40.72 30.58
C VAL I 145 -21.92 40.57 30.73
N LYS I 146 -21.37 41.24 31.74
CA LYS I 146 -19.91 41.43 31.84
C LYS I 146 -19.34 41.05 33.22
N GLY I 147 -18.14 40.47 33.19
CA GLY I 147 -17.35 40.22 34.38
C GLY I 147 -17.89 39.15 35.32
N TYR I 148 -18.33 38.03 34.75
CA TYR I 148 -18.78 36.89 35.56
C TYR I 148 -17.82 35.71 35.48
N PHE I 149 -17.91 34.86 36.49
CA PHE I 149 -17.11 33.64 36.58
C PHE I 149 -17.75 32.76 37.67
N PRO I 150 -17.86 31.43 37.45
CA PRO I 150 -17.49 30.72 36.23
C PRO I 150 -18.67 30.71 35.26
N GLU I 151 -18.58 29.91 34.19
CA GLU I 151 -19.76 29.65 33.35
C GLU I 151 -20.71 28.70 34.06
N PRO I 152 -22.00 28.67 33.71
CA PRO I 152 -22.62 29.48 32.68
C PRO I 152 -23.50 30.57 33.26
N VAL I 153 -24.01 31.43 32.37
CA VAL I 153 -25.21 32.22 32.63
C VAL I 153 -26.29 31.78 31.66
N THR I 154 -27.54 32.08 32.02
CA THR I 154 -28.66 31.97 31.11
C THR I 154 -29.22 33.37 30.90
N LEU I 155 -29.55 33.70 29.66
CA LEU I 155 -30.17 34.95 29.27
C LEU I 155 -31.44 34.71 28.46
N THR I 156 -32.53 35.38 28.85
CA THR I 156 -33.79 35.39 28.09
C THR I 156 -34.34 36.81 28.01
N TRP I 157 -35.30 37.00 27.11
CA TRP I 157 -36.02 38.25 26.95
C TRP I 157 -37.49 38.00 27.28
N ASN I 158 -38.04 38.82 28.20
CA ASN I 158 -39.40 38.62 28.73
C ASN I 158 -39.66 37.19 29.18
N SER I 159 -38.72 36.64 29.93
CA SER I 159 -38.78 35.28 30.51
C SER I 159 -38.92 34.14 29.49
N GLY I 160 -38.47 34.37 28.26
CA GLY I 160 -38.60 33.40 27.17
C GLY I 160 -39.71 33.68 26.19
N SER I 161 -40.61 34.62 26.52
CA SER I 161 -41.68 35.06 25.60
C SER I 161 -41.16 35.50 24.25
N LEU I 162 -40.08 36.26 24.26
CA LEU I 162 -39.47 36.82 23.05
C LEU I 162 -38.33 35.87 22.68
N SER I 163 -38.62 34.94 21.78
CA SER I 163 -37.72 33.89 21.33
C SER I 163 -37.14 34.21 19.95
N SER I 164 -38.02 34.51 18.98
CA SER I 164 -37.59 34.81 17.62
C SER I 164 -37.04 36.23 17.55
N GLY I 165 -36.13 36.46 16.58
CA GLY I 165 -35.43 37.74 16.45
C GLY I 165 -34.37 37.96 17.52
N VAL I 166 -33.94 36.89 18.21
CA VAL I 166 -32.95 36.94 19.30
C VAL I 166 -31.64 36.30 18.85
N HIS I 167 -30.53 36.95 19.20
CA HIS I 167 -29.19 36.41 19.00
C HIS I 167 -28.43 36.55 20.31
N THR I 168 -28.03 35.43 20.91
CA THR I 168 -27.29 35.44 22.16
C THR I 168 -25.93 34.84 21.87
N PHE I 169 -24.89 35.64 22.08
CA PHE I 169 -23.57 35.31 21.58
C PHE I 169 -22.77 34.50 22.57
N PRO I 170 -21.90 33.59 22.08
CA PRO I 170 -21.07 32.82 22.99
C PRO I 170 -20.21 33.70 23.87
N ALA I 171 -20.03 33.27 25.11
CA ALA I 171 -19.18 33.97 26.07
C ALA I 171 -17.70 33.89 25.65
N LEU I 172 -16.99 34.98 25.89
CA LEU I 172 -15.55 35.05 25.70
C LEU I 172 -14.88 35.43 27.01
N LEU I 173 -13.61 35.04 27.14
CA LEU I 173 -12.80 35.28 28.33
C LEU I 173 -12.02 36.60 28.23
N LEU I 174 -12.63 37.67 28.72
CA LEU I 174 -12.02 39.02 28.76
C LEU I 174 -11.14 39.15 30.01
N SER I 175 -9.87 38.68 29.89
CA SER I 175 -8.89 38.72 30.98
C SER I 175 -9.33 37.96 32.25
N GLY I 176 -9.60 36.66 32.10
CA GLY I 176 -9.98 35.78 33.19
C GLY I 176 -11.39 35.90 33.73
N LEU I 177 -12.25 36.70 33.06
CA LEU I 177 -13.66 36.90 33.43
C LEU I 177 -14.53 36.93 32.17
N TYR I 178 -15.70 36.29 32.24
CA TYR I 178 -16.54 36.04 31.05
C TYR I 178 -17.45 37.23 30.67
N THR I 179 -17.65 37.40 29.36
CA THR I 179 -18.49 38.46 28.80
C THR I 179 -19.29 37.90 27.60
N LEU I 180 -20.61 38.03 27.67
CA LEU I 180 -21.48 37.80 26.53
C LEU I 180 -22.47 38.92 26.38
N SER I 181 -22.99 39.06 25.17
CA SER I 181 -24.03 40.02 24.84
C SER I 181 -25.21 39.25 24.26
N SER I 182 -26.34 39.93 24.11
CA SER I 182 -27.49 39.38 23.39
C SER I 182 -28.24 40.52 22.71
N SER I 183 -28.69 40.30 21.47
CA SER I 183 -29.47 41.28 20.71
C SER I 183 -30.88 40.79 20.57
N VAL I 184 -31.82 41.71 20.41
CA VAL I 184 -33.21 41.36 20.04
C VAL I 184 -33.77 42.40 19.09
N THR I 185 -34.45 41.95 18.03
CA THR I 185 -34.99 42.85 17.02
C THR I 185 -36.49 42.65 16.89
N VAL I 186 -37.23 43.75 17.10
CA VAL I 186 -38.70 43.79 16.99
C VAL I 186 -39.11 44.97 16.12
N THR I 187 -40.38 44.99 15.70
CA THR I 187 -40.92 46.10 14.90
C THR I 187 -41.05 47.33 15.81
N SER I 188 -40.80 48.53 15.26
CA SER I 188 -40.90 49.78 16.06
C SER I 188 -42.30 50.13 16.60
N ASN I 189 -43.32 49.45 16.09
CA ASN I 189 -44.66 49.46 16.72
C ASN I 189 -44.59 48.92 18.15
N THR I 190 -43.79 47.87 18.33
CA THR I 190 -43.66 47.19 19.62
C THR I 190 -42.96 48.01 20.72
N TRP I 191 -41.94 48.79 20.35
CA TRP I 191 -41.06 49.43 21.34
C TRP I 191 -40.86 50.92 21.00
N PRO I 192 -40.98 51.83 21.99
CA PRO I 192 -41.10 51.53 23.43
C PRO I 192 -42.53 51.35 23.98
N SER I 193 -43.51 51.01 23.12
CA SER I 193 -44.91 50.83 23.54
C SER I 193 -45.04 49.74 24.58
N GLN I 194 -44.34 48.62 24.33
CA GLN I 194 -44.28 47.49 25.25
C GLN I 194 -42.96 47.44 25.96
N THR I 195 -43.01 46.99 27.23
CA THR I 195 -41.83 46.73 28.02
C THR I 195 -41.10 45.50 27.50
N ILE I 196 -39.80 45.65 27.29
CA ILE I 196 -38.91 44.56 26.93
C ILE I 196 -37.84 44.49 28.02
N THR I 197 -37.69 43.31 28.62
CA THR I 197 -36.82 43.11 29.78
C THR I 197 -35.80 42.02 29.48
N CYS I 198 -34.54 42.32 29.77
CA CYS I 198 -33.45 41.35 29.70
C CYS I 198 -33.40 40.58 31.03
N ASN I 199 -33.56 39.24 30.99
CA ASN I 199 -33.51 38.40 32.22
C ASN I 199 -32.22 37.60 32.26
N VAL I 200 -31.42 37.80 33.30
CA VAL I 200 -30.10 37.17 33.43
C VAL I 200 -30.00 36.43 34.75
N ALA I 201 -29.51 35.19 34.68
CA ALA I 201 -29.32 34.35 35.85
C ALA I 201 -27.90 33.81 35.81
N HIS I 202 -27.29 33.70 36.98
CA HIS I 202 -25.93 33.14 37.13
C HIS I 202 -25.98 32.25 38.37
N PRO I 203 -26.30 30.96 38.18
CA PRO I 203 -26.49 30.03 39.29
C PRO I 203 -25.37 30.05 40.31
N ALA I 204 -24.12 30.02 39.86
CA ALA I 204 -22.92 29.95 40.71
C ALA I 204 -22.84 31.01 41.81
N SER I 205 -23.37 32.20 41.56
CA SER I 205 -23.38 33.29 42.54
C SER I 205 -24.77 33.64 43.06
N SER I 206 -25.76 32.81 42.77
CA SER I 206 -27.17 33.07 43.10
C SER I 206 -27.68 34.40 42.56
N THR I 207 -27.15 34.83 41.42
CA THR I 207 -27.53 36.11 40.81
C THR I 207 -28.73 35.90 39.90
N LYS I 208 -29.65 36.85 39.94
CA LYS I 208 -30.86 36.84 39.16
C LYS I 208 -31.22 38.32 38.94
N VAL I 209 -31.06 38.81 37.70
CA VAL I 209 -31.24 40.24 37.38
C VAL I 209 -32.17 40.43 36.18
N ASP I 210 -33.11 41.37 36.33
CA ASP I 210 -33.99 41.77 35.26
C ASP I 210 -33.76 43.23 34.97
N LYS I 211 -33.22 43.54 33.80
CA LYS I 211 -33.04 44.93 33.36
C LYS I 211 -34.03 45.26 32.26
N LYS I 212 -34.91 46.22 32.53
CA LYS I 212 -35.78 46.79 31.50
C LYS I 212 -34.93 47.65 30.55
N ILE I 213 -35.31 47.72 29.27
CA ILE I 213 -34.62 48.54 28.28
C ILE I 213 -35.45 49.82 28.11
N GLU I 214 -34.83 50.99 28.30
CA GLU I 214 -35.53 52.30 28.22
C GLU I 214 -34.79 53.34 27.37
N PRO I 215 -35.52 54.18 26.60
CA PRO I 215 -34.87 55.21 25.78
C PRO I 215 -34.04 56.22 26.59
N ARG I 216 -33.11 56.86 25.91
CA ARG I 216 -32.17 57.78 26.54
C ARG I 216 -32.73 59.21 26.53
N GLY I 217 -32.51 59.93 27.63
CA GLY I 217 -32.86 61.36 27.74
C GLY I 217 -31.61 62.22 27.64
N PRO I 218 -31.60 63.25 26.75
CA PRO I 218 -30.36 63.99 26.50
C PRO I 218 -29.97 64.92 27.66
N ASP J 1 -6.87 1.73 23.42
CA ASP J 1 -8.06 2.55 23.05
C ASP J 1 -8.19 2.64 21.54
N ILE J 2 -9.41 2.59 21.04
CA ILE J 2 -9.68 2.72 19.62
C ILE J 2 -9.86 4.18 19.30
N VAL J 3 -8.98 4.73 18.45
CA VAL J 3 -9.02 6.13 18.07
C VAL J 3 -9.85 6.28 16.79
N LEU J 4 -10.82 7.22 16.82
CA LEU J 4 -11.62 7.57 15.65
C LEU J 4 -11.19 8.92 15.09
N THR J 5 -10.97 8.98 13.78
CA THR J 5 -10.46 10.18 13.11
C THR J 5 -11.46 10.57 12.02
N GLN J 6 -12.10 11.73 12.21
CA GLN J 6 -13.09 12.22 11.25
C GLN J 6 -12.47 13.10 10.18
N SER J 7 -13.05 13.05 8.98
CA SER J 7 -12.76 14.03 7.93
C SER J 7 -14.06 14.29 7.15
N PRO J 8 -14.24 15.50 6.61
CA PRO J 8 -13.41 16.65 6.85
C PRO J 8 -13.74 17.31 8.20
N ALA J 9 -12.98 18.33 8.55
CA ALA J 9 -13.19 19.09 9.78
C ALA J 9 -14.45 19.91 9.70
N SER J 10 -14.64 20.63 8.60
CA SER J 10 -15.92 21.24 8.30
C SER J 10 -16.17 21.22 6.82
N LEU J 11 -17.36 21.66 6.41
CA LEU J 11 -17.90 21.30 5.11
C LEU J 11 -19.15 22.15 4.87
N ALA J 12 -19.30 22.73 3.68
CA ALA J 12 -20.45 23.58 3.33
C ALA J 12 -21.24 23.04 2.13
N VAL J 13 -22.53 22.73 2.32
CA VAL J 13 -23.38 22.13 1.30
C VAL J 13 -24.63 22.95 1.04
N SER J 14 -25.02 23.11 -0.23
CA SER J 14 -26.28 23.80 -0.55
C SER J 14 -27.50 22.98 -0.18
N LEU J 15 -28.64 23.66 -0.02
CA LEU J 15 -29.91 22.98 0.27
C LEU J 15 -30.29 21.99 -0.82
N GLY J 16 -30.79 20.83 -0.41
CA GLY J 16 -31.19 19.78 -1.34
C GLY J 16 -30.07 18.91 -1.86
N GLN J 17 -28.83 19.14 -1.38
CA GLN J 17 -27.64 18.44 -1.86
C GLN J 17 -27.18 17.41 -0.83
N ARG J 18 -26.15 16.64 -1.21
CA ARG J 18 -25.60 15.59 -0.35
C ARG J 18 -24.42 16.11 0.45
N ALA J 19 -24.40 15.73 1.74
CA ALA J 19 -23.26 15.92 2.61
C ALA J 19 -22.77 14.54 3.01
N THR J 20 -21.47 14.31 2.84
CA THR J 20 -20.86 13.03 3.17
C THR J 20 -19.73 13.29 4.16
N ILE J 21 -19.82 12.64 5.33
CA ILE J 21 -18.86 12.78 6.41
C ILE J 21 -18.26 11.42 6.72
N SER J 22 -16.93 11.36 6.89
CA SER J 22 -16.23 10.09 7.08
C SER J 22 -15.66 9.88 8.50
N CYS J 23 -15.37 8.62 8.83
CA CYS J 23 -14.83 8.23 10.12
C CYS J 23 -13.97 6.99 9.94
N ARG J 24 -12.68 7.11 10.25
CA ARG J 24 -11.74 6.01 10.17
C ARG J 24 -11.33 5.61 11.58
N ALA J 25 -11.49 4.33 11.90
CA ALA J 25 -11.08 3.78 13.21
C ALA J 25 -9.69 3.16 13.12
N SER J 26 -8.93 3.26 14.20
CA SER J 26 -7.55 2.75 14.27
C SER J 26 -7.48 1.21 14.30
N GLU J 27 -8.54 0.58 14.80
CA GLU J 27 -8.72 -0.88 14.78
C GLU J 27 -10.16 -1.19 14.39
N SER J 28 -10.42 -2.43 13.98
CA SER J 28 -11.77 -2.87 13.63
C SER J 28 -12.74 -2.69 14.79
N VAL J 29 -13.94 -2.24 14.49
CA VAL J 29 -15.04 -2.17 15.47
C VAL J 29 -16.07 -3.29 15.27
N ASP J 30 -15.80 -4.23 14.37
CA ASP J 30 -16.69 -5.36 14.12
C ASP J 30 -16.64 -6.34 15.29
N ASN J 31 -17.81 -6.76 15.77
CA ASN J 31 -17.88 -7.79 16.80
C ASN J 31 -19.25 -8.47 16.82
N TYR J 32 -19.26 -9.80 16.84
CA TYR J 32 -20.47 -10.61 16.76
C TYR J 32 -21.33 -10.23 15.55
N GLY J 33 -20.69 -10.01 14.40
CA GLY J 33 -21.41 -9.73 13.15
C GLY J 33 -22.00 -8.33 12.98
N ILE J 34 -21.96 -7.50 14.04
CA ILE J 34 -22.38 -6.11 13.97
C ILE J 34 -21.15 -5.20 13.93
N SER J 35 -21.20 -4.13 13.14
CA SER J 35 -20.23 -3.05 13.22
C SER J 35 -20.71 -2.01 14.24
N SER J 36 -20.10 -1.99 15.43
CA SER J 36 -20.54 -1.11 16.51
C SER J 36 -20.05 0.34 16.32
N MET J 37 -20.72 1.05 15.41
CA MET J 37 -20.40 2.41 15.05
C MET J 37 -21.68 3.25 15.07
N ASN J 38 -21.70 4.29 15.90
CA ASN J 38 -22.85 5.15 16.07
C ASN J 38 -22.52 6.55 15.62
N TRP J 39 -23.53 7.29 15.19
CA TRP J 39 -23.39 8.70 14.82
C TRP J 39 -24.32 9.59 15.65
N PHE J 40 -23.85 10.79 15.95
CA PHE J 40 -24.59 11.74 16.78
C PHE J 40 -24.58 13.14 16.17
N GLN J 41 -25.70 13.83 16.32
CA GLN J 41 -25.81 15.21 15.90
C GLN J 41 -25.80 16.07 17.16
N GLN J 42 -24.93 17.08 17.20
CA GLN J 42 -24.96 18.12 18.23
C GLN J 42 -25.29 19.45 17.60
N LYS J 43 -26.47 19.96 17.90
CA LYS J 43 -26.85 21.31 17.49
C LYS J 43 -26.29 22.32 18.49
N ALA J 44 -26.14 23.55 18.07
CA ALA J 44 -25.60 24.65 18.92
C ALA J 44 -26.36 24.72 20.26
N GLY J 45 -25.63 24.58 21.34
CA GLY J 45 -26.17 24.68 22.70
C GLY J 45 -26.98 23.51 23.20
N GLN J 46 -26.95 22.42 22.46
CA GLN J 46 -27.72 21.20 22.82
C GLN J 46 -26.78 20.07 23.13
N PRO J 47 -27.27 19.04 23.81
CA PRO J 47 -26.47 17.80 23.91
C PRO J 47 -26.45 17.03 22.60
N PRO J 48 -25.50 16.11 22.46
CA PRO J 48 -25.56 15.20 21.31
C PRO J 48 -26.84 14.38 21.27
N LYS J 49 -27.36 14.17 20.07
CA LYS J 49 -28.58 13.43 19.83
C LYS J 49 -28.26 12.22 18.97
N PHE J 50 -28.79 11.07 19.36
CA PHE J 50 -28.47 9.78 18.73
C PHE J 50 -29.18 9.63 17.39
N LEU J 51 -28.41 9.42 16.33
CA LEU J 51 -28.95 9.30 14.95
C LEU J 51 -28.95 7.88 14.37
N ILE J 52 -27.77 7.27 14.36
CA ILE J 52 -27.52 6.01 13.67
C ILE J 52 -26.86 5.03 14.64
N TYR J 53 -27.25 3.75 14.58
CA TYR J 53 -26.56 2.70 15.33
C TYR J 53 -26.16 1.58 14.40
N ALA J 54 -25.19 0.78 14.85
CA ALA J 54 -24.71 -0.39 14.11
C ALA J 54 -24.34 -0.03 12.66
N ALA J 55 -23.61 1.07 12.50
CA ALA J 55 -23.11 1.57 11.20
C ALA J 55 -24.13 2.16 10.23
N SER J 56 -25.24 1.45 10.02
CA SER J 56 -26.25 1.80 9.01
C SER J 56 -27.70 1.88 9.50
N LYS J 57 -28.03 1.28 10.64
CA LYS J 57 -29.42 1.25 11.14
C LYS J 57 -29.80 2.59 11.80
N GLN J 58 -31.05 2.99 11.63
CA GLN J 58 -31.54 4.30 12.04
C GLN J 58 -32.29 4.25 13.36
N GLY J 59 -31.99 5.20 14.24
CA GLY J 59 -32.67 5.30 15.54
C GLY J 59 -34.12 5.69 15.36
N SER J 60 -34.97 5.39 16.35
CA SER J 60 -36.40 5.65 16.25
C SER J 60 -36.67 7.16 16.10
N GLY J 61 -37.56 7.51 15.18
CA GLY J 61 -37.91 8.91 14.89
C GLY J 61 -36.91 9.74 14.11
N VAL J 62 -35.79 9.14 13.68
CA VAL J 62 -34.74 9.84 12.92
C VAL J 62 -35.15 9.85 11.44
N PRO J 63 -35.22 11.06 10.81
CA PRO J 63 -35.58 11.15 9.39
C PRO J 63 -34.75 10.26 8.44
N ALA J 64 -35.37 9.81 7.34
CA ALA J 64 -34.70 8.89 6.39
C ALA J 64 -33.52 9.52 5.62
N ARG J 65 -33.49 10.83 5.51
CA ARG J 65 -32.37 11.56 4.89
C ARG J 65 -31.01 11.36 5.59
N PHE J 66 -31.03 10.94 6.87
CA PHE J 66 -29.83 10.48 7.56
C PHE J 66 -29.64 8.98 7.36
N SER J 67 -28.45 8.58 6.96
CA SER J 67 -28.13 7.17 6.79
C SER J 67 -26.62 7.01 6.80
N GLY J 68 -26.16 5.89 7.36
CA GLY J 68 -24.73 5.60 7.42
C GLY J 68 -24.40 4.35 6.63
N SER J 69 -23.12 4.18 6.37
CA SER J 69 -22.61 2.94 5.79
C SER J 69 -21.21 2.63 6.32
N GLY J 70 -20.75 1.42 6.01
CA GLY J 70 -19.38 0.98 6.29
C GLY J 70 -19.26 -0.28 7.13
N SER J 71 -18.01 -0.67 7.35
CA SER J 71 -17.67 -1.83 8.16
C SER J 71 -16.18 -1.77 8.48
N GLY J 72 -15.74 -2.56 9.45
CA GLY J 72 -14.32 -2.66 9.79
C GLY J 72 -13.75 -1.37 10.35
N THR J 73 -12.99 -0.64 9.52
CA THR J 73 -12.37 0.62 9.92
C THR J 73 -12.94 1.89 9.26
N ASP J 74 -13.57 1.78 8.07
CA ASP J 74 -14.03 2.96 7.34
C ASP J 74 -15.55 3.07 7.33
N PHE J 75 -16.04 4.21 7.80
CA PHE J 75 -17.47 4.47 7.90
C PHE J 75 -17.77 5.86 7.38
N SER J 76 -19.03 6.07 7.03
CA SER J 76 -19.48 7.40 6.65
C SER J 76 -20.95 7.63 6.95
N LEU J 77 -21.28 8.93 7.07
CA LEU J 77 -22.63 9.41 7.31
C LEU J 77 -23.02 10.25 6.10
N ILE J 78 -24.16 9.90 5.49
CA ILE J 78 -24.67 10.62 4.34
C ILE J 78 -25.95 11.34 4.79
N ILE J 79 -26.05 12.62 4.44
CA ILE J 79 -27.25 13.41 4.70
C ILE J 79 -27.67 13.97 3.36
N HIS J 80 -28.89 13.61 2.93
CA HIS J 80 -29.38 13.99 1.60
C HIS J 80 -30.89 13.74 1.53
N PRO J 81 -31.70 14.72 1.13
CA PRO J 81 -31.32 16.12 0.86
C PRO J 81 -31.09 16.92 2.14
N VAL J 82 -30.00 17.70 2.17
CA VAL J 82 -29.72 18.58 3.30
C VAL J 82 -30.79 19.68 3.41
N GLU J 83 -31.16 20.01 4.64
CA GLU J 83 -32.03 21.16 4.92
C GLU J 83 -31.47 22.06 6.03
N GLU J 84 -32.10 23.23 6.21
CA GLU J 84 -31.63 24.29 7.07
C GLU J 84 -31.29 23.85 8.50
N ASP J 85 -32.14 22.94 9.03
CA ASP J 85 -32.00 22.44 10.40
C ASP J 85 -30.85 21.48 10.62
N ASP J 86 -30.15 21.09 9.55
CA ASP J 86 -29.03 20.15 9.66
C ASP J 86 -27.70 20.80 10.00
N THR J 87 -27.67 22.13 10.12
CA THR J 87 -26.46 22.84 10.57
C THR J 87 -26.11 22.39 11.99
N ALA J 88 -24.93 21.81 12.15
CA ALA J 88 -24.60 21.05 13.36
C ALA J 88 -23.20 20.47 13.27
N VAL J 89 -22.74 19.93 14.40
CA VAL J 89 -21.53 19.15 14.46
C VAL J 89 -21.93 17.69 14.56
N TYR J 90 -21.30 16.81 13.79
CA TYR J 90 -21.65 15.39 13.79
C TYR J 90 -20.46 14.61 14.28
N PHE J 91 -20.72 13.69 15.22
CA PHE J 91 -19.68 12.87 15.84
C PHE J 91 -19.91 11.39 15.56
N CYS J 92 -18.85 10.67 15.20
CA CYS J 92 -18.91 9.21 15.16
C CYS J 92 -18.47 8.65 16.50
N GLN J 93 -18.85 7.41 16.79
CA GLN J 93 -18.63 6.86 18.13
C GLN J 93 -18.68 5.33 18.14
N GLN J 94 -17.80 4.75 18.93
CA GLN J 94 -17.46 3.34 18.85
C GLN J 94 -17.84 2.69 20.19
N SER J 95 -18.57 1.57 20.15
CA SER J 95 -18.97 0.84 21.37
C SER J 95 -18.50 -0.62 21.40
N LYS J 96 -17.47 -0.94 20.62
CA LYS J 96 -16.97 -2.33 20.53
C LYS J 96 -16.47 -2.84 21.87
N GLY J 97 -15.82 -1.94 22.61
CA GLY J 97 -15.32 -2.24 23.94
C GLY J 97 -14.89 -1.01 24.72
N VAL J 98 -14.74 -1.20 26.03
CA VAL J 98 -14.31 -0.12 26.93
C VAL J 98 -12.81 0.13 26.69
N PRO J 99 -12.37 1.38 26.55
CA PRO J 99 -13.18 2.59 26.71
C PRO J 99 -13.92 3.03 25.45
N TYR J 100 -15.16 3.48 25.62
CA TYR J 100 -15.95 3.99 24.52
C TYR J 100 -15.32 5.32 24.07
N THR J 101 -15.20 5.54 22.77
CA THR J 101 -14.51 6.73 22.26
C THR J 101 -15.28 7.40 21.14
N PHE J 102 -15.10 8.72 21.04
CA PHE J 102 -15.73 9.55 20.04
C PHE J 102 -14.72 10.10 19.05
N GLY J 103 -15.19 10.41 17.85
CA GLY J 103 -14.42 11.23 16.93
C GLY J 103 -14.37 12.68 17.39
N GLY J 104 -13.62 13.48 16.66
CA GLY J 104 -13.39 14.89 17.00
C GLY J 104 -14.47 15.80 16.51
N GLY J 105 -15.40 15.29 15.72
CA GLY J 105 -16.54 16.06 15.21
C GLY J 105 -16.27 16.66 13.86
N THR J 106 -17.32 16.90 13.10
CA THR J 106 -17.28 17.51 11.76
C THR J 106 -18.39 18.54 11.70
N LYS J 107 -18.10 19.74 11.25
CA LYS J 107 -19.07 20.84 11.25
C LYS J 107 -19.72 20.94 9.87
N LEU J 108 -21.04 20.83 9.83
CA LEU J 108 -21.80 20.98 8.60
C LEU J 108 -22.44 22.34 8.56
N GLU J 109 -22.06 23.13 7.57
CA GLU J 109 -22.64 24.43 7.30
C GLU J 109 -23.58 24.28 6.10
N ILE J 110 -24.73 24.95 6.17
CA ILE J 110 -25.67 25.00 5.07
C ILE J 110 -25.37 26.24 4.25
N LYS J 111 -25.11 26.06 2.97
CA LYS J 111 -24.86 27.16 2.05
C LYS J 111 -26.17 27.87 1.71
N ARG J 112 -26.08 29.15 1.43
CA ARG J 112 -27.24 29.97 1.06
C ARG J 112 -26.82 31.21 0.31
N ALA J 113 -27.78 31.97 -0.16
CA ALA J 113 -27.52 33.23 -0.87
C ALA J 113 -26.89 34.22 0.09
N ASP J 114 -25.99 35.04 -0.43
CA ASP J 114 -25.32 36.05 0.37
C ASP J 114 -26.35 37.03 0.97
N ALA J 115 -26.04 37.56 2.15
CA ALA J 115 -26.92 38.45 2.89
C ALA J 115 -26.10 39.47 3.67
N ALA J 116 -26.40 40.73 3.46
CA ALA J 116 -25.67 41.79 4.15
C ALA J 116 -26.12 41.88 5.60
N PRO J 117 -25.21 42.27 6.50
CA PRO J 117 -25.58 42.41 7.91
C PRO J 117 -26.40 43.67 8.20
N THR J 118 -27.37 43.53 9.09
CA THR J 118 -28.07 44.65 9.69
C THR J 118 -27.22 45.09 10.88
N VAL J 119 -26.74 46.34 10.84
CA VAL J 119 -25.74 46.80 11.81
C VAL J 119 -26.32 47.85 12.76
N SER J 120 -26.12 47.65 14.06
CA SER J 120 -26.62 48.56 15.09
C SER J 120 -25.50 48.94 16.04
N ILE J 121 -25.52 50.18 16.54
CA ILE J 121 -24.50 50.64 17.47
C ILE J 121 -25.11 51.14 18.77
N PHE J 122 -24.40 50.88 19.88
CA PHE J 122 -24.90 51.12 21.23
C PHE J 122 -23.83 51.76 22.12
N PRO J 123 -24.05 53.04 22.53
CA PRO J 123 -23.15 53.63 23.52
C PRO J 123 -23.26 52.89 24.84
N PRO J 124 -22.32 53.15 25.76
CA PRO J 124 -22.45 52.60 27.10
C PRO J 124 -23.80 52.93 27.74
N SER J 125 -24.20 52.14 28.72
CA SER J 125 -25.39 52.49 29.51
C SER J 125 -25.03 53.47 30.60
N SER J 126 -26.04 54.21 31.08
CA SER J 126 -25.84 55.11 32.22
C SER J 126 -25.30 54.35 33.44
N GLU J 127 -25.76 53.11 33.61
CA GLU J 127 -25.33 52.27 34.73
C GLU J 127 -23.85 51.94 34.66
N GLN J 128 -23.39 51.56 33.47
CA GLN J 128 -21.97 51.20 33.27
C GLN J 128 -21.01 52.39 33.49
N LEU J 129 -21.43 53.57 33.04
CA LEU J 129 -20.65 54.79 33.23
C LEU J 129 -20.48 55.12 34.72
N THR J 130 -21.55 55.00 35.50
CA THR J 130 -21.47 55.20 36.97
C THR J 130 -20.58 54.18 37.72
N SER J 131 -20.30 53.01 37.12
CA SER J 131 -19.28 52.05 37.62
C SER J 131 -17.83 52.37 37.24
N GLY J 132 -17.62 53.23 36.25
CA GLY J 132 -16.28 53.62 35.79
C GLY J 132 -15.74 52.88 34.59
N GLY J 133 -16.58 52.07 33.94
CA GLY J 133 -16.25 51.41 32.68
C GLY J 133 -17.04 52.01 31.53
N ALA J 134 -16.59 51.71 30.31
CA ALA J 134 -17.29 52.14 29.09
C ALA J 134 -17.17 51.10 27.97
N SER J 135 -18.29 50.46 27.63
CA SER J 135 -18.32 49.45 26.56
C SER J 135 -19.21 49.94 25.43
N VAL J 136 -18.60 50.12 24.25
CA VAL J 136 -19.32 50.45 23.04
C VAL J 136 -19.53 49.15 22.22
N VAL J 137 -20.79 48.82 21.97
CA VAL J 137 -21.18 47.55 21.37
C VAL J 137 -21.77 47.79 19.98
N CYS J 138 -21.49 46.83 19.09
CA CYS J 138 -22.00 46.84 17.73
C CYS J 138 -22.55 45.45 17.42
N PHE J 139 -23.80 45.37 16.96
CA PHE J 139 -24.32 44.10 16.47
C PHE J 139 -24.39 44.10 14.97
N LEU J 140 -23.80 43.07 14.37
CA LEU J 140 -23.88 42.83 12.94
C LEU J 140 -24.67 41.54 12.78
N ASN J 141 -25.96 41.68 12.45
CA ASN J 141 -26.91 40.58 12.51
C ASN J 141 -27.38 40.03 11.16
N ASN J 142 -27.56 38.71 11.12
CA ASN J 142 -28.20 37.97 10.01
C ASN J 142 -27.50 38.15 8.66
N PHE J 143 -26.22 37.80 8.63
CA PHE J 143 -25.40 37.92 7.43
C PHE J 143 -24.82 36.57 6.99
N TYR J 144 -24.47 36.47 5.70
CA TYR J 144 -23.80 35.28 5.13
C TYR J 144 -22.92 35.69 3.93
N PRO J 145 -21.69 35.18 3.79
CA PRO J 145 -21.08 34.15 4.64
C PRO J 145 -20.51 34.66 5.94
N LYS J 146 -19.94 33.74 6.72
CA LYS J 146 -19.44 34.03 8.06
C LYS J 146 -18.32 35.08 8.12
N ASP J 147 -17.49 35.13 7.10
CA ASP J 147 -16.33 36.03 7.08
C ASP J 147 -16.76 37.51 7.03
N ILE J 148 -16.21 38.32 7.92
CA ILE J 148 -16.59 39.73 8.05
C ILE J 148 -15.52 40.54 8.79
N ASN J 149 -15.45 41.83 8.49
CA ASN J 149 -14.45 42.72 9.07
C ASN J 149 -15.20 43.84 9.82
N VAL J 150 -14.73 44.13 11.01
CA VAL J 150 -15.27 45.25 11.77
C VAL J 150 -14.13 46.14 12.24
N LYS J 151 -14.26 47.43 11.91
CA LYS J 151 -13.25 48.42 12.24
C LYS J 151 -13.88 49.45 13.17
N TRP J 152 -13.17 49.79 14.25
CA TRP J 152 -13.60 50.82 15.19
C TRP J 152 -12.80 52.10 14.98
N LYS J 153 -13.50 53.24 14.91
CA LYS J 153 -12.85 54.54 14.77
C LYS J 153 -13.33 55.49 15.85
N ILE J 154 -12.38 56.04 16.61
CA ILE J 154 -12.63 57.05 17.64
C ILE J 154 -12.20 58.39 17.04
N ASP J 155 -13.14 59.32 16.90
CA ASP J 155 -12.92 60.61 16.23
C ASP J 155 -12.30 60.48 14.83
N GLY J 156 -12.64 59.39 14.12
CA GLY J 156 -12.07 59.06 12.83
C GLY J 156 -10.79 58.23 12.82
N SER J 157 -10.09 58.11 13.96
CA SER J 157 -8.83 57.33 14.05
C SER J 157 -9.09 55.86 14.41
N GLU J 158 -8.40 54.96 13.74
CA GLU J 158 -8.58 53.53 13.96
C GLU J 158 -8.12 53.07 15.35
N ARG J 159 -8.77 52.03 15.86
CA ARG J 159 -8.54 51.53 17.21
C ARG J 159 -8.62 50.01 17.23
N GLN J 160 -7.53 49.35 17.65
CA GLN J 160 -7.47 47.90 17.71
C GLN J 160 -7.46 47.25 19.09
N ASN J 161 -7.07 47.98 20.12
CA ASN J 161 -6.96 47.44 21.50
C ASN J 161 -8.32 47.44 22.21
N GLY J 162 -8.58 46.39 22.99
CA GLY J 162 -9.83 46.23 23.73
C GLY J 162 -11.01 45.63 22.98
N VAL J 163 -10.82 45.33 21.69
CA VAL J 163 -11.90 44.90 20.81
C VAL J 163 -12.10 43.40 21.00
N LEU J 164 -13.36 42.97 21.12
CA LEU J 164 -13.69 41.54 21.28
C LEU J 164 -14.89 41.15 20.43
N ASN J 165 -14.66 40.19 19.56
CA ASN J 165 -15.62 39.76 18.54
C ASN J 165 -16.08 38.32 18.81
N SER J 166 -17.40 38.13 18.95
CA SER J 166 -17.99 36.81 19.18
C SER J 166 -19.06 36.51 18.11
N TRP J 167 -18.91 35.38 17.40
CA TRP J 167 -19.89 34.93 16.38
C TRP J 167 -20.85 33.91 16.96
N THR J 168 -22.13 33.99 16.56
CA THR J 168 -23.06 32.90 16.81
C THR J 168 -22.74 31.74 15.89
N ASP J 169 -23.21 30.56 16.28
CA ASP J 169 -23.26 29.44 15.33
C ASP J 169 -24.33 29.77 14.28
N GLN J 170 -24.28 29.06 13.16
CA GLN J 170 -25.24 29.26 12.08
C GLN J 170 -26.67 28.99 12.57
N ASP J 171 -27.59 29.82 12.09
CA ASP J 171 -28.99 29.77 12.49
C ASP J 171 -29.67 28.57 11.82
N SER J 172 -30.55 27.91 12.57
CA SER J 172 -31.23 26.69 12.13
C SER J 172 -32.35 26.95 11.13
N LYS J 173 -33.00 28.12 11.24
CA LYS J 173 -34.09 28.49 10.34
C LYS J 173 -33.62 29.13 9.02
N ASP J 174 -32.84 30.17 9.13
CA ASP J 174 -32.41 30.95 7.93
C ASP J 174 -30.94 30.84 7.54
N SER J 175 -30.16 30.05 8.22
CA SER J 175 -28.78 29.74 7.79
C SER J 175 -27.79 30.92 7.80
N THR J 176 -28.14 32.03 8.45
CA THR J 176 -27.25 33.19 8.58
C THR J 176 -26.40 33.12 9.84
N TYR J 177 -25.39 33.98 9.91
CA TYR J 177 -24.61 34.22 11.12
C TYR J 177 -24.89 35.61 11.66
N SER J 178 -24.51 35.81 12.91
CA SER J 178 -24.59 37.10 13.57
C SER J 178 -23.35 37.28 14.42
N MET J 179 -23.07 38.52 14.85
CA MET J 179 -21.84 38.82 15.56
C MET J 179 -21.89 40.10 16.41
N SER J 180 -21.29 40.02 17.61
CA SER J 180 -21.10 41.16 18.52
C SER J 180 -19.66 41.63 18.45
N SER J 181 -19.46 42.95 18.40
CA SER J 181 -18.14 43.54 18.52
C SER J 181 -18.18 44.53 19.68
N THR J 182 -17.26 44.35 20.63
CA THR J 182 -17.30 45.10 21.88
C THR J 182 -15.96 45.80 22.10
N LEU J 183 -15.94 47.13 21.92
CA LEU J 183 -14.79 47.97 22.29
C LEU J 183 -14.87 48.37 23.76
N THR J 184 -13.87 47.97 24.55
CA THR J 184 -13.90 48.14 26.02
C THR J 184 -12.87 49.24 26.43
N LEU J 185 -13.37 50.33 27.01
CA LEU J 185 -12.53 51.46 27.43
C LEU J 185 -12.70 51.78 28.91
N THR J 186 -11.74 52.53 29.45
CA THR J 186 -11.93 53.22 30.75
C THR J 186 -12.89 54.38 30.49
N LYS J 187 -13.78 54.66 31.44
CA LYS J 187 -14.67 55.82 31.35
C LYS J 187 -13.92 57.13 31.04
N ASP J 188 -12.76 57.35 31.70
CA ASP J 188 -11.97 58.56 31.44
C ASP J 188 -11.63 58.76 29.96
N GLU J 189 -11.17 57.70 29.31
CA GLU J 189 -10.88 57.75 27.87
C GLU J 189 -12.16 57.90 27.02
N TYR J 190 -13.24 57.23 27.43
CA TYR J 190 -14.50 57.35 26.70
C TYR J 190 -14.94 58.82 26.62
N GLU J 191 -14.88 59.52 27.76
CA GLU J 191 -15.33 60.90 27.82
C GLU J 191 -14.40 61.90 27.13
N ARG J 192 -13.15 61.51 26.84
CA ARG J 192 -12.22 62.36 26.06
C ARG J 192 -12.63 62.56 24.61
N HIS J 193 -13.15 61.52 23.98
CA HIS J 193 -13.47 61.56 22.54
C HIS J 193 -14.97 61.66 22.30
N ASN J 194 -15.32 62.24 21.16
CA ASN J 194 -16.72 62.60 20.84
C ASN J 194 -17.40 61.66 19.82
N SER J 195 -16.68 61.28 18.75
CA SER J 195 -17.23 60.54 17.63
C SER J 195 -16.83 59.04 17.65
N TYR J 196 -17.82 58.15 17.79
CA TYR J 196 -17.60 56.69 17.91
C TYR J 196 -18.24 55.97 16.73
N THR J 197 -17.41 55.30 15.94
CA THR J 197 -17.82 54.72 14.67
C THR J 197 -17.52 53.22 14.62
N CYS J 198 -18.44 52.50 13.98
CA CYS J 198 -18.39 51.06 13.83
C CYS J 198 -18.53 50.78 12.34
N GLU J 199 -17.46 50.30 11.71
CA GLU J 199 -17.36 50.25 10.27
C GLU J 199 -17.23 48.80 9.79
N ALA J 200 -18.29 48.27 9.17
CA ALA J 200 -18.39 46.86 8.82
C ALA J 200 -18.17 46.62 7.32
N THR J 201 -17.19 45.78 6.98
CA THR J 201 -16.94 45.39 5.59
C THR J 201 -17.34 43.93 5.41
N HIS J 202 -18.03 43.65 4.29
CA HIS J 202 -18.55 42.32 4.02
C HIS J 202 -18.59 42.05 2.51
N LYS J 203 -18.45 40.78 2.14
CA LYS J 203 -18.49 40.31 0.75
C LYS J 203 -19.61 40.94 -0.12
N THR J 204 -20.76 41.16 0.49
CA THR J 204 -21.96 41.68 -0.14
C THR J 204 -21.83 43.13 -0.71
N SER J 205 -20.92 43.97 -0.18
CA SER J 205 -21.15 45.39 -0.17
C SER J 205 -20.08 46.26 -0.89
N THR J 206 -20.59 47.24 -1.60
CA THR J 206 -19.72 48.11 -2.38
C THR J 206 -18.95 49.01 -1.43
N SER J 207 -19.67 49.60 -0.48
CA SER J 207 -19.12 50.51 0.52
C SER J 207 -19.01 49.59 1.70
N PRO J 208 -18.14 49.93 2.71
CA PRO J 208 -18.40 49.51 4.10
C PRO J 208 -19.70 50.10 4.66
N ILE J 209 -20.32 49.37 5.59
CA ILE J 209 -21.51 49.83 6.28
C ILE J 209 -21.03 50.51 7.57
N VAL J 210 -21.49 51.75 7.79
CA VAL J 210 -20.99 52.61 8.87
C VAL J 210 -22.15 53.02 9.75
N LYS J 211 -21.99 52.80 11.05
CA LYS J 211 -22.93 53.31 12.04
C LYS J 211 -22.13 54.11 13.06
N SER J 212 -22.70 55.24 13.48
CA SER J 212 -21.99 56.19 14.34
C SER J 212 -22.92 56.92 15.27
N PHE J 213 -22.35 57.35 16.39
CA PHE J 213 -23.02 58.31 17.27
C PHE J 213 -21.98 59.31 17.75
N ASN J 214 -22.46 60.48 18.16
CA ASN J 214 -21.65 61.45 18.88
C ASN J 214 -22.10 61.51 20.34
N ARG J 215 -21.13 61.55 21.24
CA ARG J 215 -21.34 61.40 22.71
C ARG J 215 -22.43 62.33 23.32
N ASN J 216 -22.69 63.46 22.65
CA ASN J 216 -23.71 64.41 23.09
C ASN J 216 -24.72 64.73 21.96
N GLU J 217 -25.74 63.85 21.79
CA GLU J 217 -26.81 64.08 20.78
C GLU J 217 -28.24 63.78 21.22
N GLU K 1 40.94 -4.20 -33.17
CA GLU K 1 39.72 -4.30 -34.00
C GLU K 1 38.82 -5.35 -33.39
N VAL K 2 37.55 -5.00 -33.23
CA VAL K 2 36.59 -5.92 -32.63
C VAL K 2 36.04 -6.84 -33.71
N LYS K 3 35.88 -8.12 -33.37
CA LYS K 3 35.28 -9.12 -34.27
C LYS K 3 34.43 -10.08 -33.47
N LEU K 4 33.25 -10.40 -34.00
CA LEU K 4 32.30 -11.34 -33.40
C LEU K 4 31.83 -12.26 -34.51
N GLU K 5 31.97 -13.57 -34.32
CA GLU K 5 31.54 -14.55 -35.32
C GLU K 5 30.58 -15.52 -34.68
N GLU K 6 29.33 -15.52 -35.17
CA GLU K 6 28.34 -16.50 -34.76
C GLU K 6 28.40 -17.77 -35.61
N SER K 7 27.91 -18.87 -35.05
CA SER K 7 27.83 -20.15 -35.73
C SER K 7 26.83 -21.04 -35.02
N GLY K 8 26.37 -22.09 -35.70
CA GLY K 8 25.40 -23.04 -35.13
C GLY K 8 23.94 -22.82 -35.52
N GLY K 9 23.67 -21.86 -36.37
CA GLY K 9 22.31 -21.66 -36.92
C GLY K 9 21.92 -22.76 -37.88
N GLY K 10 20.64 -22.86 -38.19
CA GLY K 10 20.16 -23.83 -39.17
C GLY K 10 18.68 -24.11 -39.10
N LEU K 11 18.30 -25.34 -39.44
CA LEU K 11 16.90 -25.80 -39.43
C LEU K 11 16.64 -26.71 -38.25
N VAL K 12 15.50 -26.51 -37.56
CA VAL K 12 15.04 -27.40 -36.49
C VAL K 12 13.52 -27.52 -36.54
N GLN K 13 13.01 -28.68 -36.14
CA GLN K 13 11.57 -28.91 -36.06
C GLN K 13 11.00 -28.26 -34.79
N PRO K 14 9.71 -27.84 -34.79
CA PRO K 14 9.11 -27.26 -33.59
C PRO K 14 9.19 -28.18 -32.34
N GLY K 15 9.62 -27.62 -31.22
CA GLY K 15 9.89 -28.40 -30.02
C GLY K 15 11.34 -28.85 -29.83
N GLY K 16 12.15 -28.80 -30.88
CA GLY K 16 13.56 -29.24 -30.81
C GLY K 16 14.49 -28.26 -30.12
N SER K 17 15.80 -28.51 -30.24
CA SER K 17 16.83 -27.71 -29.58
C SER K 17 17.95 -27.30 -30.51
N MET K 18 18.66 -26.23 -30.15
CA MET K 18 19.83 -25.79 -30.89
C MET K 18 20.73 -24.93 -30.00
N LYS K 19 22.04 -25.01 -30.25
CA LYS K 19 23.03 -24.24 -29.49
C LYS K 19 23.78 -23.29 -30.41
N LEU K 20 23.59 -21.99 -30.21
CA LEU K 20 24.37 -20.95 -30.90
C LEU K 20 25.63 -20.62 -30.11
N SER K 21 26.67 -20.27 -30.84
CA SER K 21 27.99 -19.99 -30.28
C SER K 21 28.56 -18.71 -30.90
N CYS K 22 29.27 -17.92 -30.10
CA CYS K 22 29.75 -16.60 -30.51
C CYS K 22 31.19 -16.39 -30.07
N ALA K 23 32.12 -16.39 -31.02
CA ALA K 23 33.56 -16.18 -30.75
C ALA K 23 33.94 -14.71 -30.90
N ALA K 24 34.36 -14.07 -29.81
CA ALA K 24 34.71 -12.63 -29.80
C ALA K 24 36.19 -12.41 -29.62
N SER K 25 36.73 -11.38 -30.29
CA SER K 25 38.08 -10.88 -30.01
C SER K 25 38.14 -9.36 -30.17
N GLY K 26 39.26 -8.76 -29.79
CA GLY K 26 39.51 -7.32 -29.97
C GLY K 26 39.20 -6.43 -28.79
N PHE K 27 38.80 -7.00 -27.66
CA PHE K 27 38.51 -6.21 -26.46
C PHE K 27 38.59 -7.10 -25.22
N THR K 28 38.68 -6.49 -24.05
CA THR K 28 38.78 -7.24 -22.81
C THR K 28 37.46 -8.01 -22.55
N PHE K 29 37.47 -9.29 -22.95
CA PHE K 29 36.26 -10.09 -22.95
C PHE K 29 35.67 -10.25 -21.57
N SER K 30 36.51 -10.59 -20.58
CA SER K 30 36.01 -10.83 -19.23
C SER K 30 35.23 -9.63 -18.65
N ASP K 31 35.60 -8.40 -19.05
CA ASP K 31 34.86 -7.20 -18.63
C ASP K 31 33.56 -6.93 -19.38
N ALA K 32 33.44 -7.39 -20.62
CA ALA K 32 32.30 -7.01 -21.44
C ALA K 32 31.01 -7.72 -21.01
N TRP K 33 29.93 -6.97 -21.03
CA TRP K 33 28.57 -7.52 -20.94
C TRP K 33 28.22 -7.88 -22.37
N MET K 34 27.70 -9.09 -22.56
CA MET K 34 27.36 -9.62 -23.90
C MET K 34 25.88 -9.92 -23.98
N ASP K 35 25.32 -9.87 -25.19
CA ASP K 35 23.90 -10.06 -25.44
C ASP K 35 23.64 -10.86 -26.72
N TRP K 36 22.43 -11.37 -26.88
CA TRP K 36 21.92 -11.87 -28.15
C TRP K 36 20.69 -11.07 -28.54
N VAL K 37 20.62 -10.71 -29.82
CA VAL K 37 19.49 -9.98 -30.41
C VAL K 37 19.10 -10.74 -31.66
N ARG K 38 17.80 -10.76 -31.96
CA ARG K 38 17.29 -11.41 -33.18
C ARG K 38 16.46 -10.47 -34.04
N GLN K 39 16.41 -10.74 -35.33
CA GLN K 39 15.66 -9.94 -36.26
C GLN K 39 14.79 -10.81 -37.17
N SER K 40 13.53 -10.42 -37.31
CA SER K 40 12.60 -11.03 -38.24
C SER K 40 11.80 -9.92 -38.89
N PRO K 41 11.22 -10.20 -40.06
CA PRO K 41 10.33 -9.21 -40.67
C PRO K 41 9.07 -8.91 -39.86
N GLU K 42 8.55 -9.89 -39.11
CA GLU K 42 7.32 -9.70 -38.34
C GLU K 42 7.57 -8.84 -37.10
N LYS K 43 8.56 -9.26 -36.31
CA LYS K 43 8.81 -8.68 -35.00
C LYS K 43 9.87 -7.53 -35.00
N GLY K 44 10.62 -7.39 -36.09
CA GLY K 44 11.72 -6.42 -36.15
C GLY K 44 12.88 -6.91 -35.31
N LEU K 45 13.55 -5.98 -34.62
CA LEU K 45 14.68 -6.30 -33.74
C LEU K 45 14.21 -6.53 -32.32
N GLU K 46 14.42 -7.72 -31.77
CA GLU K 46 14.17 -8.04 -30.35
C GLU K 46 15.43 -8.47 -29.62
N TRP K 47 15.69 -7.82 -28.49
CA TRP K 47 16.67 -8.29 -27.54
C TRP K 47 16.20 -9.63 -27.00
N VAL K 48 17.13 -10.56 -26.84
CA VAL K 48 16.79 -11.91 -26.43
C VAL K 48 17.35 -12.24 -25.03
N ALA K 49 18.66 -12.09 -24.86
CA ALA K 49 19.30 -12.47 -23.62
C ALA K 49 20.53 -11.63 -23.33
N GLU K 50 20.86 -11.49 -22.04
CA GLU K 50 22.04 -10.78 -21.58
C GLU K 50 22.81 -11.67 -20.62
N ILE K 51 24.14 -11.59 -20.69
CA ILE K 51 25.01 -12.08 -19.63
C ILE K 51 26.04 -11.01 -19.29
N ARG K 52 26.21 -10.75 -17.99
CA ARG K 52 27.10 -9.69 -17.51
C ARG K 52 28.45 -10.28 -17.06
N ASN K 53 29.35 -9.39 -16.62
CA ASN K 53 30.73 -9.78 -16.25
C ASN K 53 30.83 -10.42 -14.87
N LYS K 54 32.03 -10.88 -14.53
CA LYS K 54 32.29 -11.52 -13.23
C LYS K 54 31.97 -10.61 -12.04
N VAL K 55 32.14 -9.30 -12.19
CA VAL K 55 31.83 -8.33 -11.13
C VAL K 55 30.32 -8.24 -10.83
N ASN K 56 29.49 -8.46 -11.85
CA ASN K 56 28.02 -8.59 -11.69
C ASN K 56 27.54 -10.03 -11.57
N ASN K 57 28.42 -10.92 -11.10
CA ASN K 57 28.07 -12.33 -10.83
C ASN K 57 27.55 -13.10 -12.06
N HIS K 58 28.01 -12.74 -13.25
CA HIS K 58 27.55 -13.36 -14.49
C HIS K 58 26.02 -13.40 -14.59
N ALA K 59 25.41 -12.29 -14.19
CA ALA K 59 23.96 -12.23 -14.09
C ALA K 59 23.35 -12.38 -15.47
N THR K 60 22.33 -13.21 -15.58
CA THR K 60 21.63 -13.41 -16.83
C THR K 60 20.27 -12.75 -16.79
N ASN K 61 19.79 -12.38 -17.96
CA ASN K 61 18.45 -11.84 -18.14
C ASN K 61 17.92 -12.33 -19.47
N TYR K 62 16.60 -12.40 -19.58
CA TYR K 62 15.97 -12.88 -20.81
C TYR K 62 14.72 -12.06 -21.13
N ALA K 63 14.39 -12.05 -22.41
CA ALA K 63 13.10 -11.53 -22.86
C ALA K 63 12.01 -12.48 -22.43
N GLU K 64 10.86 -11.92 -22.10
CA GLU K 64 9.76 -12.70 -21.51
C GLU K 64 9.39 -13.92 -22.38
N SER K 65 9.40 -13.76 -23.70
CA SER K 65 8.97 -14.81 -24.60
C SER K 65 9.92 -16.00 -24.69
N VAL K 66 11.11 -15.91 -24.10
CA VAL K 66 12.07 -17.01 -24.14
C VAL K 66 12.47 -17.58 -22.75
N LYS K 67 11.86 -17.07 -21.68
CA LYS K 67 12.16 -17.55 -20.32
C LYS K 67 11.84 -19.01 -20.16
N GLY K 68 12.71 -19.75 -19.49
CA GLY K 68 12.55 -21.19 -19.30
C GLY K 68 12.98 -22.04 -20.48
N ARG K 69 13.18 -21.44 -21.65
CA ARG K 69 13.50 -22.15 -22.88
C ARG K 69 14.93 -21.89 -23.32
N PHE K 70 15.33 -20.61 -23.31
CA PHE K 70 16.65 -20.19 -23.75
C PHE K 70 17.58 -20.06 -22.54
N THR K 71 18.84 -20.46 -22.69
CA THR K 71 19.87 -20.30 -21.65
C THR K 71 21.14 -19.72 -22.25
N ILE K 72 21.57 -18.57 -21.71
CA ILE K 72 22.81 -17.90 -22.13
C ILE K 72 23.94 -18.25 -21.14
N SER K 73 25.16 -18.31 -21.63
CA SER K 73 26.32 -18.60 -20.78
C SER K 73 27.60 -18.18 -21.48
N ARG K 74 28.72 -18.21 -20.75
CA ARG K 74 29.98 -17.76 -21.31
C ARG K 74 31.18 -18.46 -20.74
N ASP K 75 32.21 -18.61 -21.57
CA ASP K 75 33.52 -19.13 -21.18
C ASP K 75 34.51 -17.98 -21.32
N ASP K 76 34.80 -17.30 -20.21
CA ASP K 76 35.75 -16.18 -20.25
C ASP K 76 37.17 -16.62 -20.65
N SER K 77 37.56 -17.87 -20.38
CA SER K 77 38.87 -18.35 -20.81
C SER K 77 38.99 -18.48 -22.34
N ARG K 78 37.88 -18.72 -23.04
CA ARG K 78 37.89 -18.85 -24.51
C ARG K 78 37.25 -17.70 -25.30
N SER K 79 36.77 -16.68 -24.60
CA SER K 79 36.12 -15.51 -25.22
C SER K 79 34.93 -15.95 -26.07
N VAL K 80 34.05 -16.76 -25.50
CA VAL K 80 32.92 -17.31 -26.25
C VAL K 80 31.65 -17.15 -25.41
N VAL K 81 30.55 -16.84 -26.10
CA VAL K 81 29.22 -16.81 -25.51
C VAL K 81 28.38 -17.85 -26.21
N TYR K 82 27.57 -18.55 -25.43
CA TYR K 82 26.70 -19.59 -25.93
C TYR K 82 25.24 -19.17 -25.75
N LEU K 83 24.36 -19.71 -26.59
CA LEU K 83 22.91 -19.60 -26.42
C LEU K 83 22.26 -20.97 -26.69
N GLN K 84 21.82 -21.62 -25.62
CA GLN K 84 21.14 -22.92 -25.67
C GLN K 84 19.64 -22.63 -25.78
N MET K 85 19.02 -23.07 -26.87
CA MET K 85 17.59 -22.88 -27.09
C MET K 85 16.86 -24.23 -27.07
N ASN K 86 15.86 -24.35 -26.21
CA ASN K 86 15.03 -25.55 -26.06
C ASN K 86 13.57 -25.24 -26.37
N ASN K 87 12.84 -26.25 -26.90
CA ASN K 87 11.40 -26.16 -27.14
C ASN K 87 11.06 -25.05 -28.14
N LEU K 88 11.77 -25.07 -29.28
CA LEU K 88 11.71 -23.98 -30.26
C LEU K 88 10.34 -23.89 -30.95
N LYS K 89 9.85 -22.67 -31.14
CA LYS K 89 8.58 -22.40 -31.81
C LYS K 89 8.85 -21.73 -33.15
N PRO K 90 7.85 -21.71 -34.06
CA PRO K 90 8.09 -21.01 -35.33
C PRO K 90 8.38 -19.52 -35.16
N GLU K 91 7.75 -18.90 -34.16
CA GLU K 91 8.00 -17.49 -33.83
C GLU K 91 9.46 -17.18 -33.44
N ASP K 92 10.25 -18.19 -33.05
CA ASP K 92 11.68 -18.03 -32.81
C ASP K 92 12.53 -17.96 -34.08
N THR K 93 11.92 -18.07 -35.25
CA THR K 93 12.64 -17.93 -36.51
C THR K 93 13.17 -16.53 -36.70
N GLY K 94 14.41 -16.42 -37.18
CA GLY K 94 15.01 -15.14 -37.54
C GLY K 94 16.53 -15.19 -37.63
N ILE K 95 17.15 -14.03 -37.78
CA ILE K 95 18.59 -13.87 -37.83
C ILE K 95 19.04 -13.50 -36.40
N TYR K 96 19.99 -14.26 -35.84
CA TYR K 96 20.44 -14.10 -34.46
C TYR K 96 21.83 -13.48 -34.42
N TYR K 97 21.90 -12.24 -33.90
CA TYR K 97 23.14 -11.50 -33.73
C TYR K 97 23.68 -11.62 -32.31
N CYS K 98 24.98 -11.82 -32.21
CA CYS K 98 25.70 -11.74 -30.96
C CYS K 98 26.30 -10.34 -30.85
N THR K 99 26.11 -9.70 -29.69
CA THR K 99 26.59 -8.33 -29.47
C THR K 99 27.44 -8.24 -28.20
N GLY K 100 28.48 -7.38 -28.27
CA GLY K 100 29.36 -7.14 -27.12
C GLY K 100 29.36 -5.70 -26.67
N LEU K 101 29.62 -5.51 -25.38
CA LEU K 101 29.54 -4.19 -24.73
C LEU K 101 28.14 -3.63 -24.93
N THR K 102 27.20 -4.36 -24.32
CA THR K 102 25.78 -4.32 -24.66
C THR K 102 25.61 -4.31 -26.19
N PHE K 103 25.29 -3.16 -26.81
CA PHE K 103 25.08 -3.10 -28.26
C PHE K 103 26.10 -2.23 -29.01
N ASP K 104 27.30 -2.08 -28.46
CA ASP K 104 28.36 -1.32 -29.16
C ASP K 104 28.86 -2.03 -30.41
N TYR K 105 29.01 -3.35 -30.32
CA TYR K 105 29.61 -4.15 -31.41
C TYR K 105 28.72 -5.34 -31.76
N TRP K 106 28.55 -5.61 -33.05
CA TRP K 106 27.64 -6.66 -33.53
C TRP K 106 28.33 -7.59 -34.51
N GLY K 107 28.03 -8.89 -34.42
CA GLY K 107 28.50 -9.87 -35.40
C GLY K 107 27.66 -9.83 -36.67
N GLN K 108 28.05 -10.62 -37.66
CA GLN K 108 27.33 -10.70 -38.93
C GLN K 108 26.01 -11.45 -38.82
N GLY K 109 25.90 -12.34 -37.85
CA GLY K 109 24.65 -13.03 -37.54
C GLY K 109 24.56 -14.42 -38.14
N THR K 110 23.65 -15.23 -37.61
CA THR K 110 23.40 -16.59 -38.08
C THR K 110 21.89 -16.86 -38.11
N THR K 111 21.42 -17.56 -39.14
CA THR K 111 19.98 -17.74 -39.38
C THR K 111 19.46 -18.98 -38.69
N LEU K 112 18.28 -18.87 -38.08
CA LEU K 112 17.58 -19.97 -37.43
C LEU K 112 16.21 -20.08 -38.04
N THR K 113 15.89 -21.25 -38.59
CA THR K 113 14.57 -21.53 -39.15
C THR K 113 13.93 -22.68 -38.36
N VAL K 114 12.75 -22.41 -37.77
CA VAL K 114 12.00 -23.41 -37.01
C VAL K 114 10.78 -23.78 -37.85
N SER K 115 10.82 -24.98 -38.44
CA SER K 115 9.74 -25.42 -39.35
C SER K 115 9.68 -26.95 -39.48
N SER K 116 8.55 -27.44 -39.97
CA SER K 116 8.38 -28.87 -40.22
C SER K 116 8.80 -29.26 -41.62
N ALA K 117 8.85 -28.30 -42.54
CA ALA K 117 9.35 -28.53 -43.88
C ALA K 117 10.78 -29.03 -43.82
N LYS K 118 11.13 -29.82 -44.84
CA LYS K 118 12.40 -30.51 -44.88
C LYS K 118 13.43 -29.72 -45.64
N THR K 119 14.69 -30.00 -45.31
CA THR K 119 15.82 -29.42 -46.01
C THR K 119 15.73 -29.82 -47.48
N THR K 120 15.87 -28.83 -48.35
CA THR K 120 15.84 -29.05 -49.79
C THR K 120 16.96 -28.24 -50.40
N ALA K 121 17.84 -28.90 -51.15
CA ALA K 121 18.93 -28.20 -51.85
C ALA K 121 18.35 -27.37 -53.00
N PRO K 122 19.04 -26.28 -53.38
CA PRO K 122 18.61 -25.50 -54.53
C PRO K 122 18.95 -26.22 -55.82
N SER K 123 18.24 -25.85 -56.88
CA SER K 123 18.69 -26.08 -58.24
C SER K 123 19.31 -24.77 -58.67
N VAL K 124 20.48 -24.84 -59.32
CA VAL K 124 21.23 -23.65 -59.70
C VAL K 124 21.33 -23.61 -61.22
N TYR K 125 20.75 -22.58 -61.85
CA TYR K 125 20.69 -22.47 -63.29
C TYR K 125 21.45 -21.22 -63.76
N PRO K 126 22.31 -21.36 -64.80
CA PRO K 126 22.97 -20.20 -65.40
C PRO K 126 22.03 -19.49 -66.35
N LEU K 127 22.20 -18.18 -66.50
CA LEU K 127 21.36 -17.41 -67.41
C LEU K 127 22.21 -16.58 -68.36
N ALA K 128 22.39 -17.12 -69.57
CA ALA K 128 23.10 -16.46 -70.65
C ALA K 128 22.14 -15.60 -71.45
N PRO K 129 22.65 -14.55 -72.13
CA PRO K 129 21.75 -13.71 -72.93
C PRO K 129 21.09 -14.44 -74.10
N VAL K 130 20.10 -13.77 -74.71
CA VAL K 130 19.45 -14.23 -75.94
C VAL K 130 20.48 -14.45 -77.06
N CYS K 131 20.29 -15.51 -77.86
CA CYS K 131 20.90 -15.66 -79.21
C CYS K 131 20.96 -14.33 -79.98
N THR K 135 24.88 -7.58 -77.97
CA THR K 135 24.73 -6.55 -79.02
C THR K 135 25.39 -5.20 -78.68
N GLY K 136 25.07 -4.62 -77.51
CA GLY K 136 25.55 -3.27 -77.13
C GLY K 136 26.95 -3.18 -76.52
N SER K 137 27.21 -2.13 -75.73
CA SER K 137 28.52 -1.96 -75.09
C SER K 137 28.71 -2.99 -73.95
N SER K 138 28.04 -2.78 -72.82
CA SER K 138 27.96 -3.81 -71.76
C SER K 138 27.07 -4.99 -72.16
N VAL K 139 27.17 -6.07 -71.38
CA VAL K 139 26.27 -7.23 -71.48
C VAL K 139 25.95 -7.71 -70.07
N THR K 140 24.76 -8.27 -69.89
CA THR K 140 24.29 -8.68 -68.57
C THR K 140 24.03 -10.19 -68.53
N LEU K 141 24.57 -10.85 -67.50
CA LEU K 141 24.38 -12.28 -67.24
C LEU K 141 23.61 -12.47 -65.95
N GLY K 142 23.09 -13.67 -65.74
CA GLY K 142 22.32 -13.99 -64.54
C GLY K 142 22.54 -15.38 -64.00
N CYS K 143 22.03 -15.62 -62.80
CA CYS K 143 22.11 -16.89 -62.13
C CYS K 143 20.85 -17.08 -61.28
N LEU K 144 20.09 -18.14 -61.53
CA LEU K 144 18.85 -18.42 -60.81
C LEU K 144 19.08 -19.52 -59.79
N VAL K 145 18.63 -19.29 -58.56
CA VAL K 145 18.77 -20.27 -57.47
C VAL K 145 17.35 -20.56 -56.98
N LYS K 146 16.89 -21.79 -57.21
CA LYS K 146 15.45 -22.10 -57.10
C LYS K 146 15.17 -23.35 -56.27
N GLY K 147 14.08 -23.31 -55.50
CA GLY K 147 13.57 -24.47 -54.78
C GLY K 147 14.43 -24.93 -53.61
N TYR K 148 14.92 -24.00 -52.80
CA TYR K 148 15.69 -24.35 -51.61
C TYR K 148 14.96 -24.01 -50.33
N PHE K 149 15.38 -24.67 -49.25
CA PHE K 149 14.84 -24.44 -47.92
C PHE K 149 15.80 -25.09 -46.91
N PRO K 150 16.06 -24.45 -45.77
CA PRO K 150 15.62 -23.11 -45.40
C PRO K 150 16.61 -22.06 -45.90
N GLU K 151 16.50 -20.81 -45.42
CA GLU K 151 17.51 -19.79 -45.68
C GLU K 151 18.73 -20.09 -44.78
N PRO K 152 19.92 -19.59 -45.13
CA PRO K 152 20.19 -18.78 -46.33
C PRO K 152 20.94 -19.57 -47.38
N VAL K 153 21.10 -18.95 -48.54
CA VAL K 153 22.17 -19.28 -49.49
C VAL K 153 23.09 -18.09 -49.59
N THR K 154 24.33 -18.36 -49.99
CA THR K 154 25.31 -17.34 -50.30
C THR K 154 25.65 -17.48 -51.78
N LEU K 155 25.70 -16.35 -52.49
CA LEU K 155 26.00 -16.29 -53.91
C LEU K 155 27.10 -15.28 -54.18
N THR K 156 28.12 -15.69 -54.96
CA THR K 156 29.17 -14.80 -55.45
C THR K 156 29.45 -15.09 -56.92
N TRP K 157 30.17 -14.18 -57.56
CA TRP K 157 30.62 -14.32 -58.95
C TRP K 157 32.15 -14.35 -58.97
N ASN K 158 32.73 -15.39 -59.58
CA ASN K 158 34.17 -15.63 -59.55
C ASN K 158 34.76 -15.55 -58.15
N SER K 159 34.09 -16.21 -57.21
CA SER K 159 34.48 -16.30 -55.79
C SER K 159 34.62 -14.94 -55.06
N GLY K 160 33.89 -13.93 -55.54
CA GLY K 160 33.95 -12.59 -54.97
C GLY K 160 34.79 -11.60 -55.77
N SER K 161 35.57 -12.09 -56.76
CA SER K 161 36.35 -11.24 -57.66
C SER K 161 35.49 -10.18 -58.35
N LEU K 162 34.31 -10.59 -58.82
CA LEU K 162 33.39 -9.71 -59.51
C LEU K 162 32.37 -9.21 -58.48
N SER K 163 32.65 -8.03 -57.94
CA SER K 163 31.86 -7.41 -56.88
C SER K 163 30.98 -6.29 -57.44
N SER K 164 31.59 -5.36 -58.17
CA SER K 164 30.84 -4.22 -58.76
C SER K 164 30.06 -4.69 -59.98
N GLY K 165 28.96 -3.99 -60.27
CA GLY K 165 28.04 -4.37 -61.34
C GLY K 165 27.18 -5.59 -61.01
N VAL K 166 27.08 -5.95 -59.73
CA VAL K 166 26.34 -7.12 -59.26
C VAL K 166 25.07 -6.70 -58.50
N HIS K 167 23.98 -7.39 -58.76
CA HIS K 167 22.73 -7.22 -58.03
C HIS K 167 22.23 -8.59 -57.62
N THR K 168 22.15 -8.85 -56.33
CA THR K 168 21.68 -10.12 -55.80
C THR K 168 20.41 -9.85 -55.05
N PHE K 169 19.31 -10.45 -55.49
CA PHE K 169 17.99 -10.05 -55.05
C PHE K 169 17.56 -10.84 -53.83
N PRO K 170 16.77 -10.21 -52.93
CA PRO K 170 16.28 -10.94 -51.76
C PRO K 170 15.48 -12.18 -52.14
N ALA K 171 15.64 -13.24 -51.36
CA ALA K 171 14.89 -14.47 -51.56
C ALA K 171 13.40 -14.27 -51.27
N LEU K 172 12.56 -14.92 -52.07
CA LEU K 172 11.13 -14.93 -51.84
C LEU K 172 10.61 -16.35 -51.73
N LEU K 173 9.53 -16.52 -50.96
CA LEU K 173 8.96 -17.82 -50.65
C LEU K 173 7.88 -18.21 -51.68
N LEU K 174 8.30 -18.94 -52.72
CA LEU K 174 7.40 -19.46 -53.77
C LEU K 174 6.77 -20.78 -53.29
N SER K 175 5.68 -20.69 -52.54
CA SER K 175 4.91 -21.85 -52.04
C SER K 175 5.75 -22.81 -51.17
N GLY K 176 6.28 -22.27 -50.07
CA GLY K 176 7.07 -23.07 -49.11
C GLY K 176 8.51 -23.44 -49.53
N LEU K 177 8.99 -22.86 -50.62
CA LEU K 177 10.38 -23.05 -51.09
C LEU K 177 10.95 -21.72 -51.62
N TYR K 178 12.21 -21.42 -51.27
CA TYR K 178 12.82 -20.13 -51.60
C TYR K 178 13.42 -20.05 -53.01
N THR K 179 13.36 -18.83 -53.57
CA THR K 179 13.96 -18.51 -54.87
C THR K 179 14.62 -17.12 -54.83
N LEU K 180 15.91 -17.07 -55.18
CA LEU K 180 16.55 -15.79 -55.49
C LEU K 180 17.29 -15.88 -56.80
N SER K 181 17.53 -14.72 -57.40
CA SER K 181 18.32 -14.57 -58.60
C SER K 181 19.47 -13.62 -58.31
N SER K 182 20.44 -13.54 -59.21
CA SER K 182 21.48 -12.52 -59.17
C SER K 182 21.89 -12.15 -60.60
N SER K 183 22.11 -10.86 -60.84
CA SER K 183 22.55 -10.36 -62.15
C SER K 183 23.97 -9.87 -62.03
N VAL K 184 24.69 -9.87 -63.14
CA VAL K 184 26.02 -9.22 -63.22
C VAL K 184 26.21 -8.58 -64.58
N THR K 185 26.74 -7.36 -64.60
CA THR K 185 26.92 -6.63 -65.85
C THR K 185 28.38 -6.23 -66.03
N VAL K 186 28.96 -6.66 -67.15
CA VAL K 186 30.34 -6.36 -67.54
C VAL K 186 30.38 -5.85 -68.97
N THR K 187 31.51 -5.29 -69.39
CA THR K 187 31.68 -4.82 -70.79
C THR K 187 31.77 -6.04 -71.71
N SER K 188 31.22 -5.95 -72.92
CA SER K 188 31.22 -7.08 -73.87
C SER K 188 32.62 -7.51 -74.37
N ASN K 189 33.63 -6.68 -74.11
CA ASN K 189 35.04 -7.09 -74.26
C ASN K 189 35.36 -8.27 -73.34
N THR K 190 34.80 -8.22 -72.13
CA THR K 190 35.05 -9.23 -71.10
C THR K 190 34.45 -10.61 -71.38
N TRP K 191 33.25 -10.66 -71.98
CA TRP K 191 32.50 -11.91 -72.11
C TRP K 191 31.99 -12.10 -73.54
N PRO K 192 32.15 -13.30 -74.15
CA PRO K 192 32.61 -14.53 -73.49
C PRO K 192 34.15 -14.78 -73.50
N SER K 193 34.97 -13.73 -73.63
CA SER K 193 36.44 -13.88 -73.64
C SER K 193 36.94 -14.51 -72.34
N GLN K 194 36.40 -14.00 -71.23
CA GLN K 194 36.71 -14.52 -69.89
C GLN K 194 35.57 -15.36 -69.36
N THR K 195 35.92 -16.38 -68.61
CA THR K 195 34.98 -17.24 -67.90
C THR K 195 34.38 -16.46 -66.73
N ILE K 196 33.05 -16.49 -66.64
CA ILE K 196 32.34 -15.93 -65.50
C ILE K 196 31.53 -17.06 -64.88
N THR K 197 31.71 -17.28 -63.59
CA THR K 197 31.15 -18.41 -62.86
C THR K 197 30.29 -17.93 -61.70
N CYS K 198 29.08 -18.46 -61.61
CA CYS K 198 28.18 -18.24 -60.49
C CYS K 198 28.53 -19.26 -59.38
N ASN K 199 28.90 -18.77 -58.18
CA ASN K 199 29.23 -19.66 -57.03
C ASN K 199 28.12 -19.64 -56.00
N VAL K 200 27.53 -20.80 -55.71
CA VAL K 200 26.38 -20.90 -54.81
C VAL K 200 26.64 -21.92 -53.71
N ALA K 201 26.31 -21.57 -52.48
CA ALA K 201 26.43 -22.45 -51.33
C ALA K 201 25.11 -22.44 -50.57
N HIS K 202 24.73 -23.58 -50.03
CA HIS K 202 23.55 -23.72 -49.19
C HIS K 202 23.95 -24.61 -48.01
N PRO K 203 24.44 -24.00 -46.92
CA PRO K 203 24.95 -24.73 -45.76
C PRO K 203 24.05 -25.86 -45.28
N ALA K 204 22.76 -25.55 -45.12
CA ALA K 204 21.78 -26.50 -44.56
C ALA K 204 21.72 -27.89 -45.22
N SER K 205 21.99 -27.94 -46.53
CA SER K 205 21.99 -29.20 -47.27
C SER K 205 23.39 -29.62 -47.75
N SER K 206 24.44 -28.96 -47.26
CA SER K 206 25.83 -29.19 -47.72
C SER K 206 26.00 -29.03 -49.24
N THR K 207 25.21 -28.15 -49.84
CA THR K 207 25.26 -27.92 -51.28
C THR K 207 26.28 -26.84 -51.60
N LYS K 208 27.04 -27.06 -52.66
CA LYS K 208 28.12 -26.16 -53.07
C LYS K 208 28.26 -26.32 -54.59
N VAL K 209 27.81 -25.31 -55.35
CA VAL K 209 27.72 -25.40 -56.82
C VAL K 209 28.37 -24.23 -57.51
N ASP K 210 29.15 -24.52 -58.55
CA ASP K 210 29.74 -23.51 -59.42
C ASP K 210 29.20 -23.74 -60.82
N LYS K 211 28.40 -22.81 -61.32
CA LYS K 211 27.91 -22.87 -62.70
C LYS K 211 28.59 -21.81 -63.54
N LYS K 212 29.34 -22.23 -64.55
CA LYS K 212 29.86 -21.34 -65.59
C LYS K 212 28.71 -20.84 -66.46
N ILE K 213 28.80 -19.62 -66.97
CA ILE K 213 27.81 -19.05 -67.88
C ILE K 213 28.33 -19.18 -69.30
N GLU K 214 27.57 -19.82 -70.20
CA GLU K 214 28.03 -20.10 -71.58
C GLU K 214 26.99 -19.69 -72.65
N PRO K 215 27.45 -19.15 -73.81
CA PRO K 215 26.53 -18.81 -74.89
C PRO K 215 25.71 -19.98 -75.43
N ARG K 216 24.57 -19.65 -76.04
CA ARG K 216 23.54 -20.60 -76.38
C ARG K 216 23.77 -21.10 -77.82
N GLY K 217 23.51 -22.40 -78.02
CA GLY K 217 23.48 -23.03 -79.35
C GLY K 217 22.04 -23.20 -79.84
N PRO K 218 21.76 -22.79 -81.10
CA PRO K 218 20.39 -22.85 -81.62
C PRO K 218 19.85 -24.26 -81.85
N ASP L 1 7.34 -3.73 -20.29
CA ASP L 1 8.31 -3.36 -21.36
C ASP L 1 8.03 -1.92 -21.81
N ILE L 2 9.08 -1.19 -22.13
CA ILE L 2 8.97 0.12 -22.71
C ILE L 2 8.89 -0.01 -24.21
N VAL L 3 7.78 0.45 -24.80
CA VAL L 3 7.55 0.39 -26.23
C VAL L 3 8.03 1.68 -26.89
N LEU L 4 8.85 1.54 -27.94
CA LEU L 4 9.31 2.66 -28.77
C LEU L 4 8.59 2.68 -30.12
N THR L 5 8.06 3.85 -30.49
CA THR L 5 7.27 4.00 -31.70
C THR L 5 7.95 5.07 -32.57
N GLN L 6 8.46 4.66 -33.73
CA GLN L 6 9.11 5.59 -34.65
C GLN L 6 8.15 6.21 -35.64
N SER L 7 8.43 7.44 -36.03
CA SER L 7 7.78 8.08 -37.18
C SER L 7 8.83 8.95 -37.91
N PRO L 8 8.74 9.11 -39.23
CA PRO L 8 7.82 8.37 -40.08
C PRO L 8 8.34 6.96 -40.38
N ALA L 9 7.54 6.18 -41.08
CA ALA L 9 7.91 4.82 -41.47
C ALA L 9 9.00 4.84 -42.53
N SER L 10 8.81 5.68 -43.55
CA SER L 10 9.90 5.97 -44.48
C SER L 10 9.84 7.42 -44.90
N LEU L 11 10.84 7.86 -45.65
CA LEU L 11 11.12 9.27 -45.82
C LEU L 11 12.15 9.42 -46.94
N ALA L 12 11.92 10.35 -47.86
CA ALA L 12 12.82 10.58 -49.02
C ALA L 12 13.40 12.00 -49.04
N VAL L 13 14.73 12.12 -48.95
CA VAL L 13 15.42 13.40 -48.84
C VAL L 13 16.44 13.59 -49.97
N SER L 14 16.47 14.78 -50.57
CA SER L 14 17.47 15.11 -51.57
C SER L 14 18.86 15.26 -50.93
N LEU L 15 19.89 15.12 -51.76
CA LEU L 15 21.29 15.27 -51.31
C LEU L 15 21.55 16.68 -50.75
N GLY L 16 22.28 16.75 -49.65
CA GLY L 16 22.61 18.01 -49.00
C GLY L 16 21.52 18.57 -48.11
N GLN L 17 20.42 17.83 -47.94
CA GLN L 17 19.27 18.28 -47.17
C GLN L 17 19.20 17.60 -45.81
N ARG L 18 18.23 18.01 -45.00
CA ARG L 18 18.04 17.47 -43.65
C ARG L 18 17.01 16.34 -43.66
N ALA L 19 17.34 15.29 -42.91
CA ALA L 19 16.41 14.21 -42.60
C ALA L 19 16.21 14.22 -41.10
N THR L 20 14.96 14.22 -40.66
CA THR L 20 14.63 14.22 -39.25
C THR L 20 13.73 13.04 -38.96
N ILE L 21 14.17 12.17 -38.04
CA ILE L 21 13.47 10.95 -37.67
C ILE L 21 13.16 10.99 -36.19
N SER L 22 11.93 10.62 -35.81
CA SER L 22 11.47 10.70 -34.41
C SER L 22 11.28 9.35 -33.73
N CYS L 23 11.25 9.38 -32.40
CA CYS L 23 11.06 8.18 -31.57
C CYS L 23 10.36 8.58 -30.28
N ARG L 24 9.18 8.02 -30.06
CA ARG L 24 8.40 8.29 -28.86
C ARG L 24 8.37 7.03 -28.02
N ALA L 25 8.75 7.14 -26.74
CA ALA L 25 8.73 6.04 -25.79
C ALA L 25 7.45 6.07 -24.97
N SER L 26 6.96 4.88 -24.60
CA SER L 26 5.71 4.73 -23.82
C SER L 26 5.85 5.18 -22.36
N GLU L 27 7.08 5.12 -21.84
CA GLU L 27 7.41 5.65 -20.51
C GLU L 27 8.75 6.36 -20.60
N SER L 28 9.07 7.19 -19.60
CA SER L 28 10.36 7.87 -19.55
C SER L 28 11.54 6.89 -19.59
N VAL L 29 12.57 7.24 -20.35
CA VAL L 29 13.84 6.49 -20.34
C VAL L 29 14.94 7.22 -19.57
N ASP L 30 14.59 8.31 -18.88
CA ASP L 30 15.56 9.04 -18.06
C ASP L 30 15.87 8.23 -16.82
N ASN L 31 17.16 8.13 -16.50
CA ASN L 31 17.60 7.51 -15.24
C ASN L 31 18.97 8.03 -14.82
N TYR L 32 19.07 8.45 -13.55
CA TYR L 32 20.27 9.10 -13.01
C TYR L 32 20.70 10.31 -13.89
N GLY L 33 19.73 11.11 -14.33
CA GLY L 33 19.99 12.31 -15.11
C GLY L 33 20.39 12.13 -16.56
N ILE L 34 20.66 10.91 -17.00
CA ILE L 34 20.97 10.60 -18.41
C ILE L 34 19.76 9.96 -19.11
N SER L 35 19.54 10.35 -20.35
CA SER L 35 18.46 9.77 -21.16
C SER L 35 19.03 8.57 -21.95
N SER L 36 18.71 7.36 -21.51
CA SER L 36 19.28 6.15 -22.13
C SER L 36 18.55 5.78 -23.45
N MET L 37 18.92 6.52 -24.50
CA MET L 37 18.34 6.38 -25.82
C MET L 37 19.46 6.32 -26.84
N ASN L 38 19.52 5.22 -27.60
CA ASN L 38 20.56 5.00 -28.59
C ASN L 38 19.94 4.92 -29.98
N TRP L 39 20.73 5.28 -30.98
CA TRP L 39 20.32 5.16 -32.38
C TRP L 39 21.29 4.28 -33.17
N PHE L 40 20.73 3.54 -34.13
CA PHE L 40 21.51 2.60 -34.94
C PHE L 40 21.18 2.73 -36.41
N GLN L 41 22.19 2.57 -37.25
CA GLN L 41 22.02 2.54 -38.69
C GLN L 41 22.19 1.09 -39.14
N GLN L 42 21.22 0.59 -39.90
CA GLN L 42 21.32 -0.71 -40.56
C GLN L 42 21.31 -0.50 -42.06
N LYS L 43 22.47 -0.74 -42.69
CA LYS L 43 22.56 -0.72 -44.13
C LYS L 43 22.16 -2.10 -44.65
N ALA L 44 21.77 -2.14 -45.93
CA ALA L 44 21.38 -3.37 -46.60
C ALA L 44 22.36 -4.50 -46.41
N GLY L 45 21.89 -5.59 -45.82
CA GLY L 45 22.67 -6.81 -45.65
C GLY L 45 23.70 -6.79 -44.53
N GLN L 46 23.70 -5.72 -43.73
CA GLN L 46 24.69 -5.54 -42.67
C GLN L 46 24.00 -5.63 -41.32
N PRO L 47 24.79 -5.85 -40.25
CA PRO L 47 24.22 -5.66 -38.92
C PRO L 47 23.99 -4.20 -38.57
N PRO L 48 23.18 -3.93 -37.55
CA PRO L 48 23.06 -2.56 -37.07
C PRO L 48 24.41 -2.00 -36.58
N LYS L 49 24.65 -0.73 -36.85
CA LYS L 49 25.86 -0.05 -36.48
C LYS L 49 25.50 1.08 -35.51
N PHE L 50 26.26 1.16 -34.43
CA PHE L 50 25.97 2.09 -33.33
C PHE L 50 26.36 3.53 -33.72
N LEU L 51 25.39 4.45 -33.66
CA LEU L 51 25.60 5.86 -34.04
C LEU L 51 25.65 6.85 -32.87
N ILE L 52 24.62 6.84 -32.04
CA ILE L 52 24.40 7.83 -31.01
C ILE L 52 24.12 7.10 -29.70
N TYR L 53 24.65 7.63 -28.59
CA TYR L 53 24.29 7.14 -27.25
C TYR L 53 23.83 8.28 -26.37
N ALA L 54 23.11 7.94 -25.31
CA ALA L 54 22.64 8.91 -24.32
C ALA L 54 21.90 10.08 -24.98
N ALA L 55 21.01 9.76 -25.92
CA ALA L 55 20.16 10.72 -26.65
C ALA L 55 20.85 11.63 -27.67
N SER L 56 21.97 12.24 -27.28
CA SER L 56 22.67 13.26 -28.08
C SER L 56 24.17 13.03 -28.33
N LYS L 57 24.82 12.22 -27.51
CA LYS L 57 26.28 12.00 -27.64
C LYS L 57 26.61 11.04 -28.80
N GLN L 58 27.73 11.30 -29.47
CA GLN L 58 28.11 10.58 -30.68
C GLN L 58 29.14 9.49 -30.41
N GLY L 59 28.92 8.32 -31.00
CA GLY L 59 29.85 7.19 -30.90
C GLY L 59 31.15 7.47 -31.62
N SER L 60 32.20 6.76 -31.23
CA SER L 60 33.53 6.95 -31.81
C SER L 60 33.52 6.69 -33.31
N GLY L 61 34.16 7.58 -34.07
CA GLY L 61 34.24 7.48 -35.53
C GLY L 61 32.99 7.86 -36.32
N VAL L 62 31.92 8.28 -35.65
CA VAL L 62 30.65 8.60 -36.31
C VAL L 62 30.71 10.04 -36.83
N PRO L 63 30.47 10.27 -38.14
CA PRO L 63 30.48 11.65 -38.70
C PRO L 63 29.59 12.65 -37.95
N ALA L 64 29.99 13.92 -37.95
CA ALA L 64 29.26 14.99 -37.22
C ALA L 64 27.85 15.29 -37.79
N ARG L 65 27.63 14.97 -39.06
CA ARG L 65 26.31 15.14 -39.70
C ARG L 65 25.19 14.31 -39.03
N PHE L 66 25.55 13.25 -38.29
CA PHE L 66 24.61 12.52 -37.42
C PHE L 66 24.59 13.14 -36.03
N SER L 67 23.40 13.44 -35.52
CA SER L 67 23.24 13.98 -34.18
C SER L 67 21.82 13.79 -33.72
N GLY L 68 21.66 13.54 -32.43
CA GLY L 68 20.35 13.29 -31.82
C GLY L 68 20.01 14.36 -30.81
N SER L 69 18.74 14.42 -30.45
CA SER L 69 18.28 15.27 -29.35
C SER L 69 17.09 14.63 -28.64
N GLY L 70 16.72 15.21 -27.49
CA GLY L 70 15.54 14.83 -26.73
C GLY L 70 15.78 14.41 -25.29
N SER L 71 14.69 14.11 -24.61
CA SER L 71 14.70 13.66 -23.23
C SER L 71 13.32 13.09 -22.92
N GLY L 72 13.22 12.35 -21.81
CA GLY L 72 11.94 11.81 -21.34
C GLY L 72 11.34 10.79 -22.28
N THR L 73 10.33 11.20 -23.04
CA THR L 73 9.65 10.31 -24.00
C THR L 73 9.88 10.64 -25.49
N ASP L 74 10.23 11.88 -25.83
CA ASP L 74 10.35 12.29 -27.25
C ASP L 74 11.80 12.52 -27.64
N PHE L 75 12.23 11.83 -28.69
CA PHE L 75 13.61 11.91 -29.17
C PHE L 75 13.60 12.02 -30.68
N SER L 76 14.70 12.51 -31.23
CA SER L 76 14.87 12.52 -32.68
C SER L 76 16.33 12.43 -33.11
N LEU L 77 16.49 11.97 -34.35
CA LEU L 77 17.77 11.84 -35.03
C LEU L 77 17.76 12.77 -36.22
N ILE L 78 18.75 13.64 -36.30
CA ILE L 78 18.90 14.58 -37.42
C ILE L 78 20.13 14.15 -38.22
N ILE L 79 19.97 14.09 -39.54
CA ILE L 79 21.07 13.80 -40.46
C ILE L 79 21.11 14.93 -41.45
N HIS L 80 22.23 15.65 -41.50
CA HIS L 80 22.35 16.83 -42.37
C HIS L 80 23.81 17.23 -42.46
N PRO L 81 24.37 17.43 -43.66
CA PRO L 81 23.75 17.16 -44.96
C PRO L 81 23.68 15.67 -45.30
N VAL L 82 22.55 15.21 -45.82
CA VAL L 82 22.41 13.83 -46.29
C VAL L 82 23.30 13.55 -47.49
N GLU L 83 23.90 12.37 -47.52
CA GLU L 83 24.67 11.89 -48.69
C GLU L 83 24.25 10.46 -49.10
N GLU L 84 24.73 10.05 -50.27
CA GLU L 84 24.26 8.80 -50.91
C GLU L 84 24.35 7.56 -50.02
N ASP L 85 25.43 7.49 -49.25
CA ASP L 85 25.72 6.38 -48.34
C ASP L 85 24.81 6.30 -47.11
N ASP L 86 23.95 7.30 -46.89
CA ASP L 86 23.05 7.31 -45.74
C ASP L 86 21.74 6.55 -45.98
N THR L 87 21.53 6.01 -47.20
CA THR L 87 20.38 5.15 -47.45
C THR L 87 20.43 3.92 -46.55
N ALA L 88 19.42 3.76 -45.70
CA ALA L 88 19.47 2.84 -44.59
C ALA L 88 18.19 2.84 -43.81
N VAL L 89 18.07 1.87 -42.89
CA VAL L 89 17.02 1.87 -41.89
C VAL L 89 17.64 2.32 -40.58
N TYR L 90 16.97 3.21 -39.86
CA TYR L 90 17.51 3.73 -38.60
C TYR L 90 16.58 3.31 -37.49
N PHE L 91 17.17 2.77 -36.42
CA PHE L 91 16.42 2.26 -35.27
C PHE L 91 16.78 3.02 -34.00
N CYS L 92 15.78 3.39 -33.22
CA CYS L 92 16.02 3.90 -31.86
C CYS L 92 15.97 2.73 -30.88
N GLN L 93 16.58 2.90 -29.73
CA GLN L 93 16.72 1.80 -28.79
C GLN L 93 16.99 2.28 -27.36
N GLN L 94 16.39 1.56 -26.42
CA GLN L 94 16.23 2.02 -25.05
C GLN L 94 16.98 1.05 -24.14
N SER L 95 17.83 1.56 -23.24
CA SER L 95 18.60 0.74 -22.29
C SER L 95 18.34 1.08 -20.83
N LYS L 96 17.21 1.71 -20.53
CA LYS L 96 16.89 2.15 -19.17
C LYS L 96 16.77 0.97 -18.22
N GLY L 97 16.21 -0.11 -18.72
CA GLY L 97 16.01 -1.32 -17.96
C GLY L 97 15.59 -2.53 -18.80
N VAL L 98 15.74 -3.71 -18.22
CA VAL L 98 15.40 -4.96 -18.88
C VAL L 98 13.86 -5.08 -18.92
N PRO L 99 13.28 -5.44 -20.07
CA PRO L 99 13.98 -5.84 -21.31
C PRO L 99 14.35 -4.67 -22.20
N TYR L 100 15.51 -4.74 -22.81
CA TYR L 100 15.96 -3.73 -23.77
C TYR L 100 15.07 -3.84 -25.02
N THR L 101 14.64 -2.72 -25.57
CA THR L 101 13.70 -2.74 -26.69
C THR L 101 14.10 -1.77 -27.80
N PHE L 102 13.71 -2.13 -29.03
CA PHE L 102 14.00 -1.33 -30.20
C PHE L 102 12.72 -0.75 -30.80
N GLY L 103 12.87 0.36 -31.51
CA GLY L 103 11.81 0.84 -32.38
C GLY L 103 11.67 -0.05 -33.61
N GLY L 104 10.67 0.26 -34.42
CA GLY L 104 10.33 -0.53 -35.61
C GLY L 104 11.19 -0.21 -36.81
N GLY L 105 11.96 0.88 -36.73
CA GLY L 105 12.82 1.31 -37.81
C GLY L 105 12.14 2.34 -38.68
N THR L 106 12.97 3.16 -39.33
CA THR L 106 12.53 4.19 -40.27
C THR L 106 13.45 4.11 -41.48
N LYS L 107 12.89 4.08 -42.67
CA LYS L 107 13.67 3.89 -43.88
C LYS L 107 13.97 5.24 -44.53
N LEU L 108 15.25 5.54 -44.70
CA LEU L 108 15.70 6.77 -45.33
C LEU L 108 16.12 6.47 -46.75
N GLU L 109 15.40 7.06 -47.69
CA GLU L 109 15.69 6.97 -49.10
C GLU L 109 16.35 8.27 -49.52
N ILE L 110 17.37 8.17 -50.37
CA ILE L 110 18.02 9.33 -50.96
C ILE L 110 17.34 9.63 -52.28
N LYS L 111 16.82 10.84 -52.42
CA LYS L 111 16.14 11.24 -53.64
C LYS L 111 17.18 11.52 -54.74
N ARG L 112 16.79 11.30 -55.99
CA ARG L 112 17.64 11.55 -57.14
C ARG L 112 16.80 11.70 -58.40
N ALA L 113 17.46 12.03 -59.49
CA ALA L 113 16.79 12.18 -60.77
C ALA L 113 16.26 10.83 -61.23
N ASP L 114 15.13 10.86 -61.91
CA ASP L 114 14.51 9.66 -62.43
C ASP L 114 15.46 8.96 -63.42
N ALA L 115 15.36 7.63 -63.48
CA ALA L 115 16.22 6.80 -64.32
C ALA L 115 15.46 5.58 -64.79
N ALA L 116 15.44 5.37 -66.10
CA ALA L 116 14.71 4.23 -66.66
C ALA L 116 15.55 2.97 -66.45
N PRO L 117 14.88 1.82 -66.29
CA PRO L 117 15.59 0.56 -66.10
C PRO L 117 16.24 0.02 -67.37
N THR L 118 17.42 -0.57 -67.23
CA THR L 118 18.04 -1.37 -68.26
C THR L 118 17.48 -2.77 -68.11
N VAL L 119 16.81 -3.27 -69.16
CA VAL L 119 16.04 -4.52 -69.08
C VAL L 119 16.67 -5.65 -69.89
N SER L 120 16.83 -6.81 -69.27
CA SER L 120 17.42 -7.97 -69.93
C SER L 120 16.52 -9.18 -69.74
N ILE L 121 16.44 -10.05 -70.76
CA ILE L 121 15.60 -11.25 -70.69
C ILE L 121 16.40 -12.51 -70.94
N PHE L 122 16.03 -13.57 -70.22
CA PHE L 122 16.79 -14.84 -70.17
C PHE L 122 15.86 -16.06 -70.28
N PRO L 123 15.94 -16.81 -71.40
CA PRO L 123 15.21 -18.07 -71.46
C PRO L 123 15.73 -19.06 -70.45
N PRO L 124 15.00 -20.16 -70.24
CA PRO L 124 15.50 -21.24 -69.38
C PRO L 124 16.88 -21.71 -69.82
N SER L 125 17.61 -22.34 -68.91
CA SER L 125 18.86 -23.00 -69.27
C SER L 125 18.57 -24.40 -69.82
N SER L 126 19.50 -24.92 -70.59
CA SER L 126 19.44 -26.30 -71.07
C SER L 126 19.30 -27.28 -69.91
N GLU L 127 20.00 -26.99 -68.81
CA GLU L 127 19.98 -27.85 -67.62
C GLU L 127 18.58 -27.91 -67.01
N GLN L 128 17.92 -26.74 -66.87
CA GLN L 128 16.59 -26.69 -66.29
C GLN L 128 15.51 -27.41 -67.11
N LEU L 129 15.61 -27.29 -68.43
CA LEU L 129 14.72 -27.97 -69.36
C LEU L 129 14.80 -29.50 -69.21
N THR L 130 16.05 -30.03 -69.13
CA THR L 130 16.24 -31.47 -68.88
C THR L 130 15.70 -31.97 -67.50
N SER L 131 15.51 -31.11 -66.54
CA SER L 131 14.80 -31.42 -65.27
C SER L 131 13.27 -31.40 -65.34
N GLY L 132 12.70 -30.77 -66.36
CA GLY L 132 11.25 -30.69 -66.55
C GLY L 132 10.59 -29.40 -66.07
N GLY L 133 11.41 -28.41 -65.70
CA GLY L 133 10.92 -27.07 -65.38
C GLY L 133 11.32 -26.07 -66.45
N ALA L 134 10.70 -24.90 -66.40
CA ALA L 134 11.04 -23.78 -67.29
C ALA L 134 10.87 -22.42 -66.60
N SER L 135 11.98 -21.74 -66.32
CA SER L 135 11.95 -20.42 -65.67
C SER L 135 12.51 -19.36 -66.61
N VAL L 136 11.64 -18.40 -66.92
CA VAL L 136 12.01 -17.24 -67.72
C VAL L 136 12.26 -16.05 -66.78
N VAL L 137 13.47 -15.50 -66.85
CA VAL L 137 13.92 -14.45 -65.94
C VAL L 137 14.13 -13.13 -66.67
N CYS L 138 13.83 -12.04 -65.95
CA CYS L 138 13.99 -10.70 -66.47
C CYS L 138 14.66 -9.82 -65.44
N PHE L 139 15.73 -9.12 -65.78
CA PHE L 139 16.33 -8.14 -64.87
C PHE L 139 16.00 -6.74 -65.31
N LEU L 140 15.47 -5.95 -64.39
CA LEU L 140 15.22 -4.53 -64.60
C LEU L 140 16.15 -3.79 -63.66
N ASN L 141 17.26 -3.29 -64.20
CA ASN L 141 18.38 -2.78 -63.39
C ASN L 141 18.56 -1.26 -63.40
N ASN L 142 18.96 -0.72 -62.25
CA ASN L 142 19.42 0.67 -62.05
C ASN L 142 18.38 1.72 -62.43
N PHE L 143 17.21 1.63 -61.80
CA PHE L 143 16.09 2.55 -62.05
C PHE L 143 15.66 3.30 -60.81
N TYR L 144 15.02 4.46 -61.01
CA TYR L 144 14.46 5.27 -59.92
C TYR L 144 13.23 6.07 -60.41
N PRO L 145 12.12 6.14 -59.67
CA PRO L 145 11.94 5.61 -58.31
C PRO L 145 11.65 4.12 -58.26
N LYS L 146 11.45 3.61 -57.06
CA LYS L 146 11.28 2.18 -56.81
C LYS L 146 10.05 1.55 -57.47
N ASP L 147 8.97 2.33 -57.61
CA ASP L 147 7.72 1.84 -58.15
C ASP L 147 7.85 1.43 -59.63
N ILE L 148 7.40 0.22 -59.95
CA ILE L 148 7.55 -0.33 -61.30
C ILE L 148 6.57 -1.48 -61.55
N ASN L 149 6.19 -1.66 -62.80
CA ASN L 149 5.25 -2.71 -63.21
C ASN L 149 5.96 -3.61 -64.21
N VAL L 150 5.81 -4.91 -64.03
CA VAL L 150 6.34 -5.87 -64.99
C VAL L 150 5.23 -6.85 -65.39
N LYS L 151 5.02 -6.94 -66.69
CA LYS L 151 3.97 -7.76 -67.27
C LYS L 151 4.61 -8.84 -68.14
N TRP L 152 4.15 -10.08 -67.96
CA TRP L 152 4.62 -11.21 -68.77
C TRP L 152 3.60 -11.60 -69.81
N LYS L 153 4.04 -11.79 -71.05
CA LYS L 153 3.15 -12.19 -72.14
C LYS L 153 3.72 -13.40 -72.86
N ILE L 154 2.90 -14.45 -72.97
CA ILE L 154 3.22 -15.64 -73.74
C ILE L 154 2.41 -15.54 -75.04
N ASP L 155 3.10 -15.47 -76.20
CA ASP L 155 2.49 -15.26 -77.50
C ASP L 155 1.54 -14.04 -77.54
N GLY L 156 1.88 -12.99 -76.78
CA GLY L 156 1.01 -11.82 -76.65
C GLY L 156 -0.04 -11.85 -75.53
N SER L 157 -0.34 -13.01 -74.96
CA SER L 157 -1.37 -13.14 -73.91
C SER L 157 -0.75 -12.99 -72.51
N GLU L 158 -1.45 -12.22 -71.66
CA GLU L 158 -0.93 -11.90 -70.33
C GLU L 158 -0.92 -13.13 -69.40
N ARG L 159 0.02 -13.12 -68.46
CA ARG L 159 0.20 -14.16 -67.47
C ARG L 159 0.52 -13.55 -66.11
N GLN L 160 -0.29 -13.87 -65.10
CA GLN L 160 -0.10 -13.38 -63.73
C GLN L 160 0.34 -14.46 -62.70
N ASN L 161 0.03 -15.73 -62.97
CA ASN L 161 0.38 -16.84 -62.08
C ASN L 161 1.82 -17.31 -62.29
N GLY L 162 2.48 -17.68 -61.19
CA GLY L 162 3.88 -18.15 -61.21
C GLY L 162 4.96 -17.08 -61.18
N VAL L 163 4.54 -15.82 -61.16
CA VAL L 163 5.45 -14.67 -61.26
C VAL L 163 5.99 -14.35 -59.88
N LEU L 164 7.30 -14.13 -59.77
CA LEU L 164 7.94 -13.76 -58.49
C LEU L 164 8.93 -12.60 -58.69
N ASN L 165 8.65 -11.51 -57.97
CA ASN L 165 9.37 -10.26 -58.11
C ASN L 165 10.14 -9.93 -56.83
N SER L 166 11.45 -9.73 -56.95
CA SER L 166 12.31 -9.34 -55.81
C SER L 166 13.06 -8.05 -56.10
N TRP L 167 12.94 -7.03 -55.23
CA TRP L 167 13.68 -5.75 -55.36
C TRP L 167 14.92 -5.73 -54.48
N THR L 168 16.01 -5.14 -54.97
CA THR L 168 17.14 -4.79 -54.10
C THR L 168 16.75 -3.59 -53.26
N ASP L 169 17.45 -3.41 -52.16
CA ASP L 169 17.46 -2.15 -51.43
C ASP L 169 18.17 -1.11 -52.28
N GLN L 170 17.96 0.16 -51.95
CA GLN L 170 18.58 1.26 -52.67
C GLN L 170 20.10 1.17 -52.61
N ASP L 171 20.73 1.49 -53.73
CA ASP L 171 22.18 1.42 -53.86
C ASP L 171 22.84 2.57 -53.12
N SER L 172 23.97 2.27 -52.49
CA SER L 172 24.71 3.24 -51.65
C SER L 172 25.47 4.28 -52.44
N LYS L 173 25.93 3.90 -53.64
CA LYS L 173 26.71 4.79 -54.50
C LYS L 173 25.82 5.68 -55.38
N ASP L 174 24.93 5.05 -56.17
CA ASP L 174 24.14 5.78 -57.16
C ASP L 174 22.63 5.92 -56.87
N SER L 175 22.18 5.43 -55.72
CA SER L 175 20.82 5.70 -55.25
C SER L 175 19.67 5.09 -56.11
N THR L 176 19.99 4.17 -57.02
CA THR L 176 18.97 3.47 -57.82
C THR L 176 18.50 2.17 -57.18
N TYR L 177 17.41 1.62 -57.70
CA TYR L 177 16.94 0.27 -57.37
C TYR L 177 17.11 -0.65 -58.56
N SER L 178 17.02 -1.95 -58.29
CA SER L 178 17.05 -2.99 -59.32
C SER L 178 16.07 -4.07 -58.94
N MET L 179 15.71 -4.96 -59.88
CA MET L 179 14.67 -5.96 -59.64
C MET L 179 14.71 -7.17 -60.59
N SER L 180 14.46 -8.37 -60.04
CA SER L 180 14.32 -9.62 -60.79
C SER L 180 12.84 -10.01 -60.89
N SER L 181 12.41 -10.45 -62.07
CA SER L 181 11.08 -11.01 -62.25
C SER L 181 11.22 -12.41 -62.85
N THR L 182 10.62 -13.41 -62.21
CA THR L 182 10.81 -14.80 -62.56
C THR L 182 9.45 -15.48 -62.81
N LEU L 183 9.15 -15.73 -64.09
CA LEU L 183 7.97 -16.52 -64.49
C LEU L 183 8.32 -18.01 -64.50
N THR L 184 7.61 -18.80 -63.68
CA THR L 184 7.86 -20.24 -63.53
C THR L 184 6.78 -21.09 -64.23
N LEU L 185 7.16 -21.86 -65.24
CA LEU L 185 6.23 -22.74 -66.02
C LEU L 185 6.63 -24.20 -66.00
N THR L 186 5.70 -25.07 -66.34
CA THR L 186 6.03 -26.47 -66.64
C THR L 186 6.71 -26.47 -68.01
N LYS L 187 7.72 -27.33 -68.18
CA LYS L 187 8.38 -27.49 -69.48
C LYS L 187 7.38 -27.77 -70.62
N ASP L 188 6.38 -28.63 -70.38
CA ASP L 188 5.38 -28.94 -71.41
C ASP L 188 4.71 -27.68 -71.97
N GLU L 189 4.28 -26.78 -71.08
CA GLU L 189 3.70 -25.52 -71.52
C GLU L 189 4.71 -24.59 -72.18
N TYR L 190 5.94 -24.56 -71.68
CA TYR L 190 6.98 -23.74 -72.28
C TYR L 190 7.17 -24.09 -73.75
N GLU L 191 7.24 -25.39 -74.05
CA GLU L 191 7.48 -25.82 -75.42
C GLU L 191 6.26 -25.65 -76.36
N ARG L 192 5.06 -25.46 -75.80
CA ARG L 192 3.86 -25.20 -76.62
C ARG L 192 3.87 -23.83 -77.31
N HIS L 193 4.39 -22.80 -76.63
CA HIS L 193 4.30 -21.42 -77.13
C HIS L 193 5.68 -20.94 -77.60
N ASN L 194 5.66 -19.93 -78.47
CA ASN L 194 6.85 -19.47 -79.18
C ASN L 194 7.42 -18.13 -78.68
N SER L 195 6.56 -17.16 -78.41
CA SER L 195 6.96 -15.77 -78.13
C SER L 195 6.84 -15.40 -76.63
N TYR L 196 7.97 -15.10 -76.01
CA TYR L 196 8.06 -14.81 -74.55
C TYR L 196 8.51 -13.39 -74.32
N THR L 197 7.64 -12.60 -73.68
CA THR L 197 7.81 -11.15 -73.59
C THR L 197 7.78 -10.69 -72.13
N CYS L 198 8.63 -9.70 -71.86
CA CYS L 198 8.78 -9.10 -70.55
C CYS L 198 8.57 -7.60 -70.75
N GLU L 199 7.49 -7.08 -70.19
CA GLU L 199 7.00 -5.74 -70.54
C GLU L 199 7.01 -4.85 -69.30
N ALA L 200 7.94 -3.89 -69.27
CA ALA L 200 8.19 -3.07 -68.08
C ALA L 200 7.62 -1.67 -68.23
N THR L 201 6.75 -1.26 -67.30
CA THR L 201 6.20 0.10 -67.28
C THR L 201 6.77 0.85 -66.08
N HIS L 202 7.17 2.10 -66.32
CA HIS L 202 7.86 2.90 -65.33
C HIS L 202 7.56 4.39 -65.52
N LYS L 203 7.60 5.13 -64.43
CA LYS L 203 7.36 6.59 -64.40
C LYS L 203 8.05 7.39 -65.53
N THR L 204 9.25 6.96 -65.88
CA THR L 204 10.09 7.58 -66.91
C THR L 204 9.52 7.61 -68.33
N SER L 205 8.66 6.66 -68.67
CA SER L 205 8.04 6.60 -70.01
C SER L 205 6.59 6.18 -69.93
N THR L 206 5.75 6.81 -70.73
CA THR L 206 4.37 6.37 -70.91
C THR L 206 4.38 5.01 -71.64
N SER L 207 5.21 4.88 -72.67
CA SER L 207 5.39 3.64 -73.39
C SER L 207 6.17 2.62 -72.56
N PRO L 208 5.69 1.37 -72.50
CA PRO L 208 6.45 0.33 -71.83
C PRO L 208 7.76 -0.01 -72.54
N ILE L 209 8.73 -0.50 -71.77
CA ILE L 209 9.95 -1.10 -72.32
C ILE L 209 9.69 -2.61 -72.49
N VAL L 210 9.96 -3.12 -73.68
CA VAL L 210 9.70 -4.53 -74.03
C VAL L 210 10.99 -5.23 -74.42
N LYS L 211 11.22 -6.39 -73.80
CA LYS L 211 12.27 -7.30 -74.24
C LYS L 211 11.61 -8.65 -74.51
N SER L 212 12.06 -9.31 -75.58
CA SER L 212 11.44 -10.53 -76.06
C SER L 212 12.44 -11.47 -76.71
N PHE L 213 12.11 -12.75 -76.67
CA PHE L 213 12.79 -13.75 -77.49
C PHE L 213 11.74 -14.70 -78.05
N ASN L 214 12.10 -15.36 -79.14
CA ASN L 214 11.32 -16.47 -79.68
C ASN L 214 12.08 -17.77 -79.43
N ARG L 215 11.33 -18.79 -79.02
CA ARG L 215 11.90 -20.09 -78.58
C ARG L 215 12.84 -20.79 -79.59
N ASN L 216 12.80 -20.40 -80.85
CA ASN L 216 13.62 -20.91 -81.93
C ASN L 216 14.34 -19.78 -82.69
N GLU L 217 15.46 -19.27 -82.13
CA GLU L 217 16.24 -18.18 -82.79
C GLU L 217 17.75 -18.29 -82.69
N GLU M 1 49.80 1.71 15.19
CA GLU M 1 49.02 1.89 16.45
C GLU M 1 48.10 3.08 16.26
N VAL M 2 46.83 2.89 16.59
CA VAL M 2 45.85 3.94 16.47
C VAL M 2 45.89 4.81 17.72
N LYS M 3 45.79 6.13 17.53
CA LYS M 3 45.67 7.09 18.64
C LYS M 3 44.66 8.18 18.27
N LEU M 4 43.81 8.54 19.23
CA LEU M 4 42.86 9.64 19.10
C LEU M 4 42.99 10.48 20.36
N GLU M 5 43.22 11.78 20.20
CA GLU M 5 43.29 12.68 21.35
C GLU M 5 42.29 13.79 21.17
N GLU M 6 41.35 13.87 22.10
CA GLU M 6 40.41 15.00 22.15
C GLU M 6 40.98 16.16 22.97
N SER M 7 40.48 17.36 22.68
CA SER M 7 40.85 18.58 23.40
C SER M 7 39.78 19.64 23.16
N GLY M 8 39.76 20.65 24.02
CA GLY M 8 38.77 21.73 23.92
C GLY M 8 37.57 21.63 24.84
N GLY M 9 37.52 20.59 25.68
CA GLY M 9 36.46 20.49 26.69
C GLY M 9 36.70 21.50 27.82
N GLY M 10 35.65 21.72 28.62
CA GLY M 10 35.72 22.63 29.74
C GLY M 10 34.37 23.11 30.20
N LEU M 11 34.35 24.36 30.70
CA LEU M 11 33.15 24.99 31.24
C LEU M 11 32.59 26.03 30.26
N VAL M 12 31.27 26.03 30.11
CA VAL M 12 30.55 27.04 29.30
C VAL M 12 29.21 27.34 29.95
N GLN M 13 28.78 28.60 29.84
CA GLN M 13 27.47 29.02 30.36
C GLN M 13 26.36 28.58 29.40
N PRO M 14 25.13 28.31 29.91
CA PRO M 14 24.03 27.89 29.01
C PRO M 14 23.73 28.88 27.89
N GLY M 15 23.61 28.39 26.66
CA GLY M 15 23.47 29.24 25.47
C GLY M 15 24.77 29.54 24.74
N GLY M 16 25.92 29.30 25.39
CA GLY M 16 27.23 29.60 24.78
C GLY M 16 27.68 28.58 23.74
N SER M 17 28.95 28.69 23.35
CA SER M 17 29.52 27.85 22.30
C SER M 17 30.85 27.22 22.70
N MET M 18 31.17 26.10 22.07
CA MET M 18 32.45 25.46 22.25
C MET M 18 32.83 24.60 21.06
N LYS M 19 34.13 24.52 20.78
CA LYS M 19 34.66 23.73 19.69
C LYS M 19 35.56 22.61 20.22
N LEU M 20 35.11 21.36 20.03
CA LEU M 20 35.95 20.19 20.34
C LEU M 20 36.75 19.80 19.11
N SER M 21 37.96 19.29 19.36
CA SER M 21 38.91 18.93 18.32
C SER M 21 39.49 17.54 18.61
N CYS M 22 39.71 16.75 17.56
CA CYS M 22 40.13 15.35 17.68
C CYS M 22 41.26 15.05 16.72
N ALA M 23 42.47 14.86 17.25
CA ALA M 23 43.67 14.57 16.43
C ALA M 23 43.90 13.06 16.34
N ALA M 24 43.81 12.51 15.13
CA ALA M 24 43.91 11.07 14.91
C ALA M 24 45.18 10.70 14.16
N SER M 25 45.78 9.57 14.52
CA SER M 25 46.86 8.96 13.74
C SER M 25 46.78 7.44 13.77
N GLY M 26 47.61 6.78 12.95
CA GLY M 26 47.71 5.32 12.94
C GLY M 26 46.86 4.57 11.93
N PHE M 27 46.14 5.30 11.09
CA PHE M 27 45.30 4.69 10.05
C PHE M 27 45.04 5.70 8.95
N THR M 28 44.61 5.22 7.79
CA THR M 28 44.35 6.08 6.65
C THR M 28 43.16 7.01 6.96
N PHE M 29 43.48 8.23 7.38
CA PHE M 29 42.48 9.14 7.87
C PHE M 29 41.43 9.50 6.84
N SER M 30 41.85 9.83 5.63
CA SER M 30 40.91 10.26 4.59
C SER M 30 39.84 9.20 4.30
N ASP M 31 40.17 7.91 4.46
CA ASP M 31 39.18 6.81 4.30
C ASP M 31 38.24 6.61 5.48
N ALA M 32 38.66 6.96 6.69
CA ALA M 32 37.87 6.62 7.87
C ALA M 32 36.63 7.49 8.00
N TRP M 33 35.52 6.86 8.39
CA TRP M 33 34.33 7.54 8.85
C TRP M 33 34.57 7.81 10.31
N MET M 34 34.32 9.04 10.75
CA MET M 34 34.58 9.48 12.13
C MET M 34 33.26 9.91 12.78
N ASP M 35 33.20 9.78 14.11
CA ASP M 35 31.99 10.08 14.88
C ASP M 35 32.33 10.77 16.21
N TRP M 36 31.33 11.38 16.84
CA TRP M 36 31.41 11.80 18.24
C TRP M 36 30.31 11.11 19.03
N VAL M 37 30.66 10.64 20.22
CA VAL M 37 29.75 9.98 21.13
C VAL M 37 29.95 10.64 22.49
N ARG M 38 28.86 10.76 23.27
CA ARG M 38 28.94 11.33 24.61
C ARG M 38 28.35 10.41 25.67
N GLN M 39 28.83 10.56 26.90
CA GLN M 39 28.35 9.77 27.99
C GLN M 39 28.00 10.63 29.19
N SER M 40 26.82 10.35 29.76
CA SER M 40 26.37 10.96 30.99
C SER M 40 25.72 9.89 31.83
N PRO M 41 25.64 10.11 33.15
CA PRO M 41 24.91 9.16 33.99
C PRO M 41 23.40 9.07 33.69
N GLU M 42 22.78 10.15 33.21
CA GLU M 42 21.35 10.16 32.95
C GLU M 42 21.03 9.42 31.66
N LYS M 43 21.71 9.81 30.58
CA LYS M 43 21.41 9.32 29.23
C LYS M 43 22.24 8.09 28.80
N GLY M 44 23.30 7.76 29.53
CA GLY M 44 24.21 6.68 29.15
C GLY M 44 25.06 7.11 27.98
N LEU M 45 25.33 6.18 27.06
CA LEU M 45 26.09 6.47 25.84
C LEU M 45 25.15 6.87 24.71
N GLU M 46 25.32 8.08 24.18
CA GLU M 46 24.58 8.53 22.97
C GLU M 46 25.52 8.93 21.85
N TRP M 47 25.27 8.38 20.66
CA TRP M 47 25.88 8.84 19.45
C TRP M 47 25.42 10.26 19.19
N VAL M 48 26.33 11.11 18.74
CA VAL M 48 26.05 12.53 18.57
C VAL M 48 26.08 12.93 17.08
N ALA M 49 27.21 12.66 16.42
CA ALA M 49 27.39 13.09 15.05
C ALA M 49 28.31 12.17 14.27
N GLU M 50 28.11 12.12 12.95
CA GLU M 50 28.94 11.35 12.05
C GLU M 50 29.42 12.23 10.91
N ILE M 51 30.65 12.02 10.47
CA ILE M 51 31.12 12.51 9.17
C ILE M 51 31.81 11.39 8.42
N ARG M 52 31.45 11.23 7.14
CA ARG M 52 31.96 10.14 6.32
C ARG M 52 33.10 10.62 5.42
N ASN M 53 33.65 9.68 4.63
CA ASN M 53 34.82 9.96 3.77
C ASN M 53 34.48 10.69 2.49
N LYS M 54 35.51 11.06 1.73
CA LYS M 54 35.36 11.75 0.44
C LYS M 54 34.47 10.98 -0.56
N VAL M 55 34.52 9.65 -0.52
CA VAL M 55 33.72 8.81 -1.43
C VAL M 55 32.22 8.91 -1.13
N ASN M 56 31.87 9.13 0.15
CA ASN M 56 30.48 9.39 0.57
C ASN M 56 30.16 10.88 0.71
N ASN M 57 30.89 11.72 -0.04
CA ASN M 57 30.62 13.17 -0.09
C ASN M 57 30.73 13.89 1.26
N HIS M 58 31.57 13.40 2.16
CA HIS M 58 31.70 13.96 3.50
C HIS M 58 30.34 14.15 4.19
N ALA M 59 29.48 13.14 4.02
CA ALA M 59 28.10 13.24 4.49
C ALA M 59 28.09 13.35 6.00
N THR M 60 27.29 14.28 6.52
CA THR M 60 27.15 14.43 7.94
C THR M 60 25.79 13.92 8.39
N ASN M 61 25.73 13.49 9.64
CA ASN M 61 24.50 13.06 10.27
C ASN M 61 24.56 13.48 11.72
N TYR M 62 23.40 13.68 12.34
CA TYR M 62 23.33 14.10 13.73
C TYR M 62 22.20 13.41 14.47
N ALA M 63 22.36 13.30 15.78
CA ALA M 63 21.28 12.87 16.65
C ALA M 63 20.26 13.99 16.72
N GLU M 64 18.99 13.61 16.83
CA GLU M 64 17.90 14.57 16.80
C GLU M 64 18.07 15.70 17.82
N SER M 65 18.58 15.39 19.01
CA SER M 65 18.66 16.38 20.08
C SER M 65 19.72 17.44 19.86
N VAL M 66 20.58 17.29 18.85
CA VAL M 66 21.62 18.28 18.58
C VAL M 66 21.54 18.96 17.19
N LYS M 67 20.50 18.64 16.41
CA LYS M 67 20.35 19.20 15.05
C LYS M 67 20.18 20.72 15.12
N GLY M 68 20.84 21.42 14.21
CA GLY M 68 20.84 22.87 14.17
C GLY M 68 21.77 23.57 15.17
N ARG M 69 22.30 22.82 16.12
CA ARG M 69 23.15 23.36 17.17
C ARG M 69 24.60 22.88 17.01
N PHE M 70 24.77 21.59 16.76
CA PHE M 70 26.09 20.98 16.63
C PHE M 70 26.46 20.87 15.16
N THR M 71 27.72 21.11 14.83
CA THR M 71 28.24 20.95 13.47
C THR M 71 29.56 20.18 13.49
N ILE M 72 29.60 19.06 12.77
CA ILE M 72 30.80 18.23 12.66
C ILE M 72 31.51 18.55 11.34
N SER M 73 32.83 18.42 11.32
CA SER M 73 33.61 18.69 10.12
C SER M 73 34.99 18.07 10.26
N ARG M 74 35.77 18.07 9.18
CA ARG M 74 37.08 17.45 9.18
C ARG M 74 38.06 18.12 8.24
N ASP M 75 39.33 18.09 8.64
CA ASP M 75 40.44 18.54 7.81
C ASP M 75 41.27 17.30 7.49
N ASP M 76 41.04 16.71 6.31
CA ASP M 76 41.78 15.52 5.90
C ASP M 76 43.29 15.78 5.76
N SER M 77 43.71 17.00 5.45
CA SER M 77 45.14 17.32 5.38
C SER M 77 45.84 17.27 6.75
N ARG M 78 45.11 17.53 7.83
CA ARG M 78 45.69 17.51 9.20
C ARG M 78 45.24 16.33 10.09
N SER M 79 44.41 15.44 9.55
CA SER M 79 43.90 14.29 10.30
C SER M 79 43.19 14.73 11.58
N VAL M 80 42.26 15.67 11.44
CA VAL M 80 41.57 16.24 12.61
C VAL M 80 40.08 16.30 12.31
N VAL M 81 39.27 16.02 13.33
CA VAL M 81 37.83 16.16 13.28
C VAL M 81 37.45 17.20 14.31
N TYR M 82 36.50 18.04 13.93
CA TYR M 82 36.02 19.10 14.79
C TYR M 82 34.56 18.86 15.15
N LEU M 83 34.14 19.37 16.31
CA LEU M 83 32.73 19.46 16.68
C LEU M 83 32.43 20.85 17.24
N GLN M 84 31.72 21.65 16.44
CA GLN M 84 31.28 22.99 16.82
C GLN M 84 29.92 22.86 17.49
N MET M 85 29.83 23.26 18.75
CA MET M 85 28.57 23.20 19.50
C MET M 85 28.10 24.63 19.81
N ASN M 86 26.86 24.95 19.41
CA ASN M 86 26.21 26.24 19.67
C ASN M 86 24.96 26.06 20.52
N ASN M 87 24.66 27.08 21.33
CA ASN M 87 23.41 27.12 22.13
C ASN M 87 23.33 25.96 23.13
N LEU M 88 24.41 25.79 23.89
CA LEU M 88 24.58 24.64 24.77
C LEU M 88 23.61 24.66 25.95
N LYS M 89 23.05 23.50 26.26
CA LYS M 89 22.11 23.33 27.38
C LYS M 89 22.78 22.52 28.49
N PRO M 90 22.22 22.54 29.71
CA PRO M 90 22.82 21.69 30.76
C PRO M 90 22.77 20.21 30.42
N GLU M 91 21.73 19.76 29.72
CA GLU M 91 21.63 18.36 29.28
C GLU M 91 22.74 17.92 28.33
N ASP M 92 23.45 18.86 27.69
CA ASP M 92 24.65 18.54 26.89
C ASP M 92 25.90 18.25 27.72
N THR M 93 25.81 18.33 29.05
CA THR M 93 26.94 18.02 29.91
C THR M 93 27.27 16.54 29.84
N GLY M 94 28.56 16.24 29.80
CA GLY M 94 29.04 14.86 29.78
C GLY M 94 30.45 14.71 29.26
N ILE M 95 30.87 13.46 29.08
CA ILE M 95 32.21 13.13 28.55
C ILE M 95 32.03 12.88 27.06
N TYR M 96 32.81 13.58 26.23
CA TYR M 96 32.69 13.52 24.76
C TYR M 96 33.86 12.76 24.15
N TYR M 97 33.57 11.58 23.59
CA TYR M 97 34.54 10.73 22.92
C TYR M 97 34.54 10.94 21.41
N CYS M 98 35.73 11.00 20.84
CA CYS M 98 35.91 10.99 19.41
C CYS M 98 36.23 9.56 18.99
N THR M 99 35.56 9.07 17.96
CA THR M 99 35.74 7.70 17.49
C THR M 99 36.04 7.64 16.01
N GLY M 100 36.91 6.70 15.63
CA GLY M 100 37.30 6.50 14.22
C GLY M 100 36.94 5.11 13.73
N LEU M 101 36.69 5.02 12.42
CA LEU M 101 36.22 3.79 11.77
C LEU M 101 34.93 3.34 12.46
N THR M 102 33.92 4.20 12.29
CA THR M 102 32.73 4.27 13.13
C THR M 102 33.13 4.13 14.61
N PHE M 103 32.91 2.98 15.24
CA PHE M 103 33.24 2.80 16.66
C PHE M 103 34.34 1.75 16.92
N ASP M 104 35.23 1.53 15.95
CA ASP M 104 36.35 0.61 16.16
C ASP M 104 37.36 1.15 17.16
N TYR M 105 37.65 2.45 17.10
CA TYR M 105 38.70 3.06 17.93
C TYR M 105 38.16 4.29 18.65
N TRP M 106 38.51 4.44 19.92
CA TRP M 106 38.00 5.52 20.77
C TRP M 106 39.12 6.26 21.47
N GLY M 107 38.98 7.59 21.56
CA GLY M 107 39.90 8.39 22.35
C GLY M 107 39.61 8.32 23.84
N GLN M 108 40.44 8.97 24.65
CA GLN M 108 40.25 8.98 26.10
C GLN M 108 39.08 9.84 26.55
N GLY M 109 38.73 10.84 25.73
CA GLY M 109 37.56 11.67 25.97
C GLY M 109 37.90 12.99 26.63
N THR M 110 36.97 13.94 26.50
CA THR M 110 37.11 15.27 27.11
C THR M 110 35.79 15.68 27.73
N THR M 111 35.86 16.31 28.91
CA THR M 111 34.66 16.63 29.69
C THR M 111 34.12 18.00 29.30
N LEU M 112 32.79 18.08 29.19
CA LEU M 112 32.07 19.32 28.92
C LEU M 112 31.09 19.54 30.06
N THR M 113 31.21 20.68 30.73
CA THR M 113 30.26 21.07 31.77
C THR M 113 29.54 22.36 31.34
N VAL M 114 28.21 22.30 31.24
CA VAL M 114 27.39 23.45 30.87
C VAL M 114 26.65 23.90 32.12
N SER M 115 27.09 25.02 32.69
CA SER M 115 26.59 25.50 33.99
C SER M 115 26.84 27.00 34.18
N SER M 116 26.12 27.59 35.13
CA SER M 116 26.31 29.01 35.47
C SER M 116 27.33 29.23 36.55
N ALA M 117 27.62 28.17 37.32
CA ALA M 117 28.66 28.23 38.33
C ALA M 117 29.99 28.61 37.74
N LYS M 118 30.81 29.24 38.56
CA LYS M 118 32.10 29.75 38.13
C LYS M 118 33.18 28.76 38.49
N THR M 119 34.29 28.85 37.76
CA THR M 119 35.48 28.08 38.06
C THR M 119 35.94 28.39 39.48
N THR M 120 36.20 27.35 40.25
CA THR M 120 36.66 27.47 41.63
C THR M 120 37.78 26.47 41.84
N ALA M 121 38.92 26.94 42.31
CA ALA M 121 40.04 26.05 42.64
C ALA M 121 39.73 25.22 43.87
N PRO M 122 40.33 24.03 43.99
CA PRO M 122 40.15 23.24 45.20
C PRO M 122 40.98 23.80 46.34
N SER M 123 40.57 23.46 47.56
CA SER M 123 41.44 23.52 48.72
C SER M 123 41.95 22.09 48.92
N VAL M 124 43.25 21.95 49.18
CA VAL M 124 43.88 20.65 49.30
C VAL M 124 44.43 20.47 50.71
N TYR M 125 43.92 19.49 51.44
CA TYR M 125 44.28 19.27 52.83
C TYR M 125 44.95 17.91 53.01
N PRO M 126 46.07 17.84 53.76
CA PRO M 126 46.69 16.56 54.08
C PRO M 126 45.97 15.89 55.24
N LEU M 127 45.98 14.57 55.28
CA LEU M 127 45.33 13.85 56.37
C LEU M 127 46.28 12.83 57.00
N ALA M 128 46.88 13.24 58.11
CA ALA M 128 47.77 12.39 58.91
C ALA M 128 46.92 11.61 59.94
N PRO M 129 47.40 10.43 60.36
CA PRO M 129 46.60 9.61 61.27
C PRO M 129 46.36 10.24 62.64
N VAL M 130 45.45 9.62 63.39
CA VAL M 130 45.16 10.00 64.79
C VAL M 130 46.44 9.93 65.63
N CYS M 131 46.60 10.88 66.56
CA CYS M 131 47.71 10.95 67.52
C CYS M 131 47.87 9.54 68.23
N GLY M 132 48.96 8.87 67.90
CA GLY M 132 49.23 7.51 68.39
C GLY M 132 49.08 6.47 67.29
N GLY M 136 49.72 -0.39 64.64
CA GLY M 136 49.74 -1.58 63.80
C GLY M 136 50.90 -1.72 62.81
N SER M 137 50.81 -2.74 61.94
CA SER M 137 51.85 -3.01 60.94
C SER M 137 51.84 -1.94 59.84
N SER M 138 50.87 -1.97 58.94
CA SER M 138 50.63 -0.87 57.98
C SER M 138 50.05 0.38 58.65
N VAL M 139 50.10 1.49 57.94
CA VAL M 139 49.49 2.76 58.36
C VAL M 139 48.85 3.41 57.13
N THR M 140 47.77 4.15 57.34
CA THR M 140 47.01 4.73 56.24
C THR M 140 47.01 6.26 56.34
N LEU M 141 47.33 6.91 55.22
CA LEU M 141 47.28 8.37 55.09
C LEU M 141 46.23 8.78 54.09
N GLY M 142 45.86 10.06 54.13
CA GLY M 142 44.84 10.57 53.24
C GLY M 142 45.11 11.97 52.71
N CYS M 143 44.30 12.36 51.72
CA CYS M 143 44.39 13.65 51.10
C CYS M 143 42.97 14.08 50.69
N LEU M 144 42.51 15.22 51.21
CA LEU M 144 41.17 15.72 50.92
C LEU M 144 41.25 16.86 49.92
N VAL M 145 40.41 16.80 48.90
CA VAL M 145 40.36 17.82 47.85
C VAL M 145 38.93 18.34 47.84
N LYS M 146 38.76 19.60 48.23
CA LYS M 146 37.42 20.14 48.56
C LYS M 146 37.12 21.47 47.87
N GLY M 147 35.86 21.63 47.47
CA GLY M 147 35.35 22.89 46.96
C GLY M 147 35.86 23.30 45.60
N TYR M 148 35.94 22.36 44.65
CA TYR M 148 36.36 22.70 43.29
C TYR M 148 35.23 22.57 42.29
N PHE M 149 35.39 23.23 41.15
CA PHE M 149 34.44 23.18 40.06
C PHE M 149 35.12 23.76 38.82
N PRO M 150 34.92 23.19 37.62
CA PRO M 150 34.17 21.95 37.37
C PRO M 150 35.09 20.74 37.52
N GLU M 151 34.64 19.56 37.09
CA GLU M 151 35.53 18.40 36.98
C GLU M 151 36.41 18.57 35.76
N PRO M 152 37.58 17.89 35.68
CA PRO M 152 38.08 16.99 36.71
C PRO M 152 39.25 17.58 37.48
N VAL M 153 39.66 16.86 38.52
CA VAL M 153 41.00 16.97 39.09
C VAL M 153 41.73 15.66 38.87
N THR M 154 43.06 15.72 38.90
CA THR M 154 43.91 14.55 38.89
C THR M 154 44.66 14.53 40.21
N LEU M 155 44.75 13.35 40.83
CA LEU M 155 45.46 13.16 42.09
C LEU M 155 46.43 11.98 41.98
N THR M 156 47.68 12.21 42.41
CA THR M 156 48.69 11.14 42.53
C THR M 156 49.46 11.29 43.84
N TRP M 157 50.18 10.23 44.20
CA TRP M 157 51.04 10.21 45.37
C TRP M 157 52.49 10.03 44.91
N ASN M 158 53.38 10.93 45.34
CA ASN M 158 54.77 10.99 44.87
C ASN M 158 54.88 10.94 43.34
N SER M 159 54.07 11.75 42.68
CA SER M 159 54.02 11.89 41.22
C SER M 159 53.71 10.60 40.44
N GLY M 160 53.02 9.65 41.08
CA GLY M 160 52.73 8.35 40.49
C GLY M 160 53.62 7.21 40.94
N SER M 161 54.72 7.52 41.65
CA SER M 161 55.59 6.50 42.24
C SER M 161 54.84 5.50 43.12
N LEU M 162 53.92 6.03 43.94
CA LEU M 162 53.12 5.22 44.84
C LEU M 162 51.80 4.96 44.17
N SER M 163 51.70 3.79 43.50
CA SER M 163 50.53 3.40 42.72
C SER M 163 49.68 2.37 43.48
N SER M 164 50.32 1.31 43.95
CA SER M 164 49.62 0.25 44.68
C SER M 164 49.33 0.70 46.12
N GLY M 165 48.28 0.15 46.71
CA GLY M 165 47.81 0.57 48.04
C GLY M 165 47.09 1.93 48.04
N VAL M 166 46.67 2.40 46.86
CA VAL M 166 46.02 3.70 46.69
C VAL M 166 44.55 3.51 46.31
N HIS M 167 43.68 4.31 46.93
CA HIS M 167 42.26 4.36 46.61
C HIS M 167 41.88 5.82 46.46
N THR M 168 41.44 6.19 45.26
CA THR M 168 41.02 7.57 44.97
C THR M 168 39.55 7.52 44.65
N PHE M 169 38.74 8.21 45.45
CA PHE M 169 37.31 8.01 45.44
C PHE M 169 36.62 8.93 44.46
N PRO M 170 35.51 8.50 43.85
CA PRO M 170 34.77 9.37 42.95
C PRO M 170 34.33 10.67 43.62
N ALA M 171 34.40 11.75 42.86
CA ALA M 171 33.96 13.06 43.33
C ALA M 171 32.45 13.10 43.54
N LEU M 172 32.03 13.81 44.57
CA LEU M 172 30.62 14.05 44.84
C LEU M 172 30.35 15.54 44.90
N LEU M 173 29.11 15.90 44.57
CA LEU M 173 28.67 17.30 44.45
C LEU M 173 28.09 17.79 45.79
N LEU M 174 28.93 18.38 46.63
CA LEU M 174 28.53 18.98 47.91
C LEU M 174 28.00 20.41 47.68
N SER M 175 26.72 20.51 47.33
CA SER M 175 26.03 21.80 47.10
C SER M 175 26.67 22.66 46.00
N GLY M 176 26.73 22.12 44.79
CA GLY M 176 27.29 22.84 43.62
C GLY M 176 28.81 22.96 43.55
N LEU M 177 29.53 22.26 44.42
CA LEU M 177 31.00 22.22 44.43
C LEU M 177 31.50 20.80 44.75
N TYR M 178 32.52 20.34 44.00
CA TYR M 178 32.99 18.94 44.09
C TYR M 178 33.97 18.68 45.23
N THR M 179 33.90 17.46 45.77
CA THR M 179 34.79 16.96 46.84
C THR M 179 35.17 15.49 46.58
N LEU M 180 36.47 15.23 46.50
CA LEU M 180 36.97 13.86 46.55
C LEU M 180 38.10 13.74 47.55
N SER M 181 38.31 12.50 47.99
CA SER M 181 39.39 12.16 48.89
C SER M 181 40.24 11.08 48.20
N SER M 182 41.42 10.81 48.76
CA SER M 182 42.22 9.66 48.34
C SER M 182 42.98 9.13 49.54
N SER M 183 43.06 7.79 49.65
CA SER M 183 43.77 7.13 50.73
C SER M 183 45.01 6.46 50.16
N VAL M 184 46.02 6.28 51.00
CA VAL M 184 47.19 5.46 50.64
C VAL M 184 47.67 4.69 51.86
N THR M 185 47.98 3.40 51.67
CA THR M 185 48.39 2.55 52.78
C THR M 185 49.76 1.95 52.50
N VAL M 186 50.69 2.20 53.42
CA VAL M 186 52.08 1.70 53.36
C VAL M 186 52.43 1.07 54.70
N THR M 187 53.55 0.33 54.75
CA THR M 187 54.02 -0.27 56.01
C THR M 187 54.55 0.84 56.91
N SER M 188 54.35 0.74 58.22
CA SER M 188 54.79 1.80 59.17
C SER M 188 56.32 2.00 59.27
N ASN M 189 57.09 1.06 58.70
CA ASN M 189 58.53 1.26 58.45
C ASN M 189 58.75 2.44 57.52
N THR M 190 57.88 2.56 56.51
CA THR M 190 57.99 3.60 55.48
C THR M 190 57.71 5.02 55.98
N TRP M 191 56.75 5.20 56.90
CA TRP M 191 56.28 6.53 57.29
C TRP M 191 56.26 6.68 58.83
N PRO M 192 56.77 7.78 59.39
CA PRO M 192 57.21 8.99 58.66
C PRO M 192 58.67 9.03 58.19
N SER M 193 59.33 7.88 58.03
CA SER M 193 60.74 7.81 57.62
C SER M 193 60.95 8.43 56.25
N GLN M 194 60.04 8.10 55.32
CA GLN M 194 60.04 8.64 53.98
C GLN M 194 58.94 9.68 53.81
N THR M 195 59.25 10.69 52.98
CA THR M 195 58.29 11.70 52.59
C THR M 195 57.25 11.12 51.66
N ILE M 196 55.98 11.36 51.98
CA ILE M 196 54.86 11.00 51.11
C ILE M 196 54.11 12.30 50.81
N THR M 197 53.92 12.58 49.53
CA THR M 197 53.35 13.84 49.06
C THR M 197 52.12 13.59 48.21
N CYS M 198 51.04 14.29 48.52
CA CYS M 198 49.82 14.29 47.72
C CYS M 198 49.97 15.32 46.60
N ASN M 199 49.88 14.90 45.33
CA ASN M 199 49.97 15.82 44.17
C ASN M 199 48.61 16.02 43.52
N VAL M 200 48.15 17.27 43.48
CA VAL M 200 46.81 17.59 42.98
C VAL M 200 46.89 18.66 41.88
N ALA M 201 46.16 18.43 40.80
CA ALA M 201 46.05 19.37 39.70
C ALA M 201 44.59 19.59 39.38
N HIS M 202 44.25 20.82 39.02
CA HIS M 202 42.90 21.17 38.58
C HIS M 202 43.07 22.08 37.36
N PRO M 203 43.10 21.47 36.14
CA PRO M 203 43.34 22.20 34.91
C PRO M 203 42.52 23.47 34.76
N ALA M 204 41.20 23.37 35.00
CA ALA M 204 40.27 24.47 34.78
C ALA M 204 40.63 25.81 35.46
N SER M 205 41.29 25.74 36.62
CA SER M 205 41.70 26.94 37.35
C SER M 205 43.22 27.12 37.39
N SER M 206 43.97 26.36 36.59
CA SER M 206 45.44 26.35 36.60
C SER M 206 46.04 26.07 37.98
N THR M 207 45.34 25.26 38.78
CA THR M 207 45.79 24.94 40.13
C THR M 207 46.69 23.71 40.09
N LYS M 208 47.76 23.75 40.88
CA LYS M 208 48.74 22.68 40.93
C LYS M 208 49.36 22.70 42.33
N VAL M 209 49.02 21.71 43.17
CA VAL M 209 49.38 21.71 44.60
C VAL M 209 50.02 20.41 45.02
N ASP M 210 51.11 20.51 45.78
CA ASP M 210 51.78 19.36 46.39
C ASP M 210 51.74 19.56 47.89
N LYS M 211 50.99 18.70 48.59
CA LYS M 211 50.97 18.73 50.06
C LYS M 211 51.69 17.51 50.60
N LYS M 212 52.77 17.75 51.35
CA LYS M 212 53.42 16.71 52.14
C LYS M 212 52.52 16.31 53.32
N ILE M 213 52.57 15.04 53.73
CA ILE M 213 51.81 14.55 54.87
C ILE M 213 52.76 14.50 56.08
N GLU M 214 52.41 15.17 57.18
CA GLU M 214 53.25 15.25 58.39
C GLU M 214 52.47 14.95 59.68
N PRO M 215 53.09 14.27 60.67
CA PRO M 215 52.37 14.00 61.94
C PRO M 215 52.03 15.27 62.73
N ASP N 1 13.84 5.36 15.90
CA ASP N 1 15.10 4.91 16.54
C ASP N 1 14.96 3.49 17.05
N ILE N 2 16.03 2.70 16.94
CA ILE N 2 16.04 1.35 17.45
C ILE N 2 16.51 1.38 18.89
N VAL N 3 15.65 0.93 19.80
CA VAL N 3 15.96 0.91 21.23
C VAL N 3 16.55 -0.45 21.60
N LEU N 4 17.68 -0.44 22.30
CA LEU N 4 18.33 -1.65 22.83
C LEU N 4 18.13 -1.73 24.35
N THR N 5 17.70 -2.89 24.83
CA THR N 5 17.39 -3.11 26.24
C THR N 5 18.24 -4.28 26.74
N GLN N 6 19.17 -3.99 27.66
CA GLN N 6 20.03 -5.01 28.23
C GLN N 6 19.45 -5.64 29.48
N SER N 7 19.75 -6.92 29.67
CA SER N 7 19.51 -7.60 30.95
C SER N 7 20.65 -8.60 31.19
N PRO N 8 21.01 -8.87 32.43
CA PRO N 8 20.55 -8.15 33.61
C PRO N 8 21.28 -6.81 33.76
N ALA N 9 20.83 -6.04 34.74
CA ALA N 9 21.42 -4.74 35.05
C ALA N 9 22.81 -4.90 35.64
N SER N 10 22.94 -5.78 36.61
CA SER N 10 24.26 -6.22 37.06
C SER N 10 24.22 -7.69 37.40
N LEU N 11 25.39 -8.24 37.71
CA LEU N 11 25.59 -9.67 37.68
C LEU N 11 26.93 -9.98 38.35
N ALA N 12 26.98 -10.96 39.25
CA ALA N 12 28.21 -11.33 39.97
C ALA N 12 28.63 -12.79 39.68
N VAL N 13 29.82 -12.98 39.13
CA VAL N 13 30.30 -14.29 38.66
C VAL N 13 31.63 -14.65 39.32
N SER N 14 31.78 -15.90 39.78
CA SER N 14 33.05 -16.34 40.34
C SER N 14 34.11 -16.51 39.25
N LEU N 15 35.38 -16.48 39.66
CA LEU N 15 36.50 -16.64 38.72
C LEU N 15 36.46 -18.00 38.03
N GLY N 16 36.75 -18.00 36.74
CA GLY N 16 36.74 -19.22 35.93
C GLY N 16 35.37 -19.67 35.45
N GLN N 17 34.33 -18.89 35.74
CA GLN N 17 32.95 -19.23 35.41
C GLN N 17 32.46 -18.41 34.23
N ARG N 18 31.24 -18.72 33.79
CA ARG N 18 30.61 -18.04 32.65
C ARG N 18 29.75 -16.87 33.12
N ALA N 19 29.86 -15.77 32.37
CA ALA N 19 28.96 -14.63 32.48
C ALA N 19 28.24 -14.51 31.15
N THR N 20 26.92 -14.42 31.20
CA THR N 20 26.10 -14.28 29.99
C THR N 20 25.27 -13.00 30.14
N ILE N 21 25.43 -12.09 29.18
CA ILE N 21 24.75 -10.80 29.16
C ILE N 21 23.91 -10.72 27.90
N SER N 22 22.65 -10.26 28.02
CA SER N 22 21.72 -10.22 26.88
C SER N 22 21.39 -8.80 26.38
N CYS N 23 20.89 -8.73 25.15
CA CYS N 23 20.51 -7.46 24.51
C CYS N 23 19.37 -7.72 23.55
N ARG N 24 18.22 -7.09 23.81
CA ARG N 24 17.04 -7.21 22.97
C ARG N 24 16.82 -5.88 22.25
N ALA N 25 16.73 -5.92 20.92
CA ALA N 25 16.46 -4.74 20.10
C ALA N 25 14.96 -4.64 19.80
N SER N 26 14.46 -3.41 19.71
CA SER N 26 13.03 -3.14 19.46
C SER N 26 12.60 -3.48 18.03
N GLU N 27 13.54 -3.43 17.09
CA GLU N 27 13.35 -3.83 15.70
C GLU N 27 14.59 -4.63 15.26
N SER N 28 14.45 -5.37 14.18
CA SER N 28 15.57 -6.16 13.62
C SER N 28 16.76 -5.26 13.28
N VAL N 29 17.96 -5.73 13.58
CA VAL N 29 19.21 -5.06 13.16
C VAL N 29 19.88 -5.76 11.96
N ASP N 30 19.21 -6.78 11.40
CA ASP N 30 19.76 -7.50 10.25
C ASP N 30 19.69 -6.63 9.01
N ASN N 31 20.80 -6.58 8.26
CA ASN N 31 20.83 -5.84 7.01
C ASN N 31 21.99 -6.32 6.10
N TYR N 32 21.67 -6.59 4.84
CA TYR N 32 22.62 -7.19 3.89
C TYR N 32 23.25 -8.49 4.44
N GLY N 33 22.45 -9.32 5.10
CA GLY N 33 22.91 -10.61 5.62
C GLY N 33 23.79 -10.61 6.85
N ILE N 34 24.20 -9.43 7.33
CA ILE N 34 24.95 -9.28 8.58
C ILE N 34 24.00 -8.74 9.67
N SER N 35 24.16 -9.23 10.90
CA SER N 35 23.50 -8.65 12.07
C SER N 35 24.41 -7.56 12.66
N SER N 36 24.07 -6.30 12.42
CA SER N 36 24.91 -5.18 12.87
C SER N 36 24.75 -4.88 14.38
N MET N 37 25.38 -5.71 15.18
CA MET N 37 25.33 -5.65 16.64
C MET N 37 26.77 -5.73 17.18
N ASN N 38 27.18 -4.71 17.91
CA ASN N 38 28.51 -4.61 18.46
C ASN N 38 28.46 -4.59 19.98
N TRP N 39 29.53 -5.07 20.62
CA TRP N 39 29.66 -5.03 22.07
C TRP N 39 30.91 -4.27 22.51
N PHE N 40 30.81 -3.57 23.64
CA PHE N 40 31.91 -2.75 24.15
C PHE N 40 32.12 -2.96 25.64
N GLN N 41 33.38 -2.91 26.07
CA GLN N 41 33.74 -2.99 27.46
C GLN N 41 34.17 -1.59 27.89
N GLN N 42 33.58 -1.09 28.98
CA GLN N 42 34.05 0.13 29.63
C GLN N 42 34.55 -0.19 31.02
N LYS N 43 35.84 -0.09 31.23
CA LYS N 43 36.42 -0.22 32.56
C LYS N 43 36.33 1.13 33.28
N ALA N 44 36.42 1.08 34.61
CA ALA N 44 36.39 2.27 35.47
C ALA N 44 37.36 3.34 34.99
N GLY N 45 36.82 4.51 34.67
CA GLY N 45 37.60 5.68 34.31
C GLY N 45 38.15 5.69 32.90
N GLN N 46 37.79 4.69 32.08
CA GLN N 46 38.34 4.54 30.75
C GLN N 46 37.26 4.76 29.71
N PRO N 47 37.67 5.00 28.46
CA PRO N 47 36.68 4.97 27.38
C PRO N 47 36.21 3.55 27.04
N PRO N 48 35.06 3.43 26.36
CA PRO N 48 34.67 2.13 25.86
C PRO N 48 35.71 1.53 24.91
N LYS N 49 35.88 0.22 25.00
CA LYS N 49 36.77 -0.53 24.15
C LYS N 49 35.94 -1.50 23.31
N PHE N 50 36.24 -1.54 22.02
CA PHE N 50 35.51 -2.37 21.05
C PHE N 50 35.88 -3.84 21.19
N LEU N 51 34.89 -4.70 21.44
CA LEU N 51 35.10 -6.15 21.64
C LEU N 51 34.65 -7.04 20.48
N ILE N 52 33.39 -6.90 20.09
CA ILE N 52 32.73 -7.80 19.15
C ILE N 52 32.05 -6.97 18.07
N TYR N 53 32.10 -7.43 16.82
CA TYR N 53 31.33 -6.82 15.73
C TYR N 53 30.49 -7.87 15.02
N ALA N 54 29.46 -7.41 14.31
CA ALA N 54 28.60 -8.27 13.52
C ALA N 54 28.06 -9.45 14.34
N ALA N 55 27.60 -9.16 15.55
CA ALA N 55 26.98 -10.13 16.50
C ALA N 55 27.93 -11.15 17.15
N SER N 56 28.78 -11.78 16.35
CA SER N 56 29.64 -12.90 16.78
C SER N 56 31.13 -12.77 16.46
N LYS N 57 31.51 -11.92 15.50
CA LYS N 57 32.92 -11.80 15.10
C LYS N 57 33.73 -10.95 16.10
N GLN N 58 34.99 -11.32 16.30
CA GLN N 58 35.84 -10.71 17.32
C GLN N 58 36.78 -9.67 16.74
N GLY N 59 36.89 -8.54 17.44
CA GLY N 59 37.80 -7.46 17.04
C GLY N 59 39.25 -7.87 17.21
N SER N 60 40.13 -7.19 16.49
CA SER N 60 41.56 -7.51 16.52
C SER N 60 42.13 -7.36 17.93
N GLY N 61 42.92 -8.35 18.34
CA GLY N 61 43.54 -8.37 19.68
C GLY N 61 42.64 -8.71 20.87
N VAL N 62 41.37 -9.01 20.62
CA VAL N 62 40.41 -9.30 21.70
C VAL N 62 40.54 -10.77 22.09
N PRO N 63 40.77 -11.07 23.40
CA PRO N 63 40.87 -12.48 23.85
C PRO N 63 39.69 -13.37 23.43
N ALA N 64 39.94 -14.66 23.24
CA ALA N 64 38.92 -15.62 22.79
C ALA N 64 37.80 -15.88 23.81
N ARG N 65 38.08 -15.64 25.09
CA ARG N 65 37.07 -15.73 26.15
C ARG N 65 35.86 -14.81 25.98
N PHE N 66 36.00 -13.74 25.21
CA PHE N 66 34.88 -12.90 24.77
C PHE N 66 34.32 -13.41 23.46
N SER N 67 33.01 -13.62 23.41
CA SER N 67 32.34 -14.09 22.19
C SER N 67 30.85 -13.78 22.29
N GLY N 68 30.26 -13.44 21.16
CA GLY N 68 28.83 -13.09 21.10
C GLY N 68 28.07 -14.06 20.23
N SER N 69 26.75 -14.02 20.35
CA SER N 69 25.87 -14.74 19.44
C SER N 69 24.56 -13.98 19.25
N GLY N 70 23.77 -14.45 18.28
CA GLY N 70 22.40 -13.96 18.03
C GLY N 70 22.13 -13.44 16.63
N SER N 71 20.90 -13.03 16.42
CA SER N 71 20.43 -12.48 15.15
C SER N 71 19.09 -11.81 15.38
N GLY N 72 18.66 -10.99 14.43
CA GLY N 72 17.34 -10.34 14.48
C GLY N 72 17.22 -9.35 15.64
N THR N 73 16.52 -9.76 16.70
CA THR N 73 16.30 -8.93 17.88
C THR N 73 17.03 -9.37 19.15
N ASP N 74 17.38 -10.66 19.29
CA ASP N 74 17.97 -11.17 20.54
C ASP N 74 19.44 -11.53 20.37
N PHE N 75 20.27 -10.94 21.22
CA PHE N 75 21.72 -11.13 21.17
C PHE N 75 22.24 -11.36 22.56
N SER N 76 23.43 -11.94 22.65
CA SER N 76 24.11 -12.07 23.93
C SER N 76 25.62 -12.09 23.80
N LEU N 77 26.26 -11.72 24.92
CA LEU N 77 27.71 -11.71 25.07
C LEU N 77 28.06 -12.72 26.15
N ILE N 78 28.96 -13.66 25.82
CA ILE N 78 29.41 -14.67 26.75
C ILE N 78 30.87 -14.37 27.07
N ILE N 79 31.20 -14.38 28.36
CA ILE N 79 32.58 -14.23 28.83
C ILE N 79 32.88 -15.45 29.67
N HIS N 80 33.88 -16.22 29.27
CA HIS N 80 34.21 -17.47 29.95
C HIS N 80 35.59 -17.94 29.47
N PRO N 81 36.52 -18.27 30.38
CA PRO N 81 36.43 -18.08 31.83
C PRO N 81 36.59 -16.60 32.26
N VAL N 82 35.75 -16.15 33.17
CA VAL N 82 35.88 -14.80 33.75
C VAL N 82 37.18 -14.68 34.57
N GLU N 83 37.84 -13.52 34.46
CA GLU N 83 38.99 -13.20 35.32
C GLU N 83 38.89 -11.81 35.94
N GLU N 84 39.77 -11.53 36.91
CA GLU N 84 39.66 -10.33 37.77
C GLU N 84 39.54 -9.01 37.00
N ASP N 85 40.28 -8.93 35.90
CA ASP N 85 40.32 -7.73 35.04
C ASP N 85 39.05 -7.51 34.20
N ASP N 86 38.10 -8.44 34.23
CA ASP N 86 36.85 -8.29 33.48
C ASP N 86 35.76 -7.48 34.22
N THR N 87 36.04 -7.05 35.45
CA THR N 87 35.12 -6.15 36.16
C THR N 87 34.95 -4.85 35.39
N ALA N 88 33.72 -4.56 34.97
CA ALA N 88 33.46 -3.55 33.95
C ALA N 88 31.99 -3.45 33.65
N VAL N 89 31.63 -2.44 32.87
CA VAL N 89 30.30 -2.29 32.31
C VAL N 89 30.37 -2.66 30.84
N TYR N 90 29.43 -3.46 30.37
CA TYR N 90 29.43 -3.91 28.97
C TYR N 90 28.20 -3.37 28.28
N PHE N 91 28.39 -2.78 27.11
CA PHE N 91 27.33 -2.14 26.33
C PHE N 91 27.13 -2.82 24.99
N CYS N 92 25.88 -3.07 24.59
CA CYS N 92 25.57 -3.48 23.23
C CYS N 92 25.27 -2.25 22.40
N GLN N 93 25.40 -2.37 21.08
CA GLN N 93 25.30 -1.22 20.21
C GLN N 93 24.98 -1.61 18.77
N GLN N 94 24.16 -0.79 18.12
CA GLN N 94 23.48 -1.13 16.89
C GLN N 94 23.93 -0.13 15.82
N SER N 95 24.35 -0.63 14.65
CA SER N 95 24.80 0.22 13.53
C SER N 95 24.01 0.02 12.24
N LYS N 96 22.79 -0.52 12.35
CA LYS N 96 21.97 -0.83 11.17
C LYS N 96 21.63 0.43 10.39
N GLY N 97 21.39 1.51 11.11
CA GLY N 97 21.20 2.84 10.50
C GLY N 97 21.14 3.97 11.52
N VAL N 98 21.19 5.18 11.00
CA VAL N 98 21.18 6.40 11.80
C VAL N 98 19.77 6.60 12.37
N PRO N 99 19.63 6.89 13.67
CA PRO N 99 20.71 7.12 14.63
C PRO N 99 21.28 5.86 15.26
N TYR N 100 22.58 5.82 15.42
CA TYR N 100 23.26 4.72 16.09
C TYR N 100 22.89 4.79 17.57
N THR N 101 22.58 3.66 18.19
CA THR N 101 22.12 3.64 19.58
C THR N 101 22.81 2.57 20.41
N PHE N 102 22.92 2.84 21.70
CA PHE N 102 23.55 1.95 22.66
C PHE N 102 22.52 1.41 23.66
N GLY N 103 22.80 0.25 24.21
CA GLY N 103 22.09 -0.23 25.39
C GLY N 103 22.50 0.58 26.63
N GLY N 104 21.85 0.27 27.75
CA GLY N 104 22.04 0.98 29.00
C GLY N 104 23.24 0.52 29.79
N GLY N 105 23.83 -0.60 29.38
CA GLY N 105 24.98 -1.17 30.05
C GLY N 105 24.59 -2.22 31.07
N THR N 106 25.51 -3.14 31.32
CA THR N 106 25.36 -4.23 32.29
C THR N 106 26.65 -4.29 33.09
N LYS N 107 26.54 -4.33 34.42
CA LYS N 107 27.73 -4.27 35.27
C LYS N 107 28.12 -5.69 35.68
N LEU N 108 29.36 -6.06 35.37
CA LEU N 108 29.89 -7.37 35.72
C LEU N 108 30.80 -7.23 36.90
N GLU N 109 30.42 -7.87 38.00
CA GLU N 109 31.19 -7.91 39.22
C GLU N 109 31.84 -9.28 39.28
N ILE N 110 33.09 -9.33 39.74
CA ILE N 110 33.81 -10.57 39.98
C ILE N 110 33.61 -10.95 41.42
N LYS N 111 33.06 -12.15 41.64
CA LYS N 111 32.83 -12.64 42.99
C LYS N 111 34.13 -13.09 43.63
N ARG N 112 34.20 -12.97 44.95
CA ARG N 112 35.37 -13.40 45.70
C ARG N 112 34.99 -13.64 47.16
N ALA N 113 35.94 -14.10 47.95
CA ALA N 113 35.72 -14.36 49.36
C ALA N 113 35.47 -13.04 50.07
N ASP N 114 34.63 -13.09 51.09
CA ASP N 114 34.31 -11.91 51.87
C ASP N 114 35.59 -11.37 52.54
N ALA N 115 35.62 -10.06 52.74
CA ALA N 115 36.79 -9.36 53.29
C ALA N 115 36.32 -8.16 54.11
N ALA N 116 36.77 -8.11 55.36
CA ALA N 116 36.39 -7.00 56.22
C ALA N 116 37.17 -5.76 55.83
N PRO N 117 36.58 -4.57 56.02
CA PRO N 117 37.28 -3.32 55.69
C PRO N 117 38.36 -2.97 56.73
N THR N 118 39.47 -2.43 56.23
CA THR N 118 40.46 -1.76 57.05
C THR N 118 39.99 -0.33 57.23
N VAL N 119 39.73 0.08 58.47
CA VAL N 119 39.07 1.36 58.73
C VAL N 119 40.02 2.36 59.40
N SER N 120 40.09 3.57 58.85
CA SER N 120 40.97 4.62 59.37
C SER N 120 40.18 5.90 59.57
N ILE N 121 40.53 6.66 60.60
CA ILE N 121 39.85 7.93 60.88
C ILE N 121 40.82 9.10 60.94
N PHE N 122 40.36 10.25 60.43
CA PHE N 122 41.20 11.43 60.21
C PHE N 122 40.51 12.71 60.67
N PRO N 123 41.02 13.36 61.75
CA PRO N 123 40.51 14.67 62.12
C PRO N 123 40.82 15.68 61.02
N PRO N 124 40.20 16.86 61.09
CA PRO N 124 40.55 17.94 60.17
C PRO N 124 42.04 18.24 60.21
N SER N 125 42.54 18.86 59.14
CA SER N 125 43.92 19.36 59.15
C SER N 125 43.99 20.71 59.83
N SER N 126 45.18 21.08 60.31
CA SER N 126 45.42 22.41 60.87
C SER N 126 45.07 23.49 59.86
N GLU N 127 45.35 23.23 58.57
CA GLU N 127 45.07 24.18 57.51
C GLU N 127 43.59 24.43 57.35
N GLN N 128 42.79 23.37 57.36
CA GLN N 128 41.34 23.48 57.18
C GLN N 128 40.65 24.23 58.34
N LEU N 129 41.13 23.99 59.56
CA LEU N 129 40.63 24.67 60.75
C LEU N 129 40.85 26.19 60.66
N THR N 130 42.05 26.60 60.24
CA THR N 130 42.36 28.03 60.04
C THR N 130 41.52 28.71 58.93
N SER N 131 40.93 27.95 58.00
CA SER N 131 39.94 28.46 57.03
C SER N 131 38.51 28.59 57.56
N GLY N 132 38.19 27.92 58.67
CA GLY N 132 36.86 27.98 59.29
C GLY N 132 35.94 26.81 58.95
N GLY N 133 36.47 25.77 58.30
CA GLY N 133 35.74 24.53 58.05
C GLY N 133 36.31 23.40 58.87
N ALA N 134 35.56 22.30 58.95
CA ALA N 134 36.00 21.10 59.65
C ALA N 134 35.46 19.82 58.99
N SER N 135 36.34 19.04 58.37
CA SER N 135 35.94 17.79 57.70
C SER N 135 36.61 16.61 58.41
N VAL N 136 35.76 15.73 58.95
CA VAL N 136 36.22 14.48 59.55
C VAL N 136 36.00 13.34 58.55
N VAL N 137 37.10 12.67 58.18
CA VAL N 137 37.10 11.67 57.13
C VAL N 137 37.37 10.28 57.69
N CYS N 138 36.73 9.29 57.08
CA CYS N 138 36.89 7.90 57.42
C CYS N 138 37.11 7.09 56.15
N PHE N 139 38.17 6.31 56.07
CA PHE N 139 38.34 5.37 54.96
C PHE N 139 38.04 3.96 55.38
N LEU N 140 37.17 3.31 54.62
CA LEU N 140 36.87 1.90 54.80
C LEU N 140 37.38 1.20 53.55
N ASN N 141 38.55 0.59 53.65
CA ASN N 141 39.30 0.10 52.47
C ASN N 141 39.34 -1.42 52.30
N ASN N 142 39.29 -1.84 51.03
CA ASN N 142 39.53 -3.22 50.59
C ASN N 142 38.60 -4.25 51.21
N PHE N 143 37.30 -4.04 51.01
CA PHE N 143 36.26 -4.91 51.56
C PHE N 143 35.37 -5.52 50.48
N TYR N 144 34.73 -6.63 50.80
CA TYR N 144 33.78 -7.29 49.90
C TYR N 144 32.72 -8.08 50.72
N PRO N 145 31.43 -8.02 50.39
CA PRO N 145 30.86 -7.35 49.21
C PRO N 145 30.68 -5.84 49.39
N LYS N 146 30.14 -5.20 48.36
CA LYS N 146 30.03 -3.75 48.29
C LYS N 146 29.14 -3.12 49.39
N ASP N 147 28.11 -3.85 49.81
CA ASP N 147 27.14 -3.32 50.77
C ASP N 147 27.77 -3.09 52.15
N ILE N 148 27.58 -1.91 52.71
CA ILE N 148 28.22 -1.52 53.97
C ILE N 148 27.47 -0.34 54.62
N ASN N 149 27.57 -0.24 55.94
CA ASN N 149 26.90 0.80 56.71
C ASN N 149 27.92 1.57 57.48
N VAL N 150 27.84 2.92 57.43
CA VAL N 150 28.72 3.74 58.23
C VAL N 150 27.90 4.74 59.04
N LYS N 151 28.14 4.75 60.35
CA LYS N 151 27.44 5.61 61.28
C LYS N 151 28.45 6.57 61.91
N TRP N 152 28.08 7.84 61.99
CA TRP N 152 28.89 8.85 62.68
C TRP N 152 28.27 9.20 64.03
N LYS N 153 29.10 9.24 65.07
CA LYS N 153 28.66 9.63 66.40
C LYS N 153 29.55 10.76 66.94
N ILE N 154 28.91 11.86 67.33
CA ILE N 154 29.56 12.99 67.98
C ILE N 154 29.23 12.90 69.47
N ASP N 155 30.25 12.73 70.32
CA ASP N 155 30.08 12.51 71.77
C ASP N 155 29.13 11.35 72.09
N GLY N 156 29.11 10.33 71.23
CA GLY N 156 28.18 9.20 71.34
C GLY N 156 26.81 9.35 70.67
N SER N 157 26.42 10.57 70.27
CA SER N 157 25.11 10.82 69.63
C SER N 157 25.19 10.70 68.11
N GLU N 158 24.23 10.03 67.50
CA GLU N 158 24.22 9.79 66.05
C GLU N 158 24.03 11.09 65.25
N ARG N 159 24.62 11.12 64.06
CA ARG N 159 24.65 12.31 63.22
C ARG N 159 24.48 11.93 61.75
N GLN N 160 23.43 12.46 61.12
CA GLN N 160 23.11 12.10 59.72
C GLN N 160 23.32 13.23 58.69
N ASN N 161 23.28 14.50 59.13
CA ASN N 161 23.45 15.66 58.22
C ASN N 161 24.91 15.96 57.93
N GLY N 162 25.20 16.34 56.70
CA GLY N 162 26.56 16.67 56.24
C GLY N 162 27.43 15.50 55.79
N VAL N 163 26.88 14.28 55.89
CA VAL N 163 27.63 13.05 55.62
C VAL N 163 27.63 12.80 54.12
N LEU N 164 28.80 12.46 53.55
CA LEU N 164 28.90 12.14 52.13
C LEU N 164 29.77 10.90 51.91
N ASN N 165 29.17 9.90 51.27
CA ASN N 165 29.76 8.60 51.07
C ASN N 165 30.03 8.35 49.58
N SER N 166 31.28 8.06 49.24
CA SER N 166 31.68 7.75 47.85
C SER N 166 32.36 6.38 47.80
N TRP N 167 31.86 5.47 46.95
CA TRP N 167 32.48 4.14 46.73
C TRP N 167 33.33 4.15 45.48
N THR N 168 34.48 3.46 45.53
CA THR N 168 35.23 3.16 44.31
C THR N 168 34.50 2.07 43.54
N ASP N 169 34.78 1.99 42.24
CA ASP N 169 34.44 0.81 41.46
C ASP N 169 35.27 -0.36 41.96
N GLN N 170 34.83 -1.58 41.61
CA GLN N 170 35.57 -2.77 41.99
C GLN N 170 36.99 -2.76 41.43
N ASP N 171 37.93 -3.25 42.23
CA ASP N 171 39.32 -3.24 41.86
C ASP N 171 39.60 -4.35 40.82
N SER N 172 40.47 -4.03 39.87
CA SER N 172 40.77 -4.92 38.74
C SER N 172 41.70 -6.08 39.13
N LYS N 173 42.56 -5.85 40.12
CA LYS N 173 43.48 -6.86 40.62
C LYS N 173 42.87 -7.78 41.67
N ASP N 174 42.35 -7.20 42.76
CA ASP N 174 41.91 -7.99 43.92
C ASP N 174 40.39 -8.03 44.18
N SER N 175 39.60 -7.41 43.29
CA SER N 175 38.16 -7.55 43.31
C SER N 175 37.43 -6.98 44.55
N THR N 176 38.11 -6.17 45.36
CA THR N 176 37.49 -5.53 46.53
C THR N 176 36.94 -4.15 46.18
N TYR N 177 36.13 -3.61 47.10
CA TYR N 177 35.69 -2.21 47.05
C TYR N 177 36.32 -1.43 48.18
N SER N 178 36.27 -0.11 48.07
CA SER N 178 36.73 0.81 49.10
C SER N 178 35.75 1.98 49.16
N MET N 179 35.81 2.77 50.23
CA MET N 179 34.85 3.84 50.44
C MET N 179 35.31 4.95 51.40
N SER N 180 35.01 6.20 51.04
CA SER N 180 35.25 7.39 51.88
C SER N 180 33.93 7.85 52.49
N SER N 181 33.96 8.20 53.77
CA SER N 181 32.82 8.85 54.44
C SER N 181 33.30 10.16 55.03
N THR N 182 32.62 11.24 54.69
CA THR N 182 33.09 12.59 55.01
C THR N 182 31.98 13.35 55.74
N LEU N 183 32.15 13.54 57.05
CA LEU N 183 31.29 14.41 57.85
C LEU N 183 31.80 15.86 57.79
N THR N 184 30.96 16.76 57.29
CA THR N 184 31.36 18.16 57.00
C THR N 184 30.67 19.11 58.02
N LEU N 185 31.46 19.78 58.87
CA LEU N 185 30.95 20.68 59.91
C LEU N 185 31.50 22.09 59.79
N THR N 186 30.83 23.04 60.45
CA THR N 186 31.44 24.35 60.70
C THR N 186 32.48 24.15 61.80
N LYS N 187 33.61 24.86 61.71
CA LYS N 187 34.63 24.82 62.77
C LYS N 187 34.05 25.08 64.17
N ASP N 188 33.15 26.06 64.29
CA ASP N 188 32.53 26.37 65.59
C ASP N 188 31.88 25.14 66.23
N GLU N 189 31.10 24.40 65.46
CA GLU N 189 30.50 23.14 65.96
C GLU N 189 31.54 22.05 66.23
N TYR N 190 32.55 21.95 65.37
CA TYR N 190 33.61 20.96 65.59
C TYR N 190 34.26 21.15 66.96
N GLU N 191 34.58 22.39 67.31
CA GLU N 191 35.24 22.68 68.57
C GLU N 191 34.34 22.54 69.80
N ARG N 192 33.01 22.51 69.62
CA ARG N 192 32.07 22.28 70.74
C ARG N 192 32.14 20.86 71.31
N HIS N 193 32.33 19.87 70.45
CA HIS N 193 32.29 18.46 70.88
C HIS N 193 33.67 17.85 70.91
N ASN N 194 33.83 16.81 71.72
CA ASN N 194 35.14 16.21 72.03
C ASN N 194 35.40 14.85 71.35
N SER N 195 34.39 13.97 71.36
CA SER N 195 34.53 12.57 70.90
C SER N 195 33.91 12.33 69.51
N TYR N 196 34.74 11.97 68.53
CA TYR N 196 34.31 11.77 67.13
C TYR N 196 34.52 10.31 66.72
N THR N 197 33.43 9.64 66.38
CA THR N 197 33.42 8.21 66.16
C THR N 197 32.87 7.84 64.78
N CYS N 198 33.49 6.82 64.19
CA CYS N 198 33.17 6.33 62.87
C CYS N 198 32.90 4.84 63.00
N GLU N 199 31.66 4.44 62.80
CA GLU N 199 31.18 3.11 63.24
C GLU N 199 30.70 2.32 62.01
N ALA N 200 31.47 1.31 61.61
CA ALA N 200 31.26 0.60 60.35
C ALA N 200 30.66 -0.79 60.57
N THR N 201 29.51 -1.07 59.96
CA THR N 201 28.89 -2.40 60.00
C THR N 201 29.00 -3.07 58.65
N HIS N 202 29.36 -4.35 58.64
CA HIS N 202 29.58 -5.11 57.41
C HIS N 202 29.26 -6.59 57.61
N LYS N 203 28.85 -7.25 56.52
CA LYS N 203 28.50 -8.67 56.50
C LYS N 203 29.47 -9.60 57.26
N THR N 204 30.75 -9.28 57.17
CA THR N 204 31.83 -10.03 57.80
C THR N 204 31.81 -10.15 59.32
N SER N 205 31.21 -9.18 60.01
CA SER N 205 31.10 -9.22 61.48
C SER N 205 29.73 -8.74 61.94
N THR N 206 29.18 -9.42 62.94
CA THR N 206 27.98 -8.95 63.62
C THR N 206 28.32 -7.68 64.39
N SER N 207 29.45 -7.68 65.07
CA SER N 207 29.95 -6.48 65.77
C SER N 207 30.44 -5.43 64.80
N PRO N 208 30.04 -4.16 65.01
CA PRO N 208 30.61 -3.08 64.20
C PRO N 208 32.10 -2.86 64.45
N ILE N 209 32.78 -2.33 63.43
CA ILE N 209 34.15 -1.85 63.59
C ILE N 209 34.09 -0.36 63.94
N VAL N 210 34.76 0.03 65.02
CA VAL N 210 34.70 1.41 65.53
C VAL N 210 36.10 2.01 65.56
N LYS N 211 36.23 3.19 64.99
CA LYS N 211 37.45 3.99 65.11
C LYS N 211 37.07 5.35 65.66
N SER N 212 37.89 5.88 66.56
CA SER N 212 37.57 7.11 67.27
C SER N 212 38.79 7.91 67.64
N PHE N 213 38.61 9.21 67.77
CA PHE N 213 39.60 10.09 68.37
C PHE N 213 38.89 11.07 69.28
N ASN N 214 39.63 11.62 70.23
CA ASN N 214 39.20 12.76 71.03
C ASN N 214 39.98 13.99 70.63
N ARG N 215 39.28 15.13 70.63
CA ARG N 215 39.82 16.40 70.18
C ARG N 215 40.73 17.03 71.22
N VAL O 2 6.27 -19.76 55.83
CA VAL O 2 7.05 -18.67 55.25
C VAL O 2 6.73 -17.37 55.98
N LYS O 3 7.77 -16.59 56.25
CA LYS O 3 7.62 -15.24 56.82
C LYS O 3 8.60 -14.29 56.16
N LEU O 4 8.14 -13.08 55.86
CA LEU O 4 8.97 -11.98 55.36
C LEU O 4 8.64 -10.75 56.16
N GLU O 5 9.64 -10.11 56.75
CA GLU O 5 9.43 -8.89 57.53
C GLU O 5 10.29 -7.80 56.96
N GLU O 6 9.64 -6.73 56.46
CA GLU O 6 10.35 -5.54 56.01
C GLU O 6 10.56 -4.55 57.16
N SER O 7 11.56 -3.70 57.01
CA SER O 7 11.88 -2.65 57.98
C SER O 7 12.75 -1.61 57.31
N GLY O 8 12.84 -0.43 57.91
CA GLY O 8 13.63 0.69 57.37
C GLY O 8 12.85 1.73 56.59
N GLY O 9 11.53 1.58 56.48
CA GLY O 9 10.69 2.61 55.89
C GLY O 9 10.57 3.83 56.78
N GLY O 10 10.10 4.93 56.21
CA GLY O 10 9.91 6.17 56.95
C GLY O 10 9.86 7.39 56.06
N LEU O 11 10.33 8.52 56.61
CA LEU O 11 10.35 9.80 55.92
C LEU O 11 11.74 10.18 55.44
N VAL O 12 11.83 10.70 54.21
CA VAL O 12 13.08 11.24 53.65
C VAL O 12 12.78 12.46 52.79
N GLN O 13 13.70 13.42 52.75
CA GLN O 13 13.57 14.60 51.90
C GLN O 13 13.92 14.24 50.44
N PRO O 14 13.33 14.94 49.45
CA PRO O 14 13.67 14.67 48.04
C PRO O 14 15.18 14.80 47.72
N GLY O 15 15.74 13.80 47.05
CA GLY O 15 17.18 13.71 46.80
C GLY O 15 17.95 12.88 47.81
N GLY O 16 17.35 12.56 48.95
CA GLY O 16 18.01 11.77 50.00
C GLY O 16 18.11 10.28 49.71
N SER O 17 18.51 9.52 50.73
CA SER O 17 18.71 8.07 50.62
C SER O 17 18.02 7.29 51.73
N MET O 18 17.74 6.02 51.44
CA MET O 18 17.21 5.11 52.43
C MET O 18 17.49 3.66 52.08
N LYS O 19 17.68 2.84 53.11
CA LYS O 19 17.94 1.41 52.94
C LYS O 19 16.81 0.59 53.55
N LEU O 20 16.09 -0.13 52.70
CA LEU O 20 15.09 -1.11 53.15
C LEU O 20 15.73 -2.47 53.32
N SER O 21 15.24 -3.23 54.29
CA SER O 21 15.78 -4.53 54.66
C SER O 21 14.63 -5.53 54.82
N CYS O 22 14.88 -6.78 54.41
CA CYS O 22 13.84 -7.82 54.36
C CYS O 22 14.37 -9.12 54.94
N ALA O 23 13.90 -9.50 56.13
CA ALA O 23 14.32 -10.74 56.80
C ALA O 23 13.34 -11.89 56.46
N ALA O 24 13.84 -12.92 55.77
CA ALA O 24 13.01 -14.04 55.32
C ALA O 24 13.34 -15.32 56.05
N SER O 25 12.31 -16.12 56.33
CA SER O 25 12.50 -17.50 56.83
C SER O 25 11.43 -18.44 56.28
N GLY O 26 11.60 -19.73 56.52
CA GLY O 26 10.61 -20.75 56.14
C GLY O 26 10.82 -21.44 54.80
N PHE O 27 11.91 -21.14 54.13
CA PHE O 27 12.23 -21.75 52.84
C PHE O 27 13.72 -21.63 52.57
N THR O 28 14.22 -22.43 51.63
CA THR O 28 15.63 -22.42 51.29
C THR O 28 16.00 -21.07 50.64
N PHE O 29 16.54 -20.18 51.46
CA PHE O 29 16.77 -18.81 51.05
C PHE O 29 17.73 -18.69 49.87
N SER O 30 18.85 -19.41 49.95
CA SER O 30 19.87 -19.31 48.91
C SER O 30 19.33 -19.66 47.51
N ASP O 31 18.34 -20.56 47.43
CA ASP O 31 17.68 -20.90 46.15
C ASP O 31 16.65 -19.88 45.66
N ALA O 32 16.02 -19.13 46.56
CA ALA O 32 14.92 -18.27 46.16
C ALA O 32 15.38 -17.05 45.39
N TRP O 33 14.63 -16.72 44.34
CA TRP O 33 14.72 -15.43 43.67
C TRP O 33 13.85 -14.50 44.48
N MET O 34 14.37 -13.31 44.79
CA MET O 34 13.67 -12.33 45.64
C MET O 34 13.44 -11.05 44.85
N ASP O 35 12.39 -10.32 45.20
CA ASP O 35 12.00 -9.09 44.50
C ASP O 35 11.51 -8.02 45.49
N TRP O 36 11.44 -6.78 45.02
CA TRP O 36 10.71 -5.71 45.71
C TRP O 36 9.62 -5.18 44.78
N VAL O 37 8.44 -4.96 45.35
CA VAL O 37 7.28 -4.43 44.65
C VAL O 37 6.75 -3.28 45.51
N ARG O 38 6.24 -2.23 44.86
CA ARG O 38 5.65 -1.09 45.58
C ARG O 38 4.23 -0.79 45.13
N GLN O 39 3.45 -0.19 46.03
CA GLN O 39 2.08 0.15 45.72
C GLN O 39 1.79 1.59 46.12
N SER O 40 1.14 2.31 45.20
CA SER O 40 0.64 3.65 45.45
C SER O 40 -0.72 3.77 44.80
N PRO O 41 -1.54 4.72 45.26
CA PRO O 41 -2.82 4.94 44.59
C PRO O 41 -2.71 5.43 43.13
N GLU O 42 -1.64 6.15 42.79
CA GLU O 42 -1.49 6.70 41.44
C GLU O 42 -1.06 5.61 40.47
N LYS O 43 0.01 4.90 40.83
CA LYS O 43 0.66 3.93 39.95
C LYS O 43 0.16 2.49 40.10
N GLY O 44 -0.57 2.19 41.18
CA GLY O 44 -0.99 0.82 41.48
C GLY O 44 0.19 0.01 41.96
N LEU O 45 0.24 -1.26 41.56
CA LEU O 45 1.34 -2.16 41.90
C LEU O 45 2.42 -2.13 40.82
N GLU O 46 3.64 -1.75 41.17
CA GLU O 46 4.81 -1.81 40.26
C GLU O 46 5.92 -2.66 40.85
N TRP O 47 6.39 -3.60 40.03
CA TRP O 47 7.62 -4.31 40.30
C TRP O 47 8.76 -3.31 40.26
N VAL O 48 9.70 -3.45 41.20
CA VAL O 48 10.79 -2.50 41.34
C VAL O 48 12.15 -3.13 41.00
N ALA O 49 12.48 -4.23 41.67
CA ALA O 49 13.79 -4.85 41.50
C ALA O 49 13.75 -6.35 41.75
N GLU O 50 14.68 -7.06 41.10
CA GLU O 50 14.83 -8.50 41.26
C GLU O 50 16.28 -8.82 41.58
N ILE O 51 16.49 -9.81 42.45
CA ILE O 51 17.79 -10.47 42.59
C ILE O 51 17.58 -11.98 42.56
N ARG O 52 18.40 -12.67 41.77
CA ARG O 52 18.26 -14.10 41.57
C ARG O 52 19.29 -14.87 42.42
N ASN O 53 19.25 -16.21 42.33
CA ASN O 53 20.08 -17.09 43.17
C ASN O 53 21.53 -17.21 42.66
N LYS O 54 22.35 -17.91 43.44
CA LYS O 54 23.75 -18.15 43.07
C LYS O 54 23.94 -18.81 41.69
N VAL O 55 23.00 -19.69 41.32
CA VAL O 55 23.08 -20.39 40.03
C VAL O 55 22.88 -19.44 38.83
N ASN O 56 22.08 -18.37 39.03
CA ASN O 56 21.92 -17.30 38.05
C ASN O 56 22.84 -16.10 38.30
N ASN O 57 23.97 -16.33 38.95
CA ASN O 57 24.98 -15.30 39.19
C ASN O 57 24.50 -14.07 39.98
N HIS O 58 23.51 -14.26 40.86
CA HIS O 58 22.93 -13.15 41.62
C HIS O 58 22.52 -11.99 40.71
N ALA O 59 21.93 -12.33 39.57
CA ALA O 59 21.62 -11.34 38.55
C ALA O 59 20.58 -10.38 39.10
N THR O 60 20.82 -9.09 38.87
CA THR O 60 19.87 -8.07 39.28
C THR O 60 19.16 -7.50 38.07
N ASN O 61 17.95 -7.02 38.31
CA ASN O 61 17.16 -6.32 37.30
C ASN O 61 16.40 -5.22 37.99
N TYR O 62 16.05 -4.18 37.24
CA TYR O 62 15.32 -3.06 37.79
C TYR O 62 14.27 -2.53 36.83
N ALA O 63 13.25 -1.91 37.39
CA ALA O 63 12.28 -1.16 36.60
C ALA O 63 12.95 0.09 36.08
N GLU O 64 12.59 0.51 34.88
CA GLU O 64 13.22 1.63 34.21
C GLU O 64 13.27 2.89 35.08
N SER O 65 12.21 3.17 35.83
CA SER O 65 12.13 4.42 36.58
C SER O 65 13.06 4.47 37.80
N VAL O 66 13.71 3.35 38.14
CA VAL O 66 14.62 3.33 39.29
C VAL O 66 16.08 2.97 38.95
N LYS O 67 16.40 2.79 37.66
CA LYS O 67 17.76 2.43 37.24
C LYS O 67 18.75 3.52 37.62
N GLY O 68 19.92 3.13 38.11
CA GLY O 68 20.94 4.07 38.57
C GLY O 68 20.73 4.68 39.95
N ARG O 69 19.54 4.51 40.51
CA ARG O 69 19.17 5.08 41.80
C ARG O 69 19.01 4.01 42.86
N PHE O 70 18.31 2.94 42.53
CA PHE O 70 18.03 1.85 43.45
C PHE O 70 19.03 0.72 43.24
N THR O 71 19.47 0.09 44.32
CA THR O 71 20.38 -1.07 44.26
C THR O 71 19.86 -2.17 45.19
N ILE O 72 19.63 -3.35 44.62
CA ILE O 72 19.19 -4.52 45.36
C ILE O 72 20.38 -5.44 45.64
N SER O 73 20.36 -6.13 46.76
CA SER O 73 21.45 -7.04 47.14
C SER O 73 20.96 -8.02 48.19
N ARG O 74 21.76 -9.03 48.50
CA ARG O 74 21.37 -10.06 49.45
C ARG O 74 22.54 -10.64 50.21
N ASP O 75 22.27 -11.03 51.46
CA ASP O 75 23.21 -11.75 52.31
C ASP O 75 22.61 -13.15 52.52
N ASP O 76 23.06 -14.12 51.72
CA ASP O 76 22.56 -15.49 51.84
C ASP O 76 22.87 -16.13 53.20
N SER O 77 23.96 -15.71 53.86
CA SER O 77 24.26 -16.24 55.20
C SER O 77 23.26 -15.78 56.27
N ARG O 78 22.62 -14.63 56.09
CA ARG O 78 21.63 -14.11 57.07
C ARG O 78 20.17 -14.12 56.59
N SER O 79 19.92 -14.62 55.38
CA SER O 79 18.56 -14.68 54.80
C SER O 79 17.92 -13.30 54.76
N VAL O 80 18.65 -12.32 54.21
CA VAL O 80 18.18 -10.94 54.17
C VAL O 80 18.39 -10.38 52.77
N VAL O 81 17.44 -9.57 52.33
CA VAL O 81 17.52 -8.82 51.09
C VAL O 81 17.47 -7.35 51.45
N TYR O 82 18.29 -6.58 50.76
CA TYR O 82 18.39 -5.15 50.97
C TYR O 82 17.91 -4.41 49.73
N LEU O 83 17.41 -3.18 49.92
CA LEU O 83 17.15 -2.24 48.83
C LEU O 83 17.69 -0.85 49.21
N GLN O 84 18.79 -0.48 48.57
CA GLN O 84 19.42 0.83 48.76
C GLN O 84 18.81 1.78 47.73
N MET O 85 18.16 2.84 48.21
CA MET O 85 17.54 3.83 47.34
C MET O 85 18.27 5.18 47.49
N ASN O 86 18.73 5.73 46.36
CA ASN O 86 19.42 7.03 46.30
C ASN O 86 18.66 8.00 45.42
N ASN O 87 18.75 9.29 45.74
CA ASN O 87 18.17 10.37 44.95
C ASN O 87 16.64 10.24 44.84
N LEU O 88 16.00 10.07 46.00
CA LEU O 88 14.57 9.75 46.07
C LEU O 88 13.70 10.93 45.62
N LYS O 89 12.65 10.61 44.86
CA LYS O 89 11.70 11.60 44.36
C LYS O 89 10.35 11.41 45.06
N PRO O 90 9.45 12.41 44.99
CA PRO O 90 8.13 12.21 45.61
C PRO O 90 7.36 11.04 44.97
N GLU O 91 7.53 10.83 43.67
CA GLU O 91 6.90 9.70 42.96
C GLU O 91 7.32 8.32 43.48
N ASP O 92 8.44 8.23 44.19
CA ASP O 92 8.84 6.97 44.87
C ASP O 92 8.08 6.69 46.17
N THR O 93 7.16 7.57 46.56
CA THR O 93 6.34 7.34 47.76
C THR O 93 5.41 6.17 47.54
N GLY O 94 5.28 5.34 48.57
CA GLY O 94 4.34 4.21 48.53
C GLY O 94 4.65 3.16 49.59
N ILE O 95 3.93 2.04 49.52
CA ILE O 95 4.14 0.89 50.40
C ILE O 95 5.04 -0.09 49.65
N TYR O 96 6.15 -0.49 50.27
CA TYR O 96 7.17 -1.34 49.63
C TYR O 96 7.12 -2.76 50.21
N TYR O 97 6.72 -3.71 49.37
CA TYR O 97 6.67 -5.13 49.72
C TYR O 97 7.91 -5.87 49.27
N CYS O 98 8.41 -6.73 50.14
CA CYS O 98 9.45 -7.68 49.81
C CYS O 98 8.78 -9.00 49.48
N THR O 99 9.17 -9.61 48.37
CA THR O 99 8.57 -10.87 47.91
C THR O 99 9.63 -11.94 47.65
N GLY O 100 9.30 -13.19 47.97
CA GLY O 100 10.18 -14.33 47.77
C GLY O 100 9.59 -15.37 46.83
N LEU O 101 10.46 -16.08 46.13
CA LEU O 101 10.09 -17.02 45.07
C LEU O 101 9.25 -16.30 44.02
N THR O 102 9.93 -15.35 43.37
CA THR O 102 9.33 -14.25 42.64
C THR O 102 8.16 -13.65 43.45
N PHE O 103 6.91 -13.95 43.11
CA PHE O 103 5.76 -13.38 43.82
C PHE O 103 4.89 -14.43 44.54
N ASP O 104 5.47 -15.56 44.91
CA ASP O 104 4.72 -16.58 45.66
C ASP O 104 4.37 -16.12 47.09
N TYR O 105 5.33 -15.44 47.74
CA TYR O 105 5.18 -15.04 49.14
C TYR O 105 5.48 -13.56 49.32
N TRP O 106 4.66 -12.87 50.11
CA TRP O 106 4.77 -11.43 50.30
C TRP O 106 4.80 -11.05 51.77
N GLY O 107 5.64 -10.07 52.12
CA GLY O 107 5.65 -9.51 53.47
C GLY O 107 4.51 -8.54 53.69
N GLN O 108 4.38 -8.03 54.92
CA GLN O 108 3.32 -7.06 55.24
C GLN O 108 3.57 -5.69 54.67
N GLY O 109 4.83 -5.36 54.42
CA GLY O 109 5.21 -4.13 53.73
C GLY O 109 5.65 -3.03 54.69
N THR O 110 6.36 -2.05 54.15
CA THR O 110 6.83 -0.89 54.91
C THR O 110 6.61 0.38 54.09
N THR O 111 6.21 1.45 54.76
CA THR O 111 5.81 2.69 54.09
C THR O 111 7.01 3.62 53.90
N LEU O 112 7.10 4.23 52.71
CA LEU O 112 8.13 5.20 52.38
C LEU O 112 7.43 6.48 51.96
N THR O 113 7.72 7.58 52.65
CA THR O 113 7.20 8.90 52.30
C THR O 113 8.37 9.81 51.94
N VAL O 114 8.36 10.35 50.72
CA VAL O 114 9.39 11.26 50.23
C VAL O 114 8.76 12.65 50.16
N SER O 115 9.11 13.52 51.11
CA SER O 115 8.34 14.71 51.51
C SER O 115 9.21 15.72 52.29
N SER O 116 8.68 16.90 52.57
CA SER O 116 9.37 17.93 53.32
C SER O 116 9.10 17.81 54.84
N ALA O 117 7.99 17.16 55.19
CA ALA O 117 7.61 17.06 56.57
C ALA O 117 8.67 16.34 57.38
N LYS O 118 8.70 16.65 58.65
CA LYS O 118 9.53 15.98 59.65
C LYS O 118 8.74 14.91 60.38
N THR O 119 9.41 14.02 61.08
CA THR O 119 8.74 13.05 61.94
C THR O 119 7.97 13.80 63.02
N THR O 120 6.71 13.45 63.20
CA THR O 120 5.84 14.08 64.18
C THR O 120 5.05 12.99 64.88
N ALA O 121 5.11 12.94 66.20
CA ALA O 121 4.31 11.98 66.97
C ALA O 121 2.84 12.36 66.92
N PRO O 122 1.95 11.36 67.07
CA PRO O 122 0.52 11.68 67.14
C PRO O 122 0.15 12.26 68.49
N SER O 123 -0.97 12.96 68.52
CA SER O 123 -1.70 13.23 69.75
C SER O 123 -2.82 12.21 69.78
N VAL O 124 -3.04 11.59 70.93
CA VAL O 124 -4.01 10.51 71.07
C VAL O 124 -5.09 10.93 72.05
N TYR O 125 -6.33 11.03 71.57
CA TYR O 125 -7.46 11.52 72.37
C TYR O 125 -8.52 10.43 72.53
N PRO O 126 -9.03 10.22 73.77
CA PRO O 126 -10.13 9.27 73.98
C PRO O 126 -11.45 9.91 73.62
N LEU O 127 -12.42 9.12 73.19
CA LEU O 127 -13.74 9.65 72.84
C LEU O 127 -14.84 8.87 73.56
N ALA O 128 -15.28 9.45 74.68
CA ALA O 128 -16.39 8.91 75.46
C ALA O 128 -17.72 9.47 74.92
N PRO O 129 -18.82 8.71 75.08
CA PRO O 129 -20.04 9.08 74.36
C PRO O 129 -20.67 10.40 74.81
N VAL O 130 -21.64 10.86 74.02
CA VAL O 130 -22.46 12.04 74.35
C VAL O 130 -23.17 11.84 75.71
N CYS O 131 -23.24 12.93 76.48
CA CYS O 131 -23.65 12.95 77.89
C CYS O 131 -24.74 11.96 78.31
N GLY O 132 -25.86 11.90 77.58
CA GLY O 132 -26.95 10.94 77.88
C GLY O 132 -28.15 11.61 78.51
N THR O 134 -27.96 8.32 74.64
CA THR O 134 -27.71 7.04 75.31
C THR O 134 -28.87 6.01 75.09
N THR O 135 -28.80 5.24 73.99
CA THR O 135 -29.77 4.20 73.63
C THR O 135 -29.85 3.03 74.64
N GLY O 136 -28.70 2.43 74.99
CA GLY O 136 -28.64 1.45 76.09
C GLY O 136 -28.84 0.02 75.68
N SER O 137 -28.97 -0.30 74.37
CA SER O 137 -28.72 -1.69 73.88
C SER O 137 -27.21 -2.00 73.98
N SER O 138 -26.45 -1.52 73.03
CA SER O 138 -24.98 -1.41 73.03
C SER O 138 -24.59 0.07 73.28
N VAL O 139 -23.28 0.33 73.39
CA VAL O 139 -22.71 1.67 73.44
C VAL O 139 -21.44 1.72 72.59
N THR O 140 -21.15 2.86 72.02
CA THR O 140 -20.00 3.01 71.12
C THR O 140 -18.99 4.02 71.68
N LEU O 141 -17.72 3.61 71.70
CA LEU O 141 -16.60 4.47 72.12
C LEU O 141 -15.68 4.71 70.95
N GLY O 142 -14.81 5.70 71.08
CA GLY O 142 -13.87 6.06 70.03
C GLY O 142 -12.50 6.47 70.52
N CYS O 143 -11.57 6.58 69.57
CA CYS O 143 -10.20 6.98 69.83
C CYS O 143 -9.69 7.76 68.63
N LEU O 144 -9.27 9.00 68.83
CA LEU O 144 -8.80 9.86 67.73
C LEU O 144 -7.28 9.93 67.80
N VAL O 145 -6.63 9.74 66.64
CA VAL O 145 -5.18 9.79 66.53
C VAL O 145 -4.87 10.86 65.49
N LYS O 146 -4.27 11.97 65.94
CA LYS O 146 -4.17 13.19 65.12
C LYS O 146 -2.77 13.76 65.04
N GLY O 147 -2.44 14.30 63.87
CA GLY O 147 -1.20 15.05 63.67
C GLY O 147 0.08 14.24 63.70
N TYR O 148 0.08 13.07 63.05
CA TYR O 148 1.30 12.26 62.96
C TYR O 148 1.84 12.20 61.55
N PHE O 149 3.12 11.87 61.45
CA PHE O 149 3.81 11.68 60.18
C PHE O 149 5.13 10.98 60.46
N PRO O 150 5.56 10.03 59.62
CA PRO O 150 4.83 9.49 58.47
C PRO O 150 3.91 8.35 58.88
N GLU O 151 3.35 7.64 57.91
CA GLU O 151 2.65 6.39 58.21
C GLU O 151 3.68 5.30 58.52
N PRO O 152 3.29 4.23 59.22
CA PRO O 152 1.95 4.00 59.76
C PRO O 152 1.90 4.19 61.27
N VAL O 153 0.68 4.13 61.79
CA VAL O 153 0.44 3.83 63.20
C VAL O 153 -0.29 2.49 63.29
N THR O 154 -0.19 1.86 64.44
CA THR O 154 -0.97 0.68 64.77
C THR O 154 -1.86 1.03 65.95
N LEU O 155 -3.13 0.64 65.85
CA LEU O 155 -4.13 0.89 66.90
C LEU O 155 -4.83 -0.42 67.26
N THR O 156 -4.92 -0.71 68.57
CA THR O 156 -5.69 -1.84 69.10
C THR O 156 -6.47 -1.39 70.33
N TRP O 157 -7.44 -2.23 70.72
CA TRP O 157 -8.23 -2.02 71.93
C TRP O 157 -7.96 -3.17 72.90
N ASN O 158 -7.58 -2.83 74.14
CA ASN O 158 -7.14 -3.82 75.14
C ASN O 158 -6.10 -4.79 74.59
N SER O 159 -5.10 -4.22 73.91
CA SER O 159 -3.95 -4.96 73.33
C SER O 159 -4.33 -6.05 72.31
N GLY O 160 -5.49 -5.89 71.66
CA GLY O 160 -5.99 -6.87 70.71
C GLY O 160 -7.07 -7.78 71.24
N SER O 161 -7.30 -7.78 72.56
CA SER O 161 -8.40 -8.54 73.17
C SER O 161 -9.76 -8.24 72.55
N LEU O 162 -10.02 -6.96 72.31
CA LEU O 162 -11.27 -6.51 71.73
C LEU O 162 -11.03 -6.35 70.22
N SER O 163 -11.39 -7.38 69.47
CA SER O 163 -11.18 -7.46 68.02
C SER O 163 -12.48 -7.21 67.25
N SER O 164 -13.52 -7.95 67.61
CA SER O 164 -14.84 -7.80 66.97
C SER O 164 -15.54 -6.55 67.49
N GLY O 165 -16.41 -5.99 66.67
CA GLY O 165 -17.08 -4.72 66.96
C GLY O 165 -16.18 -3.49 66.82
N VAL O 166 -15.04 -3.65 66.13
CA VAL O 166 -14.03 -2.59 65.95
C VAL O 166 -14.02 -2.13 64.49
N HIS O 167 -13.93 -0.81 64.30
CA HIS O 167 -13.75 -0.21 62.99
C HIS O 167 -12.62 0.81 63.11
N THR O 168 -11.54 0.57 62.36
CA THR O 168 -10.38 1.46 62.37
C THR O 168 -10.28 2.04 60.98
N PHE O 169 -10.38 3.35 60.87
CA PHE O 169 -10.60 4.00 59.58
C PHE O 169 -9.28 4.35 58.92
N PRO O 170 -9.22 4.33 57.59
CA PRO O 170 -8.00 4.72 56.90
C PRO O 170 -7.55 6.14 57.25
N ALA O 171 -6.23 6.31 57.37
CA ALA O 171 -5.66 7.62 57.64
C ALA O 171 -5.84 8.56 56.45
N LEU O 172 -6.10 9.84 56.74
CA LEU O 172 -6.18 10.87 55.74
C LEU O 172 -5.19 11.98 56.04
N LEU O 173 -4.73 12.65 54.99
CA LEU O 173 -3.70 13.68 55.06
C LEU O 173 -4.34 15.08 55.26
N LEU O 174 -4.48 15.48 56.54
CA LEU O 174 -5.00 16.80 56.92
C LEU O 174 -3.87 17.84 56.89
N SER O 175 -3.61 18.40 55.70
CA SER O 175 -2.58 19.43 55.48
C SER O 175 -1.15 18.98 55.88
N GLY O 176 -0.67 17.91 55.25
CA GLY O 176 0.68 17.39 55.49
C GLY O 176 0.91 16.61 56.79
N LEU O 177 -0.18 16.29 57.51
CA LEU O 177 -0.13 15.48 58.74
C LEU O 177 -1.33 14.52 58.79
N TYR O 178 -1.08 13.27 59.19
CA TYR O 178 -2.09 12.20 59.14
C TYR O 178 -3.04 12.18 60.35
N THR O 179 -4.30 11.79 60.08
CA THR O 179 -5.35 11.63 61.09
C THR O 179 -6.19 10.38 60.80
N LEU O 180 -6.27 9.49 61.78
CA LEU O 180 -7.24 8.39 61.74
C LEU O 180 -7.97 8.30 63.07
N SER O 181 -9.14 7.69 63.01
CA SER O 181 -9.96 7.42 64.19
C SER O 181 -10.20 5.91 64.25
N SER O 182 -10.70 5.44 65.38
CA SER O 182 -11.19 4.06 65.50
C SER O 182 -12.37 4.01 66.45
N SER O 183 -13.39 3.22 66.11
CA SER O 183 -14.59 3.06 66.94
C SER O 183 -14.59 1.66 67.50
N VAL O 184 -15.25 1.49 68.65
CA VAL O 184 -15.51 0.15 69.19
C VAL O 184 -16.89 0.11 69.84
N THR O 185 -17.64 -0.95 69.58
CA THR O 185 -19.02 -1.06 70.08
C THR O 185 -19.16 -2.34 70.91
N VAL O 186 -19.58 -2.16 72.16
CA VAL O 186 -19.78 -3.23 73.13
C VAL O 186 -21.15 -3.06 73.78
N THR O 187 -21.61 -4.09 74.50
CA THR O 187 -22.90 -4.00 75.22
C THR O 187 -22.70 -3.09 76.43
N SER O 188 -23.74 -2.31 76.78
CA SER O 188 -23.64 -1.34 77.91
C SER O 188 -23.46 -2.00 79.30
N ASN O 189 -23.65 -3.31 79.38
CA ASN O 189 -23.24 -4.12 80.54
C ASN O 189 -21.73 -4.01 80.74
N THR O 190 -20.97 -4.01 79.64
CA THR O 190 -19.52 -3.98 79.66
C THR O 190 -18.91 -2.66 80.14
N TRP O 191 -19.51 -1.52 79.78
CA TRP O 191 -18.91 -0.21 79.99
C TRP O 191 -19.90 0.76 80.64
N PRO O 192 -19.48 1.51 81.69
CA PRO O 192 -18.10 1.63 82.18
C PRO O 192 -17.64 0.62 83.23
N SER O 193 -18.29 -0.55 83.33
CA SER O 193 -17.91 -1.57 84.34
C SER O 193 -16.45 -2.04 84.13
N ILE O 196 -11.79 -0.08 79.22
CA ILE O 196 -11.49 -0.24 77.81
C ILE O 196 -10.42 0.80 77.48
N THR O 197 -9.32 0.34 76.89
CA THR O 197 -8.14 1.15 76.64
C THR O 197 -7.78 1.15 75.16
N CYS O 198 -7.56 2.34 74.61
CA CYS O 198 -7.08 2.52 73.25
C CYS O 198 -5.54 2.43 73.28
N ASN O 199 -4.95 1.47 72.53
CA ASN O 199 -3.47 1.33 72.46
C ASN O 199 -2.94 1.80 71.12
N VAL O 200 -2.05 2.79 71.13
CA VAL O 200 -1.55 3.40 69.91
C VAL O 200 -0.02 3.39 69.90
N ALA O 201 0.55 2.99 68.76
CA ALA O 201 1.99 2.98 68.56
C ALA O 201 2.31 3.70 67.26
N HIS O 202 3.42 4.43 67.25
CA HIS O 202 3.91 5.11 66.05
C HIS O 202 5.42 4.87 66.01
N PRO O 203 5.85 3.78 65.34
CA PRO O 203 7.25 3.38 65.30
C PRO O 203 8.21 4.52 64.97
N ALA O 204 7.90 5.28 63.93
CA ALA O 204 8.78 6.35 63.42
C ALA O 204 9.25 7.38 64.45
N SER O 205 8.42 7.66 65.46
CA SER O 205 8.77 8.61 66.52
C SER O 205 8.96 7.93 67.89
N SER O 206 9.03 6.60 67.93
CA SER O 206 9.09 5.82 69.17
C SER O 206 7.95 6.12 70.14
N THR O 207 6.77 6.47 69.62
CA THR O 207 5.62 6.80 70.42
C THR O 207 4.82 5.54 70.74
N LYS O 208 4.35 5.46 71.98
CA LYS O 208 3.60 4.31 72.49
C LYS O 208 2.65 4.88 73.56
N VAL O 209 1.35 4.92 73.27
CA VAL O 209 0.35 5.55 74.15
C VAL O 209 -0.85 4.66 74.43
N ASP O 210 -1.25 4.58 75.69
CA ASP O 210 -2.45 3.87 76.11
C ASP O 210 -3.38 4.87 76.74
N LYS O 211 -4.52 5.15 76.10
CA LYS O 211 -5.54 6.02 76.68
C LYS O 211 -6.74 5.19 77.11
N LYS O 212 -7.03 5.21 78.40
CA LYS O 212 -8.28 4.67 78.93
C LYS O 212 -9.44 5.58 78.51
N ILE O 213 -10.64 5.01 78.29
CA ILE O 213 -11.83 5.77 77.95
C ILE O 213 -12.67 5.93 79.21
N GLU O 214 -12.99 7.18 79.60
CA GLU O 214 -13.72 7.46 80.86
C GLU O 214 -14.90 8.42 80.66
N PRO O 215 -16.03 8.21 81.37
CA PRO O 215 -17.12 9.21 81.38
C PRO O 215 -16.68 10.59 81.90
N ASP P 1 7.11 -2.91 27.11
CA ASP P 1 6.37 -3.43 28.29
C ASP P 1 5.03 -4.01 27.87
N ILE P 2 4.62 -5.09 28.49
CA ILE P 2 3.31 -5.69 28.23
C ILE P 2 2.32 -5.05 29.18
N VAL P 3 1.31 -4.36 28.63
CA VAL P 3 0.29 -3.71 29.42
C VAL P 3 -0.90 -4.63 29.62
N LEU P 4 -1.35 -4.79 30.87
CA LEU P 4 -2.55 -5.55 31.21
C LEU P 4 -3.70 -4.60 31.58
N THR P 5 -4.87 -4.82 30.98
CA THR P 5 -6.03 -3.98 31.16
C THR P 5 -7.19 -4.83 31.69
N GLN P 6 -7.59 -4.59 32.93
CA GLN P 6 -8.70 -5.35 33.54
C GLN P 6 -10.05 -4.72 33.30
N SER P 7 -11.07 -5.56 33.20
CA SER P 7 -12.47 -5.12 33.24
C SER P 7 -13.30 -6.17 33.98
N PRO P 8 -14.37 -5.78 34.68
CA PRO P 8 -14.71 -4.40 34.95
C PRO P 8 -13.85 -3.82 36.09
N ALA P 9 -14.03 -2.52 36.35
CA ALA P 9 -13.31 -1.84 37.40
C ALA P 9 -13.78 -2.29 38.77
N SER P 10 -15.09 -2.34 38.95
CA SER P 10 -15.68 -3.00 40.12
C SER P 10 -16.96 -3.69 39.72
N LEU P 11 -17.52 -4.43 40.66
CA LEU P 11 -18.51 -5.44 40.34
C LEU P 11 -19.14 -5.91 41.66
N ALA P 12 -20.47 -6.03 41.70
CA ALA P 12 -21.19 -6.43 42.92
C ALA P 12 -22.00 -7.72 42.70
N VAL P 13 -21.68 -8.78 43.45
CA VAL P 13 -22.27 -10.11 43.29
C VAL P 13 -22.93 -10.58 44.57
N SER P 14 -24.13 -11.16 44.46
CA SER P 14 -24.80 -11.75 45.63
C SER P 14 -24.10 -13.05 46.05
N LEU P 15 -24.33 -13.46 47.27
CA LEU P 15 -23.75 -14.70 47.82
C LEU P 15 -24.21 -15.92 47.05
N GLY P 16 -23.29 -16.85 46.80
CA GLY P 16 -23.59 -18.07 46.06
C GLY P 16 -23.60 -17.92 44.54
N GLN P 17 -23.29 -16.72 44.05
CA GLN P 17 -23.33 -16.40 42.62
C GLN P 17 -21.94 -16.38 42.01
N ARG P 18 -21.89 -16.19 40.69
CA ARG P 18 -20.64 -16.15 39.93
C ARG P 18 -20.15 -14.71 39.78
N ALA P 19 -18.84 -14.54 39.96
CA ALA P 19 -18.15 -13.31 39.64
C ALA P 19 -17.14 -13.64 38.55
N THR P 20 -17.16 -12.89 37.46
CA THR P 20 -16.26 -13.13 36.33
C THR P 20 -15.48 -11.85 36.07
N ILE P 21 -14.15 -11.94 36.15
CA ILE P 21 -13.25 -10.81 36.00
C ILE P 21 -12.32 -11.08 34.82
N SER P 22 -12.13 -10.10 33.94
CA SER P 22 -11.32 -10.26 32.73
C SER P 22 -9.98 -9.51 32.75
N CYS P 23 -9.06 -9.91 31.87
CA CYS P 23 -7.72 -9.32 31.74
C CYS P 23 -7.25 -9.47 30.31
N ARG P 24 -7.03 -8.35 29.65
CA ARG P 24 -6.57 -8.31 28.27
C ARG P 24 -5.13 -7.79 28.25
N ALA P 25 -4.23 -8.54 27.64
CA ALA P 25 -2.82 -8.16 27.50
C ALA P 25 -2.61 -7.51 26.12
N SER P 26 -1.70 -6.53 26.07
CA SER P 26 -1.37 -5.79 24.84
C SER P 26 -0.61 -6.62 23.81
N GLU P 27 0.13 -7.62 24.30
CA GLU P 27 0.84 -8.61 23.47
C GLU P 27 0.62 -9.99 24.10
N SER P 28 0.87 -11.04 23.32
CA SER P 28 0.78 -12.42 23.82
C SER P 28 1.70 -12.65 25.01
N VAL P 29 1.19 -13.37 26.02
CA VAL P 29 2.01 -13.82 27.15
C VAL P 29 2.38 -15.31 27.05
N ASP P 30 2.05 -15.95 25.92
CA ASP P 30 2.39 -17.36 25.71
C ASP P 30 3.88 -17.51 25.48
N ASN P 31 4.49 -18.47 26.17
CA ASN P 31 5.90 -18.79 25.97
C ASN P 31 6.21 -20.23 26.41
N TYR P 32 6.89 -20.97 25.54
CA TYR P 32 7.17 -22.41 25.74
C TYR P 32 5.88 -23.19 26.05
N GLY P 33 4.79 -22.90 25.35
CA GLY P 33 3.53 -23.63 25.49
C GLY P 33 2.70 -23.33 26.74
N ILE P 34 3.22 -22.56 27.68
CA ILE P 34 2.47 -22.12 28.86
C ILE P 34 2.07 -20.65 28.69
N SER P 35 0.87 -20.30 29.14
CA SER P 35 0.42 -18.92 29.24
C SER P 35 0.83 -18.37 30.61
N SER P 36 1.85 -17.51 30.65
CA SER P 36 2.36 -16.98 31.93
C SER P 36 1.48 -15.82 32.46
N MET P 37 0.35 -16.21 33.04
CA MET P 37 -0.64 -15.28 33.57
C MET P 37 -1.04 -15.74 34.96
N ASN P 38 -0.83 -14.87 35.95
CA ASN P 38 -1.13 -15.18 37.34
C ASN P 38 -2.20 -14.24 37.86
N TRP P 39 -2.96 -14.70 38.85
CA TRP P 39 -3.98 -13.89 39.53
C TRP P 39 -3.70 -13.80 41.02
N PHE P 40 -4.03 -12.63 41.59
CA PHE P 40 -3.79 -12.37 43.01
C PHE P 40 -4.99 -11.73 43.67
N GLN P 41 -5.22 -12.09 44.93
CA GLN P 41 -6.27 -11.48 45.74
C GLN P 41 -5.56 -10.57 46.75
N GLN P 42 -6.01 -9.32 46.82
CA GLN P 42 -5.58 -8.39 47.87
C GLN P 42 -6.77 -8.01 48.71
N LYS P 43 -6.78 -8.49 49.95
CA LYS P 43 -7.77 -8.09 50.92
C LYS P 43 -7.32 -6.78 51.57
N ALA P 44 -8.28 -6.06 52.15
CA ALA P 44 -8.04 -4.79 52.83
C ALA P 44 -6.91 -4.88 53.83
N GLY P 45 -5.89 -4.06 53.62
CA GLY P 45 -4.77 -3.94 54.55
C GLY P 45 -3.74 -5.06 54.50
N GLN P 46 -3.89 -5.98 53.54
CA GLN P 46 -3.03 -7.14 53.45
C GLN P 46 -2.19 -7.06 52.18
N PRO P 47 -1.11 -7.86 52.12
CA PRO P 47 -0.43 -8.01 50.83
C PRO P 47 -1.23 -8.85 49.84
N PRO P 48 -0.89 -8.75 48.55
CA PRO P 48 -1.48 -9.67 47.59
C PRO P 48 -1.17 -11.13 47.92
N LYS P 49 -2.15 -12.00 47.69
CA LYS P 49 -2.04 -13.42 47.94
C LYS P 49 -2.19 -14.14 46.60
N PHE P 50 -1.29 -15.09 46.38
CA PHE P 50 -1.20 -15.80 45.09
C PHE P 50 -2.33 -16.84 44.97
N LEU P 51 -3.13 -16.72 43.91
CA LEU P 51 -4.28 -17.62 43.68
C LEU P 51 -4.08 -18.64 42.54
N ILE P 52 -3.76 -18.13 41.35
CA ILE P 52 -3.74 -18.91 40.13
C ILE P 52 -2.40 -18.68 39.42
N TYR P 53 -1.83 -19.74 38.83
CA TYR P 53 -0.65 -19.60 37.97
C TYR P 53 -0.90 -20.25 36.63
N ALA P 54 -0.10 -19.86 35.64
CA ALA P 54 -0.17 -20.42 34.30
C ALA P 54 -1.59 -20.40 33.72
N ALA P 55 -2.27 -19.26 33.89
CA ALA P 55 -3.63 -19.00 33.39
C ALA P 55 -4.79 -19.73 34.10
N SER P 56 -4.63 -21.04 34.30
CA SER P 56 -5.69 -21.91 34.81
C SER P 56 -5.33 -22.79 36.00
N LYS P 57 -4.05 -23.03 36.27
CA LYS P 57 -3.64 -23.90 37.38
C LYS P 57 -3.74 -23.18 38.73
N GLN P 58 -4.11 -23.94 39.77
CA GLN P 58 -4.39 -23.40 41.09
C GLN P 58 -3.23 -23.59 42.05
N GLY P 59 -2.91 -22.52 42.79
CA GLY P 59 -1.85 -22.58 43.80
C GLY P 59 -2.23 -23.49 44.96
N SER P 60 -1.23 -23.99 45.68
CA SER P 60 -1.49 -24.94 46.77
C SER P 60 -2.34 -24.30 47.87
N GLY P 61 -3.35 -25.04 48.35
CA GLY P 61 -4.26 -24.57 49.38
C GLY P 61 -5.33 -23.56 48.96
N VAL P 62 -5.41 -23.22 47.67
CA VAL P 62 -6.39 -22.27 47.15
C VAL P 62 -7.71 -23.01 46.89
N PRO P 63 -8.83 -22.55 47.47
CA PRO P 63 -10.14 -23.21 47.25
C PRO P 63 -10.50 -23.42 45.77
N ALA P 64 -11.26 -24.47 45.47
CA ALA P 64 -11.65 -24.81 44.08
C ALA P 64 -12.60 -23.79 43.43
N ARG P 65 -13.33 -23.03 44.25
CA ARG P 65 -14.21 -21.96 43.75
C ARG P 65 -13.48 -20.86 42.94
N PHE P 66 -12.16 -20.71 43.17
CA PHE P 66 -11.32 -19.87 42.33
C PHE P 66 -10.75 -20.68 41.16
N SER P 67 -10.90 -20.17 39.95
CA SER P 67 -10.34 -20.82 38.75
C SER P 67 -10.26 -19.83 37.63
N GLY P 68 -9.21 -19.98 36.82
CA GLY P 68 -8.93 -19.07 35.71
C GLY P 68 -9.01 -19.81 34.39
N SER P 69 -9.13 -19.04 33.31
CA SER P 69 -9.03 -19.59 31.95
C SER P 69 -8.39 -18.56 31.01
N GLY P 70 -8.07 -19.02 29.80
CA GLY P 70 -7.57 -18.16 28.73
C GLY P 70 -6.23 -18.54 28.14
N SER P 71 -5.83 -17.78 27.14
CA SER P 71 -4.56 -17.94 26.45
C SER P 71 -4.30 -16.69 25.61
N GLY P 72 -3.06 -16.53 25.16
CA GLY P 72 -2.70 -15.42 24.27
C GLY P 72 -2.83 -14.06 24.92
N THR P 73 -3.90 -13.33 24.58
CA THR P 73 -4.17 -12.00 25.13
C THR P 73 -5.37 -11.90 26.08
N ASP P 74 -6.34 -12.81 25.99
CA ASP P 74 -7.58 -12.69 26.80
C ASP P 74 -7.66 -13.76 27.88
N PHE P 75 -7.81 -13.31 29.12
CA PHE P 75 -7.87 -14.19 30.28
C PHE P 75 -9.01 -13.78 31.17
N SER P 76 -9.44 -14.71 32.02
CA SER P 76 -10.43 -14.37 33.03
C SER P 76 -10.31 -15.24 34.28
N LEU P 77 -10.83 -14.67 35.38
CA LEU P 77 -10.90 -15.30 36.69
C LEU P 77 -12.37 -15.48 37.04
N ILE P 78 -12.75 -16.70 37.36
CA ILE P 78 -14.12 -17.03 37.75
C ILE P 78 -14.10 -17.39 39.24
N ILE P 79 -15.01 -16.81 40.00
CA ILE P 79 -15.17 -17.12 41.42
C ILE P 79 -16.63 -17.52 41.59
N HIS P 80 -16.86 -18.77 42.03
CA HIS P 80 -18.22 -19.29 42.17
C HIS P 80 -18.18 -20.57 43.00
N PRO P 81 -19.02 -20.70 44.04
CA PRO P 81 -19.90 -19.67 44.58
C PRO P 81 -19.16 -18.60 45.40
N VAL P 82 -19.50 -17.34 45.19
CA VAL P 82 -18.94 -16.23 45.97
C VAL P 82 -19.38 -16.32 47.43
N GLU P 83 -18.46 -16.01 48.36
CA GLU P 83 -18.79 -15.87 49.78
C GLU P 83 -18.25 -14.59 50.39
N GLU P 84 -18.69 -14.27 51.60
CA GLU P 84 -18.46 -12.97 52.25
C GLU P 84 -16.99 -12.55 52.30
N ASP P 85 -16.13 -13.54 52.54
CA ASP P 85 -14.68 -13.34 52.64
C ASP P 85 -13.97 -13.05 51.31
N ASP P 86 -14.68 -13.12 50.20
CA ASP P 86 -14.10 -12.83 48.88
C ASP P 86 -14.10 -11.35 48.50
N THR P 87 -14.66 -10.48 49.36
CA THR P 87 -14.57 -9.03 49.15
C THR P 87 -13.10 -8.61 49.14
N ALA P 88 -12.66 -8.05 48.01
CA ALA P 88 -11.23 -7.88 47.75
C ALA P 88 -11.01 -7.23 46.40
N VAL P 89 -9.76 -6.85 46.15
CA VAL P 89 -9.33 -6.42 44.83
C VAL P 89 -8.54 -7.57 44.21
N TYR P 90 -8.80 -7.87 42.95
CA TYR P 90 -8.13 -8.99 42.28
C TYR P 90 -7.30 -8.42 41.14
N PHE P 91 -6.03 -8.85 41.08
CA PHE P 91 -5.08 -8.37 40.08
C PHE P 91 -4.60 -9.51 39.20
N CYS P 92 -4.54 -9.26 37.88
CA CYS P 92 -3.86 -10.17 36.97
C CYS P 92 -2.41 -9.73 36.82
N GLN P 93 -1.54 -10.64 36.41
CA GLN P 93 -0.11 -10.37 36.39
C GLN P 93 0.64 -11.31 35.45
N GLN P 94 1.63 -10.74 34.78
CA GLN P 94 2.26 -11.33 33.62
C GLN P 94 3.73 -11.56 33.94
N SER P 95 4.24 -12.77 33.68
CA SER P 95 5.67 -13.11 33.94
C SER P 95 6.39 -13.60 32.69
N LYS P 96 5.90 -13.26 31.50
CA LYS P 96 6.49 -13.73 30.24
C LYS P 96 7.91 -13.21 30.08
N GLY P 97 8.14 -11.98 30.50
CA GLY P 97 9.47 -11.39 30.53
C GLY P 97 9.53 -10.04 31.23
N VAL P 98 10.75 -9.58 31.45
CA VAL P 98 11.01 -8.31 32.14
C VAL P 98 10.63 -7.16 31.20
N PRO P 99 9.89 -6.15 31.67
CA PRO P 99 9.45 -5.99 33.06
C PRO P 99 8.16 -6.71 33.40
N TYR P 100 8.10 -7.31 34.59
CA TYR P 100 6.89 -7.97 35.06
C TYR P 100 5.85 -6.87 35.34
N THR P 101 4.60 -7.08 34.93
CA THR P 101 3.58 -6.04 35.05
C THR P 101 2.28 -6.59 35.61
N PHE P 102 1.54 -5.71 36.28
CA PHE P 102 0.25 -6.03 36.87
C PHE P 102 -0.87 -5.27 36.16
N GLY P 103 -2.07 -5.83 36.22
CA GLY P 103 -3.27 -5.09 35.88
C GLY P 103 -3.58 -4.05 36.95
N GLY P 104 -4.62 -3.26 36.68
CA GLY P 104 -5.01 -2.15 37.55
C GLY P 104 -5.85 -2.58 38.74
N GLY P 105 -6.31 -3.84 38.72
CA GLY P 105 -7.14 -4.38 39.76
C GLY P 105 -8.61 -4.24 39.46
N THR P 106 -9.40 -5.13 40.05
CA THR P 106 -10.87 -5.16 39.92
C THR P 106 -11.42 -5.38 41.31
N LYS P 107 -12.39 -4.56 41.70
CA LYS P 107 -12.91 -4.62 43.07
C LYS P 107 -14.19 -5.46 43.09
N LEU P 108 -14.17 -6.50 43.92
CA LEU P 108 -15.34 -7.38 44.07
C LEU P 108 -16.03 -7.03 45.37
N GLU P 109 -17.27 -6.56 45.24
CA GLU P 109 -18.11 -6.25 46.37
C GLU P 109 -19.10 -7.39 46.50
N ILE P 110 -19.40 -7.77 47.75
CA ILE P 110 -20.42 -8.77 48.05
C ILE P 110 -21.71 -8.03 48.31
N LYS P 111 -22.75 -8.37 47.54
CA LYS P 111 -24.04 -7.68 47.67
C LYS P 111 -24.76 -8.23 48.92
N ARG P 112 -25.59 -7.38 49.52
CA ARG P 112 -26.37 -7.76 50.67
C ARG P 112 -27.56 -6.81 50.83
N ALA P 113 -28.42 -7.11 51.80
CA ALA P 113 -29.58 -6.28 52.08
C ALA P 113 -29.12 -4.94 52.60
N ASP P 114 -29.88 -3.91 52.25
CA ASP P 114 -29.58 -2.57 52.70
C ASP P 114 -29.63 -2.50 54.24
N ALA P 115 -28.81 -1.60 54.80
CA ALA P 115 -28.66 -1.46 56.24
C ALA P 115 -28.38 0.00 56.58
N ALA P 116 -29.19 0.56 57.46
CA ALA P 116 -29.00 1.93 57.89
C ALA P 116 -27.82 2.01 58.83
N PRO P 117 -27.10 3.15 58.82
CA PRO P 117 -25.96 3.32 59.73
C PRO P 117 -26.38 3.58 61.17
N THR P 118 -25.62 3.00 62.11
CA THR P 118 -25.70 3.36 63.51
C THR P 118 -24.79 4.57 63.69
N VAL P 119 -25.36 5.69 64.12
CA VAL P 119 -24.64 6.97 64.13
C VAL P 119 -24.36 7.44 65.55
N SER P 120 -23.10 7.79 65.82
CA SER P 120 -22.67 8.24 67.15
C SER P 120 -21.92 9.56 67.02
N ILE P 121 -22.09 10.44 68.00
CA ILE P 121 -21.39 11.73 68.00
C ILE P 121 -20.56 11.92 69.26
N PHE P 122 -19.39 12.56 69.07
CA PHE P 122 -18.38 12.69 70.13
C PHE P 122 -17.81 14.11 70.18
N PRO P 123 -18.10 14.86 71.27
CA PRO P 123 -17.41 16.15 71.45
C PRO P 123 -15.92 15.94 71.64
N PRO P 124 -15.15 17.02 71.56
CA PRO P 124 -13.72 16.93 71.88
C PRO P 124 -13.49 16.32 73.26
N SER P 125 -12.31 15.79 73.48
CA SER P 125 -11.92 15.32 74.81
C SER P 125 -11.41 16.50 75.64
N SER P 126 -11.45 16.35 76.97
CA SER P 126 -10.86 17.33 77.87
C SER P 126 -9.39 17.57 77.55
N GLU P 127 -8.69 16.50 77.19
CA GLU P 127 -7.27 16.56 76.85
C GLU P 127 -7.02 17.43 75.62
N GLN P 128 -7.82 17.24 74.58
CA GLN P 128 -7.66 18.00 73.33
C GLN P 128 -7.94 19.51 73.50
N LEU P 129 -8.95 19.83 74.31
CA LEU P 129 -9.29 21.22 74.62
C LEU P 129 -8.13 21.93 75.33
N THR P 130 -7.50 21.27 76.31
CA THR P 130 -6.32 21.82 77.00
C THR P 130 -5.08 22.03 76.08
N SER P 131 -5.01 21.33 74.93
CA SER P 131 -4.00 21.62 73.89
C SER P 131 -4.32 22.79 72.95
N GLY P 132 -5.59 23.22 72.91
CA GLY P 132 -6.01 24.35 72.06
C GLY P 132 -6.65 23.95 70.72
N GLY P 133 -6.94 22.68 70.54
CA GLY P 133 -7.67 22.18 69.38
C GLY P 133 -9.03 21.68 69.78
N ALA P 134 -9.90 21.50 68.77
CA ALA P 134 -11.24 20.95 68.99
C ALA P 134 -11.71 20.09 67.80
N SER P 135 -11.80 18.78 68.01
CA SER P 135 -12.24 17.85 66.96
C SER P 135 -13.56 17.20 67.37
N VAL P 136 -14.59 17.44 66.57
CA VAL P 136 -15.89 16.81 66.73
C VAL P 136 -15.99 15.64 65.74
N VAL P 137 -16.19 14.43 66.29
CA VAL P 137 -16.17 13.21 65.50
C VAL P 137 -17.56 12.56 65.46
N CYS P 138 -17.85 11.95 64.31
CA CYS P 138 -19.10 11.24 64.09
C CYS P 138 -18.78 9.89 63.46
N PHE P 139 -19.27 8.80 64.04
CA PHE P 139 -19.15 7.49 63.40
C PHE P 139 -20.48 7.06 62.82
N LEU P 140 -20.46 6.69 61.55
CA LEU P 140 -21.60 6.12 60.86
C LEU P 140 -21.21 4.68 60.54
N ASN P 141 -21.68 3.74 61.37
CA ASN P 141 -21.19 2.37 61.34
C ASN P 141 -22.16 1.33 60.78
N ASN P 142 -21.59 0.34 60.07
CA ASN P 142 -22.27 -0.89 59.62
C ASN P 142 -23.47 -0.64 58.73
N PHE P 143 -23.22 0.07 57.62
CA PHE P 143 -24.27 0.44 56.66
C PHE P 143 -23.98 -0.11 55.27
N TYR P 144 -25.03 -0.26 54.45
CA TYR P 144 -24.91 -0.69 53.05
C TYR P 144 -26.06 -0.12 52.22
N PRO P 145 -25.83 0.39 51.00
CA PRO P 145 -24.55 0.37 50.28
C PRO P 145 -23.62 1.52 50.72
N LYS P 146 -22.46 1.59 50.06
CA LYS P 146 -21.38 2.47 50.46
C LYS P 146 -21.70 3.97 50.38
N ASP P 147 -22.54 4.36 49.43
CA ASP P 147 -22.85 5.76 49.19
C ASP P 147 -23.62 6.40 50.37
N ILE P 148 -23.14 7.54 50.84
CA ILE P 148 -23.71 8.19 52.02
C ILE P 148 -23.32 9.67 52.10
N ASN P 149 -24.15 10.49 52.74
CA ASN P 149 -23.94 11.92 52.86
C ASN P 149 -23.90 12.30 54.31
N VAL P 150 -22.93 13.13 54.70
CA VAL P 150 -22.88 13.63 56.05
C VAL P 150 -22.75 15.16 56.04
N LYS P 151 -23.64 15.81 56.78
CA LYS P 151 -23.68 17.26 56.87
C LYS P 151 -23.41 17.69 58.31
N TRP P 152 -22.56 18.69 58.50
CA TRP P 152 -22.29 19.26 59.82
C TRP P 152 -23.00 20.61 59.96
N LYS P 153 -23.67 20.81 61.10
CA LYS P 153 -24.31 22.08 61.41
C LYS P 153 -23.85 22.60 62.78
N ILE P 154 -23.34 23.83 62.81
CA ILE P 154 -22.98 24.53 64.03
C ILE P 154 -24.08 25.55 64.31
N ASP P 155 -24.76 25.41 65.44
CA ASP P 155 -25.94 26.23 65.80
C ASP P 155 -27.01 26.27 64.69
N GLY P 156 -27.16 25.16 63.96
CA GLY P 156 -28.07 25.08 62.81
C GLY P 156 -27.51 25.50 61.45
N SER P 157 -26.35 26.17 61.41
CA SER P 157 -25.75 26.65 60.14
C SER P 157 -24.79 25.61 59.57
N GLU P 158 -24.87 25.38 58.25
CA GLU P 158 -24.06 24.36 57.59
C GLU P 158 -22.57 24.73 57.57
N ARG P 159 -21.72 23.71 57.58
CA ARG P 159 -20.27 23.89 57.71
C ARG P 159 -19.55 22.88 56.84
N GLN P 160 -18.74 23.37 55.90
CA GLN P 160 -18.04 22.51 54.94
C GLN P 160 -16.51 22.45 55.09
N ASN P 161 -15.91 23.50 55.68
CA ASN P 161 -14.45 23.54 55.90
C ASN P 161 -14.01 22.77 57.11
N GLY P 162 -12.85 22.12 57.01
CA GLY P 162 -12.26 21.31 58.09
C GLY P 162 -12.76 19.88 58.19
N VAL P 163 -13.71 19.49 57.34
CA VAL P 163 -14.39 18.20 57.43
C VAL P 163 -13.52 17.15 56.72
N LEU P 164 -13.35 15.99 57.36
CA LEU P 164 -12.60 14.88 56.76
C LEU P 164 -13.30 13.54 56.96
N ASN P 165 -13.59 12.90 55.83
CA ASN P 165 -14.39 11.68 55.77
C ASN P 165 -13.53 10.50 55.30
N SER P 166 -13.47 9.44 56.12
CA SER P 166 -12.73 8.22 55.78
C SER P 166 -13.65 7.00 55.83
N TRP P 167 -13.73 6.23 54.75
CA TRP P 167 -14.51 4.97 54.70
C TRP P 167 -13.62 3.76 54.91
N THR P 168 -14.12 2.76 55.64
CA THR P 168 -13.48 1.45 55.66
C THR P 168 -13.78 0.75 54.35
N ASP P 169 -12.93 -0.23 54.00
CA ASP P 169 -13.30 -1.20 52.98
C ASP P 169 -14.42 -2.07 53.52
N GLN P 170 -15.07 -2.79 52.61
CA GLN P 170 -16.16 -3.69 52.96
C GLN P 170 -15.70 -4.75 53.94
N ASP P 171 -16.56 -5.05 54.92
CA ASP P 171 -16.24 -5.98 55.97
C ASP P 171 -16.32 -7.42 55.43
N SER P 172 -15.39 -8.25 55.89
CA SER P 172 -15.24 -9.63 55.41
C SER P 172 -16.30 -10.57 55.96
N LYS P 173 -16.81 -10.29 57.17
CA LYS P 173 -17.83 -11.10 57.81
C LYS P 173 -19.25 -10.71 57.38
N ASP P 174 -19.61 -9.44 57.57
CA ASP P 174 -21.01 -8.99 57.39
C ASP P 174 -21.26 -8.07 56.18
N SER P 175 -20.23 -7.81 55.38
CA SER P 175 -20.40 -7.14 54.09
C SER P 175 -20.87 -5.67 54.15
N THR P 176 -20.83 -5.05 55.33
CA THR P 176 -21.20 -3.62 55.47
C THR P 176 -19.99 -2.71 55.34
N TYR P 177 -20.25 -1.40 55.20
CA TYR P 177 -19.22 -0.37 55.28
C TYR P 177 -19.43 0.46 56.55
N SER P 178 -18.39 1.21 56.92
CA SER P 178 -18.42 2.13 58.05
C SER P 178 -17.65 3.39 57.67
N MET P 179 -17.83 4.46 58.44
CA MET P 179 -17.23 5.74 58.08
C MET P 179 -17.09 6.73 59.27
N SER P 180 -15.95 7.42 59.31
CA SER P 180 -15.66 8.51 60.28
C SER P 180 -15.80 9.85 59.59
N SER P 181 -16.42 10.82 60.25
CA SER P 181 -16.46 12.20 59.79
C SER P 181 -15.91 13.08 60.90
N THR P 182 -14.91 13.88 60.59
CA THR P 182 -14.15 14.63 61.60
C THR P 182 -14.13 16.12 61.23
N LEU P 183 -14.90 16.91 61.98
CA LEU P 183 -14.86 18.39 61.88
C LEU P 183 -13.77 18.95 62.80
N THR P 184 -12.79 19.63 62.22
CA THR P 184 -11.61 20.13 62.94
C THR P 184 -11.65 21.65 63.11
N LEU P 185 -11.74 22.13 64.36
CA LEU P 185 -11.85 23.58 64.67
C LEU P 185 -10.73 24.04 65.60
N THR P 186 -10.51 25.36 65.64
CA THR P 186 -9.74 25.96 66.73
C THR P 186 -10.62 25.92 67.98
N LYS P 187 -10.01 25.70 69.14
CA LYS P 187 -10.75 25.75 70.42
C LYS P 187 -11.55 27.05 70.59
N ASP P 188 -10.95 28.19 70.25
CA ASP P 188 -11.65 29.49 70.35
C ASP P 188 -12.99 29.49 69.63
N GLU P 189 -13.02 29.00 68.40
CA GLU P 189 -14.28 28.89 67.64
C GLU P 189 -15.22 27.84 68.23
N TYR P 190 -14.68 26.72 68.70
CA TYR P 190 -15.51 25.69 69.33
C TYR P 190 -16.32 26.27 70.49
N GLU P 191 -15.65 27.04 71.34
CA GLU P 191 -16.30 27.62 72.52
C GLU P 191 -17.28 28.75 72.20
N ARG P 192 -17.21 29.34 71.01
CA ARG P 192 -18.18 30.39 70.57
C ARG P 192 -19.59 29.84 70.37
N HIS P 193 -19.71 28.62 69.82
CA HIS P 193 -21.01 28.07 69.46
C HIS P 193 -21.44 26.97 70.42
N ASN P 194 -22.74 26.75 70.50
CA ASN P 194 -23.35 25.86 71.50
C ASN P 194 -23.84 24.51 70.95
N SER P 195 -24.50 24.54 69.80
CA SER P 195 -25.19 23.36 69.23
C SER P 195 -24.41 22.72 68.05
N TYR P 196 -23.97 21.47 68.23
CA TYR P 196 -23.16 20.75 67.24
C TYR P 196 -23.90 19.52 66.73
N THR P 197 -24.17 19.51 65.43
CA THR P 197 -25.06 18.52 64.81
C THR P 197 -24.37 17.77 63.66
N CYS P 198 -24.67 16.48 63.57
CA CYS P 198 -24.12 15.57 62.59
C CYS P 198 -25.30 14.92 61.89
N GLU P 199 -25.49 15.23 60.61
CA GLU P 199 -26.72 14.91 59.90
C GLU P 199 -26.46 13.98 58.72
N ALA P 200 -26.87 12.73 58.87
CA ALA P 200 -26.53 11.67 57.92
C ALA P 200 -27.69 11.30 57.00
N THR P 201 -27.49 11.38 55.69
CA THR P 201 -28.50 10.94 54.71
C THR P 201 -28.03 9.66 54.02
N HIS P 202 -28.93 8.70 53.89
CA HIS P 202 -28.62 7.40 53.31
C HIS P 202 -29.85 6.82 52.61
N LYS P 203 -29.60 6.02 51.57
CA LYS P 203 -30.66 5.38 50.75
C LYS P 203 -31.81 4.75 51.55
N THR P 204 -31.47 4.17 52.70
CA THR P 204 -32.41 3.52 53.61
C THR P 204 -33.54 4.36 54.19
N SER P 205 -33.33 5.67 54.32
CA SER P 205 -34.40 6.58 54.78
C SER P 205 -34.41 7.88 53.97
N THR P 206 -35.61 8.36 53.66
CA THR P 206 -35.78 9.68 53.08
C THR P 206 -35.37 10.74 54.11
N SER P 207 -35.83 10.55 55.36
CA SER P 207 -35.44 11.42 56.47
C SER P 207 -33.99 11.20 56.88
N PRO P 208 -33.23 12.30 57.06
CA PRO P 208 -31.88 12.14 57.59
C PRO P 208 -31.84 11.64 59.03
N ILE P 209 -30.75 10.97 59.39
CA ILE P 209 -30.48 10.60 60.78
C ILE P 209 -29.65 11.73 61.40
N VAL P 210 -30.10 12.25 62.55
CA VAL P 210 -29.47 13.40 63.21
C VAL P 210 -29.02 13.01 64.60
N LYS P 211 -27.76 13.31 64.90
CA LYS P 211 -27.24 13.20 66.27
C LYS P 211 -26.65 14.55 66.64
N SER P 212 -26.88 14.96 67.89
CA SER P 212 -26.51 16.28 68.35
C SER P 212 -26.15 16.32 69.81
N PHE P 213 -25.31 17.28 70.18
CA PHE P 213 -25.07 17.62 71.57
C PHE P 213 -25.02 19.13 71.69
N ASN P 214 -25.27 19.62 72.91
CA ASN P 214 -25.01 21.01 73.26
C ASN P 214 -23.82 21.07 74.21
N ARG P 215 -22.94 22.06 73.96
CA ARG P 215 -21.64 22.17 74.65
C ARG P 215 -21.66 22.10 76.20
N ASN P 216 -22.79 22.44 76.83
CA ASN P 216 -22.93 22.47 78.29
C ASN P 216 -23.88 21.39 78.81
N GLY Q 4 -3.79 19.77 -11.52
CA GLY Q 4 -5.23 19.46 -11.49
C GLY Q 4 -5.93 20.60 -10.74
N ALA Q 5 -7.01 20.26 -10.04
CA ALA Q 5 -7.62 21.11 -9.00
C ALA Q 5 -6.81 21.02 -7.69
N ARG Q 6 -6.46 19.78 -7.39
CA ARG Q 6 -5.68 19.35 -6.22
C ARG Q 6 -4.19 19.72 -6.34
N GLY Q 7 -3.72 19.97 -7.57
CA GLY Q 7 -2.31 20.13 -7.86
C GLY Q 7 -1.53 18.84 -8.11
N LEU Q 8 -0.47 18.99 -8.90
CA LEU Q 8 0.48 17.94 -9.08
C LEU Q 8 0.90 17.34 -7.71
N THR Q 9 1.16 18.20 -6.70
CA THR Q 9 1.62 17.74 -5.37
C THR Q 9 0.56 17.05 -4.48
N GLY Q 10 -0.71 17.18 -4.83
CA GLY Q 10 -1.80 16.72 -3.97
C GLY Q 10 -2.12 15.22 -3.90
N GLY Q 13 -6.36 10.62 -6.60
CA GLY Q 13 -7.75 10.29 -6.97
C GLY Q 13 -8.02 8.79 -6.92
N GLY R 4 -1.63 -16.90 14.88
CA GLY R 4 -1.43 -16.76 13.40
C GLY R 4 -2.20 -17.80 12.60
N ALA R 5 -3.44 -17.46 12.22
CA ALA R 5 -4.38 -18.30 11.44
C ALA R 5 -4.11 -18.27 9.91
N ARG R 6 -3.97 -17.08 9.35
CA ARG R 6 -3.65 -16.91 7.96
C ARG R 6 -2.15 -17.08 7.66
N GLY R 7 -1.33 -17.23 8.70
CA GLY R 7 0.12 -17.36 8.54
C GLY R 7 0.88 -16.06 8.30
N LEU R 8 2.19 -16.13 8.52
CA LEU R 8 3.17 -15.07 8.27
C LEU R 8 3.24 -14.60 6.79
N THR R 9 3.19 -15.57 5.84
CA THR R 9 3.09 -15.34 4.37
C THR R 9 1.75 -14.81 3.90
N GLY R 10 0.71 -15.03 4.69
CA GLY R 10 -0.63 -14.59 4.36
C GLY R 10 -0.81 -13.09 4.38
N GLY R 13 -4.42 -7.46 7.17
CA GLY R 13 -5.68 -7.02 7.75
C GLY R 13 -5.67 -7.19 9.26
N GLY S 4 -4.25 23.16 -50.01
CA GLY S 4 -4.52 21.69 -50.02
C GLY S 4 -3.82 20.96 -48.88
N ALA S 5 -2.59 20.51 -49.14
CA ALA S 5 -1.70 19.98 -48.08
C ALA S 5 -2.34 18.80 -47.32
N ARG S 6 -2.07 18.73 -46.02
CA ARG S 6 -2.79 17.86 -45.13
C ARG S 6 -4.31 17.90 -45.17
N GLY S 7 -4.89 19.00 -45.69
CA GLY S 7 -6.35 19.14 -45.83
C GLY S 7 -6.97 19.80 -44.61
N LEU S 8 -8.29 19.94 -44.62
CA LEU S 8 -9.00 20.46 -43.45
C LEU S 8 -9.05 19.46 -42.28
N THR S 9 -8.97 18.16 -42.59
CA THR S 9 -9.01 17.09 -41.55
C THR S 9 -7.63 16.67 -41.04
N GLY S 10 -6.57 17.35 -41.47
CA GLY S 10 -5.20 16.94 -41.10
C GLY S 10 -4.78 17.22 -39.67
N GLY S 13 -0.42 22.10 -36.38
CA GLY S 13 0.91 22.52 -35.92
C GLY S 13 1.69 23.28 -36.96
N GLY T 4 -37.98 9.07 -12.98
CA GLY T 4 -36.76 8.45 -13.54
C GLY T 4 -37.09 7.23 -14.37
N ALA T 5 -37.17 7.44 -15.69
CA ALA T 5 -37.52 6.40 -16.68
C ALA T 5 -36.57 5.19 -16.65
N ARG T 6 -35.30 5.51 -16.43
CA ARG T 6 -34.18 4.57 -16.42
C ARG T 6 -34.32 3.49 -15.38
N GLY T 7 -35.15 3.72 -14.36
CA GLY T 7 -35.32 2.74 -13.29
C GLY T 7 -34.35 3.01 -12.17
N LEU T 8 -34.55 2.36 -11.04
CA LEU T 8 -33.68 2.55 -9.88
C LEU T 8 -32.23 2.03 -10.14
N THR T 9 -32.08 0.94 -10.87
CA THR T 9 -30.75 0.48 -11.23
C THR T 9 -30.06 1.28 -12.32
N GLY T 10 -30.74 2.22 -12.96
CA GLY T 10 -30.22 2.79 -14.20
C GLY T 10 -29.08 3.76 -14.03
N GLY T 13 -27.99 10.58 -14.23
CA GLY T 13 -27.58 11.82 -14.81
C GLY T 13 -28.30 12.95 -14.09
N GLY U 4 -32.32 -2.38 23.97
CA GLY U 4 -33.38 -2.39 25.05
C GLY U 4 -32.84 -2.31 26.48
N ALA U 5 -31.67 -2.92 26.73
CA ALA U 5 -31.04 -2.94 28.06
C ALA U 5 -29.73 -2.16 28.04
N ARG U 6 -28.82 -2.61 27.16
CA ARG U 6 -27.53 -1.97 26.85
C ARG U 6 -27.77 -0.66 26.12
N GLY U 7 -28.84 -0.65 25.33
CA GLY U 7 -29.19 0.43 24.47
C GLY U 7 -28.84 0.00 23.08
N LEU U 8 -29.54 0.58 22.10
CA LEU U 8 -29.22 0.42 20.67
C LEU U 8 -27.74 0.74 20.36
N THR U 9 -27.17 1.76 21.04
CA THR U 9 -25.76 2.20 20.84
C THR U 9 -24.75 1.48 21.74
N GLY U 10 -25.14 0.36 22.36
CA GLY U 10 -24.28 -0.35 23.31
C GLY U 10 -23.23 -1.29 22.69
N GLY U 13 -23.84 -8.83 22.11
CA GLY U 13 -23.89 -10.17 22.73
C GLY U 13 -24.24 -11.34 21.81
N GLY V 4 32.48 0.86 -21.07
CA GLY V 4 33.62 -0.10 -20.85
C GLY V 4 33.22 -1.58 -20.59
N ALA V 5 32.45 -1.78 -19.52
CA ALA V 5 31.86 -3.09 -19.21
C ALA V 5 30.55 -3.22 -20.00
N ARG V 6 29.65 -2.28 -19.74
CA ARG V 6 28.33 -2.22 -20.32
C ARG V 6 28.35 -1.71 -21.76
N GLY V 7 29.36 -0.92 -22.11
CA GLY V 7 29.40 -0.22 -23.38
C GLY V 7 28.63 1.07 -23.25
N LEU V 8 28.87 1.99 -24.18
CA LEU V 8 28.21 3.29 -24.17
C LEU V 8 26.70 3.17 -24.35
N THR V 9 26.28 2.08 -25.00
CA THR V 9 24.88 1.68 -25.19
C THR V 9 24.16 1.11 -23.96
N GLY V 10 24.87 0.74 -22.89
CA GLY V 10 24.26 -0.01 -21.75
C GLY V 10 23.33 0.75 -20.80
N GLY V 13 24.71 3.26 -14.34
CA GLY V 13 25.03 3.18 -12.92
C GLY V 13 26.47 3.53 -12.62
N ALA W 5 37.27 1.40 6.66
CA ALA W 5 36.71 2.75 6.30
C ALA W 5 35.45 3.11 7.14
N ARG W 6 34.35 2.39 6.89
CA ARG W 6 33.14 2.49 7.71
C ARG W 6 33.55 1.90 9.05
N GLY W 7 34.20 0.75 8.99
CA GLY W 7 34.66 0.03 10.16
C GLY W 7 34.00 -1.31 10.28
N LEU W 8 34.54 -2.08 11.21
CA LEU W 8 34.03 -3.40 11.56
C LEU W 8 32.73 -3.21 12.37
N THR W 9 32.74 -2.17 13.20
CA THR W 9 31.57 -1.67 13.94
C THR W 9 30.59 -0.90 13.07
N GLY W 10 31.11 -0.35 11.98
CA GLY W 10 30.37 0.49 11.01
C GLY W 10 29.11 -0.08 10.38
N GLY W 13 26.98 -2.90 4.21
CA GLY W 13 26.95 -2.70 2.77
C GLY W 13 28.31 -2.25 2.26
N GLY X 4 10.11 -23.93 41.80
CA GLY X 4 10.96 -24.59 42.82
C GLY X 4 11.88 -23.57 43.47
N ALA X 5 12.99 -23.25 42.78
CA ALA X 5 13.97 -22.23 43.20
C ALA X 5 13.49 -20.79 42.89
N ARG X 6 13.02 -20.56 41.67
CA ARG X 6 12.42 -19.25 41.27
C ARG X 6 10.90 -19.13 41.56
N GLY X 7 10.19 -20.27 41.64
CA GLY X 7 8.80 -20.28 42.12
C GLY X 7 7.69 -20.51 41.09
N LEU X 8 6.47 -20.67 41.63
CA LEU X 8 5.25 -20.94 40.85
C LEU X 8 4.79 -19.70 40.05
N THR X 9 5.02 -18.50 40.62
CA THR X 9 4.75 -17.18 39.99
C THR X 9 5.90 -16.57 39.15
N GLY X 10 7.11 -17.15 39.27
CA GLY X 10 8.30 -16.67 38.56
C GLY X 10 8.29 -16.84 37.05
N GLY X 13 10.87 -21.14 33.39
CA GLY X 13 11.73 -22.24 33.89
C GLY X 13 13.07 -22.50 33.19
#